data_2LP8
#
_entry.id   2LP8
#
_cell.length_a   1.000
_cell.length_b   1.000
_cell.length_c   1.000
_cell.angle_alpha   90.00
_cell.angle_beta   90.00
_cell.angle_gamma   90.00
#
_symmetry.space_group_name_H-M   'P 1'
#
loop_
_entity.id
_entity.type
_entity.pdbx_description
1 polymer 'Bcl-2-like protein 1'
2 polymer 'Bcl-2 homologous antagonist/killer'
3 non-polymer "3,3'-(E)-diazene-1,2-diylbis{6-[(chloroacetyl)amino]benzenesulfonic acid}"
#
loop_
_entity_poly.entity_id
_entity_poly.type
_entity_poly.pdbx_seq_one_letter_code
_entity_poly.pdbx_strand_id
1 'polypeptide(L)'
;MSQSNRELVVDFLSYKLSQKGYSWSQFSDVEENRTEAPEGTESEAVKQALREAGDEFELRYRRAFSDLTSQLHITPGTAY
QSFEQVVNELFRDGVNWGRIVAFFSFGGALCVESVDKEMQVLVSRIAAWMATYLNDHLEPWIQENGGWDTFVELYGNNAA
AESRKGQERLEHHHHHHLEHHHHHH
;
A
2 'polypeptide(L)' (ACE)GCVGRALAAFGDCINR(NH2) B
#
# COMPACT_ATOMS: atom_id res chain seq x y z
N MET A 1 0.03 -8.05 -13.64
CA MET A 1 -0.08 -7.28 -14.89
C MET A 1 -0.85 -5.99 -14.67
N SER A 2 -2.12 -6.12 -14.31
CA SER A 2 -2.96 -4.95 -14.10
C SER A 2 -3.73 -5.07 -12.78
N GLN A 3 -4.55 -6.12 -12.65
CA GLN A 3 -5.37 -6.31 -11.46
C GLN A 3 -4.54 -6.67 -10.23
N SER A 4 -3.22 -6.74 -10.40
CA SER A 4 -2.32 -7.05 -9.30
C SER A 4 -2.35 -5.94 -8.25
N ASN A 5 -2.85 -4.77 -8.65
CA ASN A 5 -3.07 -3.66 -7.72
C ASN A 5 -4.02 -4.06 -6.60
N ARG A 6 -4.90 -5.02 -6.89
CA ARG A 6 -5.84 -5.53 -5.91
C ARG A 6 -5.09 -6.11 -4.73
N GLU A 7 -4.08 -6.93 -5.02
CA GLU A 7 -3.27 -7.58 -4.00
C GLU A 7 -2.70 -6.56 -3.05
N LEU A 8 -2.13 -5.52 -3.63
CA LEU A 8 -1.41 -4.51 -2.89
C LEU A 8 -2.32 -3.89 -1.83
N VAL A 9 -3.56 -3.67 -2.21
CA VAL A 9 -4.58 -3.21 -1.27
C VAL A 9 -4.88 -4.28 -0.24
N VAL A 10 -5.33 -5.43 -0.75
CA VAL A 10 -5.79 -6.52 0.10
C VAL A 10 -4.75 -6.94 1.14
N ASP A 11 -3.53 -7.18 0.69
CA ASP A 11 -2.46 -7.65 1.58
C ASP A 11 -2.27 -6.68 2.75
N PHE A 12 -2.40 -5.40 2.47
CA PHE A 12 -2.22 -4.39 3.50
C PHE A 12 -3.40 -4.37 4.45
N LEU A 13 -4.62 -4.38 3.91
CA LEU A 13 -5.80 -4.39 4.78
C LEU A 13 -5.77 -5.63 5.67
N SER A 14 -5.33 -6.74 5.09
CA SER A 14 -5.16 -7.98 5.85
C SER A 14 -4.27 -7.76 7.07
N TYR A 15 -3.11 -7.16 6.84
CA TYR A 15 -2.16 -6.89 7.91
C TYR A 15 -2.75 -5.90 8.92
N LYS A 16 -3.59 -5.00 8.42
CA LYS A 16 -4.21 -3.97 9.25
C LYS A 16 -5.11 -4.59 10.28
N LEU A 17 -5.91 -5.56 9.88
CA LEU A 17 -6.80 -6.22 10.82
C LEU A 17 -6.00 -7.10 11.76
N SER A 18 -4.88 -7.62 11.25
CA SER A 18 -4.02 -8.51 12.01
C SER A 18 -3.48 -7.83 13.27
N GLN A 19 -3.11 -6.56 13.15
CA GLN A 19 -2.55 -5.80 14.28
C GLN A 19 -3.62 -5.32 15.24
N LYS A 20 -4.87 -5.65 14.94
CA LYS A 20 -5.98 -5.27 15.79
C LYS A 20 -6.56 -6.51 16.43
N GLY A 21 -6.38 -7.61 15.72
CA GLY A 21 -6.87 -8.89 16.19
C GLY A 21 -8.13 -9.31 15.48
N TYR A 22 -8.34 -8.70 14.32
CA TYR A 22 -9.45 -9.07 13.45
C TYR A 22 -8.92 -9.80 12.24
N SER A 23 -9.81 -10.41 11.48
CA SER A 23 -9.40 -11.08 10.27
C SER A 23 -9.93 -10.33 9.07
N TRP A 24 -9.15 -10.31 8.01
CA TRP A 24 -9.57 -9.74 6.76
C TRP A 24 -10.57 -10.66 6.07
N SER A 25 -10.22 -11.94 6.00
CA SER A 25 -11.00 -12.91 5.25
C SER A 25 -12.38 -13.13 5.87
N GLN A 26 -12.48 -13.01 7.19
CA GLN A 26 -13.76 -13.16 7.88
C GLN A 26 -14.75 -12.10 7.42
N PHE A 27 -14.21 -10.98 6.95
CA PHE A 27 -15.02 -9.84 6.55
C PHE A 27 -14.78 -9.49 5.08
N SER A 28 -14.19 -10.43 4.34
CA SER A 28 -13.75 -10.15 2.99
C SER A 28 -14.73 -10.65 1.95
N ASP A 29 -14.34 -10.45 0.69
CA ASP A 29 -15.15 -10.82 -0.46
C ASP A 29 -14.31 -10.63 -1.72
N VAL A 30 -13.31 -9.75 -1.60
CA VAL A 30 -12.45 -9.32 -2.69
C VAL A 30 -11.93 -10.50 -3.53
N GLU A 31 -11.03 -11.30 -2.97
CA GLU A 31 -10.54 -12.48 -3.65
C GLU A 31 -11.26 -13.70 -3.09
N GLU A 32 -12.15 -13.44 -2.16
CA GLU A 32 -12.88 -14.49 -1.46
C GLU A 32 -13.84 -15.21 -2.41
N ASN A 33 -14.68 -14.44 -3.07
CA ASN A 33 -15.72 -15.00 -3.92
C ASN A 33 -15.33 -14.93 -5.38
N ARG A 34 -14.52 -13.95 -5.73
CA ARG A 34 -14.02 -13.80 -7.09
C ARG A 34 -12.51 -13.72 -7.08
N THR A 35 -11.88 -14.21 -8.12
CA THR A 35 -10.44 -14.17 -8.21
C THR A 35 -9.96 -13.10 -9.17
N GLU A 36 -9.42 -12.04 -8.60
CA GLU A 36 -8.92 -10.92 -9.38
C GLU A 36 -7.46 -11.15 -9.73
N ALA A 37 -6.58 -10.86 -8.78
CA ALA A 37 -5.16 -11.10 -8.95
C ALA A 37 -4.71 -12.35 -8.21
N PRO A 38 -3.59 -12.94 -8.64
CA PRO A 38 -2.93 -14.06 -7.93
C PRO A 38 -2.57 -13.72 -6.48
N GLU A 39 -1.91 -14.65 -5.81
CA GLU A 39 -1.49 -14.45 -4.43
C GLU A 39 -0.21 -13.60 -4.38
N GLY A 40 0.39 -13.41 -5.54
CA GLY A 40 1.59 -12.60 -5.64
C GLY A 40 2.28 -12.77 -6.96
N THR A 41 1.59 -12.40 -8.05
CA THR A 41 2.14 -12.62 -9.38
C THR A 41 3.37 -11.75 -9.62
N GLU A 42 3.16 -10.46 -9.85
CA GLU A 42 4.24 -9.49 -9.87
C GLU A 42 4.38 -8.88 -8.50
N SER A 43 3.25 -8.78 -7.85
CA SER A 43 3.09 -8.05 -6.62
C SER A 43 3.98 -8.55 -5.50
N GLU A 44 4.38 -9.81 -5.54
CA GLU A 44 5.19 -10.39 -4.47
C GLU A 44 6.32 -9.44 -4.05
N ALA A 45 6.93 -8.76 -5.01
CA ALA A 45 7.92 -7.74 -4.71
C ALA A 45 7.28 -6.39 -4.44
N VAL A 46 6.29 -6.01 -5.25
CA VAL A 46 5.69 -4.68 -5.12
C VAL A 46 4.90 -4.53 -3.81
N LYS A 47 4.14 -5.56 -3.41
CA LYS A 47 3.40 -5.52 -2.16
C LYS A 47 4.37 -5.55 -1.00
N GLN A 48 5.45 -6.30 -1.17
CA GLN A 48 6.53 -6.32 -0.20
C GLN A 48 7.16 -4.95 -0.03
N ALA A 49 7.26 -4.20 -1.13
CA ALA A 49 7.76 -2.83 -1.06
C ALA A 49 6.67 -1.91 -0.50
N LEU A 50 5.45 -2.15 -0.94
CA LEU A 50 4.28 -1.38 -0.55
C LEU A 50 4.09 -1.36 0.97
N ARG A 51 4.30 -2.49 1.63
CA ARG A 51 3.93 -2.60 3.03
C ARG A 51 4.92 -1.85 3.90
N GLU A 52 6.14 -1.80 3.39
CA GLU A 52 7.22 -1.11 4.06
C GLU A 52 7.03 0.39 3.94
N ALA A 53 6.74 0.84 2.73
CA ALA A 53 6.45 2.24 2.49
C ALA A 53 5.15 2.64 3.20
N GLY A 54 4.18 1.72 3.20
CA GLY A 54 2.94 1.96 3.90
C GLY A 54 3.15 2.16 5.39
N ASP A 55 4.02 1.33 5.97
CA ASP A 55 4.39 1.46 7.38
C ASP A 55 4.98 2.84 7.65
N GLU A 56 5.84 3.28 6.73
CA GLU A 56 6.46 4.60 6.80
C GLU A 56 5.41 5.70 6.85
N PHE A 57 4.26 5.43 6.26
CA PHE A 57 3.17 6.38 6.27
C PHE A 57 2.38 6.31 7.58
N GLU A 58 2.18 5.10 8.07
CA GLU A 58 1.26 4.84 9.17
C GLU A 58 1.65 5.60 10.43
N LEU A 59 2.81 5.26 10.98
CA LEU A 59 3.30 5.87 12.20
C LEU A 59 3.23 7.40 12.15
N ARG A 60 3.52 7.96 10.99
CA ARG A 60 3.54 9.40 10.82
C ARG A 60 2.16 10.02 11.06
N TYR A 61 1.10 9.42 10.51
CA TYR A 61 -0.24 9.97 10.69
C TYR A 61 -0.93 9.38 11.92
N ARG A 62 -0.30 8.38 12.52
CA ARG A 62 -0.90 7.65 13.64
C ARG A 62 -1.24 8.58 14.80
N ARG A 63 -0.52 9.69 14.88
CA ARG A 63 -0.80 10.73 15.87
C ARG A 63 -2.25 11.21 15.75
N ALA A 64 -2.69 11.47 14.52
CA ALA A 64 -4.04 11.97 14.27
C ALA A 64 -5.03 10.84 14.05
N PHE A 65 -4.53 9.75 13.45
CA PHE A 65 -5.37 8.63 12.99
C PHE A 65 -6.45 8.22 13.98
N SER A 66 -6.09 8.08 15.25
CA SER A 66 -7.03 7.58 16.25
C SER A 66 -8.15 8.60 16.52
N ASP A 67 -7.85 9.87 16.30
CA ASP A 67 -8.81 10.95 16.53
C ASP A 67 -9.62 11.25 15.27
N LEU A 68 -9.01 11.00 14.11
CA LEU A 68 -9.59 11.43 12.84
C LEU A 68 -10.88 10.68 12.50
N THR A 69 -11.13 9.55 13.15
CA THR A 69 -12.32 8.75 12.84
C THR A 69 -13.58 9.55 13.11
N SER A 70 -13.46 10.52 13.99
CA SER A 70 -14.54 11.44 14.31
C SER A 70 -14.72 12.45 13.18
N GLN A 71 -13.62 12.75 12.49
CA GLN A 71 -13.62 13.74 11.43
C GLN A 71 -14.11 13.13 10.13
N LEU A 72 -13.55 11.98 9.78
CA LEU A 72 -14.00 11.24 8.61
C LEU A 72 -15.41 10.76 8.84
N HIS A 73 -15.75 10.54 10.11
CA HIS A 73 -17.05 10.00 10.49
C HIS A 73 -17.17 8.60 9.92
N ILE A 74 -16.20 7.80 10.28
CA ILE A 74 -16.09 6.43 9.83
C ILE A 74 -17.34 5.65 10.21
N THR A 75 -18.08 5.28 9.19
CA THR A 75 -19.41 4.72 9.35
C THR A 75 -19.67 3.78 8.14
N PRO A 76 -20.93 3.34 7.89
CA PRO A 76 -21.37 2.75 6.61
C PRO A 76 -20.63 3.26 5.37
N GLY A 77 -20.81 2.54 4.26
CA GLY A 77 -20.05 2.73 3.01
C GLY A 77 -19.67 4.16 2.64
N THR A 78 -20.40 5.15 3.13
CA THR A 78 -20.11 6.54 2.83
C THR A 78 -18.80 7.01 3.48
N ALA A 79 -18.11 6.08 4.15
CA ALA A 79 -16.79 6.37 4.68
C ALA A 79 -15.78 6.49 3.54
N TYR A 80 -16.18 6.05 2.36
CA TYR A 80 -15.34 6.17 1.17
C TYR A 80 -15.42 7.59 0.65
N GLN A 81 -16.41 8.33 1.12
CA GLN A 81 -16.52 9.74 0.80
C GLN A 81 -15.74 10.55 1.83
N SER A 82 -15.55 9.94 2.97
CA SER A 82 -14.67 10.47 3.99
C SER A 82 -13.21 10.30 3.55
N PHE A 83 -12.90 9.09 3.11
CA PHE A 83 -11.61 8.78 2.51
C PHE A 83 -11.48 9.44 1.15
N GLU A 84 -12.60 9.89 0.60
CA GLU A 84 -12.60 10.62 -0.65
C GLU A 84 -11.88 11.94 -0.48
N GLN A 85 -12.26 12.65 0.58
CA GLN A 85 -11.68 13.93 0.95
C GLN A 85 -10.17 13.91 0.83
N VAL A 86 -9.61 12.84 1.32
CA VAL A 86 -8.20 12.69 1.44
C VAL A 86 -7.58 12.15 0.16
N VAL A 87 -8.20 11.14 -0.41
CA VAL A 87 -7.72 10.57 -1.67
C VAL A 87 -7.76 11.61 -2.77
N ASN A 88 -8.62 12.59 -2.56
CA ASN A 88 -8.76 13.72 -3.46
C ASN A 88 -7.50 14.56 -3.48
N GLU A 89 -6.99 14.88 -2.30
CA GLU A 89 -5.76 15.65 -2.16
C GLU A 89 -4.61 14.81 -2.63
N LEU A 90 -4.68 13.59 -2.18
CA LEU A 90 -3.65 12.62 -2.35
C LEU A 90 -3.28 12.45 -3.83
N PHE A 91 -4.21 12.77 -4.73
CA PHE A 91 -4.02 12.51 -6.15
C PHE A 91 -3.60 13.78 -6.88
N ARG A 92 -4.14 14.88 -6.43
CA ARG A 92 -3.95 16.14 -7.13
C ARG A 92 -2.58 16.73 -6.84
N ASP A 93 -2.11 16.52 -5.62
CA ASP A 93 -0.94 17.21 -5.13
C ASP A 93 0.34 16.41 -5.33
N GLY A 94 0.35 15.44 -6.25
CA GLY A 94 1.61 14.79 -6.50
C GLY A 94 1.60 13.27 -6.44
N VAL A 95 0.94 12.61 -7.37
CA VAL A 95 0.95 11.14 -7.38
C VAL A 95 2.29 10.59 -7.82
N ASN A 96 3.09 10.23 -6.82
CA ASN A 96 4.40 9.67 -7.05
C ASN A 96 4.40 8.22 -6.60
N TRP A 97 5.58 7.60 -6.56
CA TRP A 97 5.70 6.21 -6.14
C TRP A 97 5.27 6.03 -4.69
N GLY A 98 6.00 6.68 -3.79
CA GLY A 98 5.72 6.55 -2.36
C GLY A 98 4.40 7.16 -1.96
N ARG A 99 3.96 8.14 -2.72
CA ARG A 99 2.69 8.80 -2.48
C ARG A 99 1.55 7.79 -2.52
N ILE A 100 1.61 6.86 -3.45
CA ILE A 100 0.54 5.89 -3.64
C ILE A 100 0.43 4.92 -2.47
N VAL A 101 1.55 4.69 -1.79
CA VAL A 101 1.56 3.85 -0.59
C VAL A 101 0.71 4.49 0.51
N ALA A 102 0.60 5.81 0.45
CA ALA A 102 -0.22 6.53 1.42
C ALA A 102 -1.68 6.20 1.23
N PHE A 103 -2.06 6.09 -0.03
CA PHE A 103 -3.41 5.80 -0.41
C PHE A 103 -3.85 4.42 0.08
N PHE A 104 -3.00 3.43 -0.13
CA PHE A 104 -3.33 2.08 0.28
C PHE A 104 -3.09 1.89 1.78
N SER A 105 -2.29 2.78 2.36
CA SER A 105 -2.00 2.72 3.80
C SER A 105 -3.21 3.23 4.60
N PHE A 106 -3.63 4.46 4.33
CA PHE A 106 -4.77 5.03 5.04
C PHE A 106 -6.04 4.28 4.63
N GLY A 107 -6.00 3.68 3.44
CA GLY A 107 -7.10 2.83 3.02
C GLY A 107 -7.18 1.58 3.86
N GLY A 108 -6.02 1.00 4.15
CA GLY A 108 -5.97 -0.15 5.02
C GLY A 108 -6.38 0.21 6.44
N ALA A 109 -6.08 1.46 6.81
CA ALA A 109 -6.49 1.97 8.11
C ALA A 109 -7.98 2.29 8.12
N LEU A 110 -8.49 2.71 6.95
CA LEU A 110 -9.90 3.05 6.79
C LEU A 110 -10.71 1.80 7.11
N CYS A 111 -10.16 0.69 6.65
CA CYS A 111 -10.66 -0.62 6.98
C CYS A 111 -10.87 -0.74 8.49
N VAL A 112 -9.79 -0.64 9.23
CA VAL A 112 -9.83 -0.81 10.69
C VAL A 112 -10.71 0.24 11.34
N GLU A 113 -10.71 1.46 10.81
CA GLU A 113 -11.56 2.51 11.35
C GLU A 113 -13.03 2.06 11.35
N SER A 114 -13.34 1.13 10.46
CA SER A 114 -14.69 0.64 10.33
C SER A 114 -14.90 -0.46 11.33
N VAL A 115 -13.88 -1.29 11.46
CA VAL A 115 -13.93 -2.43 12.33
C VAL A 115 -13.94 -1.95 13.78
N ASP A 116 -13.30 -0.81 13.96
CA ASP A 116 -13.24 -0.08 15.21
C ASP A 116 -14.61 0.12 15.83
N LYS A 117 -15.53 0.63 15.01
CA LYS A 117 -16.90 0.87 15.45
C LYS A 117 -17.70 -0.41 15.32
N GLU A 118 -16.99 -1.51 15.07
CA GLU A 118 -17.60 -2.81 14.83
C GLU A 118 -18.45 -2.76 13.58
N MET A 119 -17.79 -2.35 12.50
CA MET A 119 -18.40 -2.25 11.19
C MET A 119 -17.43 -2.86 10.19
N GLN A 120 -16.78 -3.93 10.63
CA GLN A 120 -15.79 -4.64 9.84
C GLN A 120 -16.29 -5.05 8.43
N VAL A 121 -17.58 -4.85 8.16
CA VAL A 121 -18.12 -5.14 6.83
C VAL A 121 -17.57 -4.19 5.76
N LEU A 122 -17.09 -3.02 6.18
CA LEU A 122 -16.50 -2.05 5.26
C LEU A 122 -15.16 -2.55 4.78
N VAL A 123 -14.56 -3.39 5.59
CA VAL A 123 -13.25 -3.96 5.34
C VAL A 123 -13.07 -4.44 3.89
N SER A 124 -14.03 -5.22 3.39
CA SER A 124 -13.93 -5.70 2.02
C SER A 124 -14.33 -4.61 1.03
N ARG A 125 -15.29 -3.79 1.43
CA ARG A 125 -15.83 -2.75 0.56
C ARG A 125 -14.75 -1.73 0.21
N ILE A 126 -14.05 -1.27 1.23
CA ILE A 126 -12.97 -0.32 1.06
C ILE A 126 -11.90 -0.87 0.14
N ALA A 127 -11.43 -2.09 0.44
CA ALA A 127 -10.38 -2.73 -0.37
C ALA A 127 -10.77 -2.79 -1.84
N ALA A 128 -12.05 -3.01 -2.09
CA ALA A 128 -12.58 -3.03 -3.45
C ALA A 128 -12.38 -1.69 -4.14
N TRP A 129 -12.90 -0.66 -3.51
CA TRP A 129 -12.90 0.68 -4.08
C TRP A 129 -11.49 1.29 -4.07
N MET A 130 -10.65 0.81 -3.17
CA MET A 130 -9.25 1.23 -3.14
C MET A 130 -8.53 0.76 -4.39
N ALA A 131 -8.53 -0.56 -4.59
CA ALA A 131 -7.85 -1.15 -5.73
C ALA A 131 -8.46 -0.66 -7.03
N THR A 132 -9.78 -0.45 -7.03
CA THR A 132 -10.45 0.10 -8.20
C THR A 132 -9.96 1.51 -8.50
N TYR A 133 -9.88 2.35 -7.47
CA TYR A 133 -9.36 3.71 -7.65
C TYR A 133 -7.97 3.66 -8.24
N LEU A 134 -7.18 2.69 -7.78
CA LEU A 134 -5.86 2.47 -8.36
C LEU A 134 -6.02 2.08 -9.83
N ASN A 135 -6.87 1.09 -10.07
CA ASN A 135 -7.13 0.58 -11.42
C ASN A 135 -7.48 1.69 -12.41
N ASP A 136 -8.41 2.55 -12.03
CA ASP A 136 -8.88 3.59 -12.94
C ASP A 136 -7.96 4.81 -12.92
N HIS A 137 -7.68 5.31 -11.73
CA HIS A 137 -7.00 6.59 -11.57
C HIS A 137 -5.48 6.46 -11.48
N LEU A 138 -5.02 5.57 -10.62
CA LEU A 138 -3.62 5.51 -10.25
C LEU A 138 -2.76 4.76 -11.26
N GLU A 139 -3.26 3.62 -11.70
CA GLU A 139 -2.51 2.73 -12.60
C GLU A 139 -1.87 3.48 -13.78
N PRO A 140 -2.63 4.33 -14.53
CA PRO A 140 -2.05 5.11 -15.62
C PRO A 140 -0.85 5.92 -15.15
N TRP A 141 -1.04 6.65 -14.05
CA TRP A 141 0.02 7.46 -13.46
C TRP A 141 1.22 6.59 -13.08
N ILE A 142 0.95 5.48 -12.41
CA ILE A 142 1.97 4.50 -12.06
C ILE A 142 2.83 4.13 -13.26
N GLN A 143 2.16 3.77 -14.33
CA GLN A 143 2.85 3.37 -15.55
C GLN A 143 3.72 4.49 -16.11
N GLU A 144 3.31 5.74 -15.89
CA GLU A 144 4.10 6.91 -16.31
C GLU A 144 5.41 6.97 -15.55
N ASN A 145 5.44 6.30 -14.42
CA ASN A 145 6.57 6.33 -13.51
C ASN A 145 7.27 4.99 -13.48
N GLY A 146 6.82 4.10 -14.35
CA GLY A 146 7.49 2.83 -14.52
C GLY A 146 6.60 1.64 -14.22
N GLY A 147 5.91 1.69 -13.10
CA GLY A 147 5.08 0.58 -12.69
C GLY A 147 5.34 0.17 -11.26
N TRP A 148 4.74 -0.94 -10.85
CA TRP A 148 4.86 -1.42 -9.49
C TRP A 148 6.21 -2.06 -9.25
N ASP A 149 6.74 -2.75 -10.27
CA ASP A 149 8.08 -3.31 -10.20
C ASP A 149 9.10 -2.22 -9.94
N THR A 150 8.93 -1.11 -10.66
CA THR A 150 9.80 0.04 -10.51
C THR A 150 9.74 0.59 -9.10
N PHE A 151 8.58 0.51 -8.47
CA PHE A 151 8.45 1.01 -7.11
C PHE A 151 9.39 0.25 -6.18
N VAL A 152 9.48 -1.06 -6.36
CA VAL A 152 10.37 -1.86 -5.53
C VAL A 152 11.83 -1.67 -5.95
N GLU A 153 12.04 -1.33 -7.22
CA GLU A 153 13.37 -0.93 -7.67
C GLU A 153 13.87 0.24 -6.82
N LEU A 154 13.01 1.23 -6.66
CA LEU A 154 13.29 2.41 -5.88
C LEU A 154 13.18 2.18 -4.37
N TYR A 155 11.98 1.81 -3.91
CA TYR A 155 11.66 1.78 -2.49
C TYR A 155 11.26 0.37 -2.06
N GLY A 156 11.81 -0.62 -2.75
CA GLY A 156 11.51 -2.00 -2.46
C GLY A 156 11.85 -2.42 -1.05
N ASN A 157 11.33 -3.58 -0.71
CA ASN A 157 11.48 -4.18 0.59
C ASN A 157 12.96 -4.35 0.94
N ASN A 158 13.44 -3.55 1.91
CA ASN A 158 14.83 -3.53 2.24
C ASN A 158 15.19 -4.69 3.16
N ALA A 159 14.17 -5.29 3.77
CA ALA A 159 14.37 -6.50 4.55
C ALA A 159 14.96 -7.59 3.68
N ALA A 160 14.32 -7.83 2.53
CA ALA A 160 14.82 -8.77 1.54
C ALA A 160 16.12 -8.24 0.93
N ALA A 161 16.20 -6.91 0.82
CA ALA A 161 17.41 -6.26 0.34
C ALA A 161 18.62 -6.64 1.19
N GLU A 162 18.48 -6.48 2.50
CA GLU A 162 19.54 -6.83 3.45
C GLU A 162 19.74 -8.34 3.47
N SER A 163 18.66 -9.09 3.26
CA SER A 163 18.73 -10.54 3.23
C SER A 163 19.71 -11.02 2.18
N ARG A 164 19.63 -10.45 0.97
CA ARG A 164 20.52 -10.84 -0.11
C ARG A 164 21.82 -10.05 -0.08
N LYS A 165 21.80 -8.96 0.66
CA LYS A 165 22.98 -8.10 0.79
C LYS A 165 24.09 -8.82 1.54
N GLY A 166 23.71 -9.73 2.42
CA GLY A 166 24.68 -10.46 3.21
C GLY A 166 25.69 -11.19 2.36
N GLN A 167 25.21 -12.04 1.47
CA GLN A 167 26.09 -12.77 0.57
C GLN A 167 26.61 -11.88 -0.54
N GLU A 168 25.88 -10.82 -0.84
CA GLU A 168 26.28 -9.88 -1.86
C GLU A 168 27.45 -9.04 -1.37
N ARG A 169 27.71 -9.12 -0.07
CA ARG A 169 28.82 -8.38 0.52
C ARG A 169 30.13 -9.04 0.11
N LEU A 170 30.07 -10.35 -0.08
CA LEU A 170 31.21 -11.11 -0.55
C LEU A 170 31.28 -11.05 -2.07
N GLU A 171 30.18 -10.57 -2.67
CA GLU A 171 30.03 -10.49 -4.11
C GLU A 171 29.98 -11.89 -4.74
N HIS A 172 28.80 -12.32 -5.13
CA HIS A 172 28.66 -13.67 -5.68
C HIS A 172 29.05 -13.68 -7.16
N HIS A 173 28.68 -12.62 -7.88
CA HIS A 173 28.96 -12.49 -9.32
C HIS A 173 28.57 -13.77 -10.07
N HIS A 174 29.18 -13.97 -11.24
CA HIS A 174 28.99 -15.19 -12.03
C HIS A 174 27.55 -15.34 -12.50
N HIS A 175 26.83 -14.23 -12.54
CA HIS A 175 25.44 -14.25 -12.92
C HIS A 175 25.22 -13.48 -14.21
N HIS A 176 25.01 -14.22 -15.29
CA HIS A 176 24.73 -13.62 -16.59
C HIS A 176 23.26 -13.79 -16.93
N HIS A 177 22.74 -12.95 -17.81
CA HIS A 177 21.33 -12.99 -18.17
C HIS A 177 21.13 -13.00 -19.67
N LEU A 178 20.37 -13.96 -20.15
CA LEU A 178 19.99 -14.01 -21.55
C LEU A 178 18.53 -13.61 -21.69
N GLU A 179 17.92 -13.33 -20.55
CA GLU A 179 16.53 -12.94 -20.49
C GLU A 179 16.39 -11.44 -20.77
N HIS A 180 15.28 -11.06 -21.36
CA HIS A 180 15.01 -9.66 -21.64
C HIS A 180 13.65 -9.23 -21.10
N HIS A 181 13.66 -8.64 -19.91
CA HIS A 181 12.44 -8.13 -19.27
C HIS A 181 11.46 -9.24 -18.91
N HIS A 182 10.29 -8.85 -18.42
CA HIS A 182 9.23 -9.78 -18.12
C HIS A 182 8.37 -9.99 -19.36
N HIS A 183 8.25 -11.23 -19.80
CA HIS A 183 7.46 -11.55 -20.98
C HIS A 183 6.04 -11.93 -20.57
N HIS A 184 5.11 -11.75 -21.50
CA HIS A 184 3.71 -12.04 -21.23
C HIS A 184 3.17 -13.03 -22.27
N HIS A 185 1.94 -13.48 -22.06
CA HIS A 185 1.30 -14.40 -22.99
C HIS A 185 -0.11 -13.93 -23.30
N GLY B 2 -12.77 18.26 8.56
CA GLY B 2 -11.51 18.97 8.61
C GLY B 2 -10.33 18.02 8.59
N CYS B 3 -9.15 18.55 8.29
CA CYS B 3 -7.92 17.77 8.26
C CYS B 3 -7.96 16.73 7.16
N VAL B 4 -7.44 15.54 7.49
CA VAL B 4 -7.46 14.34 6.63
C VAL B 4 -7.18 14.62 5.16
N GLY B 5 -8.15 15.10 4.39
CA GLY B 5 -7.83 15.58 3.08
C GLY B 5 -6.57 16.43 3.13
N ARG B 6 -6.63 17.54 3.87
CA ARG B 6 -5.47 18.42 4.04
C ARG B 6 -4.31 17.70 4.71
N ALA B 7 -4.60 16.90 5.72
CA ALA B 7 -3.56 16.30 6.55
C ALA B 7 -2.78 15.22 5.81
N LEU B 8 -3.48 14.29 5.18
CA LEU B 8 -2.81 13.20 4.48
C LEU B 8 -2.18 13.71 3.18
N ALA B 9 -2.85 14.66 2.54
CA ALA B 9 -2.26 15.40 1.43
C ALA B 9 -0.86 15.87 1.79
N ALA B 10 -0.77 16.45 2.99
CA ALA B 10 0.45 17.07 3.50
C ALA B 10 1.45 16.04 4.03
N PHE B 11 1.00 15.26 5.01
CA PHE B 11 1.85 14.26 5.64
C PHE B 11 2.29 13.20 4.63
N GLY B 12 1.57 13.12 3.52
CA GLY B 12 1.88 12.15 2.50
C GLY B 12 3.11 12.50 1.70
N ASP B 13 3.44 13.77 1.64
CA ASP B 13 4.63 14.22 0.91
C ASP B 13 5.89 13.93 1.71
N CYS B 14 5.73 13.25 2.84
CA CYS B 14 6.85 12.93 3.72
C CYS B 14 7.30 11.49 3.54
N ILE B 15 6.70 10.78 2.57
CA ILE B 15 7.09 9.41 2.31
C ILE B 15 8.36 9.37 1.46
N ASN B 16 9.43 9.80 2.08
CA ASN B 16 10.76 9.84 1.47
C ASN B 16 11.74 10.36 2.51
N ARG B 17 11.38 11.49 3.10
CA ARG B 17 12.15 12.08 4.19
C ARG B 17 11.21 12.53 5.30
N MET A 1 -0.14 -5.55 -14.80
CA MET A 1 -1.51 -6.14 -14.76
C MET A 1 -2.44 -5.19 -14.02
N SER A 2 -3.73 -5.47 -14.05
CA SER A 2 -4.72 -4.64 -13.37
C SER A 2 -5.27 -5.34 -12.13
N GLN A 3 -5.46 -6.66 -12.23
CA GLN A 3 -5.98 -7.45 -11.12
C GLN A 3 -4.95 -7.56 -10.01
N SER A 4 -3.71 -7.23 -10.33
CA SER A 4 -2.63 -7.27 -9.36
C SER A 4 -2.79 -6.18 -8.31
N ASN A 5 -3.38 -5.05 -8.72
CA ASN A 5 -3.59 -3.93 -7.80
C ASN A 5 -4.52 -4.34 -6.67
N ARG A 6 -5.36 -5.33 -6.96
CA ARG A 6 -6.28 -5.88 -5.98
C ARG A 6 -5.48 -6.41 -4.79
N GLU A 7 -4.47 -7.20 -5.08
CA GLU A 7 -3.59 -7.76 -4.06
C GLU A 7 -2.97 -6.67 -3.22
N LEU A 8 -2.50 -5.64 -3.90
CA LEU A 8 -1.77 -4.55 -3.28
C LEU A 8 -2.65 -3.85 -2.25
N VAL A 9 -3.95 -3.89 -2.51
CA VAL A 9 -4.92 -3.39 -1.57
C VAL A 9 -5.19 -4.43 -0.49
N VAL A 10 -5.64 -5.60 -0.92
CA VAL A 10 -6.05 -6.67 -0.01
C VAL A 10 -4.97 -7.01 1.00
N ASP A 11 -3.76 -7.31 0.52
CA ASP A 11 -2.66 -7.68 1.40
C ASP A 11 -2.41 -6.60 2.44
N PHE A 12 -2.58 -5.34 2.02
CA PHE A 12 -2.35 -4.21 2.88
C PHE A 12 -3.46 -4.11 3.93
N LEU A 13 -4.72 -4.20 3.50
CA LEU A 13 -5.84 -4.15 4.44
C LEU A 13 -5.76 -5.32 5.41
N SER A 14 -5.44 -6.49 4.89
CA SER A 14 -5.29 -7.69 5.71
C SER A 14 -4.21 -7.47 6.76
N TYR A 15 -3.09 -6.91 6.32
CA TYR A 15 -1.97 -6.61 7.20
C TYR A 15 -2.39 -5.66 8.32
N LYS A 16 -3.31 -4.75 8.01
CA LYS A 16 -3.79 -3.78 8.98
C LYS A 16 -4.75 -4.40 9.98
N LEU A 17 -5.50 -5.41 9.57
CA LEU A 17 -6.39 -6.10 10.51
C LEU A 17 -5.58 -6.92 11.50
N SER A 18 -4.40 -7.35 11.07
CA SER A 18 -3.51 -8.16 11.88
C SER A 18 -3.12 -7.47 13.18
N GLN A 19 -2.79 -6.18 13.11
CA GLN A 19 -2.37 -5.42 14.28
C GLN A 19 -3.52 -5.15 15.24
N LYS A 20 -4.70 -5.57 14.84
CA LYS A 20 -5.89 -5.37 15.64
C LYS A 20 -6.36 -6.70 16.18
N GLY A 21 -5.98 -7.73 15.46
CA GLY A 21 -6.30 -9.09 15.85
C GLY A 21 -7.48 -9.61 15.07
N TYR A 22 -7.70 -9.01 13.91
CA TYR A 22 -8.81 -9.39 13.06
C TYR A 22 -8.31 -9.98 11.76
N SER A 23 -9.20 -10.63 11.04
CA SER A 23 -8.86 -11.21 9.76
C SER A 23 -9.56 -10.45 8.65
N TRP A 24 -8.88 -10.26 7.55
CA TRP A 24 -9.47 -9.66 6.37
C TRP A 24 -10.55 -10.57 5.81
N SER A 25 -10.22 -11.86 5.71
CA SER A 25 -11.07 -12.81 5.04
C SER A 25 -12.41 -13.00 5.77
N GLN A 26 -12.37 -12.96 7.10
CA GLN A 26 -13.59 -13.10 7.90
C GLN A 26 -14.60 -12.01 7.57
N PHE A 27 -14.09 -10.84 7.19
CA PHE A 27 -14.93 -9.69 6.94
C PHE A 27 -14.92 -9.33 5.47
N SER A 28 -14.41 -10.24 4.64
CA SER A 28 -14.28 -9.97 3.23
C SER A 28 -15.46 -10.54 2.45
N ASP A 29 -15.38 -10.33 1.15
CA ASP A 29 -16.41 -10.73 0.21
C ASP A 29 -15.80 -10.66 -1.19
N VAL A 30 -14.80 -9.81 -1.30
CA VAL A 30 -14.09 -9.54 -2.54
C VAL A 30 -13.43 -10.81 -3.12
N GLU A 31 -12.34 -11.24 -2.52
CA GLU A 31 -11.62 -12.42 -2.97
C GLU A 31 -12.33 -13.65 -2.41
N GLU A 32 -13.29 -13.37 -1.55
CA GLU A 32 -14.10 -14.39 -0.94
C GLU A 32 -14.98 -15.06 -1.98
N ASN A 33 -15.59 -14.26 -2.84
CA ASN A 33 -16.52 -14.77 -3.82
C ASN A 33 -15.90 -14.84 -5.21
N ARG A 34 -15.27 -13.76 -5.65
CA ARG A 34 -14.69 -13.73 -6.98
C ARG A 34 -13.21 -14.11 -6.94
N THR A 35 -12.70 -14.61 -8.04
CA THR A 35 -11.30 -14.93 -8.16
C THR A 35 -10.68 -14.22 -9.36
N GLU A 36 -9.76 -13.32 -9.09
CA GLU A 36 -9.12 -12.54 -10.13
C GLU A 36 -7.63 -12.44 -9.87
N ALA A 37 -7.29 -11.70 -8.83
CA ALA A 37 -5.89 -11.49 -8.45
C ALA A 37 -5.20 -12.80 -8.13
N PRO A 38 -3.99 -12.97 -8.67
CA PRO A 38 -3.12 -14.13 -8.41
C PRO A 38 -2.60 -14.14 -6.97
N GLU A 39 -1.67 -15.05 -6.69
CA GLU A 39 -1.06 -15.13 -5.38
C GLU A 39 0.18 -14.26 -5.31
N GLY A 40 0.33 -13.42 -6.31
CA GLY A 40 1.48 -12.55 -6.39
C GLY A 40 2.07 -12.54 -7.78
N THR A 41 1.32 -12.01 -8.74
CA THR A 41 1.75 -12.06 -10.13
C THR A 41 2.96 -11.14 -10.35
N GLU A 42 2.73 -9.84 -10.43
CA GLU A 42 3.79 -8.85 -10.37
C GLU A 42 3.92 -8.35 -8.94
N SER A 43 2.79 -8.46 -8.27
CA SER A 43 2.53 -7.87 -6.97
C SER A 43 3.53 -8.26 -5.90
N GLU A 44 3.94 -9.53 -5.89
CA GLU A 44 4.72 -10.10 -4.78
C GLU A 44 5.77 -9.13 -4.23
N ALA A 45 6.62 -8.61 -5.10
CA ALA A 45 7.65 -7.68 -4.66
C ALA A 45 7.09 -6.29 -4.37
N VAL A 46 6.09 -5.85 -5.15
CA VAL A 46 5.55 -4.51 -4.99
C VAL A 46 4.74 -4.40 -3.69
N LYS A 47 3.91 -5.40 -3.40
CA LYS A 47 3.13 -5.41 -2.16
C LYS A 47 4.06 -5.50 -0.97
N GLN A 48 5.10 -6.33 -1.11
CA GLN A 48 6.15 -6.44 -0.11
C GLN A 48 6.81 -5.09 0.15
N ALA A 49 6.93 -4.28 -0.90
CA ALA A 49 7.53 -2.96 -0.75
C ALA A 49 6.53 -1.98 -0.16
N LEU A 50 5.27 -2.18 -0.49
CA LEU A 50 4.19 -1.30 -0.06
C LEU A 50 4.01 -1.31 1.45
N ARG A 51 4.25 -2.45 2.08
CA ARG A 51 3.98 -2.57 3.51
C ARG A 51 5.12 -1.93 4.28
N GLU A 52 6.29 -1.97 3.66
CA GLU A 52 7.48 -1.35 4.19
C GLU A 52 7.38 0.16 4.14
N ALA A 53 6.89 0.68 3.01
CA ALA A 53 6.67 2.10 2.84
C ALA A 53 5.51 2.57 3.70
N GLY A 54 4.43 1.78 3.70
CA GLY A 54 3.28 2.10 4.51
C GLY A 54 3.61 2.14 5.99
N ASP A 55 4.47 1.21 6.41
CA ASP A 55 4.93 1.14 7.79
C ASP A 55 5.51 2.49 8.23
N GLU A 56 6.30 3.09 7.35
CA GLU A 56 6.88 4.39 7.63
C GLU A 56 5.82 5.47 7.60
N PHE A 57 4.88 5.36 6.69
CA PHE A 57 3.88 6.40 6.49
C PHE A 57 2.98 6.51 7.71
N GLU A 58 2.74 5.39 8.38
CA GLU A 58 1.92 5.37 9.58
C GLU A 58 2.57 6.17 10.71
N LEU A 59 3.85 5.92 10.93
CA LEU A 59 4.58 6.61 11.99
C LEU A 59 4.74 8.08 11.66
N ARG A 60 4.84 8.40 10.37
CA ARG A 60 4.96 9.77 9.92
C ARG A 60 3.67 10.53 10.17
N TYR A 61 2.56 9.81 10.01
CA TYR A 61 1.23 10.38 10.15
C TYR A 61 0.70 10.22 11.57
N ARG A 62 1.52 9.62 12.44
CA ARG A 62 1.13 9.25 13.82
C ARG A 62 0.19 10.25 14.50
N ARG A 63 0.40 11.53 14.29
CA ARG A 63 -0.39 12.55 14.98
C ARG A 63 -1.79 12.67 14.38
N ALA A 64 -1.89 12.66 13.05
CA ALA A 64 -3.16 12.88 12.38
C ALA A 64 -3.92 11.58 12.10
N PHE A 65 -3.20 10.54 11.67
CA PHE A 65 -3.84 9.36 11.04
C PHE A 65 -5.02 8.80 11.85
N SER A 66 -4.89 8.75 13.17
CA SER A 66 -5.93 8.16 14.01
C SER A 66 -6.92 9.25 14.45
N ASP A 67 -6.39 10.40 14.82
CA ASP A 67 -7.21 11.54 15.25
C ASP A 67 -8.17 11.97 14.14
N LEU A 68 -7.74 11.73 12.91
CA LEU A 68 -8.51 12.08 11.72
C LEU A 68 -9.85 11.37 11.63
N THR A 69 -10.05 10.29 12.38
CA THR A 69 -11.28 9.51 12.27
C THR A 69 -12.51 10.33 12.64
N SER A 70 -12.32 11.38 13.42
CA SER A 70 -13.39 12.29 13.75
C SER A 70 -13.65 13.19 12.54
N GLN A 71 -12.57 13.52 11.85
CA GLN A 71 -12.63 14.36 10.67
C GLN A 71 -13.32 13.61 9.54
N LEU A 72 -12.89 12.37 9.32
CA LEU A 72 -13.50 11.53 8.32
C LEU A 72 -14.90 11.11 8.75
N HIS A 73 -15.09 10.98 10.05
CA HIS A 73 -16.31 10.43 10.62
C HIS A 73 -16.51 9.01 10.10
N ILE A 74 -15.57 8.17 10.50
CA ILE A 74 -15.54 6.77 10.11
C ILE A 74 -16.78 6.03 10.57
N THR A 75 -17.56 5.59 9.62
CA THR A 75 -18.87 5.02 9.87
C THR A 75 -19.22 4.08 8.69
N PRO A 76 -20.47 3.53 8.60
CA PRO A 76 -21.02 2.88 7.40
C PRO A 76 -20.50 3.42 6.06
N GLY A 77 -20.79 2.66 4.99
CA GLY A 77 -20.29 2.89 3.62
C GLY A 77 -20.02 4.34 3.22
N THR A 78 -20.70 5.29 3.83
CA THR A 78 -20.48 6.69 3.54
C THR A 78 -19.11 7.17 4.04
N ALA A 79 -18.34 6.26 4.64
CA ALA A 79 -16.95 6.51 4.98
C ALA A 79 -16.12 6.56 3.71
N TYR A 80 -16.70 6.08 2.62
CA TYR A 80 -16.09 6.18 1.31
C TYR A 80 -16.18 7.61 0.82
N GLN A 81 -17.18 8.32 1.32
CA GLN A 81 -17.35 9.72 0.97
C GLN A 81 -16.42 10.56 1.81
N SER A 82 -16.20 10.07 3.01
CA SER A 82 -15.18 10.59 3.90
C SER A 82 -13.80 10.40 3.29
N PHE A 83 -13.50 9.15 2.92
CA PHE A 83 -12.23 8.81 2.32
C PHE A 83 -12.13 9.36 0.90
N GLU A 84 -13.27 9.70 0.34
CA GLU A 84 -13.34 10.33 -0.98
C GLU A 84 -12.56 11.62 -0.99
N GLN A 85 -12.86 12.46 0.00
CA GLN A 85 -12.17 13.72 0.22
C GLN A 85 -10.67 13.52 0.16
N VAL A 86 -10.25 12.36 0.59
CA VAL A 86 -8.86 12.02 0.68
C VAL A 86 -8.33 11.53 -0.66
N VAL A 87 -9.00 10.51 -1.20
CA VAL A 87 -8.57 9.89 -2.45
C VAL A 87 -8.59 10.92 -3.57
N ASN A 88 -9.49 11.88 -3.43
CA ASN A 88 -9.60 13.00 -4.36
C ASN A 88 -8.29 13.77 -4.42
N GLU A 89 -7.75 14.12 -3.26
CA GLU A 89 -6.50 14.85 -3.18
C GLU A 89 -5.39 14.01 -3.73
N LEU A 90 -5.46 12.76 -3.34
CA LEU A 90 -4.38 11.83 -3.48
C LEU A 90 -3.93 11.67 -4.93
N PHE A 91 -4.82 11.91 -5.88
CA PHE A 91 -4.51 11.67 -7.28
C PHE A 91 -4.27 12.95 -8.05
N ARG A 92 -4.78 14.05 -7.55
CA ARG A 92 -4.69 15.32 -8.25
C ARG A 92 -3.48 16.12 -7.80
N ASP A 93 -3.11 15.93 -6.54
CA ASP A 93 -2.13 16.78 -5.89
C ASP A 93 -0.70 16.28 -6.06
N GLY A 94 -0.47 15.25 -6.87
CA GLY A 94 0.90 14.78 -6.97
C GLY A 94 1.04 13.29 -6.78
N VAL A 95 0.60 12.49 -7.73
CA VAL A 95 0.72 11.05 -7.59
C VAL A 95 2.17 10.60 -7.73
N ASN A 96 2.75 10.34 -6.58
CA ASN A 96 4.11 9.85 -6.47
C ASN A 96 4.07 8.42 -5.97
N TRP A 97 5.23 7.80 -5.81
CA TRP A 97 5.29 6.45 -5.26
C TRP A 97 4.71 6.40 -3.85
N GLY A 98 5.20 7.27 -2.99
CA GLY A 98 4.73 7.31 -1.61
C GLY A 98 3.31 7.82 -1.50
N ARG A 99 2.85 8.53 -2.52
CA ARG A 99 1.49 9.07 -2.54
C ARG A 99 0.48 7.95 -2.61
N ILE A 100 0.80 6.95 -3.42
CA ILE A 100 -0.06 5.79 -3.60
C ILE A 100 -0.02 4.92 -2.35
N VAL A 101 1.18 4.79 -1.78
CA VAL A 101 1.35 4.12 -0.48
C VAL A 101 0.43 4.74 0.55
N ALA A 102 0.43 6.06 0.59
CA ALA A 102 -0.49 6.82 1.44
C ALA A 102 -1.91 6.33 1.28
N PHE A 103 -2.35 6.26 0.03
CA PHE A 103 -3.68 5.79 -0.31
C PHE A 103 -3.92 4.39 0.28
N PHE A 104 -2.94 3.50 0.14
CA PHE A 104 -3.04 2.17 0.73
C PHE A 104 -3.09 2.24 2.26
N SER A 105 -2.23 3.09 2.82
CA SER A 105 -2.13 3.23 4.27
C SER A 105 -3.46 3.69 4.87
N PHE A 106 -4.03 4.75 4.30
CA PHE A 106 -5.28 5.29 4.79
C PHE A 106 -6.44 4.37 4.44
N GLY A 107 -6.36 3.70 3.30
CA GLY A 107 -7.39 2.76 2.92
C GLY A 107 -7.39 1.54 3.80
N GLY A 108 -6.20 1.04 4.11
CA GLY A 108 -6.07 -0.09 5.00
C GLY A 108 -6.48 0.28 6.41
N ALA A 109 -6.14 1.50 6.82
CA ALA A 109 -6.53 2.02 8.12
C ALA A 109 -8.03 2.32 8.14
N LEU A 110 -8.58 2.63 6.98
CA LEU A 110 -10.00 2.92 6.84
C LEU A 110 -10.77 1.67 7.19
N CYS A 111 -10.27 0.56 6.66
CA CYS A 111 -10.76 -0.76 6.98
C CYS A 111 -10.79 -0.98 8.48
N VAL A 112 -9.64 -0.78 9.13
CA VAL A 112 -9.53 -0.98 10.56
C VAL A 112 -10.42 -0.03 11.34
N GLU A 113 -10.48 1.23 10.92
CA GLU A 113 -11.33 2.20 11.60
C GLU A 113 -12.79 1.82 11.48
N SER A 114 -13.11 1.03 10.49
CA SER A 114 -14.44 0.47 10.37
C SER A 114 -14.59 -0.66 11.38
N VAL A 115 -13.53 -1.44 11.51
CA VAL A 115 -13.51 -2.59 12.40
C VAL A 115 -13.57 -2.12 13.84
N ASP A 116 -12.89 -1.01 14.06
CA ASP A 116 -12.78 -0.35 15.33
C ASP A 116 -14.16 -0.10 15.95
N LYS A 117 -15.05 0.48 15.16
CA LYS A 117 -16.39 0.81 15.63
C LYS A 117 -17.36 -0.36 15.35
N GLU A 118 -16.78 -1.52 15.05
CA GLU A 118 -17.55 -2.73 14.74
C GLU A 118 -18.39 -2.55 13.48
N MET A 119 -17.71 -2.14 12.42
CA MET A 119 -18.33 -1.93 11.12
C MET A 119 -17.49 -2.65 10.09
N GLN A 120 -17.10 -3.87 10.43
CA GLN A 120 -16.19 -4.68 9.63
C GLN A 120 -16.73 -5.00 8.24
N VAL A 121 -17.98 -4.64 7.98
CA VAL A 121 -18.56 -4.82 6.66
C VAL A 121 -17.85 -3.93 5.62
N LEU A 122 -17.28 -2.82 6.09
CA LEU A 122 -16.59 -1.88 5.22
C LEU A 122 -15.27 -2.47 4.75
N VAL A 123 -14.70 -3.35 5.58
CA VAL A 123 -13.43 -4.00 5.28
C VAL A 123 -13.35 -4.47 3.83
N SER A 124 -14.35 -5.23 3.40
CA SER A 124 -14.37 -5.75 2.05
C SER A 124 -14.67 -4.63 1.04
N ARG A 125 -15.60 -3.74 1.41
CA ARG A 125 -16.04 -2.67 0.52
C ARG A 125 -14.88 -1.78 0.16
N ILE A 126 -14.19 -1.29 1.18
CA ILE A 126 -13.06 -0.39 1.00
C ILE A 126 -12.05 -0.99 0.04
N ALA A 127 -11.70 -2.24 0.26
CA ALA A 127 -10.69 -2.92 -0.56
C ALA A 127 -11.12 -2.99 -2.03
N ALA A 128 -12.41 -2.99 -2.27
CA ALA A 128 -12.95 -3.09 -3.62
C ALA A 128 -12.57 -1.88 -4.44
N TRP A 129 -13.03 -0.73 -3.98
CA TRP A 129 -12.81 0.50 -4.69
C TRP A 129 -11.43 1.06 -4.44
N MET A 130 -10.76 0.61 -3.38
CA MET A 130 -9.35 0.90 -3.20
C MET A 130 -8.57 0.39 -4.39
N ALA A 131 -8.74 -0.90 -4.69
CA ALA A 131 -8.08 -1.51 -5.82
C ALA A 131 -8.57 -0.91 -7.12
N THR A 132 -9.88 -0.67 -7.21
CA THR A 132 -10.44 -0.01 -8.39
C THR A 132 -9.82 1.36 -8.64
N TYR A 133 -9.76 2.19 -7.61
CA TYR A 133 -9.22 3.53 -7.76
C TYR A 133 -7.78 3.49 -8.23
N LEU A 134 -7.03 2.50 -7.78
CA LEU A 134 -5.70 2.27 -8.32
C LEU A 134 -5.85 1.96 -9.81
N ASN A 135 -6.64 0.94 -10.10
CA ASN A 135 -6.90 0.46 -11.45
C ASN A 135 -7.20 1.60 -12.43
N ASP A 136 -8.15 2.45 -12.07
CA ASP A 136 -8.61 3.49 -12.98
C ASP A 136 -7.73 4.74 -12.93
N HIS A 137 -7.41 5.18 -11.72
CA HIS A 137 -6.74 6.46 -11.54
C HIS A 137 -5.22 6.34 -11.53
N LEU A 138 -4.71 5.41 -10.74
CA LEU A 138 -3.30 5.39 -10.42
C LEU A 138 -2.48 4.53 -11.38
N GLU A 139 -3.06 3.44 -11.82
CA GLU A 139 -2.36 2.46 -12.66
C GLU A 139 -1.64 3.12 -13.84
N PRO A 140 -2.31 3.96 -14.64
CA PRO A 140 -1.65 4.68 -15.74
C PRO A 140 -0.48 5.52 -15.23
N TRP A 141 -0.75 6.31 -14.20
CA TRP A 141 0.24 7.19 -13.60
C TRP A 141 1.45 6.39 -13.14
N ILE A 142 1.21 5.33 -12.40
CA ILE A 142 2.24 4.38 -11.99
C ILE A 142 3.17 4.02 -13.16
N GLN A 143 2.57 3.58 -14.25
CA GLN A 143 3.32 3.17 -15.43
C GLN A 143 4.18 4.32 -15.97
N GLU A 144 3.70 5.55 -15.82
CA GLU A 144 4.42 6.75 -16.27
C GLU A 144 5.70 6.94 -15.47
N ASN A 145 5.74 6.31 -14.31
CA ASN A 145 6.82 6.48 -13.35
C ASN A 145 7.67 5.23 -13.27
N GLY A 146 7.33 4.25 -14.08
CA GLY A 146 8.12 3.05 -14.18
C GLY A 146 7.33 1.78 -13.97
N GLY A 147 6.52 1.77 -12.92
CA GLY A 147 5.75 0.58 -12.60
C GLY A 147 5.99 0.14 -11.17
N TRP A 148 5.24 -0.83 -10.71
CA TRP A 148 5.34 -1.29 -9.33
C TRP A 148 6.69 -1.92 -9.05
N ASP A 149 7.24 -2.63 -10.03
CA ASP A 149 8.57 -3.25 -9.89
C ASP A 149 9.62 -2.17 -9.62
N THR A 150 9.42 -1.00 -10.19
CA THR A 150 10.33 0.10 -9.99
C THR A 150 10.27 0.59 -8.55
N PHE A 151 9.07 0.66 -7.98
CA PHE A 151 8.90 1.10 -6.60
C PHE A 151 9.66 0.15 -5.69
N VAL A 152 9.68 -1.10 -6.10
CA VAL A 152 10.44 -2.14 -5.43
C VAL A 152 11.93 -1.83 -5.50
N GLU A 153 12.42 -1.64 -6.70
CA GLU A 153 13.81 -1.30 -6.94
C GLU A 153 14.27 -0.14 -6.03
N LEU A 154 13.44 0.89 -5.96
CA LEU A 154 13.72 2.06 -5.15
C LEU A 154 13.48 1.81 -3.65
N TYR A 155 12.24 1.48 -3.29
CA TYR A 155 11.81 1.50 -1.89
C TYR A 155 11.33 0.13 -1.43
N GLY A 156 11.76 -0.91 -2.14
CA GLY A 156 11.24 -2.25 -1.91
C GLY A 156 11.60 -2.87 -0.58
N ASN A 157 11.10 -4.08 -0.43
CA ASN A 157 11.24 -4.86 0.77
C ASN A 157 12.66 -5.39 0.90
N ASN A 158 13.41 -4.86 1.86
CA ASN A 158 14.82 -5.20 1.98
C ASN A 158 15.06 -6.52 2.70
N ALA A 159 13.99 -7.10 3.25
CA ALA A 159 14.08 -8.44 3.79
C ALA A 159 14.48 -9.41 2.68
N ALA A 160 13.98 -9.15 1.48
CA ALA A 160 14.37 -9.92 0.31
C ALA A 160 15.41 -9.16 -0.51
N ALA A 161 15.28 -7.83 -0.57
CA ALA A 161 16.18 -6.98 -1.35
C ALA A 161 17.64 -7.19 -0.95
N GLU A 162 17.91 -7.12 0.34
CA GLU A 162 19.29 -7.23 0.83
C GLU A 162 19.78 -8.67 0.73
N SER A 163 18.84 -9.61 0.80
CA SER A 163 19.16 -11.01 0.63
C SER A 163 19.65 -11.27 -0.81
N ARG A 164 19.14 -10.48 -1.74
CA ARG A 164 19.58 -10.55 -3.13
C ARG A 164 20.73 -9.59 -3.40
N LYS A 165 20.96 -8.70 -2.45
CA LYS A 165 21.96 -7.65 -2.61
C LYS A 165 23.36 -8.15 -2.26
N GLY A 166 23.41 -9.17 -1.40
CA GLY A 166 24.68 -9.66 -0.90
C GLY A 166 25.65 -10.05 -2.00
N GLN A 167 25.16 -10.77 -3.00
CA GLN A 167 26.01 -11.20 -4.11
C GLN A 167 26.23 -10.08 -5.10
N GLU A 168 25.30 -9.14 -5.13
CA GLU A 168 25.40 -8.00 -6.03
C GLU A 168 26.33 -6.96 -5.40
N ARG A 169 26.74 -7.24 -4.18
CA ARG A 169 27.66 -6.38 -3.46
C ARG A 169 29.09 -6.82 -3.76
N LEU A 170 29.24 -8.12 -4.04
CA LEU A 170 30.53 -8.69 -4.36
C LEU A 170 30.83 -8.49 -5.84
N GLU A 171 29.76 -8.46 -6.63
CA GLU A 171 29.81 -8.12 -8.05
C GLU A 171 30.44 -9.23 -8.89
N HIS A 172 29.94 -9.39 -10.10
CA HIS A 172 30.51 -10.35 -11.04
C HIS A 172 31.70 -9.70 -11.75
N HIS A 173 32.85 -10.35 -11.69
CA HIS A 173 34.06 -9.75 -12.20
C HIS A 173 34.56 -10.47 -13.45
N HIS A 174 35.43 -9.80 -14.20
CA HIS A 174 35.99 -10.36 -15.42
C HIS A 174 37.02 -11.43 -15.08
N HIS A 175 37.02 -12.49 -15.87
CA HIS A 175 38.02 -13.54 -15.73
C HIS A 175 39.27 -13.16 -16.51
N HIS A 176 39.08 -12.32 -17.51
CA HIS A 176 40.20 -11.80 -18.29
C HIS A 176 40.16 -10.28 -18.28
N HIS A 177 41.11 -9.68 -17.59
CA HIS A 177 41.13 -8.23 -17.44
C HIS A 177 42.55 -7.69 -17.58
N LEU A 178 43.53 -8.49 -17.18
CA LEU A 178 44.96 -8.13 -17.25
C LEU A 178 45.29 -6.98 -16.28
N GLU A 179 44.27 -6.57 -15.51
CA GLU A 179 44.40 -5.48 -14.54
C GLU A 179 44.82 -4.17 -15.20
N HIS A 180 46.11 -3.95 -15.32
CA HIS A 180 46.63 -2.72 -15.89
C HIS A 180 47.53 -3.05 -17.07
N HIS A 181 47.44 -2.24 -18.12
CA HIS A 181 48.22 -2.48 -19.32
C HIS A 181 49.60 -1.84 -19.22
N HIS A 182 49.64 -0.63 -18.68
CA HIS A 182 50.90 0.08 -18.49
C HIS A 182 50.81 1.02 -17.29
N HIS A 183 49.86 0.73 -16.40
CA HIS A 183 49.66 1.53 -15.21
C HIS A 183 50.28 0.84 -14.00
N HIS A 184 51.28 1.46 -13.42
CA HIS A 184 51.94 0.92 -12.24
C HIS A 184 52.29 2.04 -11.27
N HIS A 185 51.91 1.87 -10.02
CA HIS A 185 52.17 2.89 -9.01
C HIS A 185 53.13 2.34 -7.95
N GLY B 2 -12.16 22.46 5.69
CA GLY B 2 -11.55 22.57 6.99
C GLY B 2 -10.32 21.70 7.13
N CYS B 3 -10.54 20.39 7.21
CA CYS B 3 -9.46 19.44 7.36
C CYS B 3 -9.46 18.48 6.18
N VAL B 4 -8.89 17.30 6.38
CA VAL B 4 -8.83 16.21 5.40
C VAL B 4 -8.38 16.69 4.01
N GLY B 5 -9.29 17.20 3.18
CA GLY B 5 -8.90 18.01 2.03
C GLY B 5 -7.70 18.92 2.34
N ARG B 6 -7.68 19.48 3.56
CA ARG B 6 -6.55 20.23 4.08
C ARG B 6 -5.28 19.41 4.05
N ALA B 7 -5.36 18.23 4.63
CA ALA B 7 -4.23 17.38 4.85
C ALA B 7 -4.17 16.30 3.77
N LEU B 8 -3.57 15.17 4.11
CA LEU B 8 -3.53 13.99 3.25
C LEU B 8 -2.76 14.27 1.96
N ALA B 9 -3.36 15.00 1.05
CA ALA B 9 -2.67 15.53 -0.11
C ALA B 9 -1.34 16.15 0.30
N ALA B 10 -1.44 17.22 1.10
CA ALA B 10 -0.29 17.99 1.58
C ALA B 10 0.76 17.13 2.23
N PHE B 11 0.31 16.16 3.00
CA PHE B 11 1.22 15.36 3.79
C PHE B 11 1.54 14.04 3.11
N GLY B 12 1.08 13.89 1.87
CA GLY B 12 1.58 12.82 1.05
C GLY B 12 2.98 13.16 0.60
N ASP B 13 3.27 14.44 0.74
CA ASP B 13 4.60 14.98 0.54
C ASP B 13 5.53 14.59 1.70
N CYS B 14 4.99 13.88 2.71
CA CYS B 14 5.76 13.41 3.84
C CYS B 14 6.89 12.50 3.37
N ILE B 15 6.57 11.70 2.35
CA ILE B 15 7.51 10.74 1.80
C ILE B 15 7.85 11.12 0.36
N ASN B 16 8.15 12.40 0.17
CA ASN B 16 8.49 12.93 -1.14
C ASN B 16 9.91 12.51 -1.51
N ARG B 17 10.86 12.84 -0.64
CA ARG B 17 12.25 12.54 -0.91
C ARG B 17 12.98 12.25 0.40
N MET A 1 -0.55 -8.08 -13.78
CA MET A 1 -1.09 -7.76 -15.11
C MET A 1 -2.00 -6.55 -15.03
N SER A 2 -3.21 -6.75 -14.52
CA SER A 2 -4.15 -5.66 -14.36
C SER A 2 -4.87 -5.75 -13.00
N GLN A 3 -5.37 -6.94 -12.68
CA GLN A 3 -6.09 -7.15 -11.43
C GLN A 3 -5.13 -7.32 -10.26
N SER A 4 -3.83 -7.23 -10.54
CA SER A 4 -2.81 -7.38 -9.52
C SER A 4 -2.86 -6.26 -8.49
N ASN A 5 -3.48 -5.14 -8.87
CA ASN A 5 -3.63 -4.01 -7.98
C ASN A 5 -4.52 -4.38 -6.79
N ARG A 6 -5.33 -5.40 -6.98
CA ARG A 6 -6.19 -5.93 -5.92
C ARG A 6 -5.36 -6.28 -4.70
N GLU A 7 -4.34 -7.08 -4.92
CA GLU A 7 -3.48 -7.55 -3.86
C GLU A 7 -2.85 -6.39 -3.11
N LEU A 8 -2.34 -5.45 -3.88
CA LEU A 8 -1.71 -4.25 -3.36
C LEU A 8 -2.62 -3.54 -2.36
N VAL A 9 -3.92 -3.62 -2.59
CA VAL A 9 -4.90 -3.10 -1.66
C VAL A 9 -5.10 -4.09 -0.51
N VAL A 10 -5.55 -5.27 -0.87
CA VAL A 10 -5.90 -6.32 0.08
C VAL A 10 -4.80 -6.57 1.10
N ASP A 11 -3.59 -6.85 0.62
CA ASP A 11 -2.45 -7.12 1.49
C ASP A 11 -2.33 -6.07 2.57
N PHE A 12 -2.49 -4.81 2.17
CA PHE A 12 -2.30 -3.70 3.08
C PHE A 12 -3.45 -3.62 4.09
N LEU A 13 -4.69 -3.81 3.63
CA LEU A 13 -5.82 -3.81 4.55
C LEU A 13 -5.69 -4.96 5.55
N SER A 14 -5.25 -6.11 5.06
CA SER A 14 -5.00 -7.27 5.92
C SER A 14 -3.90 -6.94 6.92
N TYR A 15 -2.89 -6.22 6.43
CA TYR A 15 -1.74 -5.82 7.22
C TYR A 15 -2.15 -4.89 8.37
N LYS A 16 -3.33 -4.29 8.25
CA LYS A 16 -3.83 -3.38 9.27
C LYS A 16 -4.63 -4.13 10.31
N LEU A 17 -5.59 -4.89 9.83
CA LEU A 17 -6.43 -5.73 10.65
C LEU A 17 -5.60 -6.69 11.51
N SER A 18 -4.46 -7.09 10.99
CA SER A 18 -3.53 -7.97 11.71
C SER A 18 -3.05 -7.33 13.01
N GLN A 19 -2.94 -5.99 13.04
CA GLN A 19 -2.44 -5.28 14.22
C GLN A 19 -3.51 -5.24 15.30
N LYS A 20 -4.73 -5.42 14.86
CA LYS A 20 -5.89 -5.30 15.70
C LYS A 20 -6.29 -6.68 16.17
N GLY A 21 -5.92 -7.64 15.35
CA GLY A 21 -6.15 -9.03 15.67
C GLY A 21 -7.36 -9.57 14.94
N TYR A 22 -7.75 -8.90 13.88
CA TYR A 22 -8.86 -9.34 13.06
C TYR A 22 -8.35 -10.05 11.82
N SER A 23 -9.18 -10.92 11.26
CA SER A 23 -8.87 -11.59 10.03
C SER A 23 -9.42 -10.80 8.87
N TRP A 24 -8.69 -10.76 7.78
CA TRP A 24 -9.17 -10.12 6.57
C TRP A 24 -10.22 -10.98 5.91
N SER A 25 -9.89 -12.26 5.74
CA SER A 25 -10.78 -13.18 5.05
C SER A 25 -12.14 -13.28 5.72
N GLN A 26 -12.17 -13.21 7.04
CA GLN A 26 -13.42 -13.32 7.78
C GLN A 26 -14.41 -12.20 7.42
N PHE A 27 -13.87 -11.08 6.97
CA PHE A 27 -14.69 -9.93 6.63
C PHE A 27 -14.50 -9.55 5.16
N SER A 28 -13.99 -10.48 4.36
CA SER A 28 -13.62 -10.16 2.99
C SER A 28 -14.67 -10.61 1.99
N ASP A 29 -14.36 -10.37 0.73
CA ASP A 29 -15.24 -10.69 -0.38
C ASP A 29 -14.42 -10.71 -1.67
N VAL A 30 -13.30 -9.98 -1.62
CA VAL A 30 -12.41 -9.77 -2.76
C VAL A 30 -11.94 -11.07 -3.39
N GLU A 31 -11.06 -11.79 -2.71
CA GLU A 31 -10.55 -13.06 -3.19
C GLU A 31 -11.46 -14.17 -2.69
N GLU A 32 -12.43 -13.76 -1.89
CA GLU A 32 -13.34 -14.67 -1.25
C GLU A 32 -14.32 -15.26 -2.25
N ASN A 33 -14.99 -14.40 -2.99
CA ASN A 33 -16.04 -14.84 -3.89
C ASN A 33 -15.54 -15.00 -5.32
N ARG A 34 -14.62 -14.16 -5.74
CA ARG A 34 -14.06 -14.27 -7.08
C ARG A 34 -12.55 -14.41 -7.02
N THR A 35 -11.97 -14.94 -8.08
CA THR A 35 -10.53 -15.07 -8.17
C THR A 35 -10.01 -14.31 -9.38
N GLU A 36 -9.42 -13.16 -9.11
CA GLU A 36 -8.88 -12.31 -10.14
C GLU A 36 -7.37 -12.45 -10.25
N ALA A 37 -6.67 -11.66 -9.48
CA ALA A 37 -5.22 -11.70 -9.43
C ALA A 37 -4.71 -12.97 -8.77
N PRO A 38 -3.54 -13.45 -9.21
CA PRO A 38 -2.79 -14.53 -8.55
C PRO A 38 -2.50 -14.22 -7.07
N GLU A 39 -1.72 -15.07 -6.43
CA GLU A 39 -1.35 -14.85 -5.03
C GLU A 39 -0.09 -13.98 -4.95
N GLY A 40 0.24 -13.35 -6.06
CA GLY A 40 1.39 -12.48 -6.10
C GLY A 40 2.13 -12.61 -7.41
N THR A 41 1.47 -12.27 -8.50
CA THR A 41 2.08 -12.41 -9.81
C THR A 41 3.23 -11.41 -9.99
N GLU A 42 2.89 -10.14 -10.21
CA GLU A 42 3.87 -9.05 -10.14
C GLU A 42 3.87 -8.49 -8.73
N SER A 43 2.69 -8.58 -8.16
CA SER A 43 2.35 -7.96 -6.89
C SER A 43 3.25 -8.37 -5.75
N GLU A 44 3.69 -9.61 -5.76
CA GLU A 44 4.45 -10.19 -4.66
C GLU A 44 5.55 -9.24 -4.16
N ALA A 45 6.38 -8.78 -5.09
CA ALA A 45 7.47 -7.88 -4.73
C ALA A 45 6.96 -6.48 -4.41
N VAL A 46 5.96 -6.00 -5.14
CA VAL A 46 5.48 -4.64 -4.96
C VAL A 46 4.73 -4.49 -3.65
N LYS A 47 3.89 -5.48 -3.31
CA LYS A 47 3.14 -5.44 -2.06
C LYS A 47 4.09 -5.69 -0.89
N GLN A 48 5.15 -6.45 -1.15
CA GLN A 48 6.21 -6.62 -0.16
C GLN A 48 6.92 -5.31 0.08
N ALA A 49 7.05 -4.50 -0.97
CA ALA A 49 7.63 -3.18 -0.86
C ALA A 49 6.64 -2.21 -0.21
N LEU A 50 5.36 -2.42 -0.51
CA LEU A 50 4.31 -1.56 -0.06
C LEU A 50 4.17 -1.57 1.46
N ARG A 51 4.55 -2.66 2.10
CA ARG A 51 4.37 -2.77 3.54
C ARG A 51 5.52 -2.06 4.24
N GLU A 52 6.65 -2.05 3.56
CA GLU A 52 7.87 -1.46 4.05
C GLU A 52 7.77 0.06 3.93
N ALA A 53 7.39 0.52 2.75
CA ALA A 53 7.18 1.94 2.52
C ALA A 53 6.00 2.43 3.35
N GLY A 54 5.03 1.54 3.51
CA GLY A 54 3.87 1.85 4.32
C GLY A 54 4.25 2.19 5.73
N ASP A 55 4.94 1.27 6.40
CA ASP A 55 5.32 1.45 7.80
C ASP A 55 6.09 2.76 7.99
N GLU A 56 7.01 3.02 7.08
CA GLU A 56 7.80 4.25 7.10
C GLU A 56 6.91 5.49 7.02
N PHE A 57 5.83 5.36 6.29
CA PHE A 57 4.91 6.47 6.11
C PHE A 57 3.95 6.58 7.30
N GLU A 58 3.48 5.46 7.80
CA GLU A 58 2.46 5.42 8.84
C GLU A 58 2.95 6.07 10.13
N LEU A 59 4.19 5.78 10.50
CA LEU A 59 4.77 6.31 11.72
C LEU A 59 4.79 7.84 11.70
N ARG A 60 4.68 8.41 10.51
CA ARG A 60 4.70 9.85 10.36
C ARG A 60 3.33 10.46 10.71
N TYR A 61 2.27 9.96 10.07
CA TYR A 61 0.94 10.57 10.20
C TYR A 61 0.13 9.93 11.33
N ARG A 62 0.65 8.87 11.94
CA ARG A 62 -0.12 8.04 12.87
C ARG A 62 -0.81 8.87 13.95
N ARG A 63 -0.13 9.91 14.42
CA ARG A 63 -0.66 10.80 15.45
C ARG A 63 -2.04 11.36 15.07
N ALA A 64 -2.22 11.67 13.79
CA ALA A 64 -3.43 12.36 13.35
C ALA A 64 -4.61 11.42 13.14
N PHE A 65 -4.40 10.33 12.41
CA PHE A 65 -5.54 9.52 11.92
C PHE A 65 -6.42 8.98 13.05
N SER A 66 -5.83 8.79 14.23
CA SER A 66 -6.60 8.33 15.38
C SER A 66 -7.58 9.41 15.84
N ASP A 67 -7.17 10.67 15.67
CA ASP A 67 -8.02 11.80 16.01
C ASP A 67 -8.86 12.22 14.81
N LEU A 68 -8.36 11.89 13.63
CA LEU A 68 -8.99 12.29 12.39
C LEU A 68 -10.22 11.45 12.07
N THR A 69 -10.37 10.29 12.70
CA THR A 69 -11.52 9.43 12.44
C THR A 69 -12.82 10.17 12.73
N SER A 70 -12.79 11.05 13.72
CA SER A 70 -13.90 11.94 14.00
C SER A 70 -14.13 12.88 12.84
N GLN A 71 -13.02 13.38 12.30
CA GLN A 71 -13.05 14.34 11.19
C GLN A 71 -13.59 13.68 9.93
N LEU A 72 -13.20 12.43 9.72
CA LEU A 72 -13.66 11.67 8.58
C LEU A 72 -15.09 11.19 8.80
N HIS A 73 -15.45 10.97 10.06
CA HIS A 73 -16.76 10.45 10.43
C HIS A 73 -16.88 9.01 9.98
N ILE A 74 -15.87 8.23 10.34
CA ILE A 74 -15.81 6.80 10.02
C ILE A 74 -17.04 6.07 10.51
N THR A 75 -17.81 5.55 9.57
CA THR A 75 -19.11 4.97 9.84
C THR A 75 -19.48 4.07 8.64
N PRO A 76 -20.74 3.56 8.55
CA PRO A 76 -21.34 3.01 7.33
C PRO A 76 -20.81 3.61 6.01
N GLY A 77 -21.16 2.92 4.91
CA GLY A 77 -20.70 3.21 3.54
C GLY A 77 -20.31 4.65 3.21
N THR A 78 -20.89 5.64 3.86
CA THR A 78 -20.54 7.02 3.61
C THR A 78 -19.10 7.34 4.02
N ALA A 79 -18.39 6.31 4.49
CA ALA A 79 -16.98 6.45 4.80
C ALA A 79 -16.16 6.52 3.52
N TYR A 80 -16.78 6.20 2.39
CA TYR A 80 -16.11 6.36 1.09
C TYR A 80 -16.04 7.83 0.76
N GLN A 81 -16.94 8.60 1.37
CA GLN A 81 -16.96 10.04 1.20
C GLN A 81 -15.93 10.67 2.13
N SER A 82 -15.67 9.96 3.21
CA SER A 82 -14.62 10.34 4.14
C SER A 82 -13.27 10.02 3.51
N PHE A 83 -13.13 8.80 3.03
CA PHE A 83 -11.95 8.35 2.32
C PHE A 83 -11.83 9.08 0.98
N GLU A 84 -12.93 9.66 0.53
CA GLU A 84 -12.95 10.43 -0.70
C GLU A 84 -12.03 11.61 -0.60
N GLN A 85 -12.20 12.36 0.48
CA GLN A 85 -11.37 13.52 0.78
C GLN A 85 -9.90 13.17 0.61
N VAL A 86 -9.61 11.93 0.92
CA VAL A 86 -8.26 11.43 0.93
C VAL A 86 -7.84 10.97 -0.44
N VAL A 87 -8.62 10.08 -1.01
CA VAL A 87 -8.30 9.51 -2.30
C VAL A 87 -8.28 10.61 -3.36
N ASN A 88 -8.90 11.72 -3.01
CA ASN A 88 -8.93 12.90 -3.83
C ASN A 88 -7.72 13.79 -3.60
N GLU A 89 -7.23 13.86 -2.37
CA GLU A 89 -6.04 14.65 -2.09
C GLU A 89 -4.84 13.91 -2.61
N LEU A 90 -4.94 12.60 -2.49
CA LEU A 90 -3.82 11.72 -2.68
C LEU A 90 -3.38 11.73 -4.14
N PHE A 91 -4.33 11.89 -5.05
CA PHE A 91 -4.03 11.78 -6.46
C PHE A 91 -3.85 13.14 -7.10
N ARG A 92 -4.30 14.17 -6.41
CA ARG A 92 -4.23 15.52 -6.96
C ARG A 92 -2.90 16.19 -6.60
N ASP A 93 -2.36 15.82 -5.45
CA ASP A 93 -1.24 16.57 -4.88
C ASP A 93 0.12 16.01 -5.31
N GLY A 94 0.15 14.99 -6.16
CA GLY A 94 1.44 14.41 -6.44
C GLY A 94 1.50 12.90 -6.35
N VAL A 95 0.89 12.19 -7.30
CA VAL A 95 0.94 10.74 -7.27
C VAL A 95 2.34 10.25 -7.58
N ASN A 96 3.06 9.94 -6.53
CA ASN A 96 4.42 9.41 -6.61
C ASN A 96 4.40 7.94 -6.21
N TRP A 97 5.57 7.31 -6.22
CA TRP A 97 5.70 5.93 -5.78
C TRP A 97 5.07 5.72 -4.40
N GLY A 98 5.48 6.55 -3.45
CA GLY A 98 5.04 6.39 -2.08
C GLY A 98 3.66 6.98 -1.81
N ARG A 99 3.18 7.80 -2.74
CA ARG A 99 1.87 8.43 -2.58
C ARG A 99 0.77 7.38 -2.54
N ILE A 100 0.89 6.39 -3.42
CA ILE A 100 -0.09 5.33 -3.50
C ILE A 100 0.04 4.39 -2.30
N VAL A 101 1.27 4.21 -1.83
CA VAL A 101 1.54 3.55 -0.57
C VAL A 101 0.66 4.15 0.52
N ALA A 102 0.75 5.46 0.66
CA ALA A 102 -0.09 6.21 1.59
C ALA A 102 -1.57 5.88 1.38
N PHE A 103 -1.98 5.91 0.12
CA PHE A 103 -3.36 5.58 -0.25
C PHE A 103 -3.77 4.21 0.26
N PHE A 104 -2.85 3.24 0.20
CA PHE A 104 -3.11 1.91 0.76
C PHE A 104 -3.15 1.96 2.28
N SER A 105 -2.34 2.84 2.86
CA SER A 105 -2.26 2.97 4.31
C SER A 105 -3.56 3.56 4.87
N PHE A 106 -3.97 4.72 4.33
CA PHE A 106 -5.19 5.36 4.78
C PHE A 106 -6.40 4.50 4.47
N GLY A 107 -6.39 3.85 3.31
CA GLY A 107 -7.47 2.96 2.94
C GLY A 107 -7.49 1.70 3.78
N GLY A 108 -6.30 1.18 4.07
CA GLY A 108 -6.18 0.04 4.94
C GLY A 108 -6.61 0.37 6.35
N ALA A 109 -6.32 1.58 6.77
CA ALA A 109 -6.74 2.07 8.07
C ALA A 109 -8.23 2.39 8.04
N LEU A 110 -8.73 2.75 6.87
CA LEU A 110 -10.15 3.04 6.68
C LEU A 110 -10.93 1.78 6.99
N CYS A 111 -10.35 0.68 6.54
CA CYS A 111 -10.83 -0.65 6.85
C CYS A 111 -10.98 -0.81 8.34
N VAL A 112 -9.88 -0.72 9.07
CA VAL A 112 -9.88 -0.97 10.50
C VAL A 112 -10.72 0.04 11.26
N GLU A 113 -10.68 1.30 10.85
CA GLU A 113 -11.49 2.33 11.53
C GLU A 113 -12.96 1.98 11.46
N SER A 114 -13.31 1.07 10.57
CA SER A 114 -14.66 0.60 10.45
C SER A 114 -14.84 -0.52 11.44
N VAL A 115 -13.88 -1.42 11.45
CA VAL A 115 -13.94 -2.62 12.24
C VAL A 115 -13.88 -2.26 13.72
N ASP A 116 -13.13 -1.21 13.95
CA ASP A 116 -12.97 -0.59 15.26
C ASP A 116 -14.32 -0.31 15.91
N LYS A 117 -15.19 0.35 15.16
CA LYS A 117 -16.53 0.68 15.64
C LYS A 117 -17.48 -0.49 15.38
N GLU A 118 -16.89 -1.65 15.09
CA GLU A 118 -17.64 -2.88 14.80
C GLU A 118 -18.42 -2.72 13.51
N MET A 119 -17.72 -2.26 12.50
CA MET A 119 -18.28 -2.05 11.17
C MET A 119 -17.37 -2.73 10.17
N GLN A 120 -16.83 -3.88 10.58
CA GLN A 120 -15.93 -4.69 9.77
C GLN A 120 -16.52 -5.04 8.39
N VAL A 121 -17.79 -4.72 8.18
CA VAL A 121 -18.42 -4.94 6.89
C VAL A 121 -17.86 -4.01 5.81
N LEU A 122 -17.28 -2.89 6.22
CA LEU A 122 -16.68 -1.93 5.29
C LEU A 122 -15.36 -2.46 4.77
N VAL A 123 -14.76 -3.33 5.57
CA VAL A 123 -13.46 -3.90 5.28
C VAL A 123 -13.32 -4.36 3.83
N SER A 124 -14.26 -5.17 3.39
CA SER A 124 -14.25 -5.70 2.06
C SER A 124 -14.66 -4.66 1.03
N ARG A 125 -15.56 -3.77 1.44
CA ARG A 125 -16.10 -2.74 0.56
C ARG A 125 -15.01 -1.75 0.16
N ILE A 126 -14.33 -1.22 1.15
CA ILE A 126 -13.25 -0.26 0.94
C ILE A 126 -12.22 -0.80 -0.04
N ALA A 127 -11.74 -2.02 0.22
CA ALA A 127 -10.72 -2.63 -0.61
C ALA A 127 -11.16 -2.73 -2.07
N ALA A 128 -12.46 -2.91 -2.28
CA ALA A 128 -13.02 -2.96 -3.62
C ALA A 128 -12.73 -1.66 -4.35
N TRP A 129 -13.26 -0.58 -3.80
CA TRP A 129 -13.15 0.74 -4.39
C TRP A 129 -11.69 1.17 -4.49
N MET A 130 -10.89 0.79 -3.51
CA MET A 130 -9.45 1.13 -3.50
C MET A 130 -8.74 0.53 -4.70
N ALA A 131 -8.87 -0.78 -4.87
CA ALA A 131 -8.21 -1.48 -5.96
C ALA A 131 -8.69 -0.97 -7.31
N THR A 132 -10.00 -0.77 -7.43
CA THR A 132 -10.55 -0.23 -8.66
C THR A 132 -10.00 1.17 -8.92
N TYR A 133 -9.96 1.99 -7.89
CA TYR A 133 -9.43 3.34 -8.02
C TYR A 133 -8.00 3.29 -8.55
N LEU A 134 -7.22 2.34 -8.07
CA LEU A 134 -5.89 2.13 -8.61
C LEU A 134 -6.00 1.76 -10.08
N ASN A 135 -6.79 0.73 -10.36
CA ASN A 135 -7.00 0.22 -11.71
C ASN A 135 -7.40 1.32 -12.68
N ASP A 136 -8.32 2.19 -12.25
CA ASP A 136 -8.86 3.22 -13.13
C ASP A 136 -7.96 4.47 -13.15
N HIS A 137 -7.66 4.97 -11.97
CA HIS A 137 -6.97 6.25 -11.83
C HIS A 137 -5.45 6.11 -11.79
N LEU A 138 -4.98 5.25 -10.90
CA LEU A 138 -3.59 5.22 -10.50
C LEU A 138 -2.68 4.49 -11.47
N GLU A 139 -3.11 3.33 -11.92
CA GLU A 139 -2.31 2.46 -12.78
C GLU A 139 -1.61 3.23 -13.92
N PRO A 140 -2.33 4.06 -14.70
CA PRO A 140 -1.70 4.89 -15.74
C PRO A 140 -0.55 5.73 -15.18
N TRP A 141 -0.86 6.46 -14.11
CA TRP A 141 0.11 7.33 -13.45
C TRP A 141 1.34 6.54 -13.01
N ILE A 142 1.10 5.43 -12.34
CA ILE A 142 2.15 4.50 -11.91
C ILE A 142 3.12 4.20 -13.05
N GLN A 143 2.58 3.77 -14.18
CA GLN A 143 3.38 3.41 -15.34
C GLN A 143 4.21 4.60 -15.85
N GLU A 144 3.67 5.80 -15.67
CA GLU A 144 4.38 7.02 -16.05
C GLU A 144 5.60 7.24 -15.16
N ASN A 145 5.55 6.65 -13.98
CA ASN A 145 6.57 6.89 -12.96
C ASN A 145 7.58 5.75 -12.95
N GLY A 146 7.17 4.62 -13.50
CA GLY A 146 8.06 3.49 -13.64
C GLY A 146 7.36 2.15 -13.50
N GLY A 147 6.33 2.12 -12.65
CA GLY A 147 5.63 0.87 -12.41
C GLY A 147 5.89 0.35 -11.01
N TRP A 148 5.14 -0.67 -10.61
CA TRP A 148 5.28 -1.24 -9.28
C TRP A 148 6.61 -1.94 -9.11
N ASP A 149 7.09 -2.57 -10.18
CA ASP A 149 8.37 -3.28 -10.13
C ASP A 149 9.49 -2.34 -9.71
N THR A 150 9.51 -1.17 -10.34
CA THR A 150 10.50 -0.15 -10.03
C THR A 150 10.39 0.30 -8.58
N PHE A 151 9.17 0.36 -8.07
CA PHE A 151 8.95 0.79 -6.70
C PHE A 151 9.70 -0.10 -5.72
N VAL A 152 9.67 -1.40 -5.97
CA VAL A 152 10.38 -2.35 -5.12
C VAL A 152 11.88 -2.26 -5.36
N GLU A 153 12.28 -1.80 -6.54
CA GLU A 153 13.68 -1.53 -6.82
C GLU A 153 14.17 -0.37 -5.97
N LEU A 154 13.24 0.46 -5.52
CA LEU A 154 13.54 1.60 -4.65
C LEU A 154 13.37 1.21 -3.18
N TYR A 155 12.15 0.79 -2.83
CA TYR A 155 11.78 0.53 -1.45
C TYR A 155 11.33 -0.91 -1.24
N GLY A 156 11.84 -1.80 -2.08
CA GLY A 156 11.44 -3.19 -2.00
C GLY A 156 11.88 -3.85 -0.73
N ASN A 157 11.27 -4.99 -0.48
CA ASN A 157 11.55 -5.79 0.68
C ASN A 157 12.99 -6.31 0.63
N ASN A 158 13.83 -5.77 1.50
CA ASN A 158 15.24 -6.14 1.51
C ASN A 158 15.45 -7.43 2.28
N ALA A 159 14.54 -7.75 3.20
CA ALA A 159 14.65 -8.97 4.01
C ALA A 159 14.82 -10.20 3.12
N ALA A 160 14.00 -10.27 2.07
CA ALA A 160 14.10 -11.37 1.12
C ALA A 160 15.20 -11.10 0.10
N ALA A 161 15.36 -9.82 -0.26
CA ALA A 161 16.36 -9.41 -1.24
C ALA A 161 17.76 -9.87 -0.83
N GLU A 162 18.22 -9.41 0.34
CA GLU A 162 19.54 -9.76 0.82
C GLU A 162 19.65 -11.24 1.15
N SER A 163 18.53 -11.84 1.53
CA SER A 163 18.53 -13.25 1.89
C SER A 163 18.88 -14.11 0.67
N ARG A 164 18.34 -13.73 -0.47
CA ARG A 164 18.62 -14.44 -1.72
C ARG A 164 19.83 -13.85 -2.41
N LYS A 165 20.40 -12.81 -1.80
CA LYS A 165 21.54 -12.10 -2.36
C LYS A 165 22.84 -12.55 -1.71
N GLY A 166 22.89 -12.44 -0.39
CA GLY A 166 24.11 -12.67 0.35
C GLY A 166 24.58 -14.11 0.28
N GLN A 167 23.73 -15.01 -0.20
CA GLN A 167 24.12 -16.40 -0.39
C GLN A 167 25.14 -16.52 -1.50
N GLU A 168 25.18 -15.52 -2.38
CA GLU A 168 26.16 -15.46 -3.46
C GLU A 168 27.53 -15.06 -2.92
N ARG A 169 27.58 -14.72 -1.65
CA ARG A 169 28.83 -14.31 -1.01
C ARG A 169 29.58 -15.54 -0.54
N LEU A 170 28.83 -16.59 -0.21
CA LEU A 170 29.42 -17.82 0.28
C LEU A 170 29.49 -18.84 -0.84
N GLU A 171 28.34 -19.24 -1.34
CA GLU A 171 28.25 -20.15 -2.46
C GLU A 171 27.66 -19.43 -3.65
N HIS A 172 27.11 -20.16 -4.61
CA HIS A 172 26.51 -19.54 -5.78
C HIS A 172 25.22 -20.24 -6.16
N HIS A 173 24.12 -19.51 -6.07
CA HIS A 173 22.81 -20.05 -6.40
C HIS A 173 22.58 -19.95 -7.90
N HIS A 174 23.08 -18.88 -8.49
CA HIS A 174 22.95 -18.66 -9.92
C HIS A 174 23.94 -19.53 -10.68
N HIS A 175 25.19 -19.50 -10.25
CA HIS A 175 26.23 -20.31 -10.85
C HIS A 175 26.23 -21.71 -10.24
N HIS A 176 25.75 -22.69 -11.00
CA HIS A 176 25.73 -24.08 -10.56
C HIS A 176 27.08 -24.73 -10.84
N HIS A 177 27.82 -25.02 -9.77
CA HIS A 177 29.14 -25.62 -9.90
C HIS A 177 29.06 -27.04 -10.44
N LEU A 178 28.03 -27.77 -10.00
CA LEU A 178 27.84 -29.18 -10.36
C LEU A 178 28.97 -30.04 -9.80
N GLU A 179 28.66 -30.80 -8.76
CA GLU A 179 29.67 -31.62 -8.10
C GLU A 179 30.02 -32.84 -8.94
N HIS A 180 31.07 -33.53 -8.52
CA HIS A 180 31.57 -34.69 -9.27
C HIS A 180 30.58 -35.85 -9.19
N HIS A 181 30.12 -36.30 -10.35
CA HIS A 181 29.19 -37.41 -10.43
C HIS A 181 29.88 -38.72 -10.11
N HIS A 182 29.34 -39.44 -9.15
CA HIS A 182 29.88 -40.75 -8.78
C HIS A 182 29.36 -41.82 -9.74
N HIS A 183 30.14 -42.89 -9.88
CA HIS A 183 29.80 -43.98 -10.80
C HIS A 183 29.85 -43.52 -12.26
N HIS A 184 30.75 -42.58 -12.54
CA HIS A 184 30.91 -42.07 -13.89
C HIS A 184 32.35 -42.29 -14.37
N HIS A 185 32.66 -43.53 -14.72
CA HIS A 185 33.96 -43.87 -15.28
C HIS A 185 33.81 -44.93 -16.37
N GLY B 2 -9.76 20.73 8.03
CA GLY B 2 -8.52 21.11 8.66
C GLY B 2 -7.38 20.18 8.33
N CYS B 3 -7.66 18.88 8.31
CA CYS B 3 -6.61 17.89 8.08
C CYS B 3 -6.95 17.04 6.87
N VAL B 4 -6.48 15.78 6.91
CA VAL B 4 -6.76 14.77 5.89
C VAL B 4 -6.70 15.31 4.45
N GLY B 5 -7.83 15.76 3.89
CA GLY B 5 -7.82 16.59 2.69
C GLY B 5 -6.60 17.50 2.57
N ARG B 6 -6.20 18.12 3.69
CA ARG B 6 -5.01 18.95 3.74
C ARG B 6 -3.78 18.17 4.20
N ALA B 7 -3.97 17.30 5.19
CA ALA B 7 -2.85 16.70 5.91
C ALA B 7 -2.19 15.57 5.15
N LEU B 8 -3.00 14.64 4.64
CA LEU B 8 -2.48 13.42 4.05
C LEU B 8 -1.89 13.73 2.68
N ALA B 9 -2.57 14.63 1.98
CA ALA B 9 -2.03 15.22 0.77
C ALA B 9 -0.64 15.78 1.02
N ALA B 10 -0.55 16.57 2.09
CA ALA B 10 0.67 17.28 2.46
C ALA B 10 1.76 16.32 2.92
N PHE B 11 1.42 15.42 3.83
CA PHE B 11 2.38 14.49 4.40
C PHE B 11 2.75 13.40 3.41
N GLY B 12 1.87 13.16 2.44
CA GLY B 12 2.09 12.11 1.47
C GLY B 12 3.14 12.46 0.44
N ASP B 13 3.55 13.72 0.44
CA ASP B 13 4.61 14.18 -0.45
C ASP B 13 5.97 13.71 0.05
N CYS B 14 6.05 13.37 1.33
CA CYS B 14 7.32 13.01 1.94
C CYS B 14 7.48 11.49 2.00
N ILE B 15 8.11 10.93 0.98
CA ILE B 15 8.35 9.49 0.93
C ILE B 15 9.84 9.19 0.98
N ASN B 16 10.54 9.97 1.78
CA ASN B 16 11.99 9.87 1.89
C ASN B 16 12.45 10.41 3.25
N ARG B 17 11.57 10.27 4.24
CA ARG B 17 11.80 10.83 5.57
C ARG B 17 11.91 12.35 5.50
N MET A 1 -6.20 -2.20 -16.67
CA MET A 1 -6.74 -2.51 -15.33
C MET A 1 -6.28 -3.89 -14.88
N SER A 2 -5.28 -3.90 -14.02
CA SER A 2 -4.69 -5.14 -13.54
C SER A 2 -5.44 -5.66 -12.33
N GLN A 3 -5.90 -6.90 -12.40
CA GLN A 3 -6.57 -7.54 -11.27
C GLN A 3 -5.62 -7.68 -10.10
N SER A 4 -4.33 -7.73 -10.42
CA SER A 4 -3.28 -7.92 -9.43
C SER A 4 -3.17 -6.74 -8.46
N ASN A 5 -3.75 -5.60 -8.81
CA ASN A 5 -3.72 -4.44 -7.91
C ASN A 5 -4.57 -4.72 -6.68
N ARG A 6 -5.42 -5.74 -6.77
CA ARG A 6 -6.20 -6.19 -5.64
C ARG A 6 -5.29 -6.54 -4.48
N GLU A 7 -4.27 -7.33 -4.80
CA GLU A 7 -3.30 -7.81 -3.83
C GLU A 7 -2.70 -6.65 -3.05
N LEU A 8 -2.20 -5.67 -3.79
CA LEU A 8 -1.59 -4.47 -3.25
C LEU A 8 -2.47 -3.82 -2.19
N VAL A 9 -3.78 -3.92 -2.38
CA VAL A 9 -4.73 -3.44 -1.40
C VAL A 9 -4.91 -4.46 -0.29
N VAL A 10 -5.34 -5.65 -0.68
CA VAL A 10 -5.65 -6.73 0.24
C VAL A 10 -4.52 -7.02 1.22
N ASP A 11 -3.32 -7.30 0.70
CA ASP A 11 -2.18 -7.66 1.53
C ASP A 11 -1.93 -6.59 2.58
N PHE A 12 -2.25 -5.35 2.23
CA PHE A 12 -2.06 -4.24 3.15
C PHE A 12 -3.20 -4.20 4.19
N LEU A 13 -4.45 -4.23 3.73
CA LEU A 13 -5.59 -4.22 4.66
C LEU A 13 -5.53 -5.40 5.60
N SER A 14 -5.21 -6.57 5.07
CA SER A 14 -5.08 -7.79 5.87
C SER A 14 -4.03 -7.59 6.96
N TYR A 15 -2.94 -6.94 6.60
CA TYR A 15 -1.85 -6.70 7.53
C TYR A 15 -2.26 -5.66 8.57
N LYS A 16 -3.24 -4.82 8.23
CA LYS A 16 -3.72 -3.79 9.14
C LYS A 16 -4.77 -4.35 10.08
N LEU A 17 -5.51 -5.36 9.64
CA LEU A 17 -6.43 -6.04 10.55
C LEU A 17 -5.64 -6.90 11.52
N SER A 18 -4.46 -7.31 11.10
CA SER A 18 -3.58 -8.17 11.90
C SER A 18 -3.10 -7.46 13.17
N GLN A 19 -2.89 -6.15 13.09
CA GLN A 19 -2.43 -5.38 14.26
C GLN A 19 -3.57 -5.15 15.25
N LYS A 20 -4.76 -5.56 14.83
CA LYS A 20 -5.96 -5.39 15.65
C LYS A 20 -6.40 -6.73 16.15
N GLY A 21 -6.05 -7.74 15.37
CA GLY A 21 -6.35 -9.10 15.72
C GLY A 21 -7.55 -9.62 14.98
N TYR A 22 -7.83 -8.99 13.84
CA TYR A 22 -8.94 -9.38 13.01
C TYR A 22 -8.46 -10.01 11.72
N SER A 23 -9.36 -10.71 11.04
CA SER A 23 -9.04 -11.36 9.80
C SER A 23 -9.54 -10.54 8.62
N TRP A 24 -8.79 -10.56 7.54
CA TRP A 24 -9.20 -9.89 6.33
C TRP A 24 -10.40 -10.59 5.69
N SER A 25 -10.32 -11.90 5.57
CA SER A 25 -11.29 -12.66 4.79
C SER A 25 -12.61 -12.79 5.55
N GLN A 26 -12.58 -12.69 6.87
CA GLN A 26 -13.82 -12.74 7.65
C GLN A 26 -14.76 -11.60 7.26
N PHE A 27 -14.18 -10.52 6.76
CA PHE A 27 -14.95 -9.34 6.41
C PHE A 27 -14.95 -9.10 4.91
N SER A 28 -13.95 -9.65 4.22
CA SER A 28 -13.83 -9.47 2.78
C SER A 28 -14.32 -10.67 2.02
N ASP A 29 -14.90 -10.36 0.89
CA ASP A 29 -15.49 -11.34 0.01
C ASP A 29 -14.78 -11.31 -1.33
N VAL A 30 -13.87 -10.35 -1.45
CA VAL A 30 -13.28 -9.93 -2.71
C VAL A 30 -12.67 -11.09 -3.50
N GLU A 31 -11.53 -11.60 -3.05
CA GLU A 31 -10.91 -12.73 -3.71
C GLU A 31 -11.28 -14.00 -2.98
N GLU A 32 -12.12 -13.82 -1.96
CA GLU A 32 -12.60 -14.93 -1.15
C GLU A 32 -13.58 -15.79 -1.94
N ASN A 33 -14.64 -15.16 -2.41
CA ASN A 33 -15.72 -15.88 -3.08
C ASN A 33 -15.45 -15.98 -4.58
N ARG A 34 -15.24 -14.84 -5.21
CA ARG A 34 -14.86 -14.83 -6.62
C ARG A 34 -13.34 -14.82 -6.72
N THR A 35 -12.83 -15.27 -7.84
CA THR A 35 -11.39 -15.34 -8.03
C THR A 35 -10.90 -14.21 -8.92
N GLU A 36 -10.22 -13.26 -8.30
CA GLU A 36 -9.75 -12.08 -8.99
C GLU A 36 -8.26 -12.17 -9.28
N ALA A 37 -7.46 -11.80 -8.29
CA ALA A 37 -6.01 -11.82 -8.42
C ALA A 37 -5.42 -13.04 -7.72
N PRO A 38 -4.27 -13.52 -8.20
CA PRO A 38 -3.47 -14.52 -7.50
C PRO A 38 -2.99 -13.99 -6.15
N GLU A 39 -2.44 -14.85 -5.30
CA GLU A 39 -1.98 -14.42 -3.99
C GLU A 39 -0.61 -13.76 -4.08
N GLY A 40 -0.07 -13.72 -5.28
CA GLY A 40 1.19 -13.07 -5.52
C GLY A 40 1.73 -13.35 -6.90
N THR A 41 1.06 -12.83 -7.92
CA THR A 41 1.47 -13.10 -9.28
C THR A 41 2.65 -12.19 -9.67
N GLU A 42 2.38 -10.91 -9.94
CA GLU A 42 3.44 -9.93 -10.16
C GLU A 42 3.74 -9.21 -8.86
N SER A 43 2.70 -9.08 -8.08
CA SER A 43 2.65 -8.19 -6.94
C SER A 43 3.64 -8.51 -5.85
N GLU A 44 4.07 -9.76 -5.75
CA GLU A 44 4.89 -10.21 -4.62
C GLU A 44 5.92 -9.16 -4.20
N ALA A 45 6.76 -8.71 -5.12
CA ALA A 45 7.75 -7.70 -4.80
C ALA A 45 7.12 -6.33 -4.55
N VAL A 46 6.11 -5.97 -5.34
CA VAL A 46 5.48 -4.65 -5.23
C VAL A 46 4.72 -4.52 -3.90
N LYS A 47 3.96 -5.54 -3.52
CA LYS A 47 3.22 -5.52 -2.26
C LYS A 47 4.19 -5.61 -1.09
N GLN A 48 5.21 -6.43 -1.26
CA GLN A 48 6.29 -6.52 -0.27
C GLN A 48 6.96 -5.18 -0.07
N ALA A 49 7.06 -4.39 -1.13
CA ALA A 49 7.64 -3.06 -1.04
C ALA A 49 6.66 -2.08 -0.40
N LEU A 50 5.41 -2.23 -0.76
CA LEU A 50 4.35 -1.31 -0.34
C LEU A 50 4.10 -1.36 1.17
N ARG A 51 4.41 -2.48 1.80
CA ARG A 51 4.11 -2.64 3.21
C ARG A 51 5.22 -2.01 4.03
N GLU A 52 6.39 -1.98 3.44
CA GLU A 52 7.58 -1.44 4.06
C GLU A 52 7.57 0.09 3.94
N ALA A 53 7.13 0.56 2.78
CA ALA A 53 6.92 1.99 2.57
C ALA A 53 5.72 2.45 3.40
N GLY A 54 4.68 1.63 3.40
CA GLY A 54 3.49 1.92 4.18
C GLY A 54 3.81 2.01 5.66
N ASP A 55 4.80 1.23 6.08
CA ASP A 55 5.28 1.24 7.46
C ASP A 55 5.66 2.65 7.90
N GLU A 56 6.28 3.40 6.99
CA GLU A 56 6.68 4.76 7.23
C GLU A 56 5.50 5.71 7.09
N PHE A 57 4.52 5.32 6.30
CA PHE A 57 3.33 6.12 6.10
C PHE A 57 2.32 5.96 7.24
N GLU A 58 2.45 4.88 8.02
CA GLU A 58 1.51 4.60 9.10
C GLU A 58 1.60 5.64 10.20
N LEU A 59 2.72 5.63 10.90
CA LEU A 59 3.01 6.58 11.97
C LEU A 59 2.72 8.00 11.53
N ARG A 60 3.05 8.32 10.28
CA ARG A 60 2.87 9.65 9.76
C ARG A 60 1.43 10.12 9.94
N TYR A 61 0.49 9.32 9.44
CA TYR A 61 -0.91 9.67 9.52
C TYR A 61 -1.50 9.24 10.86
N ARG A 62 -0.84 8.29 11.51
CA ARG A 62 -1.27 7.77 12.80
C ARG A 62 -1.39 8.91 13.82
N ARG A 63 -0.59 9.94 13.62
CA ARG A 63 -0.65 11.13 14.46
C ARG A 63 -2.04 11.75 14.47
N ALA A 64 -2.55 12.06 13.27
CA ALA A 64 -3.81 12.77 13.15
C ALA A 64 -5.01 11.83 13.02
N PHE A 65 -4.82 10.67 12.39
CA PHE A 65 -5.94 9.84 11.95
C PHE A 65 -6.83 9.38 13.12
N SER A 66 -6.25 9.29 14.32
CA SER A 66 -7.02 8.92 15.50
C SER A 66 -8.09 9.97 15.79
N ASP A 67 -7.76 11.22 15.53
CA ASP A 67 -8.69 12.32 15.69
C ASP A 67 -9.44 12.57 14.38
N LEU A 68 -8.75 12.30 13.27
CA LEU A 68 -9.31 12.51 11.94
C LEU A 68 -10.49 11.60 11.66
N THR A 69 -10.57 10.45 12.33
CA THR A 69 -11.72 9.57 12.14
C THR A 69 -13.01 10.26 12.54
N SER A 70 -12.89 11.24 13.44
CA SER A 70 -14.00 12.09 13.79
C SER A 70 -14.29 13.05 12.64
N GLN A 71 -13.22 13.54 12.03
CA GLN A 71 -13.32 14.43 10.89
C GLN A 71 -13.99 13.74 9.71
N LEU A 72 -13.46 12.57 9.37
CA LEU A 72 -13.98 11.78 8.26
C LEU A 72 -15.37 11.25 8.59
N HIS A 73 -15.60 11.00 9.88
CA HIS A 73 -16.82 10.35 10.34
C HIS A 73 -16.90 8.94 9.79
N ILE A 74 -15.97 8.12 10.24
CA ILE A 74 -15.90 6.73 9.86
C ILE A 74 -17.15 5.98 10.30
N THR A 75 -17.87 5.47 9.32
CA THR A 75 -19.19 4.94 9.54
C THR A 75 -19.51 3.99 8.36
N PRO A 76 -20.76 3.47 8.24
CA PRO A 76 -21.30 2.84 7.03
C PRO A 76 -20.73 3.39 5.71
N GLY A 77 -20.99 2.64 4.63
CA GLY A 77 -20.46 2.89 3.27
C GLY A 77 -20.16 4.34 2.91
N THR A 78 -20.87 5.30 3.48
CA THR A 78 -20.63 6.70 3.23
C THR A 78 -19.27 7.18 3.77
N ALA A 79 -18.52 6.25 4.38
CA ALA A 79 -17.14 6.52 4.77
C ALA A 79 -16.25 6.60 3.54
N TYR A 80 -16.78 6.13 2.41
CA TYR A 80 -16.07 6.22 1.15
C TYR A 80 -16.11 7.64 0.63
N GLN A 81 -17.10 8.39 1.10
CA GLN A 81 -17.18 9.81 0.77
C GLN A 81 -16.29 10.61 1.69
N SER A 82 -16.09 10.05 2.87
CA SER A 82 -15.14 10.57 3.83
C SER A 82 -13.73 10.34 3.31
N PHE A 83 -13.46 9.09 2.97
CA PHE A 83 -12.17 8.69 2.43
C PHE A 83 -11.97 9.34 1.05
N GLU A 84 -13.07 9.69 0.40
CA GLU A 84 -13.03 10.33 -0.92
C GLU A 84 -12.18 11.57 -0.88
N GLN A 85 -12.45 12.40 0.11
CA GLN A 85 -11.70 13.62 0.38
C GLN A 85 -10.20 13.37 0.33
N VAL A 86 -9.82 12.17 0.68
CA VAL A 86 -8.44 11.82 0.83
C VAL A 86 -7.89 11.31 -0.49
N VAL A 87 -8.59 10.37 -1.10
CA VAL A 87 -8.17 9.85 -2.39
C VAL A 87 -7.98 11.01 -3.34
N ASN A 88 -8.88 11.96 -3.18
CA ASN A 88 -8.93 13.14 -3.99
C ASN A 88 -7.66 13.99 -3.85
N GLU A 89 -7.16 14.20 -2.63
CA GLU A 89 -5.94 14.96 -2.45
C GLU A 89 -4.79 14.17 -3.03
N LEU A 90 -4.93 12.87 -2.87
CA LEU A 90 -3.85 11.93 -3.06
C LEU A 90 -3.43 11.88 -4.52
N PHE A 91 -4.34 12.22 -5.43
CA PHE A 91 -4.07 12.04 -6.84
C PHE A 91 -3.85 13.37 -7.55
N ARG A 92 -4.58 14.38 -7.12
CA ARG A 92 -4.58 15.65 -7.82
C ARG A 92 -3.30 16.42 -7.55
N ASP A 93 -2.80 16.27 -6.34
CA ASP A 93 -1.72 17.09 -5.86
C ASP A 93 -0.35 16.53 -6.20
N GLY A 94 -0.29 15.43 -6.96
CA GLY A 94 1.02 14.92 -7.29
C GLY A 94 1.22 13.44 -7.03
N VAL A 95 0.60 12.56 -7.81
CA VAL A 95 0.76 11.12 -7.58
C VAL A 95 2.15 10.66 -7.94
N ASN A 96 2.94 10.55 -6.92
CA ASN A 96 4.23 9.89 -6.98
C ASN A 96 4.11 8.57 -6.26
N TRP A 97 5.20 7.82 -6.19
CA TRP A 97 5.21 6.52 -5.53
C TRP A 97 4.59 6.60 -4.12
N GLY A 98 4.91 7.68 -3.39
CA GLY A 98 4.47 7.82 -2.02
C GLY A 98 2.96 7.93 -1.85
N ARG A 99 2.30 8.68 -2.72
CA ARG A 99 0.86 8.93 -2.59
C ARG A 99 0.07 7.64 -2.58
N ILE A 100 0.44 6.75 -3.48
CA ILE A 100 -0.26 5.49 -3.64
C ILE A 100 -0.04 4.59 -2.42
N VAL A 101 1.18 4.57 -1.93
CA VAL A 101 1.49 3.91 -0.67
C VAL A 101 0.58 4.44 0.43
N ALA A 102 0.60 5.76 0.59
CA ALA A 102 -0.25 6.45 1.55
C ALA A 102 -1.71 6.05 1.40
N PHE A 103 -2.17 6.03 0.16
CA PHE A 103 -3.53 5.64 -0.17
C PHE A 103 -3.85 4.25 0.38
N PHE A 104 -2.90 3.33 0.30
CA PHE A 104 -3.09 1.99 0.85
C PHE A 104 -2.91 1.99 2.36
N SER A 105 -2.00 2.81 2.85
CA SER A 105 -1.72 2.89 4.27
C SER A 105 -2.94 3.40 5.03
N PHE A 106 -3.53 4.47 4.51
CA PHE A 106 -4.69 5.09 5.15
C PHE A 106 -5.96 4.34 4.77
N GLY A 107 -5.97 3.75 3.59
CA GLY A 107 -7.09 2.93 3.18
C GLY A 107 -7.18 1.68 4.01
N GLY A 108 -6.05 1.00 4.16
CA GLY A 108 -6.00 -0.17 5.02
C GLY A 108 -6.26 0.17 6.46
N ALA A 109 -5.92 1.40 6.83
CA ALA A 109 -6.18 1.89 8.16
C ALA A 109 -7.66 2.21 8.33
N LEU A 110 -8.29 2.66 7.24
CA LEU A 110 -9.69 3.03 7.28
C LEU A 110 -10.53 1.79 7.48
N CYS A 111 -10.05 0.72 6.87
CA CYS A 111 -10.60 -0.60 7.07
C CYS A 111 -10.70 -0.88 8.56
N VAL A 112 -9.61 -0.65 9.27
CA VAL A 112 -9.58 -0.83 10.70
C VAL A 112 -10.46 0.22 11.39
N GLU A 113 -10.53 1.43 10.84
CA GLU A 113 -11.39 2.46 11.40
C GLU A 113 -12.85 2.01 11.37
N SER A 114 -13.16 1.16 10.41
CA SER A 114 -14.47 0.60 10.30
C SER A 114 -14.62 -0.53 11.30
N VAL A 115 -13.56 -1.31 11.45
CA VAL A 115 -13.54 -2.46 12.34
C VAL A 115 -13.64 -2.01 13.78
N ASP A 116 -13.02 -0.87 14.01
CA ASP A 116 -12.97 -0.23 15.30
C ASP A 116 -14.37 -0.01 15.87
N LYS A 117 -15.24 0.58 15.05
CA LYS A 117 -16.61 0.85 15.46
C LYS A 117 -17.48 -0.37 15.18
N GLU A 118 -16.83 -1.50 14.89
CA GLU A 118 -17.50 -2.76 14.57
C GLU A 118 -18.37 -2.60 13.33
N MET A 119 -17.75 -2.09 12.29
CA MET A 119 -18.38 -1.88 11.00
C MET A 119 -17.53 -2.58 9.94
N GLN A 120 -17.12 -3.80 10.27
CA GLN A 120 -16.19 -4.58 9.47
C GLN A 120 -16.69 -4.87 8.05
N VAL A 121 -17.94 -4.54 7.77
CA VAL A 121 -18.46 -4.70 6.41
C VAL A 121 -17.77 -3.73 5.45
N LEU A 122 -17.26 -2.63 5.99
CA LEU A 122 -16.55 -1.63 5.17
C LEU A 122 -15.22 -2.18 4.72
N VAL A 123 -14.67 -3.11 5.49
CA VAL A 123 -13.40 -3.73 5.16
C VAL A 123 -13.36 -4.19 3.69
N SER A 124 -14.34 -4.99 3.30
CA SER A 124 -14.39 -5.49 1.92
C SER A 124 -14.73 -4.37 0.94
N ARG A 125 -15.49 -3.38 1.41
CA ARG A 125 -15.88 -2.25 0.58
C ARG A 125 -14.69 -1.38 0.25
N ILE A 126 -13.98 -0.95 1.30
CA ILE A 126 -12.81 -0.11 1.16
C ILE A 126 -11.78 -0.79 0.26
N ALA A 127 -11.44 -2.03 0.57
CA ALA A 127 -10.46 -2.77 -0.21
C ALA A 127 -10.88 -2.89 -1.68
N ALA A 128 -12.18 -2.98 -1.91
CA ALA A 128 -12.72 -3.01 -3.26
C ALA A 128 -12.38 -1.72 -3.99
N TRP A 129 -12.91 -0.62 -3.46
CA TRP A 129 -12.77 0.68 -4.08
C TRP A 129 -11.31 1.11 -4.17
N MET A 130 -10.50 0.70 -3.19
CA MET A 130 -9.08 1.01 -3.20
C MET A 130 -8.39 0.41 -4.42
N ALA A 131 -8.56 -0.88 -4.60
CA ALA A 131 -7.97 -1.57 -5.73
C ALA A 131 -8.54 -1.05 -7.05
N THR A 132 -9.84 -0.78 -7.05
CA THR A 132 -10.48 -0.25 -8.25
C THR A 132 -9.93 1.13 -8.59
N TYR A 133 -9.84 1.99 -7.59
CA TYR A 133 -9.32 3.33 -7.80
C TYR A 133 -7.92 3.27 -8.40
N LEU A 134 -7.12 2.32 -7.91
CA LEU A 134 -5.82 2.07 -8.50
C LEU A 134 -6.03 1.71 -9.97
N ASN A 135 -6.87 0.72 -10.18
CA ASN A 135 -7.16 0.21 -11.52
C ASN A 135 -7.57 1.31 -12.49
N ASP A 136 -8.47 2.18 -12.04
CA ASP A 136 -9.00 3.22 -12.90
C ASP A 136 -8.04 4.41 -13.00
N HIS A 137 -7.74 4.98 -11.86
CA HIS A 137 -7.05 6.26 -11.79
C HIS A 137 -5.53 6.13 -11.68
N LEU A 138 -5.09 5.27 -10.78
CA LEU A 138 -3.71 5.23 -10.37
C LEU A 138 -2.80 4.50 -11.34
N GLU A 139 -3.27 3.36 -11.82
CA GLU A 139 -2.49 2.47 -12.68
C GLU A 139 -1.75 3.23 -13.80
N PRO A 140 -2.45 4.06 -14.61
CA PRO A 140 -1.78 4.83 -15.67
C PRO A 140 -0.70 5.74 -15.11
N TRP A 141 -1.04 6.43 -14.02
CA TRP A 141 -0.12 7.33 -13.34
C TRP A 141 1.10 6.55 -12.82
N ILE A 142 0.84 5.39 -12.25
CA ILE A 142 1.90 4.48 -11.82
C ILE A 142 2.88 4.22 -12.93
N GLN A 143 2.36 3.89 -14.10
CA GLN A 143 3.17 3.62 -15.28
C GLN A 143 3.97 4.85 -15.70
N GLU A 144 3.46 6.04 -15.37
CA GLU A 144 4.19 7.28 -15.62
C GLU A 144 5.42 7.36 -14.73
N ASN A 145 5.39 6.61 -13.64
CA ASN A 145 6.42 6.64 -12.63
C ASN A 145 7.29 5.39 -12.73
N GLY A 146 6.99 4.59 -13.74
CA GLY A 146 7.76 3.39 -13.98
C GLY A 146 6.96 2.13 -13.71
N GLY A 147 6.24 2.11 -12.61
CA GLY A 147 5.42 0.97 -12.28
C GLY A 147 5.64 0.46 -10.88
N TRP A 148 4.98 -0.63 -10.54
CA TRP A 148 5.06 -1.23 -9.22
C TRP A 148 6.42 -1.88 -9.02
N ASP A 149 6.95 -2.51 -10.07
CA ASP A 149 8.26 -3.15 -10.01
C ASP A 149 9.33 -2.11 -9.72
N THR A 150 9.25 -0.98 -10.41
CA THR A 150 10.18 0.11 -10.20
C THR A 150 10.14 0.62 -8.76
N PHE A 151 8.97 0.61 -8.15
CA PHE A 151 8.83 1.05 -6.77
C PHE A 151 9.68 0.19 -5.83
N VAL A 152 9.67 -1.11 -6.07
CA VAL A 152 10.45 -2.03 -5.26
C VAL A 152 11.95 -1.88 -5.59
N GLU A 153 12.25 -1.40 -6.78
CA GLU A 153 13.62 -1.05 -7.12
C GLU A 153 14.11 0.08 -6.22
N LEU A 154 13.19 0.93 -5.79
CA LEU A 154 13.53 2.08 -4.97
C LEU A 154 13.47 1.73 -3.48
N TYR A 155 12.28 1.36 -3.00
CA TYR A 155 12.08 1.09 -1.58
C TYR A 155 11.53 -0.32 -1.38
N GLY A 156 11.89 -1.21 -2.29
CA GLY A 156 11.44 -2.58 -2.21
C GLY A 156 11.83 -3.27 -0.93
N ASN A 157 11.19 -4.40 -0.73
CA ASN A 157 11.42 -5.23 0.41
C ASN A 157 12.84 -5.78 0.40
N ASN A 158 13.66 -5.29 1.31
CA ASN A 158 15.05 -5.71 1.39
C ASN A 158 15.17 -7.02 2.16
N ALA A 159 14.17 -7.32 2.98
CA ALA A 159 14.16 -8.55 3.75
C ALA A 159 14.35 -9.77 2.85
N ALA A 160 13.58 -9.81 1.77
CA ALA A 160 13.71 -10.88 0.78
C ALA A 160 14.88 -10.60 -0.17
N ALA A 161 15.09 -9.32 -0.48
CA ALA A 161 16.16 -8.91 -1.39
C ALA A 161 17.51 -9.44 -0.95
N GLU A 162 17.94 -9.06 0.25
CA GLU A 162 19.22 -9.52 0.80
C GLU A 162 19.26 -11.05 0.90
N SER A 163 18.12 -11.64 1.18
CA SER A 163 18.04 -13.09 1.32
C SER A 163 18.32 -13.78 -0.01
N ARG A 164 17.87 -13.17 -1.10
CA ARG A 164 18.16 -13.68 -2.43
C ARG A 164 19.57 -13.27 -2.85
N LYS A 165 19.99 -12.14 -2.31
CA LYS A 165 21.29 -11.57 -2.59
C LYS A 165 22.40 -12.35 -1.89
N GLY A 166 22.02 -13.12 -0.87
CA GLY A 166 22.99 -13.87 -0.11
C GLY A 166 23.73 -14.89 -0.94
N GLN A 167 23.03 -15.52 -1.88
CA GLN A 167 23.66 -16.45 -2.80
C GLN A 167 24.31 -15.70 -3.94
N GLU A 168 23.81 -14.50 -4.19
CA GLU A 168 24.36 -13.65 -5.24
C GLU A 168 25.70 -13.06 -4.79
N ARG A 169 26.03 -13.28 -3.52
CA ARG A 169 27.30 -12.83 -2.98
C ARG A 169 28.39 -13.74 -3.53
N LEU A 170 28.07 -15.02 -3.63
CA LEU A 170 29.03 -16.01 -4.10
C LEU A 170 28.82 -16.24 -5.59
N GLU A 171 27.64 -15.84 -6.07
CA GLU A 171 27.30 -15.93 -7.49
C GLU A 171 27.20 -17.39 -7.95
N HIS A 172 26.88 -17.56 -9.21
CA HIS A 172 26.92 -18.86 -9.83
C HIS A 172 27.71 -18.75 -11.14
N HIS A 173 29.01 -18.89 -11.03
CA HIS A 173 29.93 -18.58 -12.11
C HIS A 173 30.10 -19.76 -13.04
N HIS A 174 30.03 -19.49 -14.34
CA HIS A 174 30.28 -20.51 -15.36
C HIS A 174 31.72 -20.42 -15.81
N HIS A 175 32.20 -21.45 -16.48
CA HIS A 175 33.57 -21.47 -16.95
C HIS A 175 33.64 -20.99 -18.39
N HIS A 176 33.74 -19.68 -18.58
CA HIS A 176 33.85 -19.10 -19.90
C HIS A 176 35.32 -18.90 -20.23
N HIS A 177 36.08 -18.45 -19.24
CA HIS A 177 37.52 -18.34 -19.37
C HIS A 177 38.12 -19.73 -19.44
N LEU A 178 39.24 -19.86 -20.12
CA LEU A 178 39.87 -21.15 -20.30
C LEU A 178 40.89 -21.40 -19.21
N GLU A 179 41.24 -22.66 -19.01
CA GLU A 179 42.25 -23.03 -18.02
C GLU A 179 43.63 -22.72 -18.58
N HIS A 180 43.70 -22.60 -19.89
CA HIS A 180 44.91 -22.18 -20.56
C HIS A 180 44.61 -20.95 -21.40
N HIS A 181 45.24 -19.83 -21.08
CA HIS A 181 44.97 -18.59 -21.79
C HIS A 181 46.26 -17.85 -22.11
N HIS A 182 47.37 -18.59 -22.19
CA HIS A 182 48.62 -17.99 -22.66
C HIS A 182 48.56 -17.80 -24.16
N HIS A 183 48.03 -16.68 -24.58
CA HIS A 183 47.85 -16.40 -26.00
C HIS A 183 49.18 -16.03 -26.64
N HIS A 184 50.09 -15.53 -25.82
CA HIS A 184 51.40 -15.07 -26.28
C HIS A 184 51.22 -14.00 -27.36
N HIS A 185 50.98 -12.77 -26.91
CA HIS A 185 50.68 -11.66 -27.80
C HIS A 185 49.38 -11.93 -28.56
N GLY B 2 -12.56 21.58 7.07
CA GLY B 2 -12.19 21.24 5.71
C GLY B 2 -10.74 20.86 5.58
N CYS B 3 -10.16 20.36 6.66
CA CYS B 3 -8.78 19.93 6.66
C CYS B 3 -8.67 18.40 6.66
N VAL B 4 -8.71 17.81 5.48
CA VAL B 4 -8.35 16.42 5.28
C VAL B 4 -7.46 16.27 4.05
N GLY B 5 -8.04 16.31 2.85
CA GLY B 5 -7.26 16.42 1.63
C GLY B 5 -6.43 17.69 1.57
N ARG B 6 -5.54 17.86 2.54
CA ARG B 6 -4.62 18.98 2.58
C ARG B 6 -3.30 18.54 3.21
N ALA B 7 -3.37 17.57 4.11
CA ALA B 7 -2.21 17.10 4.85
C ALA B 7 -1.98 15.64 4.59
N LEU B 8 -3.03 14.91 4.29
CA LEU B 8 -2.83 13.59 3.74
C LEU B 8 -2.07 13.78 2.44
N ALA B 9 -2.56 14.74 1.67
CA ALA B 9 -1.87 15.28 0.51
C ALA B 9 -0.46 15.76 0.88
N ALA B 10 -0.39 16.69 1.85
CA ALA B 10 0.83 17.39 2.21
C ALA B 10 1.88 16.48 2.85
N PHE B 11 1.48 15.77 3.90
CA PHE B 11 2.40 14.92 4.66
C PHE B 11 2.86 13.76 3.79
N GLY B 12 2.03 13.39 2.82
CA GLY B 12 2.32 12.25 1.98
C GLY B 12 3.17 12.59 0.77
N ASP B 13 3.54 13.85 0.65
CA ASP B 13 4.36 14.28 -0.48
C ASP B 13 5.85 14.15 -0.14
N CYS B 14 6.12 13.73 1.09
CA CYS B 14 7.49 13.57 1.56
C CYS B 14 7.94 12.13 1.36
N ILE B 15 8.56 11.83 0.22
CA ILE B 15 9.01 10.47 -0.07
C ILE B 15 10.36 10.46 -0.76
N ASN B 16 11.24 11.36 -0.36
CA ASN B 16 12.59 11.39 -0.89
C ASN B 16 13.58 10.94 0.16
N ARG B 17 14.07 9.71 0.01
CA ARG B 17 15.00 9.14 0.97
C ARG B 17 16.36 8.92 0.30
N MET A 1 -5.79 -2.66 -16.55
CA MET A 1 -5.62 -4.01 -17.14
C MET A 1 -5.04 -4.99 -16.13
N SER A 2 -4.56 -4.48 -15.02
CA SER A 2 -3.92 -5.32 -14.02
C SER A 2 -4.88 -5.64 -12.88
N GLN A 3 -4.87 -6.89 -12.44
CA GLN A 3 -5.68 -7.32 -11.31
C GLN A 3 -4.80 -7.42 -10.06
N SER A 4 -3.50 -7.30 -10.29
CA SER A 4 -2.51 -7.42 -9.22
C SER A 4 -2.61 -6.24 -8.24
N ASN A 5 -3.16 -5.13 -8.72
CA ASN A 5 -3.41 -3.98 -7.86
C ASN A 5 -4.39 -4.33 -6.76
N ARG A 6 -5.20 -5.35 -7.01
CA ARG A 6 -6.10 -5.88 -6.01
C ARG A 6 -5.31 -6.40 -4.83
N GLU A 7 -4.25 -7.14 -5.14
CA GLU A 7 -3.38 -7.71 -4.11
C GLU A 7 -2.85 -6.62 -3.22
N LEU A 8 -2.18 -5.65 -3.83
CA LEU A 8 -1.63 -4.50 -3.17
C LEU A 8 -2.61 -3.96 -2.13
N VAL A 9 -3.85 -3.75 -2.53
CA VAL A 9 -4.88 -3.29 -1.62
C VAL A 9 -5.16 -4.34 -0.53
N VAL A 10 -5.57 -5.53 -0.96
CA VAL A 10 -5.96 -6.60 -0.04
C VAL A 10 -4.87 -6.91 0.97
N ASP A 11 -3.64 -7.06 0.49
CA ASP A 11 -2.50 -7.41 1.33
C ASP A 11 -2.41 -6.48 2.53
N PHE A 12 -2.59 -5.19 2.28
CA PHE A 12 -2.43 -4.22 3.33
C PHE A 12 -3.66 -4.11 4.21
N LEU A 13 -4.86 -4.14 3.62
CA LEU A 13 -6.06 -4.10 4.44
C LEU A 13 -6.10 -5.28 5.38
N SER A 14 -5.70 -6.43 4.87
CA SER A 14 -5.59 -7.64 5.68
C SER A 14 -4.53 -7.46 6.76
N TYR A 15 -3.38 -6.94 6.34
CA TYR A 15 -2.28 -6.69 7.25
C TYR A 15 -2.68 -5.71 8.36
N LYS A 16 -3.57 -4.79 8.03
CA LYS A 16 -4.02 -3.81 9.00
C LYS A 16 -4.99 -4.41 9.99
N LEU A 17 -5.81 -5.36 9.58
CA LEU A 17 -6.69 -6.04 10.54
C LEU A 17 -5.85 -6.76 11.58
N SER A 18 -4.65 -7.15 11.18
CA SER A 18 -3.73 -7.86 12.05
C SER A 18 -3.26 -7.00 13.23
N GLN A 19 -3.18 -5.67 13.04
CA GLN A 19 -2.58 -4.82 14.07
C GLN A 19 -3.50 -4.60 15.26
N LYS A 20 -4.73 -5.05 15.14
CA LYS A 20 -5.71 -4.92 16.20
C LYS A 20 -6.18 -6.27 16.63
N GLY A 21 -5.97 -7.21 15.75
CA GLY A 21 -6.22 -8.60 16.05
C GLY A 21 -7.50 -9.11 15.43
N TYR A 22 -7.89 -8.49 14.32
CA TYR A 22 -8.98 -9.02 13.52
C TYR A 22 -8.45 -9.67 12.25
N SER A 23 -9.33 -10.35 11.52
CA SER A 23 -8.94 -11.02 10.30
C SER A 23 -9.53 -10.33 9.07
N TRP A 24 -8.91 -10.54 7.93
CA TRP A 24 -9.41 -10.06 6.67
C TRP A 24 -10.58 -10.91 6.21
N SER A 25 -10.35 -12.22 6.18
CA SER A 25 -11.33 -13.16 5.65
C SER A 25 -12.57 -13.23 6.53
N GLN A 26 -12.46 -12.80 7.79
CA GLN A 26 -13.59 -12.78 8.70
C GLN A 26 -14.79 -12.06 8.09
N PHE A 27 -14.54 -10.97 7.37
CA PHE A 27 -15.61 -10.20 6.76
C PHE A 27 -15.49 -10.10 5.25
N SER A 28 -14.42 -10.63 4.70
CA SER A 28 -14.20 -10.53 3.27
C SER A 28 -14.54 -11.83 2.56
N ASP A 29 -14.98 -11.66 1.34
CA ASP A 29 -15.37 -12.75 0.47
C ASP A 29 -14.57 -12.68 -0.82
N VAL A 30 -13.75 -11.64 -0.89
CA VAL A 30 -13.06 -11.21 -2.10
C VAL A 30 -12.17 -12.30 -2.70
N GLU A 31 -11.04 -12.58 -2.06
CA GLU A 31 -10.16 -13.65 -2.52
C GLU A 31 -10.52 -14.94 -1.83
N GLU A 32 -11.53 -14.86 -0.97
CA GLU A 32 -12.03 -16.00 -0.24
C GLU A 32 -12.79 -16.96 -1.15
N ASN A 33 -13.64 -16.39 -1.99
CA ASN A 33 -14.50 -17.19 -2.84
C ASN A 33 -13.99 -17.23 -4.27
N ARG A 34 -13.35 -16.16 -4.70
CA ARG A 34 -12.83 -16.06 -6.05
C ARG A 34 -11.43 -15.45 -6.03
N THR A 35 -10.64 -15.74 -7.05
CA THR A 35 -9.29 -15.21 -7.11
C THR A 35 -8.95 -14.75 -8.53
N GLU A 36 -8.79 -13.44 -8.68
CA GLU A 36 -8.48 -12.85 -9.97
C GLU A 36 -7.00 -12.99 -10.26
N ALA A 37 -6.19 -12.22 -9.54
CA ALA A 37 -4.75 -12.31 -9.65
C ALA A 37 -4.20 -13.22 -8.56
N PRO A 38 -3.11 -13.92 -8.85
CA PRO A 38 -2.40 -14.77 -7.86
C PRO A 38 -2.09 -14.01 -6.57
N GLU A 39 -1.77 -14.75 -5.51
CA GLU A 39 -1.49 -14.15 -4.20
C GLU A 39 -0.16 -13.39 -4.21
N GLY A 40 0.54 -13.43 -5.33
CA GLY A 40 1.77 -12.67 -5.47
C GLY A 40 2.46 -12.96 -6.77
N THR A 41 1.81 -12.61 -7.88
CA THR A 41 2.38 -12.88 -9.18
C THR A 41 3.51 -11.89 -9.49
N GLU A 42 3.15 -10.66 -9.83
CA GLU A 42 4.14 -9.59 -9.99
C GLU A 42 4.28 -8.82 -8.71
N SER A 43 3.17 -8.77 -7.99
CA SER A 43 3.02 -7.93 -6.83
C SER A 43 3.96 -8.30 -5.71
N GLU A 44 4.39 -9.54 -5.66
CA GLU A 44 5.19 -10.06 -4.56
C GLU A 44 6.23 -9.04 -4.07
N ALA A 45 7.02 -8.48 -4.98
CA ALA A 45 7.99 -7.44 -4.60
C ALA A 45 7.31 -6.09 -4.40
N VAL A 46 6.34 -5.75 -5.25
CA VAL A 46 5.69 -4.44 -5.18
C VAL A 46 4.89 -4.28 -3.87
N LYS A 47 4.12 -5.30 -3.50
CA LYS A 47 3.31 -5.26 -2.28
C LYS A 47 4.23 -5.30 -1.07
N GLN A 48 5.27 -6.11 -1.17
CA GLN A 48 6.30 -6.17 -0.14
C GLN A 48 6.95 -4.81 0.06
N ALA A 49 7.15 -4.08 -1.03
CA ALA A 49 7.70 -2.73 -0.96
C ALA A 49 6.68 -1.76 -0.40
N LEU A 50 5.45 -1.91 -0.84
CA LEU A 50 4.39 -0.98 -0.51
C LEU A 50 4.05 -1.02 0.97
N ARG A 51 4.33 -2.12 1.66
CA ARG A 51 3.99 -2.22 3.08
C ARG A 51 5.10 -1.61 3.91
N GLU A 52 6.29 -1.63 3.34
CA GLU A 52 7.44 -0.98 3.91
C GLU A 52 7.26 0.53 3.82
N ALA A 53 6.87 0.97 2.64
CA ALA A 53 6.54 2.37 2.42
C ALA A 53 5.28 2.74 3.20
N GLY A 54 4.38 1.78 3.32
CA GLY A 54 3.18 1.98 4.10
C GLY A 54 3.50 2.33 5.53
N ASP A 55 4.42 1.57 6.12
CA ASP A 55 4.88 1.84 7.48
C ASP A 55 5.57 3.19 7.54
N GLU A 56 6.30 3.52 6.48
CA GLU A 56 6.98 4.80 6.33
C GLU A 56 5.96 5.94 6.35
N PHE A 57 4.75 5.64 5.92
CA PHE A 57 3.65 6.57 5.98
C PHE A 57 3.02 6.59 7.37
N GLU A 58 2.78 5.40 7.90
CA GLU A 58 2.01 5.22 9.13
C GLU A 58 2.64 5.93 10.31
N LEU A 59 3.88 5.58 10.62
CA LEU A 59 4.56 6.05 11.83
C LEU A 59 4.34 7.54 12.11
N ARG A 60 4.40 8.36 11.07
CA ARG A 60 4.30 9.80 11.22
C ARG A 60 2.91 10.24 11.69
N TYR A 61 1.87 9.68 11.07
CA TYR A 61 0.49 10.04 11.43
C TYR A 61 -0.06 9.09 12.50
N ARG A 62 0.74 8.08 12.86
CA ARG A 62 0.32 7.02 13.78
C ARG A 62 -0.45 7.55 14.99
N ARG A 63 0.10 8.56 15.64
CA ARG A 63 -0.48 9.11 16.86
C ARG A 63 -1.81 9.81 16.60
N ALA A 64 -2.12 10.07 15.34
CA ALA A 64 -3.37 10.72 14.97
C ALA A 64 -4.48 9.71 14.67
N PHE A 65 -4.08 8.51 14.25
CA PHE A 65 -5.02 7.49 13.73
C PHE A 65 -6.23 7.28 14.65
N SER A 66 -5.98 7.15 15.94
CA SER A 66 -7.05 6.84 16.88
C SER A 66 -8.02 8.02 17.00
N ASP A 67 -7.48 9.23 17.03
CA ASP A 67 -8.29 10.43 17.13
C ASP A 67 -9.04 10.69 15.83
N LEU A 68 -8.37 10.44 14.71
CA LEU A 68 -8.88 10.81 13.41
C LEU A 68 -10.16 10.07 13.03
N THR A 69 -10.46 8.94 13.65
CA THR A 69 -11.69 8.19 13.30
C THR A 69 -12.93 9.07 13.48
N SER A 70 -12.88 9.90 14.50
CA SER A 70 -13.96 10.83 14.77
C SER A 70 -13.98 11.93 13.71
N GLN A 71 -12.80 12.17 13.13
CA GLN A 71 -12.63 13.20 12.12
C GLN A 71 -13.04 12.66 10.76
N LEU A 72 -12.72 11.40 10.49
CA LEU A 72 -13.23 10.72 9.31
C LEU A 72 -14.73 10.56 9.42
N HIS A 73 -15.21 10.38 10.65
CA HIS A 73 -16.61 10.08 10.91
C HIS A 73 -16.90 8.69 10.38
N ILE A 74 -15.93 7.81 10.65
CA ILE A 74 -15.96 6.42 10.24
C ILE A 74 -17.27 5.75 10.63
N THR A 75 -17.99 5.32 9.62
CA THR A 75 -19.32 4.77 9.77
C THR A 75 -19.63 3.94 8.51
N PRO A 76 -20.88 3.47 8.31
CA PRO A 76 -21.41 2.95 7.03
C PRO A 76 -20.78 3.57 5.78
N GLY A 77 -21.05 2.91 4.64
CA GLY A 77 -20.42 3.16 3.34
C GLY A 77 -19.93 4.58 3.04
N THR A 78 -20.55 5.59 3.63
CA THR A 78 -20.16 6.97 3.38
C THR A 78 -18.77 7.29 3.93
N ALA A 79 -18.08 6.28 4.42
CA ALA A 79 -16.70 6.43 4.85
C ALA A 79 -15.79 6.65 3.65
N TYR A 80 -16.32 6.41 2.45
CA TYR A 80 -15.59 6.69 1.22
C TYR A 80 -15.59 8.19 0.96
N GLN A 81 -16.51 8.88 1.63
CA GLN A 81 -16.57 10.33 1.60
C GLN A 81 -15.62 10.90 2.63
N SER A 82 -15.28 10.06 3.58
CA SER A 82 -14.28 10.37 4.59
C SER A 82 -12.89 10.12 4.03
N PHE A 83 -12.70 8.92 3.51
CA PHE A 83 -11.47 8.54 2.83
C PHE A 83 -11.28 9.40 1.58
N GLU A 84 -12.36 10.03 1.17
CA GLU A 84 -12.34 10.99 0.07
C GLU A 84 -11.31 12.08 0.35
N GLN A 85 -11.42 12.64 1.54
CA GLN A 85 -10.49 13.66 2.01
C GLN A 85 -9.06 13.24 1.81
N VAL A 86 -8.85 11.94 1.91
CA VAL A 86 -7.54 11.35 1.82
C VAL A 86 -7.13 11.20 0.36
N VAL A 87 -7.98 10.55 -0.41
CA VAL A 87 -7.69 10.34 -1.82
C VAL A 87 -7.56 11.71 -2.51
N ASN A 88 -8.19 12.69 -1.88
CA ASN A 88 -8.14 14.07 -2.33
C ASN A 88 -6.84 14.75 -1.95
N GLU A 89 -6.33 14.47 -0.76
CA GLU A 89 -5.07 15.07 -0.32
C GLU A 89 -3.95 14.39 -1.07
N LEU A 90 -4.16 13.13 -1.37
CA LEU A 90 -3.15 12.31 -1.97
C LEU A 90 -2.87 12.78 -3.39
N PHE A 91 -3.93 13.06 -4.13
CA PHE A 91 -3.84 13.32 -5.56
C PHE A 91 -3.84 14.81 -5.85
N ARG A 92 -3.70 15.61 -4.81
CA ARG A 92 -3.65 17.06 -4.98
C ARG A 92 -2.44 17.46 -5.81
N ASP A 93 -1.42 16.60 -5.83
CA ASP A 93 -0.31 16.74 -6.77
C ASP A 93 -0.55 15.87 -7.99
N GLY A 94 -1.23 14.78 -7.73
CA GLY A 94 -1.83 13.96 -8.77
C GLY A 94 -1.52 12.49 -8.63
N VAL A 95 -0.25 12.17 -8.30
CA VAL A 95 0.15 10.91 -7.66
C VAL A 95 1.66 10.76 -7.70
N ASN A 96 2.22 10.43 -6.56
CA ASN A 96 3.66 10.19 -6.43
C ASN A 96 3.89 8.72 -6.14
N TRP A 97 5.13 8.28 -6.20
CA TRP A 97 5.49 6.91 -5.84
C TRP A 97 4.99 6.57 -4.44
N GLY A 98 5.44 7.35 -3.45
CA GLY A 98 5.04 7.13 -2.08
C GLY A 98 3.57 7.48 -1.83
N ARG A 99 2.98 8.18 -2.78
CA ARG A 99 1.62 8.65 -2.66
C ARG A 99 0.63 7.49 -2.72
N ILE A 100 0.88 6.57 -3.64
CA ILE A 100 0.01 5.43 -3.84
C ILE A 100 0.03 4.54 -2.60
N VAL A 101 1.19 4.36 -2.02
CA VAL A 101 1.32 3.60 -0.79
C VAL A 101 0.57 4.31 0.34
N ALA A 102 0.61 5.64 0.37
CA ALA A 102 -0.12 6.39 1.38
C ALA A 102 -1.62 6.12 1.24
N PHE A 103 -2.08 6.16 0.00
CA PHE A 103 -3.47 5.88 -0.33
C PHE A 103 -3.87 4.48 0.11
N PHE A 104 -3.07 3.49 -0.24
CA PHE A 104 -3.40 2.11 0.06
C PHE A 104 -3.15 1.79 1.55
N SER A 105 -2.31 2.62 2.18
CA SER A 105 -2.00 2.45 3.59
C SER A 105 -3.16 2.94 4.45
N PHE A 106 -3.57 4.19 4.25
CA PHE A 106 -4.68 4.75 5.00
C PHE A 106 -5.96 4.04 4.61
N GLY A 107 -5.99 3.51 3.40
CA GLY A 107 -7.11 2.69 2.97
C GLY A 107 -7.21 1.41 3.76
N GLY A 108 -6.07 0.82 4.07
CA GLY A 108 -6.05 -0.34 4.93
C GLY A 108 -6.44 0.02 6.34
N ALA A 109 -6.03 1.21 6.76
CA ALA A 109 -6.39 1.74 8.07
C ALA A 109 -7.89 2.03 8.13
N LEU A 110 -8.43 2.44 6.98
CA LEU A 110 -9.85 2.80 6.85
C LEU A 110 -10.69 1.58 7.20
N CYS A 111 -10.18 0.44 6.77
CA CYS A 111 -10.76 -0.84 7.09
C CYS A 111 -10.82 -1.04 8.60
N VAL A 112 -9.67 -0.87 9.26
CA VAL A 112 -9.61 -1.03 10.72
C VAL A 112 -10.51 -0.04 11.41
N GLU A 113 -10.54 1.19 10.92
CA GLU A 113 -11.43 2.22 11.45
C GLU A 113 -12.87 1.73 11.46
N SER A 114 -13.24 1.00 10.42
CA SER A 114 -14.59 0.47 10.29
C SER A 114 -14.77 -0.70 11.25
N VAL A 115 -13.72 -1.49 11.36
CA VAL A 115 -13.73 -2.68 12.18
C VAL A 115 -13.77 -2.30 13.65
N ASP A 116 -13.18 -1.15 13.90
CA ASP A 116 -13.07 -0.58 15.22
C ASP A 116 -14.45 -0.41 15.84
N LYS A 117 -15.35 0.20 15.09
CA LYS A 117 -16.71 0.43 15.56
C LYS A 117 -17.60 -0.78 15.23
N GLU A 118 -16.95 -1.88 14.85
CA GLU A 118 -17.64 -3.11 14.47
C GLU A 118 -18.54 -2.87 13.27
N MET A 119 -17.93 -2.29 12.26
CA MET A 119 -18.58 -2.02 10.98
C MET A 119 -17.72 -2.63 9.90
N GLN A 120 -17.31 -3.86 10.14
CA GLN A 120 -16.35 -4.54 9.28
C GLN A 120 -16.95 -4.85 7.91
N VAL A 121 -18.23 -4.58 7.74
CA VAL A 121 -18.87 -4.67 6.44
C VAL A 121 -18.16 -3.75 5.42
N LEU A 122 -17.51 -2.71 5.93
CA LEU A 122 -16.77 -1.78 5.07
C LEU A 122 -15.46 -2.39 4.63
N VAL A 123 -14.95 -3.30 5.44
CA VAL A 123 -13.70 -3.98 5.16
C VAL A 123 -13.62 -4.45 3.70
N SER A 124 -14.57 -5.27 3.31
CA SER A 124 -14.60 -5.85 1.99
C SER A 124 -15.03 -4.84 0.93
N ARG A 125 -15.72 -3.79 1.38
CA ARG A 125 -16.11 -2.69 0.50
C ARG A 125 -14.90 -1.86 0.12
N ILE A 126 -14.25 -1.33 1.14
CA ILE A 126 -13.11 -0.43 0.96
C ILE A 126 -12.11 -1.00 -0.03
N ALA A 127 -11.72 -2.26 0.15
CA ALA A 127 -10.73 -2.89 -0.72
C ALA A 127 -11.17 -2.91 -2.17
N ALA A 128 -12.48 -2.89 -2.39
CA ALA A 128 -13.04 -2.94 -3.73
C ALA A 128 -12.67 -1.69 -4.49
N TRP A 129 -13.17 -0.57 -4.02
CA TRP A 129 -12.98 0.69 -4.69
C TRP A 129 -11.56 1.23 -4.48
N MET A 130 -10.86 0.72 -3.47
CA MET A 130 -9.44 1.01 -3.31
C MET A 130 -8.66 0.50 -4.51
N ALA A 131 -8.78 -0.81 -4.76
CA ALA A 131 -8.10 -1.42 -5.90
C ALA A 131 -8.63 -0.87 -7.20
N THR A 132 -9.93 -0.62 -7.25
CA THR A 132 -10.54 -0.03 -8.43
C THR A 132 -9.97 1.36 -8.71
N TYR A 133 -9.80 2.18 -7.68
CA TYR A 133 -9.23 3.50 -7.86
C TYR A 133 -7.82 3.38 -8.42
N LEU A 134 -7.07 2.40 -7.93
CA LEU A 134 -5.76 2.12 -8.48
C LEU A 134 -5.93 1.70 -9.94
N ASN A 135 -6.83 0.75 -10.18
CA ASN A 135 -7.13 0.24 -11.52
C ASN A 135 -7.37 1.37 -12.52
N ASP A 136 -8.34 2.23 -12.22
CA ASP A 136 -8.73 3.27 -13.17
C ASP A 136 -7.76 4.44 -13.17
N HIS A 137 -7.44 4.93 -11.99
CA HIS A 137 -6.71 6.18 -11.86
C HIS A 137 -5.21 5.97 -11.80
N LEU A 138 -4.75 5.09 -10.94
CA LEU A 138 -3.35 5.02 -10.61
C LEU A 138 -2.56 4.16 -11.56
N GLU A 139 -3.17 3.09 -12.05
CA GLU A 139 -2.48 2.12 -12.90
C GLU A 139 -1.71 2.80 -14.04
N PRO A 140 -2.37 3.69 -14.84
CA PRO A 140 -1.68 4.43 -15.91
C PRO A 140 -0.60 5.36 -15.36
N TRP A 141 -0.94 6.05 -14.28
CA TRP A 141 -0.04 6.98 -13.60
C TRP A 141 1.22 6.24 -13.14
N ILE A 142 1.01 5.11 -12.50
CA ILE A 142 2.08 4.22 -12.08
C ILE A 142 3.06 3.96 -13.22
N GLN A 143 2.52 3.56 -14.36
CA GLN A 143 3.31 3.28 -15.54
C GLN A 143 4.16 4.49 -15.95
N GLU A 144 3.62 5.70 -15.76
CA GLU A 144 4.33 6.93 -16.08
C GLU A 144 5.55 7.12 -15.19
N ASN A 145 5.53 6.44 -14.07
CA ASN A 145 6.56 6.58 -13.05
C ASN A 145 7.40 5.33 -12.98
N GLY A 146 7.18 4.45 -13.94
CA GLY A 146 7.97 3.26 -14.08
C GLY A 146 7.17 1.99 -13.89
N GLY A 147 6.38 1.95 -12.83
CA GLY A 147 5.61 0.77 -12.51
C GLY A 147 5.75 0.37 -11.07
N TRP A 148 5.12 -0.74 -10.71
CA TRP A 148 5.15 -1.24 -9.34
C TRP A 148 6.54 -1.77 -9.02
N ASP A 149 7.16 -2.43 -9.99
CA ASP A 149 8.50 -2.96 -9.84
C ASP A 149 9.50 -1.84 -9.64
N THR A 150 9.22 -0.70 -10.23
CA THR A 150 10.08 0.46 -10.11
C THR A 150 10.08 1.01 -8.68
N PHE A 151 8.92 1.03 -8.03
CA PHE A 151 8.84 1.55 -6.67
C PHE A 151 9.65 0.66 -5.75
N VAL A 152 9.70 -0.61 -6.11
CA VAL A 152 10.54 -1.58 -5.46
C VAL A 152 12.00 -1.17 -5.57
N GLU A 153 12.40 -0.86 -6.79
CA GLU A 153 13.73 -0.37 -7.08
C GLU A 153 14.06 0.89 -6.29
N LEU A 154 13.03 1.67 -5.97
CA LEU A 154 13.22 2.93 -5.26
C LEU A 154 13.27 2.71 -3.75
N TYR A 155 12.22 2.11 -3.20
CA TYR A 155 12.16 1.87 -1.76
C TYR A 155 12.18 0.38 -1.45
N GLY A 156 11.40 -0.38 -2.22
CA GLY A 156 11.35 -1.82 -2.06
C GLY A 156 11.12 -2.29 -0.65
N ASN A 157 11.46 -3.53 -0.42
CA ASN A 157 11.27 -4.18 0.85
C ASN A 157 12.60 -4.43 1.52
N ASN A 158 12.80 -3.82 2.67
CA ASN A 158 14.05 -3.96 3.38
C ASN A 158 13.97 -5.08 4.39
N ALA A 159 12.75 -5.55 4.64
CA ALA A 159 12.52 -6.68 5.53
C ALA A 159 13.39 -7.86 5.12
N ALA A 160 13.29 -8.25 3.85
CA ALA A 160 14.09 -9.35 3.34
C ALA A 160 15.45 -8.86 2.87
N ALA A 161 15.49 -7.64 2.33
CA ALA A 161 16.73 -7.05 1.81
C ALA A 161 17.82 -7.02 2.88
N GLU A 162 17.56 -6.33 3.98
CA GLU A 162 18.55 -6.18 5.04
C GLU A 162 18.78 -7.50 5.77
N SER A 163 17.81 -8.40 5.68
CA SER A 163 17.92 -9.72 6.28
C SER A 163 18.87 -10.59 5.45
N ARG A 164 18.93 -10.33 4.15
CA ARG A 164 19.82 -11.05 3.26
C ARG A 164 21.19 -10.38 3.25
N LYS A 165 21.21 -9.15 3.72
CA LYS A 165 22.42 -8.33 3.74
C LYS A 165 23.45 -8.90 4.72
N GLY A 166 23.00 -9.75 5.63
CA GLY A 166 23.87 -10.29 6.65
C GLY A 166 25.08 -11.01 6.09
N GLN A 167 24.86 -11.84 5.08
CA GLN A 167 25.95 -12.58 4.45
C GLN A 167 26.85 -11.63 3.67
N GLU A 168 26.31 -10.50 3.26
CA GLU A 168 27.06 -9.52 2.49
C GLU A 168 28.04 -8.76 3.37
N ARG A 169 28.04 -9.08 4.66
CA ARG A 169 29.01 -8.52 5.58
C ARG A 169 30.33 -9.26 5.38
N LEU A 170 30.22 -10.55 5.07
CA LEU A 170 31.39 -11.38 4.81
C LEU A 170 31.66 -11.45 3.31
N GLU A 171 30.59 -11.50 2.53
CA GLU A 171 30.69 -11.53 1.08
C GLU A 171 30.29 -10.17 0.51
N HIS A 172 31.28 -9.39 0.11
CA HIS A 172 31.01 -8.05 -0.38
C HIS A 172 30.59 -8.09 -1.84
N HIS A 173 29.43 -7.49 -2.11
CA HIS A 173 28.90 -7.42 -3.47
C HIS A 173 29.92 -6.80 -4.41
N HIS A 174 30.31 -7.55 -5.41
CA HIS A 174 31.33 -7.10 -6.35
C HIS A 174 30.88 -7.36 -7.79
N HIS A 175 30.31 -6.34 -8.40
CA HIS A 175 29.93 -6.38 -9.80
C HIS A 175 30.64 -5.26 -10.54
N HIS A 176 30.90 -4.19 -9.82
CA HIS A 176 31.61 -3.04 -10.35
C HIS A 176 32.29 -2.32 -9.20
N HIS A 177 33.47 -1.77 -9.45
CA HIS A 177 34.19 -1.04 -8.40
C HIS A 177 33.42 0.20 -7.98
N LEU A 178 32.62 0.73 -8.92
CA LEU A 178 31.66 1.81 -8.65
C LEU A 178 32.34 3.16 -8.49
N GLU A 179 33.63 3.14 -8.19
CA GLU A 179 34.43 4.33 -7.98
C GLU A 179 33.95 5.10 -6.75
N HIS A 180 32.94 5.96 -6.92
CA HIS A 180 32.28 6.66 -5.81
C HIS A 180 33.18 7.74 -5.20
N HIS A 181 34.47 7.69 -5.52
CA HIS A 181 35.44 8.65 -5.03
C HIS A 181 36.59 8.78 -6.01
N HIS A 182 37.28 9.91 -5.97
CA HIS A 182 38.38 10.20 -6.89
C HIS A 182 39.56 9.24 -6.68
N HIS A 183 40.29 8.98 -7.75
CA HIS A 183 41.44 8.09 -7.70
C HIS A 183 42.68 8.88 -7.31
N HIS A 184 43.69 8.20 -6.78
CA HIS A 184 44.96 8.86 -6.43
C HIS A 184 45.72 9.22 -7.71
N HIS A 185 45.83 8.26 -8.61
CA HIS A 185 46.48 8.49 -9.88
C HIS A 185 45.58 8.02 -11.01
N GLY B 2 -10.21 17.78 10.25
CA GLY B 2 -8.87 18.14 10.64
C GLY B 2 -7.87 17.10 10.22
N CYS B 3 -6.59 17.49 10.15
CA CYS B 3 -5.51 16.59 9.75
C CYS B 3 -5.79 16.00 8.39
N VAL B 4 -5.43 14.71 8.23
CA VAL B 4 -5.72 13.89 7.04
C VAL B 4 -5.61 14.67 5.72
N GLY B 5 -6.72 15.29 5.26
CA GLY B 5 -6.67 16.26 4.14
C GLY B 5 -5.39 17.10 4.11
N ARG B 6 -4.86 17.43 5.29
CA ARG B 6 -3.58 18.13 5.38
C ARG B 6 -2.45 17.18 5.74
N ALA B 7 -2.69 16.37 6.78
CA ALA B 7 -1.64 15.57 7.39
C ALA B 7 -1.05 14.53 6.43
N LEU B 8 -1.90 13.71 5.84
CA LEU B 8 -1.44 12.57 5.07
C LEU B 8 -0.84 13.06 3.75
N ALA B 9 -1.50 14.06 3.17
CA ALA B 9 -0.96 14.80 2.05
C ALA B 9 0.48 15.20 2.34
N ALA B 10 0.65 15.80 3.52
CA ALA B 10 1.91 16.34 3.97
C ALA B 10 2.94 15.26 4.26
N PHE B 11 2.53 14.25 5.02
CA PHE B 11 3.43 13.19 5.43
C PHE B 11 3.84 12.32 4.25
N GLY B 12 3.02 12.31 3.22
CA GLY B 12 3.28 11.52 2.03
C GLY B 12 4.47 12.01 1.23
N ASP B 13 4.82 13.28 1.37
CA ASP B 13 5.95 13.85 0.63
C ASP B 13 7.29 13.32 1.13
N CYS B 14 7.27 12.48 2.15
CA CYS B 14 8.50 11.93 2.71
C CYS B 14 8.66 10.44 2.41
N ILE B 15 7.77 9.90 1.58
CA ILE B 15 7.81 8.48 1.27
C ILE B 15 8.61 8.20 0.00
N ASN B 16 9.93 8.23 0.13
CA ASN B 16 10.82 7.91 -0.98
C ASN B 16 12.25 7.75 -0.45
N ARG B 17 12.99 6.79 -0.99
CA ARG B 17 14.35 6.55 -0.54
C ARG B 17 15.33 6.80 -1.68
N MET A 1 -6.30 -2.21 -15.82
CA MET A 1 -5.96 -3.34 -16.72
C MET A 1 -5.44 -4.52 -15.91
N SER A 2 -4.44 -4.30 -15.08
CA SER A 2 -3.86 -5.37 -14.28
C SER A 2 -4.71 -5.67 -13.04
N GLN A 3 -4.67 -6.91 -12.59
CA GLN A 3 -5.41 -7.31 -11.39
C GLN A 3 -4.48 -7.29 -10.18
N SER A 4 -3.21 -7.04 -10.44
CA SER A 4 -2.16 -7.08 -9.43
C SER A 4 -2.36 -6.00 -8.36
N ASN A 5 -3.01 -4.91 -8.73
CA ASN A 5 -3.26 -3.81 -7.79
C ASN A 5 -4.19 -4.22 -6.66
N ARG A 6 -5.05 -5.18 -6.95
CA ARG A 6 -5.97 -5.70 -5.96
C ARG A 6 -5.20 -6.25 -4.77
N GLU A 7 -4.16 -7.01 -5.08
CA GLU A 7 -3.31 -7.64 -4.07
C GLU A 7 -2.75 -6.62 -3.11
N LEU A 8 -2.19 -5.56 -3.67
CA LEU A 8 -1.48 -4.55 -2.91
C LEU A 8 -2.40 -3.93 -1.88
N VAL A 9 -3.67 -3.79 -2.25
CA VAL A 9 -4.69 -3.30 -1.33
C VAL A 9 -4.99 -4.37 -0.29
N VAL A 10 -5.41 -5.53 -0.78
CA VAL A 10 -5.85 -6.63 0.06
C VAL A 10 -4.81 -6.99 1.12
N ASP A 11 -3.61 -7.29 0.67
CA ASP A 11 -2.54 -7.70 1.57
C ASP A 11 -2.29 -6.64 2.63
N PHE A 12 -2.43 -5.38 2.22
CA PHE A 12 -2.19 -4.28 3.12
C PHE A 12 -3.30 -4.20 4.17
N LEU A 13 -4.57 -4.24 3.74
CA LEU A 13 -5.67 -4.19 4.69
C LEU A 13 -5.63 -5.38 5.61
N SER A 14 -5.28 -6.53 5.06
CA SER A 14 -5.16 -7.76 5.84
C SER A 14 -4.20 -7.56 7.00
N TYR A 15 -3.05 -6.96 6.70
CA TYR A 15 -2.03 -6.71 7.71
C TYR A 15 -2.50 -5.65 8.71
N LYS A 16 -3.36 -4.74 8.26
CA LYS A 16 -3.86 -3.67 9.13
C LYS A 16 -4.83 -4.23 10.16
N LEU A 17 -5.64 -5.20 9.76
CA LEU A 17 -6.52 -5.87 10.69
C LEU A 17 -5.70 -6.68 11.70
N SER A 18 -4.55 -7.16 11.25
CA SER A 18 -3.66 -7.96 12.08
C SER A 18 -3.12 -7.15 13.27
N GLN A 19 -3.06 -5.83 13.11
CA GLN A 19 -2.57 -4.95 14.19
C GLN A 19 -3.60 -4.87 15.29
N LYS A 20 -4.81 -5.24 14.94
CA LYS A 20 -5.95 -5.15 15.82
C LYS A 20 -6.30 -6.52 16.32
N GLY A 21 -5.94 -7.49 15.51
CA GLY A 21 -6.17 -8.88 15.84
C GLY A 21 -7.37 -9.42 15.11
N TYR A 22 -7.66 -8.82 13.96
CA TYR A 22 -8.75 -9.27 13.13
C TYR A 22 -8.21 -9.79 11.80
N SER A 23 -9.07 -10.46 11.05
CA SER A 23 -8.68 -11.00 9.77
C SER A 23 -9.37 -10.26 8.64
N TRP A 24 -8.69 -10.12 7.53
CA TRP A 24 -9.28 -9.53 6.33
C TRP A 24 -10.33 -10.48 5.76
N SER A 25 -9.93 -11.73 5.60
CA SER A 25 -10.77 -12.73 4.94
C SER A 25 -12.08 -12.95 5.69
N GLN A 26 -12.00 -12.92 7.02
CA GLN A 26 -13.18 -13.09 7.87
C GLN A 26 -14.22 -12.02 7.57
N PHE A 27 -13.78 -10.86 7.13
CA PHE A 27 -14.66 -9.73 6.90
C PHE A 27 -14.67 -9.35 5.44
N SER A 28 -14.18 -10.23 4.59
CA SER A 28 -14.04 -9.90 3.19
C SER A 28 -15.18 -10.48 2.36
N ASP A 29 -15.10 -10.20 1.07
CA ASP A 29 -16.10 -10.62 0.09
C ASP A 29 -15.53 -10.41 -1.30
N VAL A 30 -14.45 -9.66 -1.33
CA VAL A 30 -13.74 -9.35 -2.55
C VAL A 30 -13.07 -10.59 -3.16
N GLU A 31 -12.02 -11.06 -2.53
CA GLU A 31 -11.32 -12.27 -2.96
C GLU A 31 -11.87 -13.46 -2.17
N GLU A 32 -12.87 -13.16 -1.34
CA GLU A 32 -13.49 -14.15 -0.48
C GLU A 32 -14.13 -15.27 -1.30
N ASN A 33 -15.19 -14.92 -2.02
CA ASN A 33 -15.97 -15.90 -2.76
C ASN A 33 -15.39 -16.11 -4.15
N ARG A 34 -14.87 -15.04 -4.74
CA ARG A 34 -14.25 -15.11 -6.04
C ARG A 34 -12.76 -14.84 -5.93
N THR A 35 -11.97 -15.58 -6.69
CA THR A 35 -10.54 -15.40 -6.69
C THR A 35 -10.09 -14.75 -8.00
N GLU A 36 -9.58 -13.54 -7.89
CA GLU A 36 -9.21 -12.77 -9.04
C GLU A 36 -7.71 -12.48 -9.05
N ALA A 37 -7.27 -11.79 -8.02
CA ALA A 37 -5.85 -11.47 -7.87
C ALA A 37 -5.06 -12.72 -7.50
N PRO A 38 -3.86 -12.87 -8.09
CA PRO A 38 -2.94 -13.94 -7.75
C PRO A 38 -2.34 -13.75 -6.35
N GLU A 39 -1.51 -14.69 -5.91
CA GLU A 39 -0.87 -14.59 -4.61
C GLU A 39 0.25 -13.54 -4.66
N GLY A 40 0.55 -13.10 -5.86
CA GLY A 40 1.61 -12.15 -6.06
C GLY A 40 2.23 -12.31 -7.42
N THR A 41 1.46 -12.00 -8.47
CA THR A 41 1.93 -12.24 -9.82
C THR A 41 3.16 -11.37 -10.11
N GLU A 42 2.94 -10.07 -10.29
CA GLU A 42 4.03 -9.10 -10.27
C GLU A 42 4.16 -8.55 -8.88
N SER A 43 3.03 -8.49 -8.23
CA SER A 43 2.84 -7.78 -6.99
C SER A 43 3.56 -8.37 -5.80
N GLU A 44 3.98 -9.62 -5.88
CA GLU A 44 4.66 -10.26 -4.75
C GLU A 44 5.83 -9.40 -4.27
N ALA A 45 6.57 -8.83 -5.21
CA ALA A 45 7.66 -7.92 -4.87
C ALA A 45 7.14 -6.52 -4.57
N VAL A 46 6.17 -6.05 -5.35
CA VAL A 46 5.69 -4.68 -5.20
C VAL A 46 4.90 -4.51 -3.88
N LYS A 47 4.15 -5.53 -3.48
CA LYS A 47 3.40 -5.48 -2.24
C LYS A 47 4.38 -5.58 -1.08
N GLN A 48 5.44 -6.35 -1.30
CA GLN A 48 6.49 -6.50 -0.32
C GLN A 48 7.19 -5.18 -0.09
N ALA A 49 7.28 -4.39 -1.15
CA ALA A 49 7.84 -3.05 -1.06
C ALA A 49 6.84 -2.09 -0.44
N LEU A 50 5.59 -2.20 -0.87
CA LEU A 50 4.54 -1.29 -0.42
C LEU A 50 4.24 -1.43 1.07
N ARG A 51 4.55 -2.59 1.64
CA ARG A 51 4.24 -2.81 3.05
C ARG A 51 5.28 -2.09 3.87
N GLU A 52 6.45 -2.00 3.27
CA GLU A 52 7.57 -1.30 3.85
C GLU A 52 7.36 0.20 3.75
N ALA A 53 7.06 0.67 2.54
CA ALA A 53 6.79 2.09 2.30
C ALA A 53 5.54 2.54 3.05
N GLY A 54 4.50 1.73 2.99
CA GLY A 54 3.26 2.05 3.67
C GLY A 54 3.45 2.12 5.16
N ASP A 55 4.30 1.25 5.69
CA ASP A 55 4.57 1.22 7.13
C ASP A 55 5.22 2.51 7.57
N GLU A 56 6.09 3.06 6.72
CA GLU A 56 6.76 4.34 6.99
C GLU A 56 5.75 5.48 7.12
N PHE A 57 4.60 5.33 6.49
CA PHE A 57 3.53 6.31 6.64
C PHE A 57 2.77 6.06 7.94
N GLU A 58 2.78 4.82 8.39
CA GLU A 58 2.01 4.40 9.55
C GLU A 58 2.53 5.04 10.83
N LEU A 59 3.78 4.77 11.21
CA LEU A 59 4.32 5.34 12.44
C LEU A 59 4.21 6.86 12.45
N ARG A 60 4.34 7.45 11.27
CA ARG A 60 4.09 8.88 11.10
C ARG A 60 2.65 9.26 11.47
N TYR A 61 1.69 8.71 10.73
CA TYR A 61 0.29 9.16 10.82
C TYR A 61 -0.55 8.37 11.83
N ARG A 62 0.05 7.35 12.46
CA ARG A 62 -0.69 6.41 13.31
C ARG A 62 -1.53 7.10 14.38
N ARG A 63 -0.95 8.07 15.06
CA ARG A 63 -1.66 8.78 16.12
C ARG A 63 -2.77 9.64 15.55
N ALA A 64 -2.76 9.87 14.24
CA ALA A 64 -3.75 10.72 13.61
C ALA A 64 -4.97 9.92 13.15
N PHE A 65 -4.76 8.96 12.25
CA PHE A 65 -5.89 8.33 11.53
C PHE A 65 -6.92 7.67 12.47
N SER A 66 -6.50 7.21 13.64
CA SER A 66 -7.43 6.58 14.57
C SER A 66 -8.01 7.62 15.52
N ASP A 67 -7.43 8.80 15.51
CA ASP A 67 -7.84 9.89 16.40
C ASP A 67 -8.90 10.75 15.75
N LEU A 68 -8.59 11.16 14.53
CA LEU A 68 -9.42 12.08 13.78
C LEU A 68 -10.76 11.53 13.36
N THR A 69 -11.04 10.24 13.62
CA THR A 69 -12.25 9.57 13.10
C THR A 69 -13.52 10.41 13.26
N SER A 70 -13.49 11.33 14.20
CA SER A 70 -14.48 12.39 14.31
C SER A 70 -14.73 13.07 12.94
N GLN A 71 -13.66 13.65 12.39
CA GLN A 71 -13.65 14.27 11.08
C GLN A 71 -14.31 13.37 10.04
N LEU A 72 -13.83 12.14 10.01
CA LEU A 72 -14.12 11.23 8.93
C LEU A 72 -15.52 10.65 9.05
N HIS A 73 -16.08 10.71 10.25
CA HIS A 73 -17.42 10.18 10.50
C HIS A 73 -17.47 8.73 10.06
N ILE A 74 -16.49 7.98 10.52
CA ILE A 74 -16.30 6.59 10.17
C ILE A 74 -17.53 5.77 10.53
N THR A 75 -18.27 5.42 9.49
CA THR A 75 -19.59 4.85 9.62
C THR A 75 -19.81 3.96 8.38
N PRO A 76 -21.04 3.45 8.12
CA PRO A 76 -21.45 2.87 6.82
C PRO A 76 -20.73 3.46 5.60
N GLY A 77 -20.89 2.73 4.48
CA GLY A 77 -20.16 2.96 3.23
C GLY A 77 -19.72 4.38 2.91
N THR A 78 -20.49 5.38 3.35
CA THR A 78 -20.19 6.77 3.04
C THR A 78 -18.87 7.25 3.66
N ALA A 79 -18.16 6.33 4.30
CA ALA A 79 -16.81 6.60 4.79
C ALA A 79 -15.87 6.74 3.59
N TYR A 80 -16.35 6.30 2.42
CA TYR A 80 -15.59 6.46 1.18
C TYR A 80 -15.62 7.91 0.75
N GLN A 81 -16.60 8.64 1.26
CA GLN A 81 -16.72 10.06 1.00
C GLN A 81 -15.75 10.84 1.88
N SER A 82 -15.48 10.28 3.03
CA SER A 82 -14.48 10.81 3.94
C SER A 82 -13.10 10.55 3.36
N PHE A 83 -12.90 9.31 2.95
CA PHE A 83 -11.69 8.87 2.29
C PHE A 83 -11.56 9.48 0.90
N GLU A 84 -12.66 10.01 0.40
CA GLU A 84 -12.68 10.65 -0.91
C GLU A 84 -11.93 11.97 -0.86
N GLN A 85 -12.32 12.80 0.10
CA GLN A 85 -11.76 14.13 0.29
C GLN A 85 -10.25 14.09 0.23
N VAL A 86 -9.73 13.05 0.83
CA VAL A 86 -8.31 12.89 1.01
C VAL A 86 -7.66 12.22 -0.19
N VAL A 87 -8.27 11.14 -0.67
CA VAL A 87 -7.75 10.40 -1.82
C VAL A 87 -7.73 11.30 -3.05
N ASN A 88 -8.62 12.28 -3.00
CA ASN A 88 -8.75 13.27 -4.06
C ASN A 88 -7.47 14.06 -4.20
N GLU A 89 -6.91 14.48 -3.07
CA GLU A 89 -5.69 15.25 -3.05
C GLU A 89 -4.53 14.37 -3.41
N LEU A 90 -4.62 13.16 -2.93
CA LEU A 90 -3.54 12.20 -3.03
C LEU A 90 -3.16 11.93 -4.49
N PHE A 91 -4.07 12.25 -5.40
CA PHE A 91 -3.86 11.98 -6.82
C PHE A 91 -3.54 13.26 -7.58
N ARG A 92 -4.15 14.34 -7.17
CA ARG A 92 -4.05 15.57 -7.93
C ARG A 92 -2.79 16.35 -7.57
N ASP A 93 -2.42 16.29 -6.31
CA ASP A 93 -1.35 17.14 -5.80
C ASP A 93 0.00 16.43 -5.79
N GLY A 94 0.18 15.39 -6.59
CA GLY A 94 1.50 14.79 -6.63
C GLY A 94 1.55 13.28 -6.45
N VAL A 95 1.05 12.51 -7.41
CA VAL A 95 1.19 11.05 -7.34
C VAL A 95 2.61 10.62 -7.66
N ASN A 96 3.34 10.30 -6.62
CA ASN A 96 4.66 9.73 -6.73
C ASN A 96 4.61 8.29 -6.23
N TRP A 97 5.76 7.65 -6.12
CA TRP A 97 5.82 6.29 -5.60
C TRP A 97 5.33 6.24 -4.14
N GLY A 98 5.94 7.05 -3.29
CA GLY A 98 5.58 7.05 -1.88
C GLY A 98 4.19 7.63 -1.62
N ARG A 99 3.65 8.32 -2.60
CA ARG A 99 2.33 8.94 -2.48
C ARG A 99 1.25 7.86 -2.45
N ILE A 100 1.40 6.89 -3.34
CA ILE A 100 0.40 5.85 -3.52
C ILE A 100 0.32 4.94 -2.29
N VAL A 101 1.46 4.70 -1.66
CA VAL A 101 1.51 3.85 -0.48
C VAL A 101 0.66 4.46 0.66
N ALA A 102 0.53 5.78 0.66
CA ALA A 102 -0.30 6.48 1.64
C ALA A 102 -1.74 6.07 1.49
N PHE A 103 -2.19 6.06 0.25
CA PHE A 103 -3.54 5.66 -0.12
C PHE A 103 -3.86 4.27 0.43
N PHE A 104 -2.87 3.38 0.41
CA PHE A 104 -3.05 2.04 0.95
C PHE A 104 -3.01 2.04 2.47
N SER A 105 -2.13 2.85 3.03
CA SER A 105 -1.94 2.90 4.47
C SER A 105 -3.21 3.38 5.18
N PHE A 106 -3.73 4.55 4.79
CA PHE A 106 -4.90 5.10 5.46
C PHE A 106 -6.16 4.38 4.99
N GLY A 107 -6.09 3.77 3.81
CA GLY A 107 -7.20 2.96 3.34
C GLY A 107 -7.33 1.70 4.17
N GLY A 108 -6.19 1.07 4.43
CA GLY A 108 -6.17 -0.09 5.29
C GLY A 108 -6.55 0.25 6.71
N ALA A 109 -6.23 1.48 7.11
CA ALA A 109 -6.59 1.98 8.43
C ALA A 109 -8.06 2.35 8.48
N LEU A 110 -8.61 2.75 7.33
CA LEU A 110 -10.01 3.10 7.19
C LEU A 110 -10.85 1.86 7.50
N CYS A 111 -10.36 0.76 6.96
CA CYS A 111 -10.88 -0.56 7.23
C CYS A 111 -11.02 -0.80 8.73
N VAL A 112 -9.94 -0.55 9.47
CA VAL A 112 -9.94 -0.80 10.90
C VAL A 112 -10.91 0.12 11.65
N GLU A 113 -10.98 1.39 11.26
CA GLU A 113 -11.91 2.31 11.91
C GLU A 113 -13.36 1.87 11.67
N SER A 114 -13.56 1.10 10.61
CA SER A 114 -14.84 0.49 10.33
C SER A 114 -15.05 -0.69 11.27
N VAL A 115 -13.97 -1.42 11.50
CA VAL A 115 -13.97 -2.58 12.37
C VAL A 115 -14.25 -2.14 13.79
N ASP A 116 -13.73 -0.97 14.09
CA ASP A 116 -13.87 -0.32 15.38
C ASP A 116 -15.33 -0.24 15.80
N LYS A 117 -16.17 0.28 14.90
CA LYS A 117 -17.58 0.43 15.18
C LYS A 117 -18.33 -0.88 14.85
N GLU A 118 -17.56 -1.94 14.66
CA GLU A 118 -18.09 -3.26 14.33
C GLU A 118 -18.81 -3.21 12.98
N MET A 119 -18.17 -2.54 12.04
CA MET A 119 -18.70 -2.37 10.69
C MET A 119 -17.72 -3.00 9.73
N GLN A 120 -17.28 -4.19 10.09
CA GLN A 120 -16.27 -4.93 9.35
C GLN A 120 -16.72 -5.25 7.92
N VAL A 121 -17.96 -4.97 7.59
CA VAL A 121 -18.43 -5.09 6.22
C VAL A 121 -17.77 -4.06 5.30
N LEU A 122 -17.31 -2.93 5.88
CA LEU A 122 -16.61 -1.91 5.11
C LEU A 122 -15.23 -2.41 4.72
N VAL A 123 -14.68 -3.28 5.54
CA VAL A 123 -13.38 -3.87 5.29
C VAL A 123 -13.24 -4.33 3.84
N SER A 124 -14.18 -5.13 3.39
CA SER A 124 -14.17 -5.65 2.05
C SER A 124 -14.47 -4.55 1.03
N ARG A 125 -15.37 -3.64 1.40
CA ARG A 125 -15.75 -2.54 0.52
C ARG A 125 -14.56 -1.65 0.24
N ILE A 126 -13.96 -1.13 1.29
CA ILE A 126 -12.82 -0.25 1.18
C ILE A 126 -11.74 -0.87 0.32
N ALA A 127 -11.38 -2.11 0.61
CA ALA A 127 -10.36 -2.81 -0.17
C ALA A 127 -10.73 -2.86 -1.65
N ALA A 128 -12.02 -3.03 -1.92
CA ALA A 128 -12.53 -3.04 -3.28
C ALA A 128 -12.30 -1.68 -3.93
N TRP A 129 -12.90 -0.67 -3.32
CA TRP A 129 -12.87 0.69 -3.83
C TRP A 129 -11.44 1.21 -3.92
N MET A 130 -10.59 0.77 -3.00
CA MET A 130 -9.17 1.15 -3.01
C MET A 130 -8.49 0.63 -4.26
N ALA A 131 -8.55 -0.68 -4.47
CA ALA A 131 -7.95 -1.28 -5.65
C ALA A 131 -8.57 -0.72 -6.92
N THR A 132 -9.88 -0.48 -6.87
CA THR A 132 -10.58 0.10 -8.02
C THR A 132 -10.05 1.50 -8.33
N TYR A 133 -9.89 2.31 -7.30
CA TYR A 133 -9.34 3.65 -7.48
C TYR A 133 -7.99 3.57 -8.17
N LEU A 134 -7.19 2.59 -7.76
CA LEU A 134 -5.92 2.33 -8.41
C LEU A 134 -6.16 1.90 -9.85
N ASN A 135 -7.06 0.93 -10.02
CA ASN A 135 -7.43 0.39 -11.34
C ASN A 135 -7.78 1.50 -12.31
N ASP A 136 -8.63 2.41 -11.88
CA ASP A 136 -9.11 3.48 -12.75
C ASP A 136 -8.12 4.64 -12.82
N HIS A 137 -7.76 5.15 -11.66
CA HIS A 137 -7.00 6.40 -11.57
C HIS A 137 -5.49 6.20 -11.55
N LEU A 138 -5.03 5.33 -10.66
CA LEU A 138 -3.62 5.26 -10.31
C LEU A 138 -2.77 4.51 -11.33
N GLU A 139 -3.26 3.36 -11.79
CA GLU A 139 -2.49 2.48 -12.66
C GLU A 139 -1.82 3.23 -13.83
N PRO A 140 -2.56 4.06 -14.60
CA PRO A 140 -1.96 4.84 -15.69
C PRO A 140 -0.77 5.66 -15.21
N TRP A 141 -0.99 6.41 -14.13
CA TRP A 141 0.05 7.25 -13.54
C TRP A 141 1.26 6.41 -13.15
N ILE A 142 1.01 5.33 -12.41
CA ILE A 142 2.05 4.37 -12.03
C ILE A 142 2.92 4.00 -13.23
N GLN A 143 2.27 3.56 -14.30
CA GLN A 143 2.97 3.12 -15.50
C GLN A 143 3.83 4.24 -16.09
N GLU A 144 3.38 5.49 -15.98
CA GLU A 144 4.14 6.64 -16.45
C GLU A 144 5.44 6.78 -15.68
N ASN A 145 5.44 6.27 -14.47
CA ASN A 145 6.54 6.46 -13.54
C ASN A 145 7.49 5.28 -13.61
N GLY A 146 6.99 4.18 -14.19
CA GLY A 146 7.82 3.02 -14.41
C GLY A 146 7.06 1.73 -14.19
N GLY A 147 6.23 1.70 -13.17
CA GLY A 147 5.49 0.49 -12.84
C GLY A 147 5.80 0.01 -11.44
N TRP A 148 5.04 -0.97 -10.97
CA TRP A 148 5.18 -1.46 -9.61
C TRP A 148 6.53 -2.14 -9.38
N ASP A 149 7.04 -2.82 -10.39
CA ASP A 149 8.36 -3.47 -10.29
C ASP A 149 9.45 -2.43 -10.08
N THR A 150 9.23 -1.24 -10.64
CA THR A 150 10.17 -0.14 -10.46
C THR A 150 10.13 0.38 -9.03
N PHE A 151 8.93 0.38 -8.44
CA PHE A 151 8.79 0.84 -7.05
C PHE A 151 9.60 -0.07 -6.15
N VAL A 152 9.66 -1.33 -6.55
CA VAL A 152 10.47 -2.33 -5.90
C VAL A 152 11.96 -2.01 -6.01
N GLU A 153 12.38 -1.78 -7.23
CA GLU A 153 13.74 -1.39 -7.53
C GLU A 153 14.21 -0.23 -6.64
N LEU A 154 13.37 0.78 -6.51
CA LEU A 154 13.65 1.94 -5.71
C LEU A 154 13.44 1.69 -4.21
N TYR A 155 12.21 1.36 -3.85
CA TYR A 155 11.79 1.36 -2.44
C TYR A 155 11.34 -0.03 -2.02
N GLY A 156 11.90 -1.04 -2.68
CA GLY A 156 11.56 -2.41 -2.39
C GLY A 156 11.80 -2.83 -0.97
N ASN A 157 11.21 -3.96 -0.65
CA ASN A 157 11.23 -4.55 0.67
C ASN A 157 12.62 -4.51 1.29
N ASN A 158 12.76 -3.70 2.33
CA ASN A 158 14.06 -3.46 2.94
C ASN A 158 14.48 -4.63 3.81
N ALA A 159 13.54 -5.48 4.16
CA ALA A 159 13.87 -6.73 4.85
C ALA A 159 14.84 -7.53 3.99
N ALA A 160 14.67 -7.43 2.68
CA ALA A 160 15.59 -8.05 1.73
C ALA A 160 16.59 -7.03 1.20
N ALA A 161 16.12 -5.80 1.03
CA ALA A 161 16.95 -4.70 0.51
C ALA A 161 18.17 -4.45 1.39
N GLU A 162 17.95 -4.35 2.70
CA GLU A 162 19.04 -4.07 3.63
C GLU A 162 19.97 -5.28 3.75
N SER A 163 19.51 -6.43 3.28
CA SER A 163 20.36 -7.60 3.21
C SER A 163 21.44 -7.37 2.16
N ARG A 164 21.04 -6.76 1.04
CA ARG A 164 21.98 -6.41 -0.01
C ARG A 164 22.75 -5.15 0.37
N LYS A 165 22.12 -4.32 1.19
CA LYS A 165 22.75 -3.11 1.69
C LYS A 165 24.07 -3.42 2.40
N GLY A 166 24.06 -4.52 3.15
CA GLY A 166 25.23 -4.90 3.92
C GLY A 166 26.24 -5.69 3.12
N GLN A 167 25.77 -6.60 2.27
CA GLN A 167 26.67 -7.46 1.51
C GLN A 167 27.29 -6.72 0.33
N GLU A 168 26.48 -5.92 -0.36
CA GLU A 168 26.95 -5.20 -1.53
C GLU A 168 27.69 -3.94 -1.10
N ARG A 169 28.02 -3.87 0.18
CA ARG A 169 28.76 -2.75 0.73
C ARG A 169 30.10 -2.61 0.00
N LEU A 170 30.64 -3.74 -0.41
CA LEU A 170 31.93 -3.78 -1.10
C LEU A 170 31.81 -3.24 -2.52
N GLU A 171 30.61 -3.32 -3.08
CA GLU A 171 30.37 -2.91 -4.45
C GLU A 171 29.73 -1.51 -4.52
N HIS A 172 28.95 -1.19 -3.49
CA HIS A 172 28.16 0.03 -3.44
C HIS A 172 27.11 0.00 -4.54
N HIS A 173 26.45 1.13 -4.78
CA HIS A 173 25.42 1.24 -5.82
C HIS A 173 24.27 0.28 -5.54
N HIS A 174 23.97 0.05 -4.26
CA HIS A 174 22.98 -0.94 -3.87
C HIS A 174 21.56 -0.41 -4.04
N HIS A 175 21.42 0.70 -4.76
CA HIS A 175 20.11 1.14 -5.24
C HIS A 175 19.70 0.28 -6.43
N HIS A 176 20.67 -0.48 -6.92
CA HIS A 176 20.44 -1.46 -7.97
C HIS A 176 20.86 -2.82 -7.43
N HIS A 177 20.42 -3.88 -8.09
CA HIS A 177 20.76 -5.23 -7.63
C HIS A 177 21.56 -5.97 -8.69
N LEU A 178 22.61 -6.64 -8.23
CA LEU A 178 23.55 -7.35 -9.09
C LEU A 178 22.87 -8.33 -10.04
N GLU A 179 23.40 -8.43 -11.24
CA GLU A 179 22.91 -9.38 -12.23
C GLU A 179 23.80 -10.61 -12.27
N HIS A 180 25.09 -10.37 -12.48
CA HIS A 180 26.06 -11.43 -12.75
C HIS A 180 25.70 -12.15 -14.04
N HIS A 181 26.33 -11.74 -15.13
CA HIS A 181 26.00 -12.26 -16.45
C HIS A 181 26.64 -13.63 -16.66
N HIS A 182 26.19 -14.60 -15.89
CA HIS A 182 26.59 -15.99 -16.08
C HIS A 182 25.42 -16.74 -16.69
N HIS A 183 24.23 -16.39 -16.24
CA HIS A 183 23.01 -16.88 -16.85
C HIS A 183 22.76 -16.12 -18.14
N HIS A 184 23.05 -16.78 -19.25
CA HIS A 184 22.92 -16.16 -20.56
C HIS A 184 21.76 -16.78 -21.32
N HIS A 185 21.13 -15.99 -22.16
CA HIS A 185 20.00 -16.47 -22.95
C HIS A 185 20.47 -16.90 -24.33
N GLY B 2 -10.98 22.67 7.43
CA GLY B 2 -10.76 21.79 6.31
C GLY B 2 -9.44 21.04 6.40
N CYS B 3 -9.51 19.76 6.72
CA CYS B 3 -8.32 18.95 6.86
C CYS B 3 -8.39 17.74 5.94
N VAL B 4 -7.82 16.62 6.41
CA VAL B 4 -7.81 15.33 5.71
C VAL B 4 -7.34 15.43 4.26
N GLY B 5 -8.18 15.86 3.32
CA GLY B 5 -7.70 16.13 2.00
C GLY B 5 -6.44 16.95 2.04
N ARG B 6 -6.53 18.15 2.61
CA ARG B 6 -5.36 19.02 2.80
C ARG B 6 -4.26 18.35 3.60
N ALA B 7 -4.64 17.60 4.63
CA ALA B 7 -3.67 16.99 5.52
C ALA B 7 -2.86 15.93 4.81
N LEU B 8 -3.55 14.99 4.18
CA LEU B 8 -2.91 13.85 3.58
C LEU B 8 -2.20 14.24 2.29
N ALA B 9 -2.83 15.14 1.55
CA ALA B 9 -2.16 15.84 0.46
C ALA B 9 -0.79 16.33 0.92
N ALA B 10 -0.79 16.95 2.10
CA ALA B 10 0.41 17.54 2.67
C ALA B 10 1.36 16.49 3.25
N PHE B 11 0.86 15.74 4.22
CA PHE B 11 1.66 14.73 4.93
C PHE B 11 2.21 13.68 3.98
N GLY B 12 1.46 13.37 2.93
CA GLY B 12 1.85 12.32 2.02
C GLY B 12 3.09 12.65 1.22
N ASP B 13 3.41 13.93 1.11
CA ASP B 13 4.61 14.34 0.39
C ASP B 13 5.88 13.90 1.11
N CYS B 14 5.77 13.62 2.41
CA CYS B 14 6.92 13.26 3.22
C CYS B 14 7.30 11.80 3.03
N ILE B 15 6.55 11.10 2.18
CA ILE B 15 6.87 9.71 1.88
C ILE B 15 7.61 9.63 0.54
N ASN B 16 8.02 10.78 0.05
CA ASN B 16 8.74 10.85 -1.22
C ASN B 16 9.76 11.97 -1.18
N ARG B 17 9.33 13.14 -0.74
CA ARG B 17 10.22 14.28 -0.60
C ARG B 17 10.33 14.69 0.87
N MET A 1 -0.92 -8.95 -13.69
CA MET A 1 -0.66 -8.06 -14.84
C MET A 1 -1.27 -6.67 -14.61
N SER A 2 -2.58 -6.62 -14.44
CA SER A 2 -3.26 -5.35 -14.26
C SER A 2 -4.23 -5.38 -13.07
N GLN A 3 -4.82 -6.53 -12.81
CA GLN A 3 -5.78 -6.65 -11.72
C GLN A 3 -5.05 -6.94 -10.40
N SER A 4 -3.74 -6.97 -10.50
CA SER A 4 -2.87 -7.31 -9.37
C SER A 4 -2.85 -6.21 -8.31
N ASN A 5 -3.33 -5.04 -8.67
CA ASN A 5 -3.49 -3.94 -7.74
C ASN A 5 -4.43 -4.30 -6.61
N ARG A 6 -5.24 -5.33 -6.85
CA ARG A 6 -6.13 -5.86 -5.83
C ARG A 6 -5.31 -6.35 -4.64
N GLU A 7 -4.24 -7.08 -4.93
CA GLU A 7 -3.37 -7.61 -3.89
C GLU A 7 -2.78 -6.50 -3.05
N LEU A 8 -2.17 -5.54 -3.73
CA LEU A 8 -1.55 -4.38 -3.12
C LEU A 8 -2.47 -3.77 -2.04
N VAL A 9 -3.77 -3.77 -2.33
CA VAL A 9 -4.76 -3.31 -1.37
C VAL A 9 -4.99 -4.38 -0.29
N VAL A 10 -5.48 -5.53 -0.72
CA VAL A 10 -5.87 -6.62 0.17
C VAL A 10 -4.77 -7.00 1.15
N ASP A 11 -3.57 -7.21 0.64
CA ASP A 11 -2.44 -7.68 1.44
C ASP A 11 -2.23 -6.77 2.64
N PHE A 12 -2.52 -5.49 2.47
CA PHE A 12 -2.33 -4.53 3.54
C PHE A 12 -3.53 -4.50 4.47
N LEU A 13 -4.74 -4.50 3.94
CA LEU A 13 -5.93 -4.47 4.79
C LEU A 13 -5.92 -5.69 5.72
N SER A 14 -5.52 -6.83 5.18
CA SER A 14 -5.40 -8.05 5.96
C SER A 14 -4.37 -7.87 7.08
N TYR A 15 -3.27 -7.20 6.76
CA TYR A 15 -2.19 -6.96 7.70
C TYR A 15 -2.58 -5.91 8.74
N LYS A 16 -3.51 -5.03 8.38
CA LYS A 16 -3.88 -3.93 9.21
C LYS A 16 -4.80 -4.41 10.32
N LEU A 17 -5.83 -5.13 9.93
CA LEU A 17 -6.74 -5.78 10.85
C LEU A 17 -5.99 -6.68 11.82
N SER A 18 -4.88 -7.22 11.35
CA SER A 18 -4.05 -8.10 12.15
C SER A 18 -3.52 -7.42 13.41
N GLN A 19 -3.33 -6.09 13.37
CA GLN A 19 -2.77 -5.38 14.51
C GLN A 19 -3.79 -5.23 15.62
N LYS A 20 -5.04 -5.43 15.27
CA LYS A 20 -6.13 -5.34 16.22
C LYS A 20 -6.52 -6.74 16.63
N GLY A 21 -6.20 -7.66 15.75
CA GLY A 21 -6.46 -9.06 15.98
C GLY A 21 -7.68 -9.56 15.23
N TYR A 22 -7.99 -8.89 14.13
CA TYR A 22 -9.10 -9.32 13.28
C TYR A 22 -8.58 -9.82 11.94
N SER A 23 -9.45 -10.48 11.20
CA SER A 23 -9.08 -11.04 9.91
C SER A 23 -9.73 -10.27 8.78
N TRP A 24 -9.08 -10.26 7.63
CA TRP A 24 -9.63 -9.63 6.44
C TRP A 24 -10.73 -10.52 5.85
N SER A 25 -10.39 -11.78 5.61
CA SER A 25 -11.28 -12.67 4.89
C SER A 25 -12.48 -13.08 5.76
N GLN A 26 -12.38 -12.91 7.07
CA GLN A 26 -13.52 -13.15 7.93
C GLN A 26 -14.63 -12.16 7.65
N PHE A 27 -14.27 -11.02 7.08
CA PHE A 27 -15.22 -9.98 6.76
C PHE A 27 -15.43 -9.87 5.25
N SER A 28 -14.36 -10.13 4.49
CA SER A 28 -14.41 -10.00 3.05
C SER A 28 -14.54 -11.36 2.36
N ASP A 29 -15.29 -11.34 1.29
CA ASP A 29 -15.57 -12.52 0.47
C ASP A 29 -14.82 -12.41 -0.85
N VAL A 30 -14.22 -11.24 -1.04
CA VAL A 30 -13.63 -10.83 -2.30
C VAL A 30 -12.61 -11.84 -2.84
N GLU A 31 -11.44 -11.92 -2.22
CA GLU A 31 -10.43 -12.88 -2.64
C GLU A 31 -10.61 -14.16 -1.85
N GLU A 32 -11.63 -14.16 -1.00
CA GLU A 32 -11.96 -15.30 -0.17
C GLU A 32 -12.39 -16.47 -1.05
N ASN A 33 -13.23 -16.16 -2.03
CA ASN A 33 -13.74 -17.18 -2.93
C ASN A 33 -13.11 -17.04 -4.31
N ARG A 34 -13.41 -15.95 -5.00
CA ARG A 34 -12.80 -15.68 -6.28
C ARG A 34 -11.40 -15.13 -6.08
N THR A 35 -10.62 -15.07 -7.15
CA THR A 35 -9.30 -14.50 -7.09
C THR A 35 -9.06 -13.58 -8.27
N GLU A 36 -8.93 -12.31 -7.99
CA GLU A 36 -8.70 -11.32 -9.02
C GLU A 36 -7.29 -11.46 -9.58
N ALA A 37 -6.32 -11.26 -8.71
CA ALA A 37 -4.93 -11.41 -9.07
C ALA A 37 -4.40 -12.77 -8.59
N PRO A 38 -3.25 -13.21 -9.12
CA PRO A 38 -2.53 -14.41 -8.61
C PRO A 38 -2.15 -14.29 -7.13
N GLU A 39 -1.35 -15.23 -6.65
CA GLU A 39 -0.86 -15.17 -5.27
C GLU A 39 0.29 -14.19 -5.15
N GLY A 40 0.51 -13.43 -6.20
CA GLY A 40 1.62 -12.51 -6.25
C GLY A 40 2.43 -12.69 -7.51
N THR A 41 1.86 -12.28 -8.64
CA THR A 41 2.54 -12.45 -9.90
C THR A 41 3.70 -11.43 -10.02
N GLU A 42 3.38 -10.15 -10.23
CA GLU A 42 4.35 -9.08 -10.12
C GLU A 42 4.35 -8.53 -8.71
N SER A 43 3.15 -8.52 -8.13
CA SER A 43 2.86 -7.88 -6.86
C SER A 43 3.86 -8.23 -5.79
N GLU A 44 4.30 -9.48 -5.75
CA GLU A 44 5.21 -9.96 -4.70
C GLU A 44 6.26 -8.93 -4.34
N ALA A 45 6.96 -8.39 -5.33
CA ALA A 45 7.97 -7.38 -5.07
C ALA A 45 7.34 -6.02 -4.76
N VAL A 46 6.32 -5.65 -5.52
CA VAL A 46 5.70 -4.32 -5.37
C VAL A 46 4.98 -4.19 -4.02
N LYS A 47 4.21 -5.21 -3.63
CA LYS A 47 3.51 -5.19 -2.35
C LYS A 47 4.53 -5.26 -1.22
N GLN A 48 5.56 -6.07 -1.42
CA GLN A 48 6.68 -6.14 -0.49
C GLN A 48 7.33 -4.78 -0.30
N ALA A 49 7.55 -4.07 -1.38
CA ALA A 49 8.14 -2.74 -1.31
C ALA A 49 7.16 -1.76 -0.69
N LEU A 50 5.88 -1.96 -1.00
CA LEU A 50 4.83 -1.06 -0.57
C LEU A 50 4.69 -1.03 0.94
N ARG A 51 5.03 -2.13 1.61
CA ARG A 51 4.87 -2.21 3.06
C ARG A 51 6.09 -1.65 3.75
N GLU A 52 7.19 -1.66 3.03
CA GLU A 52 8.44 -1.08 3.50
C GLU A 52 8.33 0.44 3.54
N ALA A 53 7.82 1.00 2.45
CA ALA A 53 7.49 2.42 2.40
C ALA A 53 6.27 2.68 3.28
N GLY A 54 5.36 1.72 3.28
CA GLY A 54 4.17 1.81 4.09
C GLY A 54 4.48 1.97 5.56
N ASP A 55 5.43 1.18 6.04
CA ASP A 55 5.83 1.21 7.45
C ASP A 55 6.18 2.63 7.90
N GLU A 56 6.93 3.33 7.06
CA GLU A 56 7.33 4.70 7.33
C GLU A 56 6.13 5.65 7.31
N PHE A 57 5.14 5.31 6.52
CA PHE A 57 3.90 6.09 6.44
C PHE A 57 2.97 5.75 7.60
N GLU A 58 2.86 4.46 7.92
CA GLU A 58 2.00 4.00 9.01
C GLU A 58 2.38 4.70 10.30
N LEU A 59 3.67 4.68 10.60
CA LEU A 59 4.18 5.32 11.79
C LEU A 59 3.97 6.82 11.73
N ARG A 60 4.07 7.39 10.54
CA ARG A 60 4.15 8.83 10.42
C ARG A 60 2.82 9.48 10.77
N TYR A 61 1.73 8.92 10.25
CA TYR A 61 0.40 9.47 10.50
C TYR A 61 -0.23 8.83 11.74
N ARG A 62 0.49 7.86 12.32
CA ARG A 62 -0.03 7.02 13.40
C ARG A 62 -0.66 7.83 14.55
N ARG A 63 -0.08 8.97 14.87
CA ARG A 63 -0.58 9.79 15.95
C ARG A 63 -1.96 10.36 15.61
N ALA A 64 -2.13 10.74 14.36
CA ALA A 64 -3.33 11.45 13.92
C ALA A 64 -4.42 10.53 13.38
N PHE A 65 -4.05 9.54 12.58
CA PHE A 65 -5.00 8.84 11.70
C PHE A 65 -6.24 8.29 12.42
N SER A 66 -6.07 7.76 13.62
CA SER A 66 -7.19 7.15 14.34
C SER A 66 -7.97 8.21 15.10
N ASP A 67 -7.32 9.33 15.37
CA ASP A 67 -7.99 10.48 15.97
C ASP A 67 -8.79 11.21 14.88
N LEU A 68 -8.26 11.14 13.67
CA LEU A 68 -8.88 11.78 12.51
C LEU A 68 -10.24 11.18 12.19
N THR A 69 -10.54 10.02 12.76
CA THR A 69 -11.80 9.32 12.48
C THR A 69 -12.97 10.24 12.73
N SER A 70 -12.84 11.06 13.77
CA SER A 70 -13.84 12.05 14.11
C SER A 70 -14.02 13.07 12.99
N GLN A 71 -12.93 13.32 12.27
CA GLN A 71 -12.94 14.27 11.17
C GLN A 71 -13.51 13.63 9.91
N LEU A 72 -13.02 12.43 9.62
CA LEU A 72 -13.47 11.68 8.45
C LEU A 72 -14.92 11.26 8.61
N HIS A 73 -15.31 10.99 9.84
CA HIS A 73 -16.62 10.43 10.17
C HIS A 73 -16.70 9.00 9.68
N ILE A 74 -15.85 8.16 10.26
CA ILE A 74 -15.81 6.75 9.95
C ILE A 74 -17.10 6.07 10.37
N THR A 75 -17.87 5.69 9.37
CA THR A 75 -19.22 5.23 9.55
C THR A 75 -19.54 4.25 8.40
N PRO A 76 -20.82 3.80 8.23
CA PRO A 76 -21.31 3.14 7.00
C PRO A 76 -20.63 3.62 5.70
N GLY A 77 -20.86 2.84 4.63
CA GLY A 77 -20.23 3.01 3.31
C GLY A 77 -19.82 4.41 2.91
N THR A 78 -20.51 5.43 3.40
CA THR A 78 -20.20 6.81 3.09
C THR A 78 -18.87 7.25 3.71
N ALA A 79 -18.18 6.31 4.37
CA ALA A 79 -16.82 6.53 4.82
C ALA A 79 -15.87 6.52 3.63
N TYR A 80 -16.37 6.04 2.49
CA TYR A 80 -15.63 6.10 1.25
C TYR A 80 -15.66 7.52 0.71
N GLN A 81 -16.66 8.28 1.13
CA GLN A 81 -16.73 9.69 0.79
C GLN A 81 -15.86 10.50 1.73
N SER A 82 -15.64 9.92 2.89
CA SER A 82 -14.71 10.45 3.87
C SER A 82 -13.29 10.21 3.39
N PHE A 83 -13.00 8.95 3.08
CA PHE A 83 -11.72 8.55 2.52
C PHE A 83 -11.54 9.15 1.13
N GLU A 84 -12.65 9.58 0.53
CA GLU A 84 -12.62 10.23 -0.77
C GLU A 84 -11.80 11.50 -0.71
N GLN A 85 -12.09 12.31 0.29
CA GLN A 85 -11.35 13.53 0.56
C GLN A 85 -9.86 13.26 0.60
N VAL A 86 -9.53 12.09 1.09
CA VAL A 86 -8.16 11.68 1.26
C VAL A 86 -7.58 11.19 -0.05
N VAL A 87 -8.28 10.28 -0.69
CA VAL A 87 -7.82 9.71 -1.94
C VAL A 87 -7.76 10.81 -3.01
N ASN A 88 -8.51 11.86 -2.76
CA ASN A 88 -8.53 13.05 -3.59
C ASN A 88 -7.32 13.93 -3.31
N GLU A 89 -7.01 14.16 -2.03
CA GLU A 89 -5.89 15.02 -1.66
C GLU A 89 -4.62 14.31 -2.04
N LEU A 90 -4.71 13.01 -1.94
CA LEU A 90 -3.65 12.10 -2.28
C LEU A 90 -3.27 12.24 -3.76
N PHE A 91 -4.25 12.57 -4.59
CA PHE A 91 -4.05 12.51 -6.03
C PHE A 91 -3.74 13.88 -6.61
N ARG A 92 -4.39 14.88 -6.08
CA ARG A 92 -4.28 16.23 -6.61
C ARG A 92 -2.92 16.82 -6.28
N ASP A 93 -2.42 16.45 -5.11
CA ASP A 93 -1.23 17.04 -4.57
C ASP A 93 0.04 16.31 -5.01
N GLY A 94 -0.06 15.36 -5.94
CA GLY A 94 1.16 14.68 -6.33
C GLY A 94 1.11 13.16 -6.35
N VAL A 95 0.42 12.55 -7.33
CA VAL A 95 0.41 11.08 -7.39
C VAL A 95 1.76 10.53 -7.81
N ASN A 96 2.55 10.23 -6.82
CA ASN A 96 3.86 9.67 -7.03
C ASN A 96 3.89 8.27 -6.45
N TRP A 97 5.08 7.68 -6.40
CA TRP A 97 5.26 6.36 -5.83
C TRP A 97 4.80 6.32 -4.37
N GLY A 98 5.07 7.40 -3.66
CA GLY A 98 4.87 7.40 -2.22
C GLY A 98 3.45 7.69 -1.77
N ARG A 99 2.72 8.50 -2.53
CA ARG A 99 1.37 8.86 -2.12
C ARG A 99 0.46 7.64 -2.21
N ILE A 100 0.78 6.76 -3.15
CA ILE A 100 0.00 5.55 -3.36
C ILE A 100 0.21 4.62 -2.18
N VAL A 101 1.43 4.64 -1.65
CA VAL A 101 1.74 4.01 -0.37
C VAL A 101 0.80 4.53 0.71
N ALA A 102 0.82 5.84 0.91
CA ALA A 102 -0.08 6.48 1.87
C ALA A 102 -1.53 6.07 1.60
N PHE A 103 -1.89 6.01 0.34
CA PHE A 103 -3.22 5.64 -0.10
C PHE A 103 -3.59 4.23 0.37
N PHE A 104 -2.76 3.24 0.04
CA PHE A 104 -3.07 1.86 0.37
C PHE A 104 -2.91 1.62 1.87
N SER A 105 -2.09 2.46 2.51
CA SER A 105 -1.86 2.37 3.94
C SER A 105 -3.05 2.92 4.72
N PHE A 106 -3.44 4.16 4.41
CA PHE A 106 -4.57 4.79 5.08
C PHE A 106 -5.86 4.07 4.71
N GLY A 107 -5.87 3.47 3.53
CA GLY A 107 -7.00 2.65 3.11
C GLY A 107 -7.15 1.42 3.97
N GLY A 108 -6.03 0.76 4.25
CA GLY A 108 -6.05 -0.38 5.14
C GLY A 108 -6.46 0.03 6.53
N ALA A 109 -6.05 1.23 6.93
CA ALA A 109 -6.42 1.78 8.22
C ALA A 109 -7.90 2.16 8.25
N LEU A 110 -8.43 2.51 7.08
CA LEU A 110 -9.83 2.89 6.94
C LEU A 110 -10.68 1.69 7.32
N CYS A 111 -10.22 0.53 6.88
CA CYS A 111 -10.80 -0.75 7.21
C CYS A 111 -10.89 -0.92 8.73
N VAL A 112 -9.77 -0.75 9.42
CA VAL A 112 -9.71 -0.93 10.86
C VAL A 112 -10.62 0.06 11.59
N GLU A 113 -10.66 1.30 11.13
CA GLU A 113 -11.51 2.30 11.75
C GLU A 113 -12.99 1.95 11.57
N SER A 114 -13.28 1.14 10.56
CA SER A 114 -14.62 0.65 10.33
C SER A 114 -14.89 -0.50 11.28
N VAL A 115 -13.88 -1.34 11.43
CA VAL A 115 -13.94 -2.51 12.30
C VAL A 115 -14.07 -2.05 13.74
N ASP A 116 -13.44 -0.92 13.98
CA ASP A 116 -13.42 -0.26 15.27
C ASP A 116 -14.83 -0.07 15.82
N LYS A 117 -15.72 0.48 14.98
CA LYS A 117 -17.09 0.72 15.38
C LYS A 117 -17.95 -0.51 15.12
N GLU A 118 -17.28 -1.63 14.81
CA GLU A 118 -17.93 -2.89 14.50
C GLU A 118 -18.72 -2.76 13.19
N MET A 119 -18.08 -2.13 12.22
CA MET A 119 -18.64 -1.93 10.90
C MET A 119 -17.75 -2.64 9.89
N GLN A 120 -17.44 -3.88 10.21
CA GLN A 120 -16.52 -4.69 9.44
C GLN A 120 -17.03 -4.98 8.03
N VAL A 121 -18.27 -4.59 7.75
CA VAL A 121 -18.80 -4.70 6.40
C VAL A 121 -18.05 -3.78 5.43
N LEU A 122 -17.48 -2.70 5.96
CA LEU A 122 -16.74 -1.75 5.13
C LEU A 122 -15.41 -2.32 4.72
N VAL A 123 -14.90 -3.24 5.53
CA VAL A 123 -13.62 -3.88 5.27
C VAL A 123 -13.49 -4.33 3.82
N SER A 124 -14.47 -5.07 3.34
CA SER A 124 -14.47 -5.58 2.00
C SER A 124 -14.77 -4.47 0.98
N ARG A 125 -15.64 -3.54 1.38
CA ARG A 125 -16.03 -2.44 0.51
C ARG A 125 -14.85 -1.54 0.21
N ILE A 126 -14.18 -1.11 1.26
CA ILE A 126 -13.01 -0.25 1.14
C ILE A 126 -11.97 -0.87 0.21
N ALA A 127 -11.61 -2.12 0.48
CA ALA A 127 -10.61 -2.81 -0.33
C ALA A 127 -11.01 -2.86 -1.80
N ALA A 128 -12.31 -3.01 -2.04
CA ALA A 128 -12.84 -3.02 -3.40
C ALA A 128 -12.56 -1.70 -4.10
N TRP A 129 -13.07 -0.63 -3.49
CA TRP A 129 -12.96 0.70 -4.05
C TRP A 129 -11.51 1.16 -4.14
N MET A 130 -10.70 0.73 -3.18
CA MET A 130 -9.28 1.08 -3.17
C MET A 130 -8.58 0.52 -4.39
N ALA A 131 -8.72 -0.78 -4.59
CA ALA A 131 -8.08 -1.45 -5.72
C ALA A 131 -8.64 -0.95 -7.04
N THR A 132 -9.95 -0.73 -7.09
CA THR A 132 -10.57 -0.21 -8.30
C THR A 132 -10.04 1.19 -8.63
N TYR A 133 -9.92 2.02 -7.61
CA TYR A 133 -9.36 3.35 -7.78
C TYR A 133 -7.96 3.24 -8.38
N LEU A 134 -7.17 2.30 -7.88
CA LEU A 134 -5.86 2.05 -8.44
C LEU A 134 -6.00 1.57 -9.89
N ASN A 135 -6.90 0.62 -10.10
CA ASN A 135 -7.20 0.08 -11.43
C ASN A 135 -7.48 1.18 -12.45
N ASP A 136 -8.44 2.03 -12.15
CA ASP A 136 -8.88 3.03 -13.12
C ASP A 136 -7.99 4.27 -13.10
N HIS A 137 -7.71 4.76 -11.91
CA HIS A 137 -7.05 6.05 -11.75
C HIS A 137 -5.53 5.93 -11.70
N LEU A 138 -5.05 5.06 -10.83
CA LEU A 138 -3.66 5.06 -10.45
C LEU A 138 -2.74 4.33 -11.41
N GLU A 139 -3.12 3.14 -11.83
CA GLU A 139 -2.26 2.28 -12.63
C GLU A 139 -1.57 3.04 -13.77
N PRO A 140 -2.32 3.79 -14.62
CA PRO A 140 -1.69 4.60 -15.68
C PRO A 140 -0.63 5.54 -15.12
N TRP A 141 -1.02 6.32 -14.13
CA TRP A 141 -0.12 7.27 -13.46
C TRP A 141 1.13 6.55 -12.95
N ILE A 142 0.91 5.47 -12.21
CA ILE A 142 1.98 4.59 -11.74
C ILE A 142 2.96 4.26 -12.85
N GLN A 143 2.43 3.74 -13.95
CA GLN A 143 3.26 3.34 -15.09
C GLN A 143 4.02 4.53 -15.69
N GLU A 144 3.45 5.74 -15.58
CA GLU A 144 4.12 6.96 -16.03
C GLU A 144 5.36 7.20 -15.18
N ASN A 145 5.36 6.59 -14.01
CA ASN A 145 6.42 6.77 -13.03
C ASN A 145 7.31 5.53 -13.03
N GLY A 146 6.96 4.62 -13.92
CA GLY A 146 7.72 3.40 -14.09
C GLY A 146 6.85 2.17 -14.00
N GLY A 147 6.11 2.06 -12.91
CA GLY A 147 5.28 0.89 -12.68
C GLY A 147 5.38 0.41 -11.25
N TRP A 148 4.69 -0.68 -10.94
CA TRP A 148 4.68 -1.23 -9.60
C TRP A 148 6.06 -1.78 -9.26
N ASP A 149 6.63 -2.52 -10.19
CA ASP A 149 7.94 -3.12 -10.03
C ASP A 149 9.02 -2.04 -9.88
N THR A 150 8.83 -0.95 -10.59
CA THR A 150 9.77 0.16 -10.52
C THR A 150 9.78 0.81 -9.15
N PHE A 151 8.64 0.80 -8.48
CA PHE A 151 8.59 1.30 -7.12
C PHE A 151 9.56 0.51 -6.24
N VAL A 152 9.65 -0.79 -6.48
CA VAL A 152 10.57 -1.65 -5.73
C VAL A 152 12.00 -1.43 -6.24
N GLU A 153 12.13 -1.01 -7.49
CA GLU A 153 13.43 -0.62 -8.03
C GLU A 153 14.05 0.47 -7.14
N LEU A 154 13.18 1.27 -6.53
CA LEU A 154 13.61 2.40 -5.71
C LEU A 154 13.49 2.06 -4.23
N TYR A 155 12.33 1.57 -3.83
CA TYR A 155 11.99 1.39 -2.42
C TYR A 155 11.68 -0.05 -2.08
N GLY A 156 12.25 -0.96 -2.86
CA GLY A 156 11.98 -2.37 -2.69
C GLY A 156 12.36 -2.90 -1.33
N ASN A 157 11.84 -4.07 -1.05
CA ASN A 157 11.99 -4.74 0.22
C ASN A 157 13.46 -4.90 0.62
N ASN A 158 13.77 -4.46 1.84
CA ASN A 158 15.14 -4.41 2.32
C ASN A 158 15.75 -5.80 2.46
N ALA A 159 14.93 -6.80 2.77
CA ALA A 159 15.42 -8.17 2.86
C ALA A 159 16.00 -8.61 1.52
N ALA A 160 15.47 -8.06 0.44
CA ALA A 160 16.02 -8.30 -0.90
C ALA A 160 17.16 -7.33 -1.17
N ALA A 161 16.97 -6.08 -0.75
CA ALA A 161 17.98 -5.04 -0.91
C ALA A 161 19.29 -5.44 -0.23
N GLU A 162 19.18 -5.88 1.01
CA GLU A 162 20.32 -6.31 1.80
C GLU A 162 20.92 -7.61 1.25
N SER A 163 20.11 -8.39 0.54
CA SER A 163 20.62 -9.59 -0.11
C SER A 163 21.56 -9.19 -1.24
N ARG A 164 21.23 -8.08 -1.89
CA ARG A 164 22.06 -7.54 -2.96
C ARG A 164 23.16 -6.66 -2.39
N LYS A 165 23.09 -6.45 -1.08
CA LYS A 165 24.04 -5.61 -0.36
C LYS A 165 25.10 -6.47 0.32
N GLY A 166 24.63 -7.31 1.22
CA GLY A 166 25.51 -8.11 2.05
C GLY A 166 26.24 -9.19 1.29
N GLN A 167 25.86 -9.40 0.02
CA GLN A 167 26.49 -10.42 -0.82
C GLN A 167 28.02 -10.24 -0.91
N GLU A 168 28.48 -9.05 -0.54
CA GLU A 168 29.91 -8.76 -0.50
C GLU A 168 30.60 -9.54 0.62
N ARG A 169 29.80 -10.24 1.42
CA ARG A 169 30.31 -11.12 2.47
C ARG A 169 31.18 -12.22 1.85
N LEU A 170 30.84 -12.64 0.65
CA LEU A 170 31.62 -13.66 -0.04
C LEU A 170 32.92 -13.06 -0.57
N GLU A 171 32.82 -11.87 -1.15
CA GLU A 171 33.97 -11.14 -1.66
C GLU A 171 33.53 -9.73 -2.04
N HIS A 172 34.49 -8.81 -2.11
CA HIS A 172 34.18 -7.41 -2.39
C HIS A 172 33.71 -7.25 -3.82
N HIS A 173 32.88 -6.22 -4.06
CA HIS A 173 32.42 -5.92 -5.40
C HIS A 173 33.61 -5.52 -6.29
N HIS A 174 34.03 -6.45 -7.13
CA HIS A 174 35.26 -6.31 -7.90
C HIS A 174 36.46 -6.16 -6.97
N HIS A 175 37.61 -5.75 -7.50
CA HIS A 175 38.81 -5.52 -6.72
C HIS A 175 39.33 -6.84 -6.14
N HIS A 176 38.93 -7.93 -6.76
CA HIS A 176 39.38 -9.26 -6.37
C HIS A 176 40.84 -9.43 -6.77
N HIS A 177 41.21 -8.82 -7.89
CA HIS A 177 42.58 -8.86 -8.38
C HIS A 177 43.24 -7.51 -8.24
N LEU A 178 44.44 -7.50 -7.69
CA LEU A 178 45.25 -6.30 -7.58
C LEU A 178 46.52 -6.47 -8.40
N GLU A 179 46.50 -7.45 -9.28
CA GLU A 179 47.63 -7.75 -10.14
C GLU A 179 47.88 -6.60 -11.12
N HIS A 180 48.86 -5.77 -10.80
CA HIS A 180 49.19 -4.63 -11.62
C HIS A 180 50.53 -4.85 -12.32
N HIS A 181 51.44 -5.53 -11.62
CA HIS A 181 52.75 -5.84 -12.17
C HIS A 181 52.66 -6.97 -13.18
N HIS A 182 53.55 -6.97 -14.15
CA HIS A 182 53.65 -8.08 -15.08
C HIS A 182 54.72 -9.04 -14.60
N HIS A 183 54.29 -10.21 -14.15
CA HIS A 183 55.20 -11.21 -13.62
C HIS A 183 56.03 -11.82 -14.75
N HIS A 184 57.33 -11.56 -14.73
CA HIS A 184 58.21 -12.04 -15.77
C HIS A 184 59.02 -13.24 -15.26
N HIS A 185 58.38 -14.40 -15.25
CA HIS A 185 59.02 -15.63 -14.80
C HIS A 185 58.11 -16.81 -15.11
N GLY B 2 -12.53 20.48 9.05
CA GLY B 2 -11.40 21.19 9.63
C GLY B 2 -10.08 20.80 8.98
N CYS B 3 -9.97 19.53 8.60
CA CYS B 3 -8.77 19.03 7.97
C CYS B 3 -9.12 18.15 6.79
N VAL B 4 -8.13 17.34 6.40
CA VAL B 4 -8.22 16.34 5.33
C VAL B 4 -8.60 16.99 3.99
N GLY B 5 -8.37 16.28 2.91
CA GLY B 5 -8.18 16.94 1.63
C GLY B 5 -7.02 17.96 1.67
N ARG B 6 -6.33 18.01 2.82
CA ARG B 6 -5.25 18.95 3.09
C ARG B 6 -4.06 18.22 3.70
N ALA B 7 -4.31 17.62 4.87
CA ALA B 7 -3.25 17.08 5.72
C ALA B 7 -2.61 15.83 5.12
N LEU B 8 -3.44 14.88 4.71
CA LEU B 8 -2.94 13.62 4.19
C LEU B 8 -2.22 13.86 2.89
N ALA B 9 -2.79 14.75 2.10
CA ALA B 9 -2.17 15.26 0.89
C ALA B 9 -0.76 15.78 1.20
N ALA B 10 -0.72 16.72 2.13
CA ALA B 10 0.47 17.46 2.48
C ALA B 10 1.51 16.59 3.18
N PHE B 11 1.03 15.69 4.04
CA PHE B 11 1.91 14.82 4.80
C PHE B 11 2.48 13.71 3.92
N GLY B 12 1.76 13.40 2.85
CA GLY B 12 2.19 12.34 1.95
C GLY B 12 3.32 12.76 1.04
N ASP B 13 3.62 14.04 1.03
CA ASP B 13 4.71 14.58 0.22
C ASP B 13 6.06 14.06 0.72
N CYS B 14 6.13 13.66 1.98
CA CYS B 14 7.39 13.26 2.58
C CYS B 14 7.57 11.75 2.47
N ILE B 15 8.28 11.32 1.44
CA ILE B 15 8.57 9.90 1.24
C ILE B 15 10.03 9.60 1.53
N ASN B 16 10.73 10.58 2.08
CA ASN B 16 12.10 10.39 2.52
C ASN B 16 12.17 10.50 4.03
N ARG B 17 11.68 11.61 4.56
CA ARG B 17 11.64 11.82 5.99
C ARG B 17 10.24 12.19 6.44
N MET A 1 -7.34 -0.96 -14.47
CA MET A 1 -7.25 -1.76 -15.71
C MET A 1 -6.60 -3.11 -15.42
N SER A 2 -5.56 -3.09 -14.61
CA SER A 2 -4.91 -4.30 -14.15
C SER A 2 -5.45 -4.68 -12.78
N GLN A 3 -5.87 -5.92 -12.63
CA GLN A 3 -6.47 -6.33 -11.37
C GLN A 3 -5.43 -6.79 -10.38
N SER A 4 -4.16 -6.71 -10.76
CA SER A 4 -3.07 -7.06 -9.87
C SER A 4 -2.97 -6.06 -8.72
N ASN A 5 -3.36 -4.81 -8.98
CA ASN A 5 -3.29 -3.75 -7.98
C ASN A 5 -4.18 -4.08 -6.80
N ARG A 6 -5.07 -5.05 -7.00
CA ARG A 6 -5.93 -5.58 -5.95
C ARG A 6 -5.10 -6.00 -4.76
N GLU A 7 -4.08 -6.78 -5.05
CA GLU A 7 -3.24 -7.39 -4.03
C GLU A 7 -2.69 -6.37 -3.07
N LEU A 8 -2.10 -5.31 -3.62
CA LEU A 8 -1.57 -4.21 -2.86
C LEU A 8 -2.57 -3.75 -1.80
N VAL A 9 -3.81 -3.60 -2.21
CA VAL A 9 -4.86 -3.19 -1.30
C VAL A 9 -5.14 -4.29 -0.28
N VAL A 10 -5.56 -5.44 -0.79
CA VAL A 10 -6.00 -6.57 0.01
C VAL A 10 -4.99 -6.95 1.08
N ASP A 11 -3.75 -7.17 0.67
CA ASP A 11 -2.71 -7.63 1.58
C ASP A 11 -2.53 -6.65 2.73
N PHE A 12 -2.67 -5.36 2.44
CA PHE A 12 -2.45 -4.35 3.45
C PHE A 12 -3.63 -4.26 4.41
N LEU A 13 -4.85 -4.39 3.90
CA LEU A 13 -6.00 -4.41 4.79
C LEU A 13 -5.87 -5.56 5.77
N SER A 14 -5.37 -6.70 5.27
CA SER A 14 -5.09 -7.85 6.12
C SER A 14 -4.06 -7.51 7.18
N TYR A 15 -3.01 -6.83 6.74
CA TYR A 15 -1.92 -6.44 7.62
C TYR A 15 -2.41 -5.50 8.73
N LYS A 16 -3.40 -4.69 8.41
CA LYS A 16 -3.96 -3.75 9.35
C LYS A 16 -4.81 -4.42 10.44
N LEU A 17 -5.65 -5.37 10.05
CA LEU A 17 -6.51 -6.04 11.02
C LEU A 17 -5.70 -6.84 12.03
N SER A 18 -4.49 -7.23 11.64
CA SER A 18 -3.61 -8.01 12.49
C SER A 18 -3.31 -7.29 13.82
N GLN A 19 -3.01 -5.99 13.75
CA GLN A 19 -2.67 -5.23 14.95
C GLN A 19 -3.89 -4.88 15.78
N LYS A 20 -5.05 -5.31 15.31
CA LYS A 20 -6.31 -5.02 15.98
C LYS A 20 -6.85 -6.29 16.60
N GLY A 21 -6.49 -7.38 15.97
CA GLY A 21 -6.89 -8.68 16.44
C GLY A 21 -8.04 -9.23 15.63
N TYR A 22 -8.16 -8.72 14.41
CA TYR A 22 -9.20 -9.16 13.50
C TYR A 22 -8.58 -9.83 12.28
N SER A 23 -9.41 -10.50 11.51
CA SER A 23 -8.94 -11.18 10.31
C SER A 23 -9.48 -10.47 9.09
N TRP A 24 -8.70 -10.49 8.03
CA TRP A 24 -9.13 -9.91 6.77
C TRP A 24 -10.11 -10.84 6.06
N SER A 25 -9.78 -12.12 5.98
CA SER A 25 -10.62 -13.09 5.29
C SER A 25 -12.00 -13.21 5.94
N GLN A 26 -12.05 -13.11 7.28
CA GLN A 26 -13.32 -13.25 8.00
C GLN A 26 -14.37 -12.27 7.50
N PHE A 27 -13.92 -11.14 6.97
CA PHE A 27 -14.83 -10.10 6.54
C PHE A 27 -14.72 -9.86 5.04
N SER A 28 -13.67 -10.37 4.43
CA SER A 28 -13.42 -10.14 3.02
C SER A 28 -13.82 -11.31 2.15
N ASP A 29 -14.14 -11.00 0.91
CA ASP A 29 -14.55 -11.97 -0.08
C ASP A 29 -13.68 -11.84 -1.32
N VAL A 30 -12.90 -10.76 -1.32
CA VAL A 30 -12.20 -10.26 -2.49
C VAL A 30 -11.46 -11.35 -3.26
N GLU A 31 -10.36 -11.86 -2.69
CA GLU A 31 -9.62 -12.94 -3.31
C GLU A 31 -10.02 -14.26 -2.66
N GLU A 32 -10.97 -14.16 -1.72
CA GLU A 32 -11.39 -15.29 -0.94
C GLU A 32 -12.09 -16.33 -1.79
N ASN A 33 -13.10 -15.89 -2.53
CA ASN A 33 -13.96 -16.82 -3.24
C ASN A 33 -13.64 -16.88 -4.73
N ARG A 34 -12.71 -16.05 -5.19
CA ARG A 34 -12.28 -16.10 -6.57
C ARG A 34 -10.87 -15.56 -6.74
N THR A 35 -10.17 -16.05 -7.74
CA THR A 35 -8.82 -15.61 -8.03
C THR A 35 -8.64 -15.30 -9.51
N GLU A 36 -8.58 -14.03 -9.83
CA GLU A 36 -8.41 -13.58 -11.19
C GLU A 36 -6.93 -13.30 -11.47
N ALA A 37 -6.43 -12.31 -10.80
CA ALA A 37 -5.00 -12.01 -10.80
C ALA A 37 -4.21 -13.15 -10.18
N PRO A 38 -2.91 -13.29 -10.54
CA PRO A 38 -2.02 -14.30 -9.96
C PRO A 38 -1.86 -14.15 -8.45
N GLU A 39 -1.09 -15.06 -7.85
CA GLU A 39 -0.84 -15.01 -6.40
C GLU A 39 0.13 -13.88 -6.08
N GLY A 40 0.55 -13.17 -7.11
CA GLY A 40 1.45 -12.06 -6.94
C GLY A 40 2.42 -11.98 -8.08
N THR A 41 1.93 -11.62 -9.26
CA THR A 41 2.77 -11.57 -10.44
C THR A 41 3.84 -10.48 -10.28
N GLU A 42 3.44 -9.22 -10.36
CA GLU A 42 4.31 -8.11 -10.05
C GLU A 42 4.16 -7.74 -8.58
N SER A 43 2.93 -7.86 -8.12
CA SER A 43 2.49 -7.30 -6.87
C SER A 43 3.07 -7.97 -5.64
N GLU A 44 3.49 -9.22 -5.74
CA GLU A 44 4.07 -9.89 -4.58
C GLU A 44 5.25 -9.08 -4.05
N ALA A 45 6.10 -8.63 -4.96
CA ALA A 45 7.22 -7.77 -4.58
C ALA A 45 6.72 -6.36 -4.30
N VAL A 46 5.78 -5.91 -5.11
CA VAL A 46 5.17 -4.59 -4.97
C VAL A 46 4.59 -4.39 -3.56
N LYS A 47 3.64 -5.24 -3.20
CA LYS A 47 2.97 -5.15 -1.91
C LYS A 47 4.00 -5.29 -0.81
N GLN A 48 5.01 -6.13 -1.05
CA GLN A 48 6.05 -6.37 -0.08
C GLN A 48 6.88 -5.12 0.15
N ALA A 49 7.03 -4.32 -0.89
CA ALA A 49 7.74 -3.06 -0.80
C ALA A 49 6.83 -1.98 -0.23
N LEU A 50 5.56 -2.06 -0.60
CA LEU A 50 4.58 -1.07 -0.20
C LEU A 50 4.32 -1.12 1.30
N ARG A 51 4.60 -2.24 1.94
CA ARG A 51 4.37 -2.34 3.38
C ARG A 51 5.59 -1.82 4.11
N GLU A 52 6.73 -1.93 3.45
CA GLU A 52 7.98 -1.37 3.94
C GLU A 52 7.93 0.15 3.86
N ALA A 53 7.49 0.64 2.72
CA ALA A 53 7.28 2.07 2.53
C ALA A 53 6.10 2.54 3.36
N GLY A 54 5.07 1.70 3.42
CA GLY A 54 3.88 2.02 4.19
C GLY A 54 4.17 2.19 5.65
N ASP A 55 4.99 1.31 6.21
CA ASP A 55 5.36 1.37 7.63
C ASP A 55 5.91 2.75 8.00
N GLU A 56 6.79 3.26 7.14
CA GLU A 56 7.37 4.58 7.34
C GLU A 56 6.32 5.67 7.30
N PHE A 57 5.25 5.43 6.55
CA PHE A 57 4.15 6.37 6.46
C PHE A 57 3.27 6.27 7.70
N GLU A 58 3.06 5.04 8.17
CA GLU A 58 2.19 4.79 9.31
C GLU A 58 2.72 5.44 10.56
N LEU A 59 4.02 5.28 10.81
CA LEU A 59 4.64 5.78 12.03
C LEU A 59 4.49 7.30 12.16
N ARG A 60 4.50 8.00 11.03
CA ARG A 60 4.49 9.46 11.08
C ARG A 60 3.07 10.03 11.15
N TYR A 61 2.12 9.39 10.48
CA TYR A 61 0.74 9.89 10.48
C TYR A 61 -0.08 9.27 11.61
N ARG A 62 0.51 8.32 12.33
CA ARG A 62 -0.19 7.56 13.36
C ARG A 62 -0.81 8.47 14.41
N ARG A 63 -0.15 9.60 14.67
CA ARG A 63 -0.63 10.59 15.62
C ARG A 63 -2.06 11.04 15.31
N ALA A 64 -2.36 11.20 14.03
CA ALA A 64 -3.65 11.72 13.61
C ALA A 64 -4.67 10.60 13.38
N PHE A 65 -4.17 9.42 13.02
CA PHE A 65 -5.03 8.30 12.62
C PHE A 65 -6.12 7.99 13.66
N SER A 66 -5.79 8.09 14.93
CA SER A 66 -6.73 7.74 15.99
C SER A 66 -7.83 8.79 16.11
N ASP A 67 -7.50 10.05 15.89
CA ASP A 67 -8.46 11.14 16.07
C ASP A 67 -9.23 11.41 14.79
N LEU A 68 -8.56 11.21 13.66
CA LEU A 68 -9.14 11.52 12.36
C LEU A 68 -10.42 10.74 12.07
N THR A 69 -10.68 9.66 12.80
CA THR A 69 -11.87 8.85 12.54
C THR A 69 -13.12 9.70 12.69
N SER A 70 -13.08 10.62 13.64
CA SER A 70 -14.13 11.59 13.86
C SER A 70 -14.24 12.53 12.67
N GLN A 71 -13.12 12.74 12.00
CA GLN A 71 -13.03 13.66 10.87
C GLN A 71 -13.41 12.95 9.58
N LEU A 72 -13.02 11.67 9.48
CA LEU A 72 -13.51 10.83 8.40
C LEU A 72 -15.00 10.64 8.57
N HIS A 73 -15.46 10.62 9.82
CA HIS A 73 -16.85 10.31 10.14
C HIS A 73 -17.12 8.87 9.77
N ILE A 74 -16.10 8.04 10.04
CA ILE A 74 -16.08 6.63 9.73
C ILE A 74 -17.40 5.94 10.11
N THR A 75 -18.06 5.42 9.11
CA THR A 75 -19.39 4.90 9.23
C THR A 75 -19.66 3.96 8.04
N PRO A 76 -20.92 3.47 7.82
CA PRO A 76 -21.38 2.83 6.58
C PRO A 76 -20.67 3.28 5.30
N GLY A 77 -20.90 2.48 4.24
CA GLY A 77 -20.22 2.60 2.93
C GLY A 77 -19.76 3.98 2.50
N THR A 78 -20.46 5.03 2.92
CA THR A 78 -20.11 6.39 2.54
C THR A 78 -18.77 6.84 3.12
N ALA A 79 -18.07 5.93 3.77
CA ALA A 79 -16.73 6.22 4.28
C ALA A 79 -15.75 6.39 3.12
N TYR A 80 -16.21 6.06 1.92
CA TYR A 80 -15.42 6.26 0.72
C TYR A 80 -15.40 7.73 0.36
N GLN A 81 -16.36 8.47 0.90
CA GLN A 81 -16.39 9.92 0.74
C GLN A 81 -15.56 10.58 1.82
N SER A 82 -15.32 9.84 2.86
CA SER A 82 -14.37 10.23 3.89
C SER A 82 -12.96 10.02 3.37
N PHE A 83 -12.70 8.82 2.89
CA PHE A 83 -11.45 8.48 2.24
C PHE A 83 -11.33 9.24 0.92
N GLU A 84 -12.43 9.81 0.45
CA GLU A 84 -12.41 10.63 -0.74
C GLU A 84 -11.51 11.83 -0.54
N GLN A 85 -11.74 12.48 0.58
CA GLN A 85 -11.04 13.69 0.96
C GLN A 85 -9.54 13.55 0.83
N VAL A 86 -9.07 12.37 1.17
CA VAL A 86 -7.66 12.08 1.18
C VAL A 86 -7.20 11.49 -0.16
N VAL A 87 -7.98 10.60 -0.73
CA VAL A 87 -7.64 10.04 -2.04
C VAL A 87 -7.58 11.16 -3.07
N ASN A 88 -8.28 12.22 -2.75
CA ASN A 88 -8.33 13.42 -3.55
C ASN A 88 -7.02 14.19 -3.49
N GLU A 89 -6.41 14.27 -2.31
CA GLU A 89 -5.16 15.00 -2.17
C GLU A 89 -4.02 14.17 -2.70
N LEU A 90 -4.18 12.87 -2.55
CA LEU A 90 -3.09 11.93 -2.72
C LEU A 90 -2.53 11.96 -4.14
N PHE A 91 -3.39 12.26 -5.12
CA PHE A 91 -2.97 12.21 -6.51
C PHE A 91 -2.82 13.60 -7.12
N ARG A 92 -3.61 14.55 -6.62
CA ARG A 92 -3.74 15.86 -7.26
C ARG A 92 -2.43 16.65 -7.22
N ASP A 93 -1.58 16.27 -6.28
CA ASP A 93 -0.36 17.03 -6.02
C ASP A 93 0.82 16.49 -6.81
N GLY A 94 0.66 15.31 -7.36
CA GLY A 94 1.79 14.67 -8.00
C GLY A 94 2.00 13.25 -7.55
N VAL A 95 1.11 12.35 -7.93
CA VAL A 95 1.15 10.98 -7.43
C VAL A 95 2.39 10.27 -7.96
N ASN A 96 3.30 10.04 -7.03
CA ASN A 96 4.55 9.35 -7.29
C ASN A 96 4.51 7.97 -6.68
N TRP A 97 5.66 7.31 -6.68
CA TRP A 97 5.80 6.00 -6.09
C TRP A 97 5.35 6.02 -4.63
N GLY A 98 5.75 7.07 -3.91
CA GLY A 98 5.49 7.16 -2.49
C GLY A 98 4.05 7.53 -2.15
N ARG A 99 3.42 8.30 -3.01
CA ARG A 99 2.04 8.74 -2.79
C ARG A 99 1.10 7.54 -2.68
N ILE A 100 1.37 6.52 -3.47
CA ILE A 100 0.48 5.38 -3.57
C ILE A 100 0.62 4.44 -2.37
N VAL A 101 1.81 4.35 -1.82
CA VAL A 101 2.02 3.57 -0.61
C VAL A 101 1.27 4.21 0.56
N ALA A 102 0.98 5.49 0.45
CA ALA A 102 0.18 6.17 1.45
C ALA A 102 -1.30 5.93 1.20
N PHE A 103 -1.66 6.00 -0.07
CA PHE A 103 -3.03 5.74 -0.51
C PHE A 103 -3.51 4.38 -0.03
N PHE A 104 -2.76 3.34 -0.37
CA PHE A 104 -3.16 1.99 -0.04
C PHE A 104 -3.05 1.75 1.47
N SER A 105 -2.24 2.58 2.12
CA SER A 105 -2.04 2.48 3.56
C SER A 105 -3.28 2.99 4.29
N PHE A 106 -3.74 4.18 3.92
CA PHE A 106 -4.90 4.77 4.59
C PHE A 106 -6.17 4.00 4.23
N GLY A 107 -6.17 3.37 3.06
CA GLY A 107 -7.29 2.53 2.69
C GLY A 107 -7.32 1.26 3.52
N GLY A 108 -6.15 0.74 3.84
CA GLY A 108 -6.06 -0.39 4.74
C GLY A 108 -6.44 0.02 6.15
N ALA A 109 -6.09 1.25 6.49
CA ALA A 109 -6.45 1.84 7.77
C ALA A 109 -7.94 2.11 7.84
N LEU A 110 -8.52 2.45 6.69
CA LEU A 110 -9.94 2.74 6.56
C LEU A 110 -10.73 1.52 7.00
N CYS A 111 -10.21 0.38 6.60
CA CYS A 111 -10.71 -0.92 7.02
C CYS A 111 -10.80 -1.00 8.53
N VAL A 112 -9.69 -0.71 9.20
CA VAL A 112 -9.63 -0.79 10.66
C VAL A 112 -10.55 0.26 11.30
N GLU A 113 -10.60 1.45 10.72
CA GLU A 113 -11.51 2.49 11.20
C GLU A 113 -12.94 1.98 11.21
N SER A 114 -13.26 1.13 10.24
CA SER A 114 -14.58 0.54 10.14
C SER A 114 -14.74 -0.53 11.21
N VAL A 115 -13.66 -1.27 11.41
CA VAL A 115 -13.63 -2.35 12.39
C VAL A 115 -13.76 -1.78 13.79
N ASP A 116 -13.18 -0.60 13.94
CA ASP A 116 -13.19 0.16 15.17
C ASP A 116 -14.61 0.33 15.70
N LYS A 117 -15.51 0.75 14.81
CA LYS A 117 -16.90 0.95 15.16
C LYS A 117 -17.69 -0.35 14.99
N GLU A 118 -16.95 -1.45 14.82
CA GLU A 118 -17.54 -2.77 14.58
C GLU A 118 -18.38 -2.76 13.31
N MET A 119 -17.81 -2.18 12.27
CA MET A 119 -18.43 -2.11 10.96
C MET A 119 -17.54 -2.85 9.98
N GLN A 120 -17.11 -4.02 10.41
CA GLN A 120 -16.17 -4.85 9.68
C GLN A 120 -16.69 -5.28 8.31
N VAL A 121 -17.94 -4.98 8.00
CA VAL A 121 -18.47 -5.22 6.66
C VAL A 121 -17.79 -4.31 5.63
N LEU A 122 -17.29 -3.16 6.08
CA LEU A 122 -16.61 -2.22 5.20
C LEU A 122 -15.26 -2.76 4.79
N VAL A 123 -14.69 -3.60 5.64
CA VAL A 123 -13.40 -4.22 5.40
C VAL A 123 -13.27 -4.72 3.96
N SER A 124 -14.22 -5.53 3.51
CA SER A 124 -14.17 -6.08 2.15
C SER A 124 -14.55 -5.00 1.13
N ARG A 125 -15.47 -4.13 1.51
CA ARG A 125 -15.96 -3.08 0.62
C ARG A 125 -14.85 -2.11 0.27
N ILE A 126 -14.17 -1.60 1.28
CA ILE A 126 -13.08 -0.65 1.10
C ILE A 126 -12.05 -1.21 0.15
N ALA A 127 -11.65 -2.45 0.38
CA ALA A 127 -10.65 -3.11 -0.46
C ALA A 127 -11.07 -3.14 -1.93
N ALA A 128 -12.38 -3.09 -2.16
CA ALA A 128 -12.92 -3.13 -3.51
C ALA A 128 -12.57 -1.86 -4.25
N TRP A 129 -13.15 -0.78 -3.80
CA TRP A 129 -12.98 0.50 -4.46
C TRP A 129 -11.61 1.10 -4.18
N MET A 130 -10.93 0.62 -3.14
CA MET A 130 -9.55 1.03 -2.89
C MET A 130 -8.65 0.56 -4.03
N ALA A 131 -8.84 -0.69 -4.44
CA ALA A 131 -8.08 -1.22 -5.58
C ALA A 131 -8.58 -0.61 -6.87
N THR A 132 -9.89 -0.44 -6.96
CA THR A 132 -10.49 0.22 -8.11
C THR A 132 -9.96 1.65 -8.27
N TYR A 133 -9.90 2.40 -7.18
CA TYR A 133 -9.38 3.76 -7.21
C TYR A 133 -7.97 3.78 -7.77
N LEU A 134 -7.18 2.80 -7.37
CA LEU A 134 -5.85 2.62 -7.94
C LEU A 134 -5.99 2.32 -9.44
N ASN A 135 -6.85 1.35 -9.75
CA ASN A 135 -7.11 0.93 -11.13
C ASN A 135 -7.46 2.11 -12.04
N ASP A 136 -8.38 2.96 -11.59
CA ASP A 136 -8.87 4.06 -12.41
C ASP A 136 -7.92 5.26 -12.38
N HIS A 137 -7.54 5.68 -11.19
CA HIS A 137 -6.80 6.92 -11.02
C HIS A 137 -5.29 6.71 -11.06
N LEU A 138 -4.81 5.78 -10.26
CA LEU A 138 -3.39 5.62 -10.02
C LEU A 138 -2.67 4.86 -11.11
N GLU A 139 -3.24 3.74 -11.52
CA GLU A 139 -2.60 2.80 -12.46
C GLU A 139 -1.92 3.50 -13.64
N PRO A 140 -2.63 4.38 -14.40
CA PRO A 140 -2.01 5.08 -15.52
C PRO A 140 -0.83 5.94 -15.08
N TRP A 141 -1.02 6.64 -13.97
CA TRP A 141 0.01 7.49 -13.40
C TRP A 141 1.21 6.66 -12.97
N ILE A 142 0.94 5.53 -12.33
CA ILE A 142 1.97 4.55 -11.98
C ILE A 142 2.86 4.24 -13.18
N GLN A 143 2.24 3.93 -14.29
CA GLN A 143 2.95 3.62 -15.52
C GLN A 143 3.81 4.79 -15.98
N GLU A 144 3.37 6.01 -15.70
CA GLU A 144 4.14 7.22 -16.02
C GLU A 144 5.44 7.26 -15.21
N ASN A 145 5.46 6.50 -14.14
CA ASN A 145 6.57 6.48 -13.21
C ASN A 145 7.31 5.15 -13.28
N GLY A 146 6.89 4.32 -14.23
CA GLY A 146 7.57 3.07 -14.47
C GLY A 146 6.72 1.86 -14.21
N GLY A 147 5.97 1.89 -13.12
CA GLY A 147 5.11 0.78 -12.79
C GLY A 147 5.24 0.36 -11.34
N TRP A 148 4.55 -0.71 -10.97
CA TRP A 148 4.55 -1.18 -9.60
C TRP A 148 5.88 -1.84 -9.25
N ASP A 149 6.34 -2.71 -10.14
CA ASP A 149 7.58 -3.44 -9.94
C ASP A 149 8.74 -2.48 -9.78
N THR A 150 8.75 -1.44 -10.61
CA THR A 150 9.78 -0.43 -10.57
C THR A 150 9.88 0.19 -9.18
N PHE A 151 8.76 0.34 -8.49
CA PHE A 151 8.76 0.91 -7.15
C PHE A 151 9.58 0.03 -6.22
N VAL A 152 9.38 -1.27 -6.30
CA VAL A 152 10.11 -2.21 -5.48
C VAL A 152 11.57 -2.27 -5.92
N GLU A 153 11.82 -1.94 -7.18
CA GLU A 153 13.18 -1.81 -7.68
C GLU A 153 13.89 -0.63 -7.01
N LEU A 154 13.11 0.31 -6.51
CA LEU A 154 13.65 1.48 -5.81
C LEU A 154 13.59 1.27 -4.30
N TYR A 155 12.39 1.01 -3.80
CA TYR A 155 12.11 0.98 -2.38
C TYR A 155 11.57 -0.39 -1.97
N GLY A 156 11.96 -1.41 -2.72
CA GLY A 156 11.49 -2.76 -2.46
C GLY A 156 11.80 -3.27 -1.09
N ASN A 157 11.15 -4.36 -0.78
CA ASN A 157 11.25 -5.02 0.51
C ASN A 157 12.70 -5.32 0.87
N ASN A 158 13.11 -4.94 2.07
CA ASN A 158 14.51 -5.04 2.47
C ASN A 158 14.98 -6.49 2.53
N ALA A 159 14.08 -7.42 2.82
CA ALA A 159 14.44 -8.83 2.84
C ALA A 159 14.94 -9.27 1.47
N ALA A 160 14.43 -8.62 0.44
CA ALA A 160 14.90 -8.85 -0.92
C ALA A 160 16.11 -7.96 -1.22
N ALA A 161 16.07 -6.74 -0.70
CA ALA A 161 17.16 -5.79 -0.89
C ALA A 161 18.47 -6.32 -0.34
N GLU A 162 18.45 -6.79 0.91
CA GLU A 162 19.64 -7.39 1.51
C GLU A 162 20.11 -8.61 0.74
N SER A 163 19.19 -9.27 0.05
CA SER A 163 19.56 -10.44 -0.74
C SER A 163 20.42 -10.01 -1.92
N ARG A 164 20.07 -8.88 -2.54
CA ARG A 164 20.87 -8.33 -3.63
C ARG A 164 22.05 -7.55 -3.09
N LYS A 165 22.16 -7.50 -1.77
CA LYS A 165 23.28 -6.84 -1.11
C LYS A 165 24.44 -7.83 -0.97
N GLY A 166 24.14 -9.10 -1.18
CA GLY A 166 25.11 -10.15 -0.96
C GLY A 166 26.31 -10.07 -1.88
N GLN A 167 26.18 -9.33 -2.97
CA GLN A 167 27.28 -9.12 -3.89
C GLN A 167 28.37 -8.25 -3.28
N GLU A 168 28.01 -7.49 -2.25
CA GLU A 168 28.97 -6.65 -1.56
C GLU A 168 29.78 -7.45 -0.55
N ARG A 169 29.53 -8.75 -0.52
CA ARG A 169 30.32 -9.65 0.29
C ARG A 169 31.74 -9.67 -0.26
N LEU A 170 31.86 -9.65 -1.57
CA LEU A 170 33.14 -9.60 -2.24
C LEU A 170 33.36 -8.19 -2.82
N GLU A 171 32.36 -7.68 -3.52
CA GLU A 171 32.47 -6.38 -4.17
C GLU A 171 32.04 -5.25 -3.24
N HIS A 172 33.01 -4.71 -2.52
CA HIS A 172 32.78 -3.64 -1.56
C HIS A 172 34.13 -3.03 -1.18
N HIS A 173 35.10 -3.18 -2.07
CA HIS A 173 36.45 -2.74 -1.81
C HIS A 173 37.01 -1.97 -3.00
N HIS A 174 36.13 -1.28 -3.72
CA HIS A 174 36.55 -0.48 -4.86
C HIS A 174 37.43 0.68 -4.39
N HIS A 175 37.18 1.13 -3.17
CA HIS A 175 38.01 2.15 -2.54
C HIS A 175 38.75 1.57 -1.35
N HIS A 176 39.88 2.15 -1.03
CA HIS A 176 40.67 1.72 0.11
C HIS A 176 40.14 2.36 1.38
N HIS A 177 39.70 1.54 2.32
CA HIS A 177 39.11 2.04 3.56
C HIS A 177 40.09 1.88 4.71
N LEU A 178 40.65 3.01 5.15
CA LEU A 178 41.60 3.05 6.25
C LEU A 178 42.87 2.25 5.93
N GLU A 179 43.75 2.12 6.91
CA GLU A 179 44.99 1.39 6.72
C GLU A 179 44.86 -0.03 7.22
N HIS A 180 43.73 -0.31 7.86
CA HIS A 180 43.44 -1.64 8.38
C HIS A 180 42.67 -2.44 7.35
N HIS A 181 43.32 -3.43 6.77
CA HIS A 181 42.72 -4.24 5.72
C HIS A 181 41.79 -5.30 6.32
N HIS A 182 42.34 -6.05 7.28
CA HIS A 182 41.60 -7.11 7.96
C HIS A 182 41.25 -8.22 6.98
N HIS A 183 42.17 -9.17 6.81
CA HIS A 183 41.96 -10.27 5.90
C HIS A 183 41.75 -11.56 6.67
N HIS A 184 40.50 -11.89 6.96
CA HIS A 184 40.17 -13.07 7.73
C HIS A 184 39.34 -14.04 6.88
N HIS A 185 38.80 -13.53 5.78
CA HIS A 185 38.00 -14.34 4.88
C HIS A 185 38.78 -14.63 3.61
N GLY B 2 -9.55 19.32 10.50
CA GLY B 2 -9.42 19.19 9.06
C GLY B 2 -8.61 17.97 8.67
N CYS B 3 -7.30 18.13 8.61
CA CYS B 3 -6.36 17.04 8.33
C CYS B 3 -6.69 16.35 7.01
N VAL B 4 -6.38 15.05 6.96
CA VAL B 4 -6.65 14.17 5.82
C VAL B 4 -6.41 14.83 4.47
N GLY B 5 -7.43 15.49 3.91
CA GLY B 5 -7.22 16.41 2.78
C GLY B 5 -5.88 17.15 2.82
N ARG B 6 -5.39 17.47 4.03
CA ARG B 6 -4.10 18.13 4.20
C ARG B 6 -3.03 17.20 4.77
N ALA B 7 -3.43 16.31 5.68
CA ALA B 7 -2.47 15.58 6.50
C ALA B 7 -1.70 14.53 5.72
N LEU B 8 -2.40 13.54 5.16
CA LEU B 8 -1.74 12.46 4.43
C LEU B 8 -1.00 13.04 3.25
N ALA B 9 -1.66 13.98 2.58
CA ALA B 9 -1.07 14.83 1.56
C ALA B 9 0.36 15.22 1.91
N ALA B 10 0.49 15.85 3.07
CA ALA B 10 1.74 16.42 3.53
C ALA B 10 2.74 15.36 3.96
N PHE B 11 2.23 14.35 4.69
CA PHE B 11 3.08 13.30 5.23
C PHE B 11 3.59 12.38 4.12
N GLY B 12 2.90 12.37 2.99
CA GLY B 12 3.30 11.53 1.88
C GLY B 12 4.51 12.07 1.14
N ASP B 13 4.73 13.36 1.25
CA ASP B 13 5.87 14.02 0.61
C ASP B 13 7.20 13.47 1.14
N CYS B 14 7.14 12.83 2.31
CA CYS B 14 8.34 12.37 2.99
C CYS B 14 8.74 10.99 2.52
N ILE B 15 7.83 10.31 1.83
CA ILE B 15 8.09 8.95 1.36
C ILE B 15 9.02 8.99 0.14
N ASN B 16 8.49 9.46 -0.97
CA ASN B 16 9.28 9.62 -2.19
C ASN B 16 9.18 11.07 -2.68
N ARG B 17 10.18 11.86 -2.30
CA ARG B 17 10.22 13.25 -2.73
C ARG B 17 11.02 13.38 -4.03
N MET A 1 0.92 -6.48 -14.84
CA MET A 1 -0.52 -6.86 -14.88
C MET A 1 -1.38 -5.62 -14.66
N SER A 2 -2.68 -5.82 -14.44
CA SER A 2 -3.59 -4.71 -14.25
C SER A 2 -4.50 -4.93 -13.05
N GLN A 3 -4.71 -6.18 -12.68
CA GLN A 3 -5.56 -6.50 -11.54
C GLN A 3 -4.71 -6.81 -10.30
N SER A 4 -3.40 -6.72 -10.46
CA SER A 4 -2.47 -7.00 -9.37
C SER A 4 -2.51 -5.90 -8.31
N ASN A 5 -3.15 -4.78 -8.65
CA ASN A 5 -3.35 -3.68 -7.71
C ASN A 5 -4.26 -4.09 -6.56
N ARG A 6 -5.11 -5.08 -6.82
CA ARG A 6 -5.98 -5.64 -5.79
C ARG A 6 -5.16 -6.12 -4.60
N GLU A 7 -4.14 -6.91 -4.89
CA GLU A 7 -3.30 -7.51 -3.87
C GLU A 7 -2.64 -6.44 -3.01
N LEU A 8 -2.04 -5.47 -3.69
CA LEU A 8 -1.42 -4.32 -3.06
C LEU A 8 -2.33 -3.70 -2.00
N VAL A 9 -3.62 -3.64 -2.32
CA VAL A 9 -4.61 -3.14 -1.38
C VAL A 9 -4.85 -4.15 -0.27
N VAL A 10 -5.34 -5.31 -0.67
CA VAL A 10 -5.71 -6.38 0.26
C VAL A 10 -4.62 -6.69 1.28
N ASP A 11 -3.40 -6.87 0.80
CA ASP A 11 -2.28 -7.26 1.67
C ASP A 11 -2.14 -6.29 2.84
N PHE A 12 -2.39 -5.02 2.58
CA PHE A 12 -2.25 -4.02 3.62
C PHE A 12 -3.45 -4.03 4.54
N LEU A 13 -4.67 -4.12 3.99
CA LEU A 13 -5.86 -4.18 4.81
C LEU A 13 -5.78 -5.38 5.75
N SER A 14 -5.33 -6.51 5.20
CA SER A 14 -5.15 -7.73 5.98
C SER A 14 -4.17 -7.49 7.13
N TYR A 15 -3.07 -6.83 6.83
CA TYR A 15 -2.04 -6.57 7.83
C TYR A 15 -2.53 -5.57 8.88
N LYS A 16 -3.43 -4.68 8.48
CA LYS A 16 -3.99 -3.70 9.41
C LYS A 16 -4.97 -4.35 10.35
N LEU A 17 -5.67 -5.36 9.88
CA LEU A 17 -6.57 -6.11 10.76
C LEU A 17 -5.74 -6.90 11.77
N SER A 18 -4.53 -7.26 11.37
CA SER A 18 -3.62 -8.02 12.22
C SER A 18 -3.24 -7.26 13.50
N GLN A 19 -3.10 -5.94 13.41
CA GLN A 19 -2.74 -5.14 14.60
C GLN A 19 -3.96 -4.89 15.48
N LYS A 20 -5.09 -5.43 15.06
CA LYS A 20 -6.33 -5.30 15.81
C LYS A 20 -6.73 -6.68 16.31
N GLY A 21 -6.32 -7.67 15.55
CA GLY A 21 -6.60 -9.04 15.91
C GLY A 21 -7.73 -9.60 15.09
N TYR A 22 -7.98 -8.98 13.95
CA TYR A 22 -9.02 -9.41 13.04
C TYR A 22 -8.41 -9.99 11.78
N SER A 23 -9.22 -10.65 10.99
CA SER A 23 -8.75 -11.23 9.75
C SER A 23 -9.35 -10.51 8.55
N TRP A 24 -8.60 -10.48 7.47
CA TRP A 24 -9.08 -9.96 6.20
C TRP A 24 -10.22 -10.83 5.67
N SER A 25 -9.98 -12.13 5.62
CA SER A 25 -10.92 -13.05 4.98
C SER A 25 -12.20 -13.20 5.80
N GLN A 26 -12.13 -12.94 7.10
CA GLN A 26 -13.32 -13.01 7.96
C GLN A 26 -14.40 -12.05 7.45
N PHE A 27 -13.96 -10.94 6.87
CA PHE A 27 -14.88 -9.89 6.48
C PHE A 27 -14.91 -9.71 4.96
N SER A 28 -13.91 -10.24 4.28
CA SER A 28 -13.79 -10.05 2.84
C SER A 28 -14.28 -11.24 2.04
N ASP A 29 -14.73 -10.94 0.84
CA ASP A 29 -15.29 -11.92 -0.07
C ASP A 29 -14.60 -11.82 -1.43
N VAL A 30 -13.80 -10.78 -1.55
CA VAL A 30 -13.20 -10.34 -2.80
C VAL A 30 -12.49 -11.47 -3.56
N GLU A 31 -11.35 -11.88 -3.07
CA GLU A 31 -10.64 -13.03 -3.63
C GLU A 31 -10.88 -14.26 -2.77
N GLU A 32 -11.71 -14.11 -1.74
CA GLU A 32 -12.06 -15.20 -0.86
C GLU A 32 -12.69 -16.36 -1.62
N ASN A 33 -13.73 -16.04 -2.37
CA ASN A 33 -14.52 -17.07 -3.04
C ASN A 33 -13.93 -17.43 -4.40
N ARG A 34 -13.82 -16.45 -5.28
CA ARG A 34 -13.18 -16.67 -6.57
C ARG A 34 -11.74 -16.18 -6.52
N THR A 35 -10.87 -16.93 -7.15
CA THR A 35 -9.46 -16.58 -7.18
C THR A 35 -9.00 -16.30 -8.59
N GLU A 36 -8.95 -15.04 -8.92
CA GLU A 36 -8.60 -14.58 -10.25
C GLU A 36 -7.11 -14.29 -10.34
N ALA A 37 -6.73 -13.22 -9.71
CA ALA A 37 -5.36 -12.76 -9.64
C ALA A 37 -4.46 -13.75 -8.90
N PRO A 38 -3.15 -13.61 -9.10
CA PRO A 38 -2.11 -14.41 -8.44
C PRO A 38 -2.07 -14.20 -6.93
N GLU A 39 -1.13 -14.87 -6.28
CA GLU A 39 -0.81 -14.60 -4.89
C GLU A 39 0.24 -13.50 -4.85
N GLY A 40 0.71 -13.11 -6.02
CA GLY A 40 1.73 -12.09 -6.14
C GLY A 40 2.50 -12.22 -7.43
N THR A 41 1.85 -11.86 -8.55
CA THR A 41 2.49 -12.01 -9.86
C THR A 41 3.77 -11.15 -9.93
N GLU A 42 3.58 -9.85 -10.04
CA GLU A 42 4.62 -8.85 -9.79
C GLU A 42 4.49 -8.37 -8.36
N SER A 43 3.24 -8.44 -7.93
CA SER A 43 2.75 -7.81 -6.73
C SER A 43 3.38 -8.33 -5.46
N GLU A 44 3.85 -9.56 -5.49
CA GLU A 44 4.47 -10.15 -4.30
C GLU A 44 5.61 -9.27 -3.81
N ALA A 45 6.42 -8.77 -4.73
CA ALA A 45 7.49 -7.85 -4.37
C ALA A 45 6.94 -6.45 -4.16
N VAL A 46 5.96 -6.07 -4.97
CA VAL A 46 5.32 -4.78 -4.89
C VAL A 46 4.71 -4.55 -3.52
N LYS A 47 3.76 -5.40 -3.15
CA LYS A 47 3.06 -5.28 -1.89
C LYS A 47 4.06 -5.36 -0.73
N GLN A 48 5.10 -6.17 -0.94
CA GLN A 48 6.14 -6.33 0.07
C GLN A 48 6.92 -5.04 0.25
N ALA A 49 7.06 -4.29 -0.83
CA ALA A 49 7.73 -3.00 -0.77
C ALA A 49 6.77 -1.92 -0.30
N LEU A 50 5.52 -2.07 -0.70
CA LEU A 50 4.49 -1.10 -0.38
C LEU A 50 4.25 -1.01 1.12
N ARG A 51 4.45 -2.11 1.84
CA ARG A 51 4.21 -2.12 3.27
C ARG A 51 5.40 -1.48 3.97
N GLU A 52 6.55 -1.64 3.35
CA GLU A 52 7.79 -1.05 3.83
C GLU A 52 7.74 0.46 3.68
N ALA A 53 7.32 0.91 2.50
CA ALA A 53 7.12 2.33 2.25
C ALA A 53 5.93 2.84 3.06
N GLY A 54 4.93 1.99 3.20
CA GLY A 54 3.75 2.32 3.98
C GLY A 54 4.08 2.62 5.42
N ASP A 55 4.93 1.78 6.00
CA ASP A 55 5.34 1.94 7.40
C ASP A 55 5.92 3.32 7.63
N GLU A 56 6.69 3.79 6.66
CA GLU A 56 7.31 5.12 6.69
C GLU A 56 6.26 6.22 6.65
N PHE A 57 5.12 5.93 6.07
CA PHE A 57 4.02 6.88 6.05
C PHE A 57 3.22 6.83 7.35
N GLU A 58 3.13 5.63 7.94
CA GLU A 58 2.15 5.38 9.01
C GLU A 58 2.49 6.11 10.29
N LEU A 59 3.72 5.92 10.75
CA LEU A 59 4.17 6.52 12.01
C LEU A 59 3.90 8.02 12.02
N ARG A 60 4.04 8.63 10.84
CA ARG A 60 3.85 10.06 10.68
C ARG A 60 2.42 10.50 11.04
N TYR A 61 1.44 9.94 10.35
CA TYR A 61 0.04 10.38 10.50
C TYR A 61 -0.70 9.59 11.58
N ARG A 62 -0.06 8.56 12.10
CA ARG A 62 -0.72 7.60 13.01
C ARG A 62 -1.20 8.29 14.29
N ARG A 63 -0.49 9.32 14.73
CA ARG A 63 -0.87 10.05 15.93
C ARG A 63 -2.21 10.75 15.71
N ALA A 64 -2.39 11.30 14.52
CA ALA A 64 -3.64 11.95 14.15
C ALA A 64 -4.70 10.90 13.80
N PHE A 65 -4.29 9.86 13.08
CA PHE A 65 -5.21 8.83 12.57
C PHE A 65 -6.24 8.38 13.61
N SER A 66 -5.80 8.10 14.82
CA SER A 66 -6.68 7.63 15.87
C SER A 66 -7.78 8.66 16.19
N ASP A 67 -7.42 9.94 16.14
CA ASP A 67 -8.36 11.01 16.41
C ASP A 67 -9.12 11.41 15.15
N LEU A 68 -8.46 11.22 14.02
CA LEU A 68 -9.00 11.59 12.71
C LEU A 68 -10.29 10.87 12.39
N THR A 69 -10.60 9.79 13.11
CA THR A 69 -11.83 9.05 12.86
C THR A 69 -13.06 9.92 13.01
N SER A 70 -12.95 10.95 13.83
CA SER A 70 -14.00 11.93 13.99
C SER A 70 -14.07 12.80 12.74
N GLN A 71 -12.90 13.03 12.15
CA GLN A 71 -12.79 13.84 10.94
C GLN A 71 -13.24 13.03 9.73
N LEU A 72 -12.89 11.74 9.72
CA LEU A 72 -13.40 10.83 8.70
C LEU A 72 -14.89 10.65 8.84
N HIS A 73 -15.38 10.71 10.07
CA HIS A 73 -16.78 10.40 10.36
C HIS A 73 -17.02 8.94 10.00
N ILE A 74 -16.02 8.12 10.36
CA ILE A 74 -16.00 6.68 10.09
C ILE A 74 -17.33 6.01 10.44
N THR A 75 -17.99 5.51 9.41
CA THR A 75 -19.36 5.06 9.50
C THR A 75 -19.63 4.10 8.32
N PRO A 76 -20.89 3.62 8.12
CA PRO A 76 -21.36 2.97 6.89
C PRO A 76 -20.67 3.43 5.59
N GLY A 77 -20.89 2.65 4.54
CA GLY A 77 -20.20 2.77 3.25
C GLY A 77 -19.72 4.16 2.85
N THR A 78 -20.47 5.19 3.23
CA THR A 78 -20.12 6.56 2.90
C THR A 78 -18.79 7.00 3.51
N ALA A 79 -18.09 6.08 4.16
CA ALA A 79 -16.75 6.33 4.65
C ALA A 79 -15.79 6.43 3.47
N TYR A 80 -16.25 6.01 2.29
CA TYR A 80 -15.48 6.16 1.07
C TYR A 80 -15.52 7.60 0.61
N GLN A 81 -16.49 8.34 1.12
CA GLN A 81 -16.56 9.78 0.89
C GLN A 81 -15.56 10.47 1.80
N SER A 82 -15.36 9.88 2.95
CA SER A 82 -14.40 10.33 3.92
C SER A 82 -12.99 10.09 3.39
N PHE A 83 -12.75 8.85 2.97
CA PHE A 83 -11.49 8.46 2.36
C PHE A 83 -11.33 9.11 0.98
N GLU A 84 -12.44 9.57 0.43
CA GLU A 84 -12.45 10.26 -0.86
C GLU A 84 -11.67 11.55 -0.78
N GLN A 85 -11.99 12.32 0.25
CA GLN A 85 -11.31 13.57 0.56
C GLN A 85 -9.81 13.39 0.48
N VAL A 86 -9.39 12.21 0.89
CA VAL A 86 -7.99 11.88 0.97
C VAL A 86 -7.46 11.47 -0.39
N VAL A 87 -8.08 10.49 -1.00
CA VAL A 87 -7.61 10.01 -2.30
C VAL A 87 -7.61 11.17 -3.30
N ASN A 88 -8.47 12.13 -3.03
CA ASN A 88 -8.57 13.36 -3.80
C ASN A 88 -7.34 14.24 -3.61
N GLU A 89 -6.84 14.32 -2.39
CA GLU A 89 -5.67 15.12 -2.11
C GLU A 89 -4.42 14.36 -2.51
N LEU A 90 -4.51 13.06 -2.35
CA LEU A 90 -3.36 12.20 -2.44
C LEU A 90 -2.82 12.13 -3.87
N PHE A 91 -3.65 12.43 -4.85
CA PHE A 91 -3.22 12.39 -6.24
C PHE A 91 -3.10 13.79 -6.83
N ARG A 92 -3.84 14.74 -6.28
CA ARG A 92 -3.94 16.07 -6.87
C ARG A 92 -2.62 16.83 -6.79
N ASP A 93 -1.81 16.48 -5.81
CA ASP A 93 -0.62 17.26 -5.48
C ASP A 93 0.64 16.67 -6.12
N GLY A 94 0.50 15.56 -6.84
CA GLY A 94 1.67 14.93 -7.39
C GLY A 94 1.77 13.46 -7.10
N VAL A 95 0.88 12.65 -7.66
CA VAL A 95 0.88 11.23 -7.38
C VAL A 95 2.09 10.56 -8.00
N ASN A 96 3.06 10.34 -7.14
CA ASN A 96 4.24 9.55 -7.47
C ASN A 96 4.19 8.26 -6.70
N TRP A 97 5.28 7.50 -6.74
CA TRP A 97 5.38 6.23 -6.02
C TRP A 97 4.88 6.37 -4.58
N GLY A 98 5.43 7.36 -3.89
CA GLY A 98 5.13 7.56 -2.48
C GLY A 98 3.68 7.94 -2.19
N ARG A 99 3.02 8.59 -3.14
CA ARG A 99 1.65 9.07 -2.93
C ARG A 99 0.66 7.92 -2.89
N ILE A 100 0.89 6.94 -3.75
CA ILE A 100 0.03 5.78 -3.83
C ILE A 100 0.19 4.90 -2.59
N VAL A 101 1.39 4.89 -2.06
CA VAL A 101 1.66 4.27 -0.77
C VAL A 101 0.75 4.89 0.29
N ALA A 102 0.82 6.22 0.40
CA ALA A 102 -0.04 6.95 1.34
C ALA A 102 -1.51 6.55 1.17
N PHE A 103 -1.94 6.54 -0.09
CA PHE A 103 -3.29 6.17 -0.45
C PHE A 103 -3.69 4.80 0.09
N PHE A 104 -2.88 3.78 -0.20
CA PHE A 104 -3.23 2.42 0.19
C PHE A 104 -2.99 2.20 1.69
N SER A 105 -2.14 3.04 2.27
CA SER A 105 -1.85 2.97 3.70
C SER A 105 -3.06 3.44 4.50
N PHE A 106 -3.54 4.64 4.20
CA PHE A 106 -4.71 5.18 4.89
C PHE A 106 -5.94 4.33 4.59
N GLY A 107 -5.90 3.67 3.43
CA GLY A 107 -6.99 2.79 3.04
C GLY A 107 -7.05 1.53 3.87
N GLY A 108 -5.90 0.89 4.07
CA GLY A 108 -5.86 -0.28 4.94
C GLY A 108 -6.28 0.09 6.35
N ALA A 109 -5.95 1.31 6.74
CA ALA A 109 -6.34 1.84 8.03
C ALA A 109 -7.84 2.15 8.08
N LEU A 110 -8.39 2.50 6.92
CA LEU A 110 -9.81 2.82 6.79
C LEU A 110 -10.62 1.59 7.15
N CYS A 111 -10.14 0.46 6.63
CA CYS A 111 -10.67 -0.85 6.95
C CYS A 111 -10.81 -1.04 8.45
N VAL A 112 -9.71 -0.81 9.16
CA VAL A 112 -9.68 -1.03 10.59
C VAL A 112 -10.66 -0.14 11.33
N GLU A 113 -10.70 1.15 10.97
CA GLU A 113 -11.61 2.07 11.63
C GLU A 113 -13.04 1.65 11.43
N SER A 114 -13.31 0.92 10.36
CA SER A 114 -14.62 0.37 10.14
C SER A 114 -14.83 -0.79 11.10
N VAL A 115 -13.77 -1.55 11.30
CA VAL A 115 -13.80 -2.71 12.16
C VAL A 115 -13.97 -2.28 13.60
N ASP A 116 -13.33 -1.17 13.90
CA ASP A 116 -13.30 -0.59 15.22
C ASP A 116 -14.71 -0.32 15.73
N LYS A 117 -15.50 0.35 14.92
CA LYS A 117 -16.86 0.70 15.31
C LYS A 117 -17.82 -0.45 14.99
N GLU A 118 -17.23 -1.62 14.76
CA GLU A 118 -17.99 -2.85 14.47
C GLU A 118 -18.74 -2.73 13.15
N MET A 119 -18.02 -2.29 12.14
CA MET A 119 -18.57 -2.10 10.81
C MET A 119 -17.66 -2.82 9.83
N GLN A 120 -17.26 -4.02 10.21
CA GLN A 120 -16.32 -4.83 9.45
C GLN A 120 -16.82 -5.20 8.05
N VAL A 121 -18.07 -4.89 7.75
CA VAL A 121 -18.58 -5.08 6.40
C VAL A 121 -17.90 -4.14 5.40
N LEU A 122 -17.38 -3.01 5.90
CA LEU A 122 -16.70 -2.04 5.06
C LEU A 122 -15.35 -2.59 4.62
N VAL A 123 -14.79 -3.47 5.43
CA VAL A 123 -13.49 -4.07 5.14
C VAL A 123 -13.38 -4.55 3.70
N SER A 124 -14.32 -5.36 3.25
CA SER A 124 -14.28 -5.91 1.91
C SER A 124 -14.66 -4.85 0.88
N ARG A 125 -15.45 -3.87 1.32
CA ARG A 125 -15.88 -2.80 0.44
C ARG A 125 -14.71 -1.87 0.13
N ILE A 126 -14.06 -1.39 1.19
CA ILE A 126 -12.94 -0.48 1.06
C ILE A 126 -11.85 -1.05 0.15
N ALA A 127 -11.45 -2.30 0.40
CA ALA A 127 -10.41 -2.92 -0.42
C ALA A 127 -10.83 -2.95 -1.88
N ALA A 128 -12.11 -3.16 -2.12
CA ALA A 128 -12.68 -3.11 -3.47
C ALA A 128 -12.49 -1.73 -4.06
N TRP A 129 -13.02 -0.75 -3.33
CA TRP A 129 -12.98 0.63 -3.73
C TRP A 129 -11.54 1.10 -3.95
N MET A 130 -10.66 0.75 -3.01
CA MET A 130 -9.26 1.15 -3.05
C MET A 130 -8.58 0.64 -4.31
N ALA A 131 -8.67 -0.67 -4.53
CA ALA A 131 -8.05 -1.27 -5.68
C ALA A 131 -8.65 -0.70 -6.97
N THR A 132 -9.94 -0.39 -6.91
CA THR A 132 -10.61 0.24 -8.03
C THR A 132 -10.06 1.65 -8.27
N TYR A 133 -9.97 2.43 -7.21
CA TYR A 133 -9.40 3.77 -7.29
C TYR A 133 -8.00 3.71 -7.91
N LEU A 134 -7.21 2.73 -7.48
CA LEU A 134 -5.91 2.49 -8.09
C LEU A 134 -6.11 2.14 -9.55
N ASN A 135 -7.00 1.19 -9.82
CA ASN A 135 -7.30 0.76 -11.20
C ASN A 135 -7.62 1.94 -12.11
N ASP A 136 -8.60 2.73 -11.74
CA ASP A 136 -9.11 3.77 -12.62
C ASP A 136 -8.20 5.00 -12.64
N HIS A 137 -7.82 5.46 -11.47
CA HIS A 137 -7.12 6.72 -11.32
C HIS A 137 -5.60 6.56 -11.39
N LEU A 138 -5.09 5.65 -10.58
CA LEU A 138 -3.67 5.57 -10.29
C LEU A 138 -2.87 4.77 -11.29
N GLU A 139 -3.40 3.63 -11.70
CA GLU A 139 -2.68 2.67 -12.56
C GLU A 139 -1.92 3.37 -13.71
N PRO A 140 -2.58 4.24 -14.52
CA PRO A 140 -1.90 4.98 -15.59
C PRO A 140 -0.70 5.77 -15.05
N TRP A 141 -0.94 6.47 -13.94
CA TRP A 141 0.10 7.27 -13.29
C TRP A 141 1.26 6.38 -12.84
N ILE A 142 0.93 5.22 -12.30
CA ILE A 142 1.94 4.23 -11.93
C ILE A 142 2.84 3.91 -13.12
N GLN A 143 2.21 3.65 -14.25
CA GLN A 143 2.92 3.34 -15.48
C GLN A 143 3.88 4.46 -15.87
N GLU A 144 3.48 5.70 -15.56
CA GLU A 144 4.31 6.87 -15.84
C GLU A 144 5.59 6.84 -15.00
N ASN A 145 5.52 6.12 -13.90
CA ASN A 145 6.60 6.07 -12.93
C ASN A 145 7.38 4.79 -13.10
N GLY A 146 6.97 4.02 -14.10
CA GLY A 146 7.65 2.80 -14.43
C GLY A 146 6.78 1.58 -14.22
N GLY A 147 6.08 1.55 -13.09
CA GLY A 147 5.23 0.41 -12.78
C GLY A 147 5.33 0.03 -11.32
N TRP A 148 4.53 -0.95 -10.92
CA TRP A 148 4.51 -1.40 -9.53
C TRP A 148 5.81 -2.11 -9.18
N ASP A 149 6.29 -2.96 -10.08
CA ASP A 149 7.52 -3.70 -9.87
C ASP A 149 8.69 -2.72 -9.76
N THR A 150 8.66 -1.70 -10.61
CA THR A 150 9.68 -0.66 -10.60
C THR A 150 9.78 -0.01 -9.22
N PHE A 151 8.64 0.14 -8.55
CA PHE A 151 8.62 0.75 -7.23
C PHE A 151 9.48 -0.06 -6.27
N VAL A 152 9.36 -1.38 -6.33
CA VAL A 152 10.13 -2.26 -5.47
C VAL A 152 11.59 -2.30 -5.92
N GLU A 153 11.82 -2.00 -7.19
CA GLU A 153 13.17 -1.87 -7.69
C GLU A 153 13.86 -0.68 -7.02
N LEU A 154 13.06 0.27 -6.54
CA LEU A 154 13.58 1.44 -5.84
C LEU A 154 13.48 1.23 -4.32
N TYR A 155 12.28 0.91 -3.85
CA TYR A 155 11.97 0.88 -2.43
C TYR A 155 11.51 -0.50 -1.98
N GLY A 156 11.96 -1.52 -2.70
CA GLY A 156 11.56 -2.88 -2.41
C GLY A 156 11.87 -3.31 -1.00
N ASN A 157 11.17 -4.35 -0.60
CA ASN A 157 11.26 -4.92 0.73
C ASN A 157 12.70 -5.11 1.20
N ASN A 158 13.02 -4.51 2.34
CA ASN A 158 14.41 -4.50 2.82
C ASN A 158 14.85 -5.86 3.31
N ALA A 159 13.92 -6.69 3.79
CA ALA A 159 14.26 -8.05 4.19
C ALA A 159 14.81 -8.82 3.00
N ALA A 160 14.18 -8.62 1.85
CA ALA A 160 14.66 -9.21 0.61
C ALA A 160 15.91 -8.47 0.13
N ALA A 161 15.93 -7.16 0.34
CA ALA A 161 17.07 -6.32 -0.04
C ALA A 161 18.36 -6.78 0.63
N GLU A 162 18.39 -6.75 1.96
CA GLU A 162 19.54 -7.23 2.73
C GLU A 162 19.88 -8.66 2.39
N SER A 163 18.87 -9.45 2.05
CA SER A 163 19.08 -10.84 1.68
C SER A 163 19.85 -10.92 0.36
N ARG A 164 19.43 -10.12 -0.61
CA ARG A 164 20.09 -10.07 -1.91
C ARG A 164 21.40 -9.32 -1.81
N LYS A 165 21.55 -8.60 -0.71
CA LYS A 165 22.78 -7.90 -0.39
C LYS A 165 23.80 -8.87 0.15
N GLY A 166 23.40 -9.60 1.19
CA GLY A 166 24.31 -10.46 1.91
C GLY A 166 24.82 -11.63 1.08
N GLN A 167 24.05 -12.05 0.10
CA GLN A 167 24.46 -13.15 -0.76
C GLN A 167 25.66 -12.76 -1.62
N GLU A 168 25.90 -11.46 -1.72
CA GLU A 168 27.06 -10.96 -2.45
C GLU A 168 28.30 -11.01 -1.58
N ARG A 169 28.13 -11.44 -0.34
CA ARG A 169 29.26 -11.67 0.55
C ARG A 169 29.81 -13.06 0.27
N LEU A 170 28.91 -13.96 -0.09
CA LEU A 170 29.29 -15.30 -0.48
C LEU A 170 29.81 -15.27 -1.91
N GLU A 171 29.04 -14.60 -2.77
CA GLU A 171 29.42 -14.37 -4.17
C GLU A 171 29.69 -15.69 -4.91
N HIS A 172 28.64 -16.22 -5.53
CA HIS A 172 28.77 -17.46 -6.29
C HIS A 172 29.32 -17.16 -7.67
N HIS A 173 29.36 -15.88 -8.01
CA HIS A 173 29.98 -15.41 -9.25
C HIS A 173 30.20 -13.92 -9.14
N HIS A 174 31.33 -13.43 -9.64
CA HIS A 174 31.71 -12.03 -9.51
C HIS A 174 30.65 -11.10 -10.11
N HIS A 175 30.32 -11.33 -11.36
CA HIS A 175 29.36 -10.48 -12.06
C HIS A 175 27.94 -10.99 -11.91
N HIS A 176 26.99 -10.18 -12.34
CA HIS A 176 25.58 -10.53 -12.30
C HIS A 176 25.32 -11.87 -12.97
N HIS A 177 24.41 -12.64 -12.43
CA HIS A 177 24.10 -13.96 -12.93
C HIS A 177 22.61 -14.26 -12.78
N LEU A 178 22.21 -15.46 -13.13
CA LEU A 178 20.80 -15.81 -13.22
C LEU A 178 20.13 -15.77 -11.84
N GLU A 179 20.76 -16.41 -10.85
CA GLU A 179 20.25 -16.42 -9.48
C GLU A 179 18.88 -17.09 -9.38
N HIS A 180 18.56 -17.90 -10.39
CA HIS A 180 17.26 -18.54 -10.48
C HIS A 180 16.14 -17.51 -10.48
N HIS A 181 16.39 -16.37 -11.14
CA HIS A 181 15.40 -15.32 -11.27
C HIS A 181 14.26 -15.80 -12.17
N HIS A 182 14.57 -16.76 -13.03
CA HIS A 182 13.56 -17.44 -13.82
C HIS A 182 13.27 -18.79 -13.20
N HIS A 183 12.24 -18.85 -12.39
CA HIS A 183 11.90 -20.07 -11.68
C HIS A 183 11.25 -21.07 -12.63
N HIS A 184 10.47 -20.56 -13.59
CA HIS A 184 9.84 -21.43 -14.57
C HIS A 184 10.34 -21.08 -15.97
N HIS A 185 10.40 -22.09 -16.82
CA HIS A 185 10.91 -21.90 -18.17
C HIS A 185 9.76 -21.58 -19.13
N GLY B 2 -10.55 21.40 6.28
CA GLY B 2 -9.52 21.95 7.13
C GLY B 2 -8.33 21.02 7.25
N CYS B 3 -8.61 19.75 7.43
CA CYS B 3 -7.57 18.74 7.54
C CYS B 3 -7.64 17.80 6.34
N VAL B 4 -7.28 16.53 6.56
CA VAL B 4 -7.48 15.47 5.59
C VAL B 4 -6.90 15.80 4.21
N GLY B 5 -7.73 16.22 3.25
CA GLY B 5 -7.22 16.82 2.02
C GLY B 5 -6.11 17.87 2.24
N ARG B 6 -6.02 18.43 3.43
CA ARG B 6 -4.94 19.33 3.79
C ARG B 6 -3.83 18.63 4.58
N ALA B 7 -4.19 17.57 5.29
CA ALA B 7 -3.27 16.97 6.25
C ALA B 7 -2.45 15.85 5.64
N LEU B 8 -3.11 14.77 5.23
CA LEU B 8 -2.42 13.59 4.69
C LEU B 8 -1.77 13.97 3.38
N ALA B 9 -2.47 14.81 2.64
CA ALA B 9 -1.90 15.53 1.52
C ALA B 9 -0.50 16.05 1.83
N ALA B 10 -0.42 16.86 2.88
CA ALA B 10 0.81 17.53 3.26
C ALA B 10 1.81 16.55 3.86
N PHE B 11 1.32 15.64 4.68
CA PHE B 11 2.17 14.62 5.29
C PHE B 11 2.69 13.65 4.23
N GLY B 12 1.95 13.55 3.13
CA GLY B 12 2.34 12.70 2.03
C GLY B 12 3.39 13.33 1.15
N ASP B 13 3.74 14.58 1.44
CA ASP B 13 4.80 15.26 0.73
C ASP B 13 6.16 14.74 1.20
N CYS B 14 6.16 14.16 2.40
CA CYS B 14 7.40 13.74 3.05
C CYS B 14 7.90 12.39 2.52
N ILE B 15 7.29 11.88 1.45
CA ILE B 15 7.77 10.65 0.84
C ILE B 15 8.84 10.95 -0.20
N ASN B 16 9.20 12.22 -0.31
CA ASN B 16 10.23 12.65 -1.25
C ASN B 16 11.55 12.84 -0.52
N ARG B 17 12.65 12.70 -1.23
CA ARG B 17 13.97 12.86 -0.65
C ARG B 17 14.58 14.20 -1.07
N MET A 1 -0.21 -7.57 -15.31
CA MET A 1 0.07 -7.06 -13.94
C MET A 1 -0.91 -5.96 -13.57
N SER A 2 -1.94 -5.75 -14.39
CA SER A 2 -2.87 -4.65 -14.18
C SER A 2 -3.78 -4.91 -12.99
N GLN A 3 -4.52 -6.02 -13.01
CA GLN A 3 -5.53 -6.29 -11.99
C GLN A 3 -4.88 -6.69 -10.65
N SER A 4 -3.55 -6.71 -10.62
CA SER A 4 -2.81 -7.00 -9.39
C SER A 4 -2.95 -5.85 -8.40
N ASN A 5 -3.41 -4.69 -8.89
CA ASN A 5 -3.65 -3.53 -8.03
C ASN A 5 -4.64 -3.87 -6.91
N ARG A 6 -5.41 -4.93 -7.12
CA ARG A 6 -6.30 -5.44 -6.10
C ARG A 6 -5.52 -5.84 -4.86
N GLU A 7 -4.56 -6.72 -5.06
CA GLU A 7 -3.74 -7.24 -3.99
C GLU A 7 -3.04 -6.12 -3.25
N LEU A 8 -2.44 -5.24 -4.03
CA LEU A 8 -1.74 -4.08 -3.51
C LEU A 8 -2.59 -3.32 -2.50
N VAL A 9 -3.91 -3.35 -2.69
CA VAL A 9 -4.82 -2.81 -1.70
C VAL A 9 -5.04 -3.82 -0.58
N VAL A 10 -5.61 -4.95 -0.97
CA VAL A 10 -6.06 -5.98 -0.04
C VAL A 10 -4.98 -6.44 0.93
N ASP A 11 -3.79 -6.72 0.40
CA ASP A 11 -2.69 -7.22 1.21
C ASP A 11 -2.39 -6.27 2.36
N PHE A 12 -2.46 -4.98 2.09
CA PHE A 12 -2.19 -3.99 3.12
C PHE A 12 -3.33 -3.96 4.13
N LEU A 13 -4.57 -4.02 3.65
CA LEU A 13 -5.71 -4.07 4.57
C LEU A 13 -5.61 -5.31 5.45
N SER A 14 -5.22 -6.43 4.85
CA SER A 14 -5.05 -7.69 5.58
C SER A 14 -3.98 -7.53 6.66
N TYR A 15 -2.86 -6.96 6.29
CA TYR A 15 -1.77 -6.71 7.22
C TYR A 15 -2.21 -5.74 8.32
N LYS A 16 -3.13 -4.85 7.98
CA LYS A 16 -3.54 -3.80 8.87
C LYS A 16 -4.56 -4.29 9.88
N LEU A 17 -5.43 -5.22 9.51
CA LEU A 17 -6.37 -5.81 10.47
C LEU A 17 -5.59 -6.54 11.55
N SER A 18 -4.42 -7.00 11.20
CA SER A 18 -3.60 -7.78 12.12
C SER A 18 -3.02 -6.92 13.23
N GLN A 19 -3.03 -5.59 13.05
CA GLN A 19 -2.41 -4.71 14.04
C GLN A 19 -3.32 -4.50 15.25
N LYS A 20 -4.55 -4.91 15.11
CA LYS A 20 -5.53 -4.80 16.17
C LYS A 20 -5.96 -6.17 16.61
N GLY A 21 -5.73 -7.10 15.73
CA GLY A 21 -5.97 -8.49 16.02
C GLY A 21 -7.21 -9.02 15.36
N TYR A 22 -7.56 -8.43 14.22
CA TYR A 22 -8.61 -9.00 13.38
C TYR A 22 -8.03 -9.50 12.06
N SER A 23 -8.83 -10.24 11.31
CA SER A 23 -8.40 -10.79 10.04
C SER A 23 -9.10 -10.11 8.89
N TRP A 24 -8.45 -10.08 7.75
CA TRP A 24 -9.07 -9.60 6.53
C TRP A 24 -10.04 -10.63 5.98
N SER A 25 -9.60 -11.88 5.93
CA SER A 25 -10.37 -12.94 5.29
C SER A 25 -11.66 -13.21 6.05
N GLN A 26 -11.67 -12.91 7.35
CA GLN A 26 -12.87 -13.05 8.16
C GLN A 26 -13.99 -12.12 7.67
N PHE A 27 -13.58 -10.99 7.12
CA PHE A 27 -14.53 -9.96 6.73
C PHE A 27 -14.44 -9.63 5.24
N SER A 28 -13.86 -10.52 4.46
CA SER A 28 -13.56 -10.23 3.08
C SER A 28 -14.57 -10.84 2.11
N ASP A 29 -14.29 -10.60 0.85
CA ASP A 29 -15.08 -11.11 -0.27
C ASP A 29 -14.26 -10.94 -1.54
N VAL A 30 -13.36 -9.97 -1.50
CA VAL A 30 -12.53 -9.54 -2.62
C VAL A 30 -11.74 -10.70 -3.25
N GLU A 31 -10.70 -11.18 -2.57
CA GLU A 31 -9.92 -12.30 -3.04
C GLU A 31 -10.53 -13.59 -2.51
N GLU A 32 -11.60 -13.41 -1.76
CA GLU A 32 -12.30 -14.50 -1.13
C GLU A 32 -13.12 -15.27 -2.16
N ASN A 33 -13.93 -14.55 -2.90
CA ASN A 33 -14.80 -15.14 -3.90
C ASN A 33 -14.22 -14.92 -5.29
N ARG A 34 -13.66 -13.74 -5.51
CA ARG A 34 -13.01 -13.42 -6.77
C ARG A 34 -11.53 -13.72 -6.72
N THR A 35 -10.96 -13.90 -7.89
CA THR A 35 -9.52 -14.02 -8.04
C THR A 35 -9.06 -13.24 -9.25
N GLU A 36 -8.65 -12.03 -8.98
CA GLU A 36 -8.21 -11.08 -10.00
C GLU A 36 -6.99 -11.61 -10.76
N ALA A 37 -5.80 -11.29 -10.27
CA ALA A 37 -4.55 -11.76 -10.83
C ALA A 37 -4.03 -12.90 -9.97
N PRO A 38 -2.89 -13.51 -10.35
CA PRO A 38 -2.24 -14.50 -9.49
C PRO A 38 -2.02 -13.93 -8.10
N GLU A 39 -1.98 -14.80 -7.10
CA GLU A 39 -1.92 -14.37 -5.70
C GLU A 39 -0.53 -13.84 -5.33
N GLY A 40 0.25 -13.54 -6.34
CA GLY A 40 1.55 -12.96 -6.13
C GLY A 40 2.42 -13.06 -7.36
N THR A 41 1.99 -12.46 -8.46
CA THR A 41 2.77 -12.50 -9.68
C THR A 41 3.88 -11.45 -9.64
N GLU A 42 3.53 -10.19 -9.80
CA GLU A 42 4.45 -9.08 -9.57
C GLU A 42 4.30 -8.56 -8.15
N SER A 43 3.06 -8.65 -7.67
CA SER A 43 2.64 -8.07 -6.41
C SER A 43 3.44 -8.55 -5.23
N GLU A 44 3.85 -9.80 -5.23
CA GLU A 44 4.52 -10.38 -4.07
C GLU A 44 5.61 -9.46 -3.51
N ALA A 45 6.41 -8.88 -4.38
CA ALA A 45 7.42 -7.92 -3.95
C ALA A 45 6.81 -6.53 -3.79
N VAL A 46 5.87 -6.21 -4.67
CA VAL A 46 5.13 -4.94 -4.61
C VAL A 46 4.46 -4.75 -3.25
N LYS A 47 3.49 -5.60 -2.97
CA LYS A 47 2.71 -5.53 -1.73
C LYS A 47 3.63 -5.62 -0.52
N GLN A 48 4.65 -6.47 -0.64
CA GLN A 48 5.65 -6.59 0.42
C GLN A 48 6.43 -5.29 0.60
N ALA A 49 6.52 -4.50 -0.45
CA ALA A 49 7.20 -3.21 -0.37
C ALA A 49 6.25 -2.15 0.15
N LEU A 50 4.99 -2.32 -0.19
CA LEU A 50 3.95 -1.36 0.16
C LEU A 50 3.72 -1.32 1.66
N ARG A 51 4.09 -2.38 2.37
CA ARG A 51 3.88 -2.45 3.80
C ARG A 51 5.09 -1.87 4.52
N GLU A 52 6.24 -2.10 3.93
CA GLU A 52 7.49 -1.54 4.42
C GLU A 52 7.49 -0.04 4.23
N ALA A 53 7.08 0.38 3.04
CA ALA A 53 6.94 1.79 2.72
C ALA A 53 5.74 2.38 3.46
N GLY A 54 4.71 1.56 3.65
CA GLY A 54 3.53 1.99 4.36
C GLY A 54 3.83 2.34 5.79
N ASP A 55 4.63 1.50 6.44
CA ASP A 55 5.03 1.72 7.82
C ASP A 55 5.72 3.08 7.96
N GLU A 56 6.45 3.46 6.92
CA GLU A 56 7.16 4.73 6.86
C GLU A 56 6.18 5.91 6.78
N PHE A 57 5.02 5.65 6.24
CA PHE A 57 3.97 6.67 6.17
C PHE A 57 3.18 6.74 7.48
N GLU A 58 2.92 5.58 8.07
CA GLU A 58 1.94 5.45 9.14
C GLU A 58 2.36 6.18 10.40
N LEU A 59 3.56 5.87 10.87
CA LEU A 59 4.05 6.34 12.16
C LEU A 59 3.90 7.85 12.28
N ARG A 60 4.07 8.53 11.15
CA ARG A 60 4.01 9.97 11.09
C ARG A 60 2.61 10.49 11.44
N TYR A 61 1.59 9.96 10.75
CA TYR A 61 0.23 10.46 10.92
C TYR A 61 -0.54 9.70 11.99
N ARG A 62 -0.01 8.55 12.40
CA ARG A 62 -0.73 7.61 13.27
C ARG A 62 -1.09 8.26 14.61
N ARG A 63 -0.44 9.36 14.95
CA ARG A 63 -0.74 10.07 16.18
C ARG A 63 -2.20 10.58 16.18
N ALA A 64 -2.66 10.99 15.01
CA ALA A 64 -4.03 11.51 14.87
C ALA A 64 -5.02 10.41 14.50
N PHE A 65 -4.52 9.34 13.90
CA PHE A 65 -5.35 8.27 13.32
C PHE A 65 -6.55 7.90 14.18
N SER A 66 -6.32 7.59 15.45
CA SER A 66 -7.39 7.06 16.30
C SER A 66 -8.44 8.13 16.60
N ASP A 67 -8.04 9.39 16.50
CA ASP A 67 -8.94 10.50 16.77
C ASP A 67 -9.68 10.93 15.51
N LEU A 68 -9.05 10.73 14.36
CA LEU A 68 -9.58 11.22 13.11
C LEU A 68 -10.83 10.46 12.67
N THR A 69 -11.07 9.28 13.22
CA THR A 69 -12.23 8.47 12.82
C THR A 69 -13.53 9.26 13.00
N SER A 70 -13.56 10.06 14.06
CA SER A 70 -14.69 10.94 14.31
C SER A 70 -14.83 11.95 13.17
N GLN A 71 -13.68 12.36 12.64
CA GLN A 71 -13.63 13.36 11.59
C GLN A 71 -13.92 12.72 10.23
N LEU A 72 -13.48 11.48 10.04
CA LEU A 72 -13.85 10.73 8.85
C LEU A 72 -15.34 10.45 8.86
N HIS A 73 -15.89 10.27 10.05
CA HIS A 73 -17.28 9.83 10.22
C HIS A 73 -17.39 8.41 9.72
N ILE A 74 -16.39 7.63 10.09
CA ILE A 74 -16.30 6.21 9.75
C ILE A 74 -17.56 5.48 10.14
N THR A 75 -18.26 4.98 9.14
CA THR A 75 -19.57 4.40 9.31
C THR A 75 -19.86 3.53 8.08
N PRO A 76 -21.11 3.04 7.85
CA PRO A 76 -21.58 2.51 6.56
C PRO A 76 -20.91 3.12 5.32
N GLY A 77 -21.12 2.44 4.18
CA GLY A 77 -20.45 2.71 2.90
C GLY A 77 -20.01 4.14 2.59
N THR A 78 -20.66 5.14 3.17
CA THR A 78 -20.31 6.53 2.91
C THR A 78 -18.96 6.90 3.52
N ALA A 79 -18.25 5.91 4.06
CA ALA A 79 -16.90 6.09 4.55
C ALA A 79 -15.94 6.28 3.39
N TYR A 80 -16.41 6.00 2.18
CA TYR A 80 -15.63 6.23 0.98
C TYR A 80 -15.66 7.71 0.64
N GLN A 81 -16.64 8.40 1.18
CA GLN A 81 -16.72 9.85 1.06
C GLN A 81 -15.88 10.50 2.13
N SER A 82 -15.62 9.74 3.16
CA SER A 82 -14.68 10.11 4.20
C SER A 82 -13.27 9.96 3.66
N PHE A 83 -13.00 8.77 3.11
CA PHE A 83 -11.73 8.49 2.47
C PHE A 83 -11.57 9.35 1.21
N GLU A 84 -12.69 9.89 0.72
CA GLU A 84 -12.67 10.74 -0.45
C GLU A 84 -11.80 11.94 -0.20
N GLN A 85 -12.08 12.57 0.91
CA GLN A 85 -11.36 13.74 1.39
C GLN A 85 -9.87 13.51 1.32
N VAL A 86 -9.51 12.26 1.54
CA VAL A 86 -8.14 11.84 1.63
C VAL A 86 -7.59 11.47 0.27
N VAL A 87 -8.31 10.61 -0.42
CA VAL A 87 -7.87 10.15 -1.72
C VAL A 87 -7.74 11.34 -2.66
N ASN A 88 -8.47 12.39 -2.31
CA ASN A 88 -8.44 13.66 -3.00
C ASN A 88 -7.19 14.48 -2.64
N GLU A 89 -6.76 14.40 -1.38
CA GLU A 89 -5.59 15.14 -0.93
C GLU A 89 -4.33 14.36 -1.24
N LEU A 90 -4.52 13.10 -1.50
CA LEU A 90 -3.43 12.24 -1.80
C LEU A 90 -2.93 12.48 -3.23
N PHE A 91 -3.84 12.48 -4.20
CA PHE A 91 -3.46 12.42 -5.60
C PHE A 91 -3.22 13.79 -6.22
N ARG A 92 -3.82 14.81 -5.64
CA ARG A 92 -3.94 16.11 -6.31
C ARG A 92 -2.60 16.72 -6.69
N ASP A 93 -1.59 16.59 -5.83
CA ASP A 93 -0.37 17.36 -5.98
C ASP A 93 0.86 16.56 -6.39
N GLY A 94 0.70 15.40 -7.02
CA GLY A 94 1.89 14.64 -7.31
C GLY A 94 1.80 13.16 -6.99
N VAL A 95 1.07 12.40 -7.79
CA VAL A 95 0.97 10.96 -7.56
C VAL A 95 2.26 10.25 -7.92
N ASN A 96 3.00 9.90 -6.88
CA ASN A 96 4.29 9.23 -7.03
C ASN A 96 4.19 7.80 -6.50
N TRP A 97 5.31 7.09 -6.47
CA TRP A 97 5.35 5.73 -5.96
C TRP A 97 4.90 5.68 -4.50
N GLY A 98 5.64 6.40 -3.65
CA GLY A 98 5.37 6.39 -2.22
C GLY A 98 4.05 7.04 -1.88
N ARG A 99 3.59 7.94 -2.73
CA ARG A 99 2.33 8.62 -2.54
C ARG A 99 1.19 7.61 -2.60
N ILE A 100 1.30 6.68 -3.53
CA ILE A 100 0.29 5.64 -3.67
C ILE A 100 0.34 4.68 -2.48
N VAL A 101 1.55 4.47 -1.96
CA VAL A 101 1.74 3.73 -0.70
C VAL A 101 0.85 4.31 0.38
N ALA A 102 1.02 5.61 0.63
CA ALA A 102 0.23 6.33 1.62
C ALA A 102 -1.26 6.05 1.45
N PHE A 103 -1.68 6.02 0.21
CA PHE A 103 -3.06 5.72 -0.14
C PHE A 103 -3.47 4.33 0.35
N PHE A 104 -2.60 3.36 0.17
CA PHE A 104 -2.83 2.01 0.70
C PHE A 104 -2.77 2.01 2.22
N SER A 105 -1.86 2.80 2.76
CA SER A 105 -1.64 2.85 4.21
C SER A 105 -2.90 3.33 4.94
N PHE A 106 -3.41 4.49 4.54
CA PHE A 106 -4.59 5.04 5.18
C PHE A 106 -5.83 4.25 4.77
N GLY A 107 -5.82 3.71 3.57
CA GLY A 107 -6.92 2.89 3.10
C GLY A 107 -7.01 1.60 3.88
N GLY A 108 -5.88 0.97 4.11
CA GLY A 108 -5.84 -0.22 4.92
C GLY A 108 -6.16 0.09 6.36
N ALA A 109 -5.84 1.31 6.77
CA ALA A 109 -6.13 1.79 8.10
C ALA A 109 -7.62 2.05 8.25
N LEU A 110 -8.25 2.51 7.16
CA LEU A 110 -9.66 2.83 7.17
C LEU A 110 -10.47 1.57 7.38
N CYS A 111 -9.95 0.49 6.83
CA CYS A 111 -10.48 -0.82 7.07
C CYS A 111 -10.59 -1.06 8.57
N VAL A 112 -9.51 -0.78 9.29
CA VAL A 112 -9.52 -0.89 10.74
C VAL A 112 -10.46 0.14 11.34
N GLU A 113 -10.54 1.33 10.75
CA GLU A 113 -11.48 2.34 11.20
C GLU A 113 -12.90 1.78 11.21
N SER A 114 -13.20 0.95 10.21
CA SER A 114 -14.52 0.36 10.08
C SER A 114 -14.67 -0.80 11.05
N VAL A 115 -13.61 -1.56 11.19
CA VAL A 115 -13.60 -2.74 12.04
C VAL A 115 -13.71 -2.31 13.49
N ASP A 116 -13.12 -1.17 13.76
CA ASP A 116 -13.06 -0.58 15.07
C ASP A 116 -14.46 -0.40 15.67
N LYS A 117 -15.34 0.20 14.89
CA LYS A 117 -16.70 0.46 15.34
C LYS A 117 -17.60 -0.74 15.04
N GLU A 118 -16.96 -1.86 14.72
CA GLU A 118 -17.65 -3.10 14.38
C GLU A 118 -18.48 -2.96 13.12
N MET A 119 -17.83 -2.46 12.09
CA MET A 119 -18.44 -2.25 10.79
C MET A 119 -17.54 -2.88 9.74
N GLN A 120 -17.14 -4.10 10.01
CA GLN A 120 -16.18 -4.82 9.21
C GLN A 120 -16.68 -5.09 7.79
N VAL A 121 -17.95 -4.79 7.54
CA VAL A 121 -18.51 -4.94 6.20
C VAL A 121 -17.86 -3.96 5.21
N LEU A 122 -17.23 -2.91 5.73
CA LEU A 122 -16.55 -1.93 4.91
C LEU A 122 -15.19 -2.46 4.48
N VAL A 123 -14.65 -3.38 5.27
CA VAL A 123 -13.35 -3.97 5.00
C VAL A 123 -13.21 -4.40 3.54
N SER A 124 -14.11 -5.25 3.07
CA SER A 124 -14.05 -5.73 1.71
C SER A 124 -14.41 -4.60 0.73
N ARG A 125 -15.27 -3.67 1.19
CA ARG A 125 -15.68 -2.54 0.37
C ARG A 125 -14.50 -1.63 0.09
N ILE A 126 -13.89 -1.13 1.15
CA ILE A 126 -12.75 -0.22 1.05
C ILE A 126 -11.70 -0.79 0.11
N ALA A 127 -11.33 -2.06 0.31
CA ALA A 127 -10.34 -2.70 -0.53
C ALA A 127 -10.78 -2.72 -2.00
N ALA A 128 -12.08 -2.90 -2.22
CA ALA A 128 -12.63 -2.89 -3.57
C ALA A 128 -12.49 -1.52 -4.20
N TRP A 129 -13.04 -0.53 -3.52
CA TRP A 129 -13.06 0.84 -4.01
C TRP A 129 -11.64 1.40 -4.12
N MET A 130 -10.76 1.00 -3.20
CA MET A 130 -9.36 1.43 -3.23
C MET A 130 -8.66 0.92 -4.47
N ALA A 131 -8.80 -0.38 -4.72
CA ALA A 131 -8.20 -0.99 -5.89
C ALA A 131 -8.80 -0.43 -7.16
N THR A 132 -10.08 -0.11 -7.11
CA THR A 132 -10.75 0.51 -8.23
C THR A 132 -10.18 1.88 -8.53
N TYR A 133 -10.04 2.70 -7.50
CA TYR A 133 -9.46 4.02 -7.66
C TYR A 133 -8.07 3.92 -8.29
N LEU A 134 -7.30 2.91 -7.86
CA LEU A 134 -6.01 2.64 -8.47
C LEU A 134 -6.24 2.30 -9.94
N ASN A 135 -7.14 1.35 -10.18
CA ASN A 135 -7.49 0.92 -11.53
C ASN A 135 -7.82 2.09 -12.45
N ASP A 136 -8.68 2.98 -11.97
CA ASP A 136 -9.16 4.07 -12.79
C ASP A 136 -8.16 5.20 -12.87
N HIS A 137 -7.73 5.68 -11.71
CA HIS A 137 -6.94 6.89 -11.64
C HIS A 137 -5.44 6.63 -11.71
N LEU A 138 -4.98 5.72 -10.86
CA LEU A 138 -3.56 5.63 -10.55
C LEU A 138 -2.80 4.75 -11.54
N GLU A 139 -3.47 3.75 -12.06
CA GLU A 139 -2.81 2.76 -12.91
C GLU A 139 -1.99 3.40 -14.05
N PRO A 140 -2.59 4.31 -14.85
CA PRO A 140 -1.85 5.00 -15.91
C PRO A 140 -0.68 5.81 -15.33
N TRP A 141 -0.96 6.55 -14.27
CA TRP A 141 0.03 7.35 -13.55
C TRP A 141 1.22 6.48 -13.15
N ILE A 142 0.92 5.38 -12.48
CA ILE A 142 1.90 4.37 -12.10
C ILE A 142 2.80 3.99 -13.28
N GLN A 143 2.18 3.63 -14.39
CA GLN A 143 2.91 3.21 -15.59
C GLN A 143 3.84 4.31 -16.09
N GLU A 144 3.44 5.57 -15.90
CA GLU A 144 4.25 6.72 -16.30
C GLU A 144 5.54 6.77 -15.49
N ASN A 145 5.52 6.11 -14.35
CA ASN A 145 6.61 6.16 -13.39
C ASN A 145 7.29 4.81 -13.29
N GLY A 146 6.89 3.90 -14.15
CA GLY A 146 7.55 2.61 -14.25
C GLY A 146 6.64 1.45 -13.91
N GLY A 147 5.90 1.57 -12.83
CA GLY A 147 5.02 0.49 -12.42
C GLY A 147 5.16 0.17 -10.95
N TRP A 148 4.52 -0.92 -10.53
CA TRP A 148 4.51 -1.33 -9.14
C TRP A 148 5.81 -2.06 -8.80
N ASP A 149 6.20 -2.97 -9.69
CA ASP A 149 7.42 -3.76 -9.51
C ASP A 149 8.61 -2.82 -9.37
N THR A 150 8.58 -1.74 -10.14
CA THR A 150 9.63 -0.75 -10.09
C THR A 150 9.77 -0.14 -8.70
N PHE A 151 8.65 0.05 -8.00
CA PHE A 151 8.71 0.61 -6.66
C PHE A 151 9.46 -0.32 -5.72
N VAL A 152 9.32 -1.62 -5.91
CA VAL A 152 10.03 -2.59 -5.10
C VAL A 152 11.50 -2.62 -5.51
N GLU A 153 11.77 -2.25 -6.75
CA GLU A 153 13.12 -2.11 -7.24
C GLU A 153 13.76 -0.90 -6.58
N LEU A 154 12.92 0.06 -6.19
CA LEU A 154 13.39 1.26 -5.50
C LEU A 154 13.55 0.98 -4.01
N TYR A 155 12.46 0.57 -3.36
CA TYR A 155 12.48 0.37 -1.92
C TYR A 155 12.28 -1.11 -1.58
N GLY A 156 11.35 -1.74 -2.30
CA GLY A 156 11.01 -3.13 -2.05
C GLY A 156 10.79 -3.46 -0.60
N ASN A 157 10.98 -4.72 -0.29
CA ASN A 157 10.73 -5.23 1.03
C ASN A 157 12.04 -5.46 1.75
N ASN A 158 12.33 -4.62 2.74
CA ASN A 158 13.62 -4.64 3.38
C ASN A 158 13.79 -5.85 4.27
N ALA A 159 12.68 -6.44 4.70
CA ALA A 159 12.72 -7.70 5.43
C ALA A 159 13.45 -8.77 4.62
N ALA A 160 13.15 -8.82 3.33
CA ALA A 160 13.81 -9.75 2.42
C ALA A 160 15.06 -9.12 1.80
N ALA A 161 14.94 -7.84 1.45
CA ALA A 161 16.03 -7.11 0.79
C ALA A 161 17.30 -7.12 1.63
N GLU A 162 17.20 -6.69 2.88
CA GLU A 162 18.36 -6.63 3.75
C GLU A 162 18.88 -8.04 4.07
N SER A 163 18.05 -9.05 3.86
CA SER A 163 18.49 -10.42 4.00
C SER A 163 19.48 -10.77 2.88
N ARG A 164 19.31 -10.12 1.74
CA ARG A 164 20.23 -10.30 0.62
C ARG A 164 21.37 -9.31 0.73
N LYS A 165 21.10 -8.21 1.42
CA LYS A 165 22.12 -7.19 1.66
C LYS A 165 23.26 -7.77 2.48
N GLY A 166 22.92 -8.66 3.40
CA GLY A 166 23.92 -9.28 4.25
C GLY A 166 24.90 -10.14 3.47
N GLN A 167 24.43 -10.76 2.40
CA GLN A 167 25.29 -11.62 1.59
C GLN A 167 25.98 -10.82 0.50
N GLU A 168 25.44 -9.65 0.17
CA GLU A 168 26.06 -8.78 -0.82
C GLU A 168 27.17 -7.95 -0.19
N ARG A 169 27.49 -8.26 1.07
CA ARG A 169 28.57 -7.62 1.79
C ARG A 169 29.86 -7.62 0.97
N LEU A 170 30.24 -8.79 0.49
CA LEU A 170 31.41 -8.91 -0.37
C LEU A 170 31.03 -9.53 -1.70
N GLU A 171 29.97 -10.33 -1.68
CA GLU A 171 29.47 -10.96 -2.90
C GLU A 171 28.69 -9.95 -3.73
N HIS A 172 29.39 -9.22 -4.57
CA HIS A 172 28.79 -8.25 -5.46
C HIS A 172 29.77 -7.86 -6.54
N HIS A 173 29.29 -7.22 -7.59
CA HIS A 173 30.15 -6.79 -8.68
C HIS A 173 31.01 -5.61 -8.24
N HIS A 174 32.30 -5.74 -8.44
CA HIS A 174 33.23 -4.65 -8.21
C HIS A 174 34.11 -4.46 -9.44
N HIS A 175 34.86 -3.38 -9.48
CA HIS A 175 35.74 -3.13 -10.61
C HIS A 175 36.99 -3.98 -10.50
N HIS A 176 37.47 -4.45 -11.62
CA HIS A 176 38.69 -5.23 -11.68
C HIS A 176 39.59 -4.66 -12.77
N HIS A 177 40.90 -4.71 -12.55
CA HIS A 177 41.87 -4.11 -13.45
C HIS A 177 41.73 -2.59 -13.40
N LEU A 178 42.42 -2.01 -12.44
CA LEU A 178 42.35 -0.57 -12.20
C LEU A 178 43.45 -0.19 -11.23
N GLU A 179 43.96 1.02 -11.34
CA GLU A 179 45.03 1.45 -10.45
C GLU A 179 44.46 1.75 -9.07
N HIS A 180 44.86 0.95 -8.11
CA HIS A 180 44.42 1.12 -6.73
C HIS A 180 45.62 0.95 -5.80
N HIS A 181 46.15 2.06 -5.33
CA HIS A 181 47.38 2.07 -4.56
C HIS A 181 47.18 1.49 -3.16
N HIS A 182 46.01 1.77 -2.57
CA HIS A 182 45.66 1.29 -1.23
C HIS A 182 46.41 2.07 -0.14
N HIS A 183 47.67 2.41 -0.42
CA HIS A 183 48.47 3.20 0.50
C HIS A 183 49.40 4.10 -0.31
N HIS A 184 49.48 5.37 0.10
CA HIS A 184 50.32 6.33 -0.60
C HIS A 184 51.80 6.04 -0.39
N HIS A 185 52.17 5.76 0.86
CA HIS A 185 53.54 5.44 1.19
C HIS A 185 53.58 4.32 2.23
N GLY B 2 -8.06 20.95 11.39
CA GLY B 2 -7.82 20.88 9.96
C GLY B 2 -6.93 19.70 9.59
N CYS B 3 -7.47 18.50 9.74
CA CYS B 3 -6.69 17.30 9.50
C CYS B 3 -7.11 16.63 8.21
N VAL B 4 -6.83 15.32 8.13
CA VAL B 4 -7.23 14.46 7.00
C VAL B 4 -7.07 15.17 5.64
N GLY B 5 -8.16 15.71 5.08
CA GLY B 5 -8.07 16.75 4.04
C GLY B 5 -6.71 17.47 3.98
N ARG B 6 -6.18 17.86 5.14
CA ARG B 6 -4.87 18.52 5.20
C ARG B 6 -3.76 17.61 5.73
N ALA B 7 -4.11 16.63 6.55
CA ALA B 7 -3.11 15.92 7.36
C ALA B 7 -2.33 14.89 6.56
N LEU B 8 -3.01 13.87 6.02
CA LEU B 8 -2.31 12.79 5.31
C LEU B 8 -1.65 13.37 4.07
N ALA B 9 -2.43 14.19 3.37
CA ALA B 9 -1.95 15.02 2.27
C ALA B 9 -0.54 15.55 2.57
N ALA B 10 -0.42 16.16 3.75
CA ALA B 10 0.78 16.84 4.20
C ALA B 10 1.86 15.85 4.64
N PHE B 11 1.46 14.88 5.45
CA PHE B 11 2.40 13.89 5.97
C PHE B 11 2.92 12.98 4.86
N GLY B 12 2.13 12.85 3.81
CA GLY B 12 2.52 12.04 2.68
C GLY B 12 3.61 12.68 1.85
N ASP B 13 3.84 13.96 2.09
CA ASP B 13 4.90 14.69 1.40
C ASP B 13 6.27 14.14 1.80
N CYS B 14 6.31 13.44 2.93
CA CYS B 14 7.56 12.90 3.48
C CYS B 14 7.77 11.45 3.05
N ILE B 15 7.37 11.11 1.83
CA ILE B 15 7.58 9.77 1.29
C ILE B 15 9.02 9.56 0.83
N ASN B 16 9.94 9.52 1.78
CA ASN B 16 11.34 9.27 1.47
C ASN B 16 11.87 8.09 2.27
N ARG B 17 13.10 7.71 2.02
CA ARG B 17 13.74 6.62 2.75
C ARG B 17 14.47 7.17 3.96
N MET A 1 -5.76 -2.07 -16.20
CA MET A 1 -6.79 -2.98 -15.67
C MET A 1 -6.14 -4.12 -14.88
N SER A 2 -5.01 -3.82 -14.24
CA SER A 2 -4.26 -4.82 -13.51
C SER A 2 -5.03 -5.27 -12.26
N GLN A 3 -5.44 -6.53 -12.24
CA GLN A 3 -6.09 -7.11 -11.07
C GLN A 3 -5.12 -7.13 -9.89
N SER A 4 -3.84 -7.04 -10.18
CA SER A 4 -2.80 -7.09 -9.18
C SER A 4 -2.88 -5.89 -8.23
N ASN A 5 -3.51 -4.81 -8.66
CA ASN A 5 -3.70 -3.64 -7.81
C ASN A 5 -4.57 -4.01 -6.62
N ARG A 6 -5.43 -5.01 -6.84
CA ARG A 6 -6.31 -5.52 -5.80
C ARG A 6 -5.49 -6.07 -4.65
N GLU A 7 -4.51 -6.89 -4.99
CA GLU A 7 -3.64 -7.53 -4.01
C GLU A 7 -2.95 -6.49 -3.14
N LEU A 8 -2.32 -5.51 -3.78
CA LEU A 8 -1.66 -4.41 -3.12
C LEU A 8 -2.55 -3.81 -2.04
N VAL A 9 -3.81 -3.65 -2.38
CA VAL A 9 -4.80 -3.16 -1.43
C VAL A 9 -5.06 -4.21 -0.35
N VAL A 10 -5.59 -5.35 -0.77
CA VAL A 10 -5.98 -6.43 0.13
C VAL A 10 -4.88 -6.79 1.13
N ASP A 11 -3.68 -7.08 0.64
CA ASP A 11 -2.57 -7.51 1.48
C ASP A 11 -2.28 -6.46 2.55
N PHE A 12 -2.47 -5.19 2.19
CA PHE A 12 -2.21 -4.11 3.13
C PHE A 12 -3.33 -4.01 4.15
N LEU A 13 -4.59 -4.06 3.71
CA LEU A 13 -5.71 -4.00 4.64
C LEU A 13 -5.66 -5.17 5.62
N SER A 14 -5.34 -6.35 5.09
CA SER A 14 -5.21 -7.55 5.91
C SER A 14 -4.11 -7.36 6.95
N TYR A 15 -3.03 -6.71 6.54
CA TYR A 15 -1.88 -6.47 7.42
C TYR A 15 -2.22 -5.45 8.50
N LYS A 16 -3.28 -4.68 8.26
CA LYS A 16 -3.71 -3.65 9.21
C LYS A 16 -4.58 -4.25 10.29
N LEU A 17 -5.51 -5.05 9.86
CA LEU A 17 -6.41 -5.76 10.75
C LEU A 17 -5.63 -6.61 11.75
N SER A 18 -4.44 -7.00 11.34
CA SER A 18 -3.53 -7.75 12.20
C SER A 18 -3.18 -6.98 13.49
N GLN A 19 -3.06 -5.65 13.43
CA GLN A 19 -2.53 -4.89 14.56
C GLN A 19 -3.56 -4.66 15.66
N LYS A 20 -4.79 -5.00 15.38
CA LYS A 20 -5.87 -4.84 16.36
C LYS A 20 -6.35 -6.21 16.79
N GLY A 21 -6.04 -7.15 15.94
CA GLY A 21 -6.31 -8.55 16.25
C GLY A 21 -7.52 -9.07 15.53
N TYR A 22 -7.79 -8.49 14.37
CA TYR A 22 -8.84 -9.01 13.50
C TYR A 22 -8.24 -9.64 12.25
N SER A 23 -9.05 -10.38 11.51
CA SER A 23 -8.61 -11.03 10.30
C SER A 23 -9.25 -10.39 9.08
N TRP A 24 -8.60 -10.49 7.93
CA TRP A 24 -9.15 -10.03 6.67
C TRP A 24 -10.27 -10.96 6.22
N SER A 25 -9.94 -12.25 6.12
CA SER A 25 -10.85 -13.24 5.57
C SER A 25 -12.12 -13.37 6.42
N GLN A 26 -12.04 -13.06 7.71
CA GLN A 26 -13.22 -13.14 8.58
C GLN A 26 -14.33 -12.20 8.09
N PHE A 27 -13.95 -11.14 7.39
CA PHE A 27 -14.92 -10.12 7.00
C PHE A 27 -15.00 -9.96 5.49
N SER A 28 -14.08 -10.59 4.77
CA SER A 28 -13.94 -10.33 3.36
C SER A 28 -14.54 -11.42 2.48
N ASP A 29 -14.42 -11.19 1.18
CA ASP A 29 -14.95 -12.09 0.16
C ASP A 29 -14.18 -11.91 -1.15
N VAL A 30 -13.44 -10.81 -1.20
CA VAL A 30 -12.79 -10.33 -2.42
C VAL A 30 -11.97 -11.41 -3.11
N GLU A 31 -10.84 -11.77 -2.53
CA GLU A 31 -9.98 -12.81 -3.05
C GLU A 31 -10.22 -14.11 -2.30
N GLU A 32 -11.17 -14.03 -1.37
CA GLU A 32 -11.51 -15.16 -0.52
C GLU A 32 -12.17 -16.27 -1.34
N ASN A 33 -13.24 -15.91 -2.02
CA ASN A 33 -14.06 -16.90 -2.70
C ASN A 33 -13.72 -16.98 -4.18
N ARG A 34 -13.72 -15.84 -4.85
CA ARG A 34 -13.48 -15.81 -6.29
C ARG A 34 -12.00 -15.59 -6.60
N THR A 35 -11.62 -15.93 -7.82
CA THR A 35 -10.24 -15.77 -8.26
C THR A 35 -10.13 -14.70 -9.35
N GLU A 36 -9.46 -13.62 -9.01
CA GLU A 36 -9.28 -12.51 -9.92
C GLU A 36 -7.81 -12.24 -10.11
N ALA A 37 -7.15 -11.80 -9.05
CA ALA A 37 -5.73 -11.58 -9.06
C ALA A 37 -4.99 -12.78 -8.46
N PRO A 38 -3.77 -13.05 -8.93
CA PRO A 38 -2.91 -14.11 -8.37
C PRO A 38 -2.56 -13.86 -6.90
N GLU A 39 -1.74 -14.73 -6.34
CA GLU A 39 -1.29 -14.56 -4.96
C GLU A 39 -0.12 -13.56 -4.90
N GLY A 40 0.32 -13.14 -6.07
CA GLY A 40 1.41 -12.21 -6.16
C GLY A 40 2.12 -12.33 -7.48
N THR A 41 1.45 -11.92 -8.56
CA THR A 41 2.01 -12.07 -9.89
C THR A 41 3.21 -11.11 -10.07
N GLU A 42 2.92 -9.84 -10.28
CA GLU A 42 3.91 -8.77 -10.19
C GLU A 42 3.86 -8.21 -8.79
N SER A 43 2.68 -8.35 -8.25
CA SER A 43 2.24 -7.71 -7.03
C SER A 43 2.96 -8.18 -5.79
N GLU A 44 3.55 -9.35 -5.85
CA GLU A 44 4.25 -9.89 -4.70
C GLU A 44 5.30 -8.91 -4.19
N ALA A 45 6.26 -8.56 -5.03
CA ALA A 45 7.31 -7.62 -4.67
C ALA A 45 6.71 -6.25 -4.40
N VAL A 46 5.69 -5.93 -5.19
CA VAL A 46 4.97 -4.67 -5.07
C VAL A 46 4.35 -4.52 -3.68
N LYS A 47 3.46 -5.45 -3.34
CA LYS A 47 2.73 -5.41 -2.08
C LYS A 47 3.71 -5.51 -0.93
N GLN A 48 4.76 -6.28 -1.15
CA GLN A 48 5.79 -6.48 -0.16
C GLN A 48 6.54 -5.20 0.10
N ALA A 49 6.68 -4.38 -0.92
CA ALA A 49 7.33 -3.08 -0.78
C ALA A 49 6.42 -2.11 -0.06
N LEU A 50 5.15 -2.11 -0.46
CA LEU A 50 4.18 -1.15 0.04
C LEU A 50 3.94 -1.28 1.55
N ARG A 51 4.16 -2.46 2.10
CA ARG A 51 3.86 -2.68 3.50
C ARG A 51 4.98 -2.07 4.33
N GLU A 52 6.15 -2.14 3.74
CA GLU A 52 7.37 -1.64 4.34
C GLU A 52 7.45 -0.13 4.14
N ALA A 53 7.14 0.31 2.93
CA ALA A 53 7.06 1.74 2.61
C ALA A 53 5.96 2.40 3.43
N GLY A 54 4.84 1.71 3.55
CA GLY A 54 3.74 2.20 4.35
C GLY A 54 4.13 2.41 5.79
N ASP A 55 4.88 1.46 6.35
CA ASP A 55 5.34 1.54 7.73
C ASP A 55 6.05 2.86 8.01
N GLU A 56 6.82 3.32 7.02
CA GLU A 56 7.54 4.58 7.12
C GLU A 56 6.59 5.78 7.04
N PHE A 57 5.45 5.60 6.43
CA PHE A 57 4.41 6.62 6.37
C PHE A 57 3.52 6.60 7.63
N GLU A 58 3.12 5.41 8.06
CA GLU A 58 2.02 5.25 9.02
C GLU A 58 2.35 5.81 10.39
N LEU A 59 3.54 5.48 10.88
CA LEU A 59 3.94 5.81 12.24
C LEU A 59 3.79 7.31 12.52
N ARG A 60 3.94 8.11 11.46
CA ARG A 60 3.86 9.55 11.56
C ARG A 60 2.45 10.01 11.94
N TYR A 61 1.45 9.56 11.18
CA TYR A 61 0.06 9.98 11.40
C TYR A 61 -0.65 9.03 12.37
N ARG A 62 0.04 7.98 12.77
CA ARG A 62 -0.54 6.89 13.55
C ARG A 62 -1.25 7.40 14.82
N ARG A 63 -0.70 8.44 15.43
CA ARG A 63 -1.33 9.05 16.61
C ARG A 63 -2.68 9.66 16.26
N ALA A 64 -2.79 10.17 15.05
CA ALA A 64 -4.00 10.82 14.58
C ALA A 64 -5.04 9.78 14.17
N PHE A 65 -4.56 8.61 13.74
CA PHE A 65 -5.42 7.53 13.24
C PHE A 65 -6.65 7.30 14.13
N SER A 66 -6.43 7.23 15.44
CA SER A 66 -7.51 6.94 16.37
C SER A 66 -8.57 8.05 16.32
N ASP A 67 -8.12 9.30 16.32
CA ASP A 67 -9.01 10.44 16.36
C ASP A 67 -9.60 10.74 14.99
N LEU A 68 -8.86 10.40 13.94
CA LEU A 68 -9.26 10.69 12.58
C LEU A 68 -10.57 10.02 12.18
N THR A 69 -10.91 8.93 12.85
CA THR A 69 -12.17 8.24 12.54
C THR A 69 -13.35 9.18 12.72
N SER A 70 -13.19 10.14 13.62
CA SER A 70 -14.20 11.16 13.86
C SER A 70 -14.15 12.19 12.74
N GLN A 71 -12.95 12.51 12.31
CA GLN A 71 -12.73 13.50 11.27
C GLN A 71 -13.30 13.00 9.95
N LEU A 72 -12.99 11.76 9.62
CA LEU A 72 -13.48 11.14 8.40
C LEU A 72 -14.96 10.78 8.55
N HIS A 73 -15.36 10.44 9.77
CA HIS A 73 -16.72 10.00 10.07
C HIS A 73 -16.92 8.60 9.51
N ILE A 74 -16.03 7.72 9.93
CA ILE A 74 -16.03 6.33 9.51
C ILE A 74 -17.35 5.66 9.88
N THR A 75 -18.05 5.21 8.87
CA THR A 75 -19.41 4.76 9.01
C THR A 75 -19.72 3.78 7.86
N PRO A 76 -20.99 3.35 7.65
CA PRO A 76 -21.47 2.71 6.42
C PRO A 76 -20.74 3.12 5.14
N GLY A 77 -20.97 2.34 4.08
CA GLY A 77 -20.29 2.46 2.77
C GLY A 77 -19.89 3.86 2.33
N THR A 78 -20.56 4.89 2.82
CA THR A 78 -20.25 6.25 2.46
C THR A 78 -18.94 6.74 3.07
N ALA A 79 -18.21 5.82 3.72
CA ALA A 79 -16.88 6.12 4.24
C ALA A 79 -15.90 6.32 3.10
N TYR A 80 -16.32 5.94 1.89
CA TYR A 80 -15.52 6.16 0.70
C TYR A 80 -15.57 7.62 0.30
N GLN A 81 -16.53 8.34 0.85
CA GLN A 81 -16.62 9.78 0.68
C GLN A 81 -15.72 10.47 1.67
N SER A 82 -15.47 9.80 2.77
CA SER A 82 -14.50 10.24 3.76
C SER A 82 -13.10 9.98 3.22
N PHE A 83 -12.89 8.75 2.76
CA PHE A 83 -11.63 8.36 2.14
C PHE A 83 -11.43 9.12 0.84
N GLU A 84 -12.53 9.66 0.33
CA GLU A 84 -12.51 10.45 -0.89
C GLU A 84 -11.65 11.69 -0.73
N GLN A 85 -11.91 12.39 0.36
CA GLN A 85 -11.16 13.58 0.73
C GLN A 85 -9.67 13.31 0.62
N VAL A 86 -9.31 12.10 0.98
CA VAL A 86 -7.93 11.68 1.03
C VAL A 86 -7.43 11.29 -0.34
N VAL A 87 -8.13 10.38 -1.00
CA VAL A 87 -7.72 9.88 -2.29
C VAL A 87 -7.64 11.04 -3.27
N ASN A 88 -8.39 12.07 -2.94
CA ASN A 88 -8.37 13.33 -3.64
C ASN A 88 -7.06 14.08 -3.35
N GLU A 89 -6.79 14.37 -2.08
CA GLU A 89 -5.64 15.18 -1.70
C GLU A 89 -4.37 14.48 -2.13
N LEU A 90 -4.42 13.19 -1.96
CA LEU A 90 -3.33 12.31 -2.28
C LEU A 90 -2.92 12.46 -3.75
N PHE A 91 -3.87 12.81 -4.61
CA PHE A 91 -3.68 12.75 -6.05
C PHE A 91 -3.22 14.10 -6.61
N ARG A 92 -3.71 15.17 -6.01
CA ARG A 92 -3.43 16.51 -6.53
C ARG A 92 -2.00 16.89 -6.24
N ASP A 93 -1.64 16.64 -5.01
CA ASP A 93 -0.49 17.30 -4.40
C ASP A 93 0.77 16.48 -4.49
N GLY A 94 0.81 15.53 -5.42
CA GLY A 94 2.06 14.82 -5.61
C GLY A 94 1.95 13.31 -5.63
N VAL A 95 1.34 12.73 -6.65
CA VAL A 95 1.34 11.28 -6.77
C VAL A 95 2.72 10.79 -7.21
N ASN A 96 3.46 10.34 -6.22
CA ASN A 96 4.78 9.75 -6.43
C ASN A 96 4.71 8.27 -6.07
N TRP A 97 5.86 7.61 -6.11
CA TRP A 97 5.94 6.20 -5.78
C TRP A 97 5.51 5.96 -4.34
N GLY A 98 6.02 6.78 -3.44
CA GLY A 98 5.79 6.59 -2.01
C GLY A 98 4.40 7.01 -1.56
N ARG A 99 3.88 8.08 -2.13
CA ARG A 99 2.59 8.60 -1.71
C ARG A 99 1.48 7.60 -2.04
N ILE A 100 1.68 6.80 -3.07
CA ILE A 100 0.69 5.81 -3.44
C ILE A 100 0.62 4.72 -2.37
N VAL A 101 1.77 4.35 -1.81
CA VAL A 101 1.80 3.38 -0.72
C VAL A 101 0.97 3.89 0.46
N ALA A 102 0.93 5.22 0.62
CA ALA A 102 0.18 5.88 1.68
C ALA A 102 -1.31 5.67 1.49
N PHE A 103 -1.73 5.65 0.24
CA PHE A 103 -3.11 5.41 -0.13
C PHE A 103 -3.55 4.03 0.36
N PHE A 104 -2.60 3.09 0.37
CA PHE A 104 -2.85 1.77 0.92
C PHE A 104 -2.76 1.79 2.43
N SER A 105 -1.83 2.59 2.94
CA SER A 105 -1.62 2.69 4.38
C SER A 105 -2.88 3.21 5.06
N PHE A 106 -3.38 4.35 4.58
CA PHE A 106 -4.56 4.97 5.16
C PHE A 106 -5.81 4.19 4.80
N GLY A 107 -5.81 3.61 3.60
CA GLY A 107 -6.94 2.82 3.16
C GLY A 107 -7.06 1.53 3.96
N GLY A 108 -5.93 0.87 4.16
CA GLY A 108 -5.92 -0.32 4.99
C GLY A 108 -6.25 0.01 6.42
N ALA A 109 -5.88 1.21 6.84
CA ALA A 109 -6.20 1.70 8.16
C ALA A 109 -7.68 1.95 8.27
N LEU A 110 -8.29 2.38 7.17
CA LEU A 110 -9.71 2.69 7.15
C LEU A 110 -10.53 1.44 7.39
N CYS A 111 -10.01 0.34 6.87
CA CYS A 111 -10.55 -0.97 7.14
C CYS A 111 -10.66 -1.18 8.64
N VAL A 112 -9.58 -0.89 9.36
CA VAL A 112 -9.59 -0.96 10.81
C VAL A 112 -10.55 0.08 11.39
N GLU A 113 -10.61 1.26 10.77
CA GLU A 113 -11.55 2.30 11.18
C GLU A 113 -12.97 1.78 11.18
N SER A 114 -13.29 0.92 10.23
CA SER A 114 -14.62 0.36 10.12
C SER A 114 -14.78 -0.76 11.13
N VAL A 115 -13.72 -1.51 11.34
CA VAL A 115 -13.73 -2.63 12.25
C VAL A 115 -13.84 -2.12 13.68
N ASP A 116 -13.26 -0.96 13.87
CA ASP A 116 -13.23 -0.27 15.15
C ASP A 116 -14.64 -0.04 15.68
N LYS A 117 -15.49 0.50 14.83
CA LYS A 117 -16.86 0.80 15.21
C LYS A 117 -17.75 -0.44 14.99
N GLU A 118 -17.11 -1.59 14.81
CA GLU A 118 -17.80 -2.86 14.56
C GLU A 118 -18.62 -2.78 13.28
N MET A 119 -17.96 -2.31 12.24
CA MET A 119 -18.57 -2.12 10.93
C MET A 119 -17.71 -2.84 9.91
N GLN A 120 -17.30 -4.03 10.27
CA GLN A 120 -16.33 -4.82 9.51
C GLN A 120 -16.80 -5.15 8.10
N VAL A 121 -18.04 -4.83 7.79
CA VAL A 121 -18.55 -5.05 6.44
C VAL A 121 -17.84 -4.16 5.42
N LEU A 122 -17.31 -3.03 5.90
CA LEU A 122 -16.61 -2.09 5.03
C LEU A 122 -15.26 -2.63 4.64
N VAL A 123 -14.73 -3.50 5.49
CA VAL A 123 -13.43 -4.11 5.25
C VAL A 123 -13.26 -4.57 3.80
N SER A 124 -14.20 -5.36 3.32
CA SER A 124 -14.11 -5.90 1.97
C SER A 124 -14.50 -4.84 0.94
N ARG A 125 -15.27 -3.85 1.38
CA ARG A 125 -15.76 -2.80 0.49
C ARG A 125 -14.68 -1.77 0.22
N ILE A 126 -13.99 -1.36 1.27
CA ILE A 126 -12.90 -0.39 1.17
C ILE A 126 -11.85 -0.87 0.18
N ALA A 127 -11.44 -2.12 0.30
CA ALA A 127 -10.45 -2.68 -0.61
C ALA A 127 -10.94 -2.63 -2.05
N ALA A 128 -12.23 -2.83 -2.22
CA ALA A 128 -12.87 -2.72 -3.53
C ALA A 128 -12.64 -1.34 -4.12
N TRP A 129 -13.09 -0.35 -3.36
CA TRP A 129 -12.99 1.04 -3.76
C TRP A 129 -11.54 1.41 -4.03
N MET A 130 -10.67 1.05 -3.10
CA MET A 130 -9.25 1.37 -3.17
C MET A 130 -8.61 0.82 -4.44
N ALA A 131 -8.74 -0.48 -4.63
CA ALA A 131 -8.11 -1.13 -5.77
C ALA A 131 -8.64 -0.58 -7.09
N THR A 132 -9.93 -0.29 -7.14
CA THR A 132 -10.50 0.31 -8.34
C THR A 132 -9.95 1.71 -8.55
N TYR A 133 -9.92 2.51 -7.49
CA TYR A 133 -9.37 3.85 -7.57
C TYR A 133 -7.94 3.81 -8.06
N LEU A 134 -7.19 2.78 -7.67
CA LEU A 134 -5.88 2.55 -8.24
C LEU A 134 -6.04 2.27 -9.73
N ASN A 135 -6.82 1.25 -10.04
CA ASN A 135 -7.03 0.78 -11.41
C ASN A 135 -7.37 1.91 -12.38
N ASP A 136 -8.28 2.79 -11.97
CA ASP A 136 -8.75 3.84 -12.86
C ASP A 136 -7.88 5.10 -12.76
N HIS A 137 -7.57 5.51 -11.55
CA HIS A 137 -6.94 6.80 -11.30
C HIS A 137 -5.41 6.71 -11.29
N LEU A 138 -4.91 5.75 -10.54
CA LEU A 138 -3.49 5.67 -10.23
C LEU A 138 -2.68 4.89 -11.25
N GLU A 139 -3.22 3.76 -11.67
CA GLU A 139 -2.51 2.84 -12.56
C GLU A 139 -1.79 3.56 -13.71
N PRO A 140 -2.49 4.42 -14.49
CA PRO A 140 -1.85 5.17 -15.59
C PRO A 140 -0.65 5.98 -15.08
N TRP A 141 -0.87 6.71 -14.00
CA TRP A 141 0.17 7.51 -13.35
C TRP A 141 1.36 6.63 -12.97
N ILE A 142 1.07 5.55 -12.26
CA ILE A 142 2.08 4.56 -11.87
C ILE A 142 2.97 4.17 -13.05
N GLN A 143 2.34 3.79 -14.14
CA GLN A 143 3.05 3.37 -15.34
C GLN A 143 3.94 4.48 -15.89
N GLU A 144 3.52 5.74 -15.72
CA GLU A 144 4.30 6.89 -16.16
C GLU A 144 5.60 6.99 -15.35
N ASN A 145 5.58 6.35 -14.20
CA ASN A 145 6.68 6.43 -13.25
C ASN A 145 7.43 5.11 -13.22
N GLY A 146 7.08 4.25 -14.17
CA GLY A 146 7.81 3.03 -14.37
C GLY A 146 6.96 1.78 -14.23
N GLY A 147 5.93 1.87 -13.41
CA GLY A 147 5.12 0.70 -13.14
C GLY A 147 5.35 0.19 -11.74
N TRP A 148 4.46 -0.68 -11.27
CA TRP A 148 4.50 -1.17 -9.89
C TRP A 148 5.84 -1.82 -9.55
N ASP A 149 6.39 -2.59 -10.47
CA ASP A 149 7.70 -3.22 -10.25
C ASP A 149 8.73 -2.17 -9.90
N THR A 150 8.69 -1.04 -10.61
CA THR A 150 9.63 0.05 -10.37
C THR A 150 9.60 0.51 -8.92
N PHE A 151 8.42 0.56 -8.33
CA PHE A 151 8.28 1.01 -6.95
C PHE A 151 9.09 0.10 -6.03
N VAL A 152 9.09 -1.18 -6.36
CA VAL A 152 9.83 -2.16 -5.60
C VAL A 152 11.31 -2.14 -6.02
N GLU A 153 11.57 -1.69 -7.24
CA GLU A 153 12.93 -1.49 -7.71
C GLU A 153 13.60 -0.38 -6.90
N LEU A 154 12.79 0.55 -6.43
CA LEU A 154 13.29 1.66 -5.64
C LEU A 154 13.44 1.24 -4.19
N TYR A 155 12.36 0.76 -3.59
CA TYR A 155 12.37 0.40 -2.18
C TYR A 155 12.19 -1.10 -2.01
N GLY A 156 11.23 -1.65 -2.76
CA GLY A 156 10.91 -3.07 -2.64
C GLY A 156 10.84 -3.58 -1.23
N ASN A 157 11.01 -4.86 -1.10
CA ASN A 157 11.00 -5.49 0.18
C ASN A 157 12.39 -6.01 0.50
N ASN A 158 13.05 -5.35 1.44
CA ASN A 158 14.43 -5.68 1.77
C ASN A 158 14.51 -6.96 2.58
N ALA A 159 13.43 -7.30 3.28
CA ALA A 159 13.36 -8.55 4.02
C ALA A 159 13.61 -9.74 3.10
N ALA A 160 13.14 -9.62 1.86
CA ALA A 160 13.41 -10.63 0.85
C ALA A 160 14.71 -10.32 0.13
N ALA A 161 14.94 -9.04 -0.14
CA ALA A 161 16.12 -8.58 -0.85
C ALA A 161 17.41 -9.09 -0.22
N GLU A 162 17.68 -8.68 1.02
CA GLU A 162 18.92 -9.08 1.69
C GLU A 162 18.95 -10.57 1.96
N SER A 163 17.78 -11.19 2.00
CA SER A 163 17.71 -12.61 2.24
C SER A 163 18.37 -13.36 1.09
N ARG A 164 18.03 -12.98 -0.14
CA ARG A 164 18.61 -13.60 -1.32
C ARG A 164 19.94 -12.97 -1.66
N LYS A 165 20.20 -11.84 -1.04
CA LYS A 165 21.45 -11.10 -1.24
C LYS A 165 22.56 -11.68 -0.37
N GLY A 166 22.15 -12.30 0.73
CA GLY A 166 23.11 -12.85 1.68
C GLY A 166 23.97 -13.93 1.06
N GLN A 167 23.39 -14.74 0.21
CA GLN A 167 24.13 -15.79 -0.48
C GLN A 167 24.97 -15.20 -1.61
N GLU A 168 24.61 -14.01 -2.05
CA GLU A 168 25.37 -13.31 -3.07
C GLU A 168 26.57 -12.62 -2.44
N ARG A 169 26.68 -12.72 -1.12
CA ARG A 169 27.83 -12.18 -0.41
C ARG A 169 29.04 -13.07 -0.68
N LEU A 170 28.78 -14.38 -0.77
CA LEU A 170 29.81 -15.34 -1.11
C LEU A 170 30.09 -15.28 -2.60
N GLU A 171 29.09 -14.84 -3.35
CA GLU A 171 29.25 -14.63 -4.78
C GLU A 171 29.78 -13.22 -5.02
N HIS A 172 29.90 -12.83 -6.28
CA HIS A 172 30.28 -11.47 -6.62
C HIS A 172 29.45 -10.97 -7.80
N HIS A 173 28.30 -10.41 -7.49
CA HIS A 173 27.42 -9.86 -8.51
C HIS A 173 27.55 -8.34 -8.51
N HIS A 174 27.51 -7.75 -9.71
CA HIS A 174 27.64 -6.31 -9.90
C HIS A 174 29.09 -5.87 -9.67
N HIS A 175 29.58 -5.00 -10.52
CA HIS A 175 30.96 -4.55 -10.43
C HIS A 175 31.02 -3.09 -9.99
N HIS A 176 31.86 -2.82 -9.00
CA HIS A 176 32.13 -1.47 -8.56
C HIS A 176 33.47 -1.02 -9.12
N HIS A 177 33.44 -0.16 -10.13
CA HIS A 177 34.68 0.29 -10.76
C HIS A 177 35.32 1.39 -9.94
N LEU A 178 36.64 1.31 -9.83
CA LEU A 178 37.41 2.35 -9.16
C LEU A 178 37.65 3.49 -10.15
N GLU A 179 38.09 4.64 -9.64
CA GLU A 179 38.37 5.82 -10.45
C GLU A 179 37.08 6.38 -11.06
N HIS A 180 36.70 7.56 -10.61
CA HIS A 180 35.52 8.23 -11.13
C HIS A 180 35.85 8.98 -12.41
N HIS A 181 34.91 9.76 -12.89
CA HIS A 181 35.12 10.56 -14.09
C HIS A 181 35.08 12.03 -13.75
N HIS A 182 35.68 12.86 -14.60
CA HIS A 182 35.74 14.28 -14.35
C HIS A 182 34.47 14.94 -14.88
N HIS A 183 34.04 14.53 -16.06
CA HIS A 183 32.79 15.01 -16.62
C HIS A 183 31.62 14.32 -15.96
N HIS A 184 30.77 15.10 -15.32
CA HIS A 184 29.60 14.57 -14.65
C HIS A 184 28.36 14.93 -15.45
N HIS A 185 27.51 13.94 -15.72
CA HIS A 185 26.31 14.16 -16.49
C HIS A 185 25.10 13.57 -15.78
N GLY B 2 -13.00 17.99 9.64
CA GLY B 2 -12.30 18.51 8.47
C GLY B 2 -10.97 17.84 8.27
N CYS B 3 -9.98 18.61 7.82
CA CYS B 3 -8.64 18.10 7.56
C CYS B 3 -8.68 17.03 6.48
N VAL B 4 -7.63 16.19 6.47
CA VAL B 4 -7.58 14.87 5.81
C VAL B 4 -7.72 14.87 4.29
N GLY B 5 -8.27 15.92 3.72
CA GLY B 5 -7.94 16.26 2.37
C GLY B 5 -6.81 17.29 2.34
N ARG B 6 -6.28 17.58 3.53
CA ARG B 6 -5.13 18.46 3.69
C ARG B 6 -3.98 17.74 4.41
N ALA B 7 -4.32 16.83 5.31
CA ALA B 7 -3.35 16.29 6.24
C ALA B 7 -2.53 15.17 5.61
N LEU B 8 -3.19 14.17 5.08
CA LEU B 8 -2.51 13.02 4.50
C LEU B 8 -1.82 13.44 3.22
N ALA B 9 -2.43 14.41 2.56
CA ALA B 9 -1.88 15.07 1.40
C ALA B 9 -0.45 15.52 1.70
N ALA B 10 -0.34 16.11 2.88
CA ALA B 10 0.88 16.74 3.34
C ALA B 10 1.82 15.73 3.99
N PHE B 11 1.29 14.93 4.89
CA PHE B 11 2.07 13.92 5.58
C PHE B 11 2.52 12.85 4.60
N GLY B 12 1.80 12.71 3.49
CA GLY B 12 2.14 11.74 2.48
C GLY B 12 3.33 12.14 1.65
N ASP B 13 3.76 13.39 1.79
CA ASP B 13 5.01 13.82 1.20
C ASP B 13 6.19 13.22 1.97
N CYS B 14 5.89 12.70 3.16
CA CYS B 14 6.89 12.12 4.01
C CYS B 14 6.68 10.62 4.13
N ILE B 15 7.18 9.89 3.14
CA ILE B 15 7.11 8.44 3.19
C ILE B 15 8.42 7.91 3.74
N ASN B 16 9.32 7.54 2.85
CA ASN B 16 10.69 7.21 3.23
C ASN B 16 11.50 8.51 3.32
N ARG B 17 10.86 9.59 2.88
CA ARG B 17 11.47 10.91 2.87
C ARG B 17 11.07 11.69 4.12
N MET A 1 -1.10 -7.86 -14.16
CA MET A 1 -2.30 -7.31 -14.82
C MET A 1 -2.95 -6.26 -13.93
N SER A 2 -3.95 -5.57 -14.46
CA SER A 2 -4.63 -4.52 -13.72
C SER A 2 -5.41 -5.10 -12.54
N GLN A 3 -5.95 -6.29 -12.73
CA GLN A 3 -6.72 -6.97 -11.70
C GLN A 3 -5.85 -7.32 -10.49
N SER A 4 -4.54 -7.17 -10.67
CA SER A 4 -3.59 -7.46 -9.61
C SER A 4 -3.47 -6.28 -8.65
N ASN A 5 -3.91 -5.10 -9.08
CA ASN A 5 -3.87 -3.93 -8.21
C ASN A 5 -4.77 -4.15 -7.01
N ARG A 6 -5.71 -5.07 -7.16
CA ARG A 6 -6.60 -5.46 -6.08
C ARG A 6 -5.81 -5.98 -4.88
N GLU A 7 -4.80 -6.79 -5.17
CA GLU A 7 -3.97 -7.39 -4.13
C GLU A 7 -3.26 -6.34 -3.32
N LEU A 8 -2.62 -5.42 -4.02
CA LEU A 8 -1.88 -4.32 -3.43
C LEU A 8 -2.71 -3.60 -2.37
N VAL A 9 -4.01 -3.55 -2.60
CA VAL A 9 -4.93 -3.02 -1.61
C VAL A 9 -5.22 -4.07 -0.53
N VAL A 10 -5.80 -5.18 -0.97
CA VAL A 10 -6.22 -6.26 -0.08
C VAL A 10 -5.14 -6.66 0.91
N ASP A 11 -3.96 -7.00 0.38
CA ASP A 11 -2.85 -7.46 1.20
C ASP A 11 -2.50 -6.41 2.25
N PHE A 12 -2.59 -5.14 1.86
CA PHE A 12 -2.26 -4.06 2.76
C PHE A 12 -3.31 -3.94 3.87
N LEU A 13 -4.60 -4.00 3.50
CA LEU A 13 -5.66 -3.94 4.50
C LEU A 13 -5.57 -5.12 5.45
N SER A 14 -5.25 -6.29 4.89
CA SER A 14 -5.05 -7.50 5.70
C SER A 14 -3.94 -7.27 6.72
N TYR A 15 -2.88 -6.62 6.27
CA TYR A 15 -1.71 -6.35 7.08
C TYR A 15 -2.04 -5.36 8.20
N LYS A 16 -3.14 -4.64 8.05
CA LYS A 16 -3.54 -3.62 9.03
C LYS A 16 -4.33 -4.28 10.15
N LEU A 17 -5.30 -5.06 9.75
CA LEU A 17 -6.13 -5.82 10.67
C LEU A 17 -5.30 -6.76 11.51
N SER A 18 -4.18 -7.20 10.95
CA SER A 18 -3.24 -8.07 11.64
C SER A 18 -2.75 -7.45 12.96
N GLN A 19 -2.42 -6.15 12.94
CA GLN A 19 -1.91 -5.48 14.13
C GLN A 19 -3.03 -5.07 15.08
N LYS A 20 -4.25 -5.42 14.70
CA LYS A 20 -5.43 -5.12 15.50
C LYS A 20 -5.93 -6.39 16.14
N GLY A 21 -5.67 -7.47 15.44
CA GLY A 21 -6.02 -8.78 15.92
C GLY A 21 -7.27 -9.29 15.24
N TYR A 22 -7.55 -8.74 14.06
CA TYR A 22 -8.69 -9.16 13.28
C TYR A 22 -8.23 -9.82 11.99
N SER A 23 -9.13 -10.57 11.37
CA SER A 23 -8.83 -11.26 10.15
C SER A 23 -9.42 -10.52 8.97
N TRP A 24 -8.72 -10.56 7.86
CA TRP A 24 -9.22 -10.00 6.64
C TRP A 24 -10.29 -10.92 6.06
N SER A 25 -9.93 -12.19 5.94
CA SER A 25 -10.79 -13.17 5.30
C SER A 25 -12.14 -13.31 6.01
N GLN A 26 -12.14 -13.16 7.33
CA GLN A 26 -13.38 -13.29 8.11
C GLN A 26 -14.41 -12.24 7.70
N PHE A 27 -13.92 -11.10 7.24
CA PHE A 27 -14.80 -10.00 6.87
C PHE A 27 -14.62 -9.61 5.40
N SER A 28 -14.06 -10.53 4.62
CA SER A 28 -13.70 -10.22 3.26
C SER A 28 -14.73 -10.74 2.27
N ASP A 29 -14.45 -10.51 1.00
CA ASP A 29 -15.30 -10.91 -0.11
C ASP A 29 -14.50 -10.83 -1.41
N VAL A 30 -13.51 -9.96 -1.38
CA VAL A 30 -12.70 -9.61 -2.55
C VAL A 30 -12.16 -10.83 -3.30
N GLU A 31 -11.19 -11.52 -2.70
CA GLU A 31 -10.63 -12.73 -3.27
C GLU A 31 -11.35 -13.94 -2.68
N GLU A 32 -12.30 -13.65 -1.81
CA GLU A 32 -13.05 -14.66 -1.11
C GLU A 32 -14.00 -15.37 -2.08
N ASN A 33 -14.80 -14.59 -2.77
CA ASN A 33 -15.82 -15.15 -3.66
C ASN A 33 -15.34 -15.20 -5.10
N ARG A 34 -14.60 -14.18 -5.51
CA ARG A 34 -14.08 -14.14 -6.88
C ARG A 34 -12.57 -13.99 -6.88
N THR A 35 -11.93 -14.61 -7.86
CA THR A 35 -10.48 -14.53 -8.00
C THR A 35 -10.13 -13.86 -9.32
N GLU A 36 -9.58 -12.67 -9.21
CA GLU A 36 -9.22 -11.87 -10.39
C GLU A 36 -7.85 -12.25 -10.90
N ALA A 37 -6.83 -11.86 -10.15
CA ALA A 37 -5.45 -12.15 -10.52
C ALA A 37 -4.94 -13.36 -9.73
N PRO A 38 -3.75 -13.87 -10.08
CA PRO A 38 -3.06 -14.89 -9.27
C PRO A 38 -2.89 -14.44 -7.82
N GLU A 39 -2.46 -15.35 -6.95
CA GLU A 39 -2.29 -15.02 -5.54
C GLU A 39 -1.07 -14.11 -5.33
N GLY A 40 -0.41 -13.76 -6.43
CA GLY A 40 0.71 -12.86 -6.38
C GLY A 40 1.61 -13.01 -7.59
N THR A 41 1.12 -12.59 -8.76
CA THR A 41 1.90 -12.74 -9.98
C THR A 41 3.04 -11.72 -10.03
N GLU A 42 2.71 -10.45 -10.26
CA GLU A 42 3.68 -9.37 -10.19
C GLU A 42 3.68 -8.80 -8.78
N SER A 43 2.49 -8.77 -8.21
CA SER A 43 2.21 -8.09 -6.96
C SER A 43 3.13 -8.53 -5.85
N GLU A 44 3.47 -9.81 -5.80
CA GLU A 44 4.20 -10.40 -4.67
C GLU A 44 5.33 -9.49 -4.16
N ALA A 45 6.06 -8.87 -5.07
CA ALA A 45 7.15 -7.96 -4.67
C ALA A 45 6.63 -6.55 -4.45
N VAL A 46 5.67 -6.12 -5.26
CA VAL A 46 5.13 -4.75 -5.15
C VAL A 46 4.26 -4.59 -3.91
N LYS A 47 3.50 -5.63 -3.55
CA LYS A 47 2.70 -5.61 -2.33
C LYS A 47 3.64 -5.62 -1.14
N GLN A 48 4.71 -6.41 -1.24
CA GLN A 48 5.74 -6.47 -0.22
C GLN A 48 6.44 -5.12 -0.08
N ALA A 49 6.59 -4.40 -1.17
CA ALA A 49 7.22 -3.09 -1.15
C ALA A 49 6.29 -2.06 -0.51
N LEU A 50 5.00 -2.19 -0.82
CA LEU A 50 4.00 -1.22 -0.39
C LEU A 50 3.77 -1.25 1.11
N ARG A 51 4.05 -2.37 1.76
CA ARG A 51 3.75 -2.50 3.18
C ARG A 51 4.90 -1.93 3.97
N GLU A 52 6.05 -1.94 3.34
CA GLU A 52 7.25 -1.36 3.90
C GLU A 52 7.23 0.15 3.76
N ALA A 53 6.85 0.62 2.57
CA ALA A 53 6.69 2.04 2.33
C ALA A 53 5.53 2.58 3.15
N GLY A 54 4.46 1.80 3.23
CA GLY A 54 3.30 2.18 4.01
C GLY A 54 3.63 2.35 5.47
N ASP A 55 4.46 1.45 5.99
CA ASP A 55 4.86 1.48 7.39
C ASP A 55 5.47 2.84 7.75
N GLU A 56 6.18 3.41 6.78
CA GLU A 56 6.82 4.71 6.94
C GLU A 56 5.81 5.85 6.92
N PHE A 57 4.68 5.64 6.28
CA PHE A 57 3.64 6.65 6.23
C PHE A 57 2.75 6.59 7.49
N GLU A 58 2.56 5.39 8.02
CA GLU A 58 1.53 5.13 9.04
C GLU A 58 1.82 5.85 10.35
N LEU A 59 3.00 5.62 10.87
CA LEU A 59 3.42 6.18 12.16
C LEU A 59 3.24 7.69 12.18
N ARG A 60 3.51 8.31 11.02
CA ARG A 60 3.41 9.75 10.88
C ARG A 60 2.05 10.28 11.34
N TYR A 61 0.98 9.75 10.75
CA TYR A 61 -0.36 10.19 11.11
C TYR A 61 -0.94 9.34 12.25
N ARG A 62 -0.19 8.33 12.66
CA ARG A 62 -0.63 7.40 13.71
C ARG A 62 -1.02 8.13 14.99
N ARG A 63 -0.38 9.27 15.23
CA ARG A 63 -0.68 10.07 16.41
C ARG A 63 -2.10 10.64 16.35
N ALA A 64 -2.52 10.99 15.14
CA ALA A 64 -3.84 11.56 14.92
C ALA A 64 -4.89 10.49 14.60
N PHE A 65 -4.43 9.39 14.02
CA PHE A 65 -5.29 8.35 13.43
C PHE A 65 -6.53 8.01 14.27
N SER A 66 -6.35 7.78 15.56
CA SER A 66 -7.44 7.33 16.40
C SER A 66 -8.54 8.38 16.48
N ASP A 67 -8.14 9.63 16.66
CA ASP A 67 -9.08 10.73 16.77
C ASP A 67 -9.70 11.06 15.42
N LEU A 68 -8.94 10.86 14.34
CA LEU A 68 -9.39 11.23 13.01
C LEU A 68 -10.67 10.54 12.60
N THR A 69 -10.98 9.38 13.19
CA THR A 69 -12.22 8.68 12.84
C THR A 69 -13.44 9.55 13.05
N SER A 70 -13.32 10.50 13.96
CA SER A 70 -14.38 11.46 14.23
C SER A 70 -14.48 12.47 13.09
N GLN A 71 -13.37 12.64 12.38
CA GLN A 71 -13.30 13.56 11.26
C GLN A 71 -13.74 12.87 9.98
N LEU A 72 -13.32 11.61 9.80
CA LEU A 72 -13.82 10.82 8.70
C LEU A 72 -15.31 10.58 8.85
N HIS A 73 -15.75 10.46 10.09
CA HIS A 73 -17.14 10.10 10.39
C HIS A 73 -17.34 8.66 9.93
N ILE A 74 -16.34 7.85 10.26
CA ILE A 74 -16.31 6.43 9.92
C ILE A 74 -17.59 5.73 10.33
N THR A 75 -18.26 5.20 9.33
CA THR A 75 -19.60 4.66 9.50
C THR A 75 -19.86 3.72 8.31
N PRO A 76 -21.10 3.19 8.11
CA PRO A 76 -21.55 2.53 6.89
C PRO A 76 -20.87 3.01 5.59
N GLY A 77 -21.07 2.20 4.53
CA GLY A 77 -20.41 2.33 3.22
C GLY A 77 -20.02 3.74 2.77
N THR A 78 -20.73 4.77 3.21
CA THR A 78 -20.43 6.13 2.81
C THR A 78 -19.11 6.63 3.39
N ALA A 79 -18.36 5.75 4.05
CA ALA A 79 -17.05 6.07 4.55
C ALA A 79 -16.07 6.27 3.40
N TYR A 80 -16.50 5.89 2.21
CA TYR A 80 -15.72 6.12 1.00
C TYR A 80 -15.82 7.59 0.59
N GLN A 81 -16.84 8.26 1.12
CA GLN A 81 -16.97 9.70 0.93
C GLN A 81 -16.14 10.43 1.96
N SER A 82 -15.90 9.73 3.06
CA SER A 82 -14.97 10.19 4.07
C SER A 82 -13.56 10.05 3.54
N PHE A 83 -13.25 8.87 3.02
CA PHE A 83 -11.98 8.61 2.39
C PHE A 83 -11.84 9.40 1.10
N GLU A 84 -12.97 9.86 0.57
CA GLU A 84 -13.00 10.64 -0.65
C GLU A 84 -12.18 11.89 -0.48
N GLN A 85 -12.52 12.60 0.58
CA GLN A 85 -11.83 13.81 0.97
C GLN A 85 -10.33 13.62 0.95
N VAL A 86 -9.94 12.41 1.30
CA VAL A 86 -8.54 12.08 1.43
C VAL A 86 -7.96 11.63 0.09
N VAL A 87 -8.64 10.71 -0.57
CA VAL A 87 -8.17 10.21 -1.85
C VAL A 87 -8.13 11.34 -2.86
N ASN A 88 -8.93 12.36 -2.58
CA ASN A 88 -8.95 13.59 -3.34
C ASN A 88 -7.68 14.40 -3.11
N GLU A 89 -7.35 14.65 -1.84
CA GLU A 89 -6.19 15.46 -1.49
C GLU A 89 -4.94 14.75 -1.89
N LEU A 90 -4.97 13.45 -1.69
CA LEU A 90 -3.86 12.59 -1.97
C LEU A 90 -3.51 12.60 -3.45
N PHE A 91 -4.50 12.92 -4.28
CA PHE A 91 -4.38 12.77 -5.72
C PHE A 91 -4.32 14.11 -6.45
N ARG A 92 -5.13 15.05 -6.00
CA ARG A 92 -5.30 16.31 -6.72
C ARG A 92 -4.02 17.14 -6.67
N ASP A 93 -3.28 16.97 -5.59
CA ASP A 93 -2.13 17.80 -5.33
C ASP A 93 -0.81 17.15 -5.73
N GLY A 94 -0.85 16.11 -6.57
CA GLY A 94 0.43 15.55 -6.97
C GLY A 94 0.60 14.06 -6.76
N VAL A 95 -0.07 13.22 -7.53
CA VAL A 95 0.13 11.78 -7.38
C VAL A 95 1.49 11.37 -7.90
N ASN A 96 2.39 11.14 -6.97
CA ASN A 96 3.76 10.77 -7.28
C ASN A 96 4.03 9.34 -6.85
N TRP A 97 5.29 8.95 -6.95
CA TRP A 97 5.74 7.60 -6.59
C TRP A 97 5.27 7.20 -5.19
N GLY A 98 5.50 8.08 -4.22
CA GLY A 98 5.20 7.76 -2.83
C GLY A 98 3.77 8.05 -2.42
N ARG A 99 3.04 8.81 -3.23
CA ARG A 99 1.67 9.21 -2.89
C ARG A 99 0.75 8.01 -2.82
N ILE A 100 0.88 7.14 -3.81
CA ILE A 100 -0.01 6.00 -3.95
C ILE A 100 0.05 5.07 -2.74
N VAL A 101 1.22 5.04 -2.11
CA VAL A 101 1.40 4.35 -0.83
C VAL A 101 0.42 4.89 0.19
N ALA A 102 0.47 6.21 0.38
CA ALA A 102 -0.37 6.89 1.36
C ALA A 102 -1.84 6.56 1.18
N PHE A 103 -2.30 6.49 -0.09
CA PHE A 103 -3.66 6.11 -0.41
C PHE A 103 -4.04 4.82 0.32
N PHE A 104 -3.26 3.78 0.07
CA PHE A 104 -3.56 2.46 0.60
C PHE A 104 -3.24 2.37 2.08
N SER A 105 -2.28 3.18 2.53
CA SER A 105 -1.92 3.21 3.94
C SER A 105 -3.10 3.67 4.79
N PHE A 106 -3.75 4.74 4.35
CA PHE A 106 -4.89 5.27 5.08
C PHE A 106 -6.15 4.47 4.76
N GLY A 107 -6.24 3.96 3.54
CA GLY A 107 -7.37 3.12 3.17
C GLY A 107 -7.36 1.82 3.93
N GLY A 108 -6.18 1.24 4.11
CA GLY A 108 -6.05 0.05 4.91
C GLY A 108 -6.32 0.35 6.37
N ALA A 109 -6.01 1.57 6.78
CA ALA A 109 -6.29 2.02 8.12
C ALA A 109 -7.78 2.26 8.29
N LEU A 110 -8.43 2.68 7.21
CA LEU A 110 -9.86 2.94 7.23
C LEU A 110 -10.62 1.66 7.46
N CYS A 111 -10.08 0.59 6.89
CA CYS A 111 -10.58 -0.74 7.14
C CYS A 111 -10.67 -0.98 8.63
N VAL A 112 -9.59 -0.62 9.33
CA VAL A 112 -9.55 -0.74 10.78
C VAL A 112 -10.45 0.31 11.43
N GLU A 113 -10.58 1.48 10.81
CA GLU A 113 -11.51 2.50 11.30
C GLU A 113 -12.92 1.93 11.35
N SER A 114 -13.23 1.06 10.41
CA SER A 114 -14.53 0.44 10.34
C SER A 114 -14.62 -0.65 11.39
N VAL A 115 -13.50 -1.32 11.60
CA VAL A 115 -13.41 -2.41 12.57
C VAL A 115 -13.54 -1.84 13.97
N ASP A 116 -12.99 -0.66 14.11
CA ASP A 116 -12.99 0.09 15.36
C ASP A 116 -14.39 0.24 15.91
N LYS A 117 -15.31 0.68 15.06
CA LYS A 117 -16.70 0.88 15.47
C LYS A 117 -17.50 -0.41 15.31
N GLU A 118 -16.78 -1.52 15.12
CA GLU A 118 -17.41 -2.82 14.91
C GLU A 118 -18.28 -2.81 13.67
N MET A 119 -17.69 -2.37 12.57
CA MET A 119 -18.34 -2.27 11.28
C MET A 119 -17.46 -2.93 10.25
N GLN A 120 -16.94 -4.08 10.62
CA GLN A 120 -15.95 -4.80 9.86
C GLN A 120 -16.42 -5.18 8.45
N VAL A 121 -17.69 -4.95 8.14
CA VAL A 121 -18.20 -5.19 6.80
C VAL A 121 -17.56 -4.25 5.77
N LEU A 122 -17.12 -3.07 6.22
CA LEU A 122 -16.51 -2.09 5.33
C LEU A 122 -15.15 -2.54 4.90
N VAL A 123 -14.52 -3.35 5.75
CA VAL A 123 -13.22 -3.92 5.49
C VAL A 123 -13.04 -4.35 4.03
N SER A 124 -13.93 -5.19 3.53
CA SER A 124 -13.81 -5.69 2.17
C SER A 124 -14.26 -4.63 1.16
N ARG A 125 -15.22 -3.80 1.57
CA ARG A 125 -15.81 -2.79 0.68
C ARG A 125 -14.78 -1.72 0.32
N ILE A 126 -14.10 -1.21 1.33
CA ILE A 126 -13.07 -0.20 1.13
C ILE A 126 -12.04 -0.66 0.12
N ALA A 127 -11.52 -1.87 0.31
CA ALA A 127 -10.50 -2.44 -0.56
C ALA A 127 -10.96 -2.47 -2.02
N ALA A 128 -12.24 -2.74 -2.23
CA ALA A 128 -12.82 -2.79 -3.57
C ALA A 128 -12.61 -1.46 -4.28
N TRP A 129 -13.11 -0.41 -3.67
CA TRP A 129 -13.07 0.91 -4.25
C TRP A 129 -11.63 1.41 -4.37
N MET A 130 -10.80 1.08 -3.39
CA MET A 130 -9.40 1.49 -3.39
C MET A 130 -8.67 0.91 -4.58
N ALA A 131 -8.84 -0.40 -4.78
CA ALA A 131 -8.16 -1.09 -5.86
C ALA A 131 -8.67 -0.64 -7.22
N THR A 132 -9.96 -0.38 -7.31
CA THR A 132 -10.54 0.11 -8.55
C THR A 132 -10.02 1.52 -8.86
N TYR A 133 -10.00 2.39 -7.86
CA TYR A 133 -9.47 3.74 -8.05
C TYR A 133 -8.03 3.65 -8.55
N LEU A 134 -7.27 2.75 -7.96
CA LEU A 134 -5.93 2.41 -8.45
C LEU A 134 -6.01 2.00 -9.91
N ASN A 135 -6.75 0.95 -10.15
CA ASN A 135 -6.95 0.39 -11.51
C ASN A 135 -7.22 1.47 -12.55
N ASP A 136 -8.24 2.28 -12.32
CA ASP A 136 -8.68 3.27 -13.29
C ASP A 136 -7.76 4.49 -13.32
N HIS A 137 -7.53 5.05 -12.15
CA HIS A 137 -6.84 6.33 -12.02
C HIS A 137 -5.34 6.19 -11.85
N LEU A 138 -4.94 5.37 -10.89
CA LEU A 138 -3.58 5.35 -10.40
C LEU A 138 -2.60 4.59 -11.28
N GLU A 139 -3.03 3.43 -11.78
CA GLU A 139 -2.14 2.54 -12.54
C GLU A 139 -1.26 3.29 -13.56
N PRO A 140 -1.84 4.18 -14.40
CA PRO A 140 -1.05 5.00 -15.33
C PRO A 140 0.06 5.75 -14.61
N TRP A 141 -0.29 6.38 -13.49
CA TRP A 141 0.67 7.11 -12.67
C TRP A 141 1.81 6.22 -12.22
N ILE A 142 1.45 5.06 -11.68
CA ILE A 142 2.43 4.07 -11.27
C ILE A 142 3.46 3.82 -12.37
N GLN A 143 2.96 3.62 -13.58
CA GLN A 143 3.81 3.36 -14.72
C GLN A 143 4.68 4.56 -15.07
N GLU A 144 4.22 5.77 -14.76
CA GLU A 144 5.00 6.99 -14.96
C GLU A 144 6.25 6.95 -14.09
N ASN A 145 6.17 6.17 -13.04
CA ASN A 145 7.20 6.08 -12.04
C ASN A 145 7.96 4.78 -12.20
N GLY A 146 7.70 4.13 -13.32
CA GLY A 146 8.42 2.94 -13.69
C GLY A 146 7.61 1.67 -13.52
N GLY A 147 6.48 1.78 -12.84
CA GLY A 147 5.64 0.61 -12.62
C GLY A 147 5.79 0.06 -11.23
N TRP A 148 4.98 -0.94 -10.91
CA TRP A 148 4.99 -1.55 -9.59
C TRP A 148 6.33 -2.22 -9.31
N ASP A 149 6.83 -2.94 -10.31
CA ASP A 149 8.13 -3.60 -10.21
C ASP A 149 9.21 -2.62 -9.81
N THR A 150 9.25 -1.48 -10.50
CA THR A 150 10.22 -0.43 -10.23
C THR A 150 10.12 0.05 -8.78
N PHE A 151 8.91 0.10 -8.25
CA PHE A 151 8.69 0.57 -6.90
C PHE A 151 9.46 -0.31 -5.92
N VAL A 152 9.37 -1.63 -6.11
CA VAL A 152 10.10 -2.56 -5.27
C VAL A 152 11.60 -2.52 -5.60
N GLU A 153 11.92 -2.15 -6.83
CA GLU A 153 13.32 -1.95 -7.20
C GLU A 153 13.94 -0.85 -6.35
N LEU A 154 13.11 0.11 -5.93
CA LEU A 154 13.58 1.22 -5.13
C LEU A 154 13.41 0.94 -3.64
N TYR A 155 12.17 0.72 -3.22
CA TYR A 155 11.85 0.60 -1.81
C TYR A 155 11.21 -0.75 -1.52
N GLY A 156 11.53 -1.72 -2.34
CA GLY A 156 11.01 -3.07 -2.17
C GLY A 156 11.43 -3.69 -0.87
N ASN A 157 10.70 -4.72 -0.51
CA ASN A 157 10.95 -5.47 0.69
C ASN A 157 12.39 -5.98 0.70
N ASN A 158 13.18 -5.45 1.61
CA ASN A 158 14.58 -5.79 1.69
C ASN A 158 14.81 -6.81 2.80
N ALA A 159 13.74 -7.14 3.53
CA ALA A 159 13.80 -8.15 4.56
C ALA A 159 14.23 -9.49 3.96
N ALA A 160 13.60 -9.86 2.85
CA ALA A 160 13.98 -11.05 2.11
C ALA A 160 15.39 -10.90 1.55
N ALA A 161 15.73 -9.68 1.14
CA ALA A 161 17.06 -9.37 0.64
C ALA A 161 18.12 -9.67 1.67
N GLU A 162 17.89 -9.20 2.89
CA GLU A 162 18.82 -9.42 4.00
C GLU A 162 18.85 -10.89 4.41
N SER A 163 17.72 -11.56 4.27
CA SER A 163 17.62 -12.98 4.61
C SER A 163 18.57 -13.81 3.74
N ARG A 164 18.56 -13.56 2.44
CA ARG A 164 19.43 -14.29 1.52
C ARG A 164 20.76 -13.58 1.31
N LYS A 165 20.94 -12.43 1.98
CA LYS A 165 22.14 -11.62 1.81
C LYS A 165 23.39 -12.37 2.26
N GLY A 166 23.29 -13.04 3.39
CA GLY A 166 24.44 -13.72 3.98
C GLY A 166 25.06 -14.73 3.04
N GLN A 167 24.27 -15.71 2.64
CA GLN A 167 24.76 -16.79 1.79
C GLN A 167 25.02 -16.30 0.36
N GLU A 168 24.46 -15.16 0.00
CA GLU A 168 24.68 -14.59 -1.31
C GLU A 168 26.12 -14.09 -1.42
N ARG A 169 26.77 -13.91 -0.28
CA ARG A 169 28.14 -13.40 -0.26
C ARG A 169 29.11 -14.56 -0.31
N LEU A 170 28.62 -15.75 0.01
CA LEU A 170 29.45 -16.95 0.07
C LEU A 170 29.55 -17.61 -1.30
N GLU A 171 29.44 -16.80 -2.35
CA GLU A 171 29.48 -17.30 -3.72
C GLU A 171 30.92 -17.42 -4.21
N HIS A 172 31.88 -17.07 -3.35
CA HIS A 172 33.30 -17.14 -3.71
C HIS A 172 33.76 -18.60 -3.72
N HIS A 173 32.87 -19.48 -3.29
CA HIS A 173 33.11 -20.91 -3.32
C HIS A 173 31.76 -21.62 -3.28
N HIS A 174 31.74 -22.94 -3.44
CA HIS A 174 30.48 -23.65 -3.40
C HIS A 174 30.04 -23.87 -1.95
N HIS A 175 29.26 -22.93 -1.44
CA HIS A 175 28.78 -23.00 -0.06
C HIS A 175 27.63 -23.99 0.05
N HIS A 176 27.65 -24.81 1.09
CA HIS A 176 26.64 -25.84 1.28
C HIS A 176 25.53 -25.36 2.19
N HIS A 177 25.92 -24.88 3.37
CA HIS A 177 24.98 -24.44 4.39
C HIS A 177 24.11 -25.61 4.85
N LEU A 178 24.50 -26.23 5.95
CA LEU A 178 23.77 -27.36 6.50
C LEU A 178 22.44 -26.90 7.08
N GLU A 179 21.38 -27.57 6.69
CA GLU A 179 20.05 -27.26 7.17
C GLU A 179 19.54 -28.40 8.03
N HIS A 180 19.54 -28.21 9.33
CA HIS A 180 19.13 -29.26 10.26
C HIS A 180 17.65 -29.17 10.56
N HIS A 181 16.88 -30.04 9.94
CA HIS A 181 15.46 -30.13 10.18
C HIS A 181 15.05 -31.59 10.40
N HIS A 182 15.83 -32.49 9.82
CA HIS A 182 15.59 -33.92 9.99
C HIS A 182 16.15 -34.39 11.33
N HIS A 183 15.39 -35.23 12.01
CA HIS A 183 15.77 -35.73 13.32
C HIS A 183 16.29 -37.15 13.22
N HIS A 184 16.64 -37.73 14.35
CA HIS A 184 17.05 -39.13 14.41
C HIS A 184 16.56 -39.77 15.70
N HIS A 185 15.92 -40.91 15.57
CA HIS A 185 15.39 -41.62 16.72
C HIS A 185 16.17 -42.90 16.93
N GLY B 2 -12.62 20.37 11.37
CA GLY B 2 -12.78 20.79 10.00
C GLY B 2 -11.49 20.71 9.22
N CYS B 3 -10.90 19.53 9.19
CA CYS B 3 -9.64 19.31 8.51
C CYS B 3 -9.81 18.27 7.42
N VAL B 4 -8.79 17.40 7.30
CA VAL B 4 -8.66 16.41 6.26
C VAL B 4 -8.81 17.02 4.87
N GLY B 5 -8.75 16.19 3.83
CA GLY B 5 -8.46 16.68 2.49
C GLY B 5 -7.28 17.67 2.42
N ARG B 6 -6.58 17.88 3.54
CA ARG B 6 -5.41 18.74 3.62
C ARG B 6 -4.36 18.09 4.51
N ALA B 7 -4.81 17.52 5.63
CA ALA B 7 -3.91 16.90 6.60
C ALA B 7 -3.10 15.78 5.97
N LEU B 8 -3.81 14.77 5.50
CA LEU B 8 -3.18 13.61 4.89
C LEU B 8 -2.45 14.06 3.63
N ALA B 9 -3.09 14.98 2.92
CA ALA B 9 -2.50 15.67 1.78
C ALA B 9 -1.12 16.20 2.14
N ALA B 10 -1.06 16.89 3.26
CA ALA B 10 0.14 17.58 3.73
C ALA B 10 1.14 16.61 4.35
N PHE B 11 0.63 15.70 5.18
CA PHE B 11 1.48 14.70 5.83
C PHE B 11 2.04 13.73 4.79
N GLY B 12 1.30 13.57 3.70
CA GLY B 12 1.74 12.71 2.61
C GLY B 12 2.76 13.37 1.72
N ASP B 13 3.01 14.66 1.96
CA ASP B 13 3.99 15.40 1.17
C ASP B 13 5.40 15.13 1.69
N CYS B 14 5.48 14.34 2.75
CA CYS B 14 6.76 14.02 3.37
C CYS B 14 7.35 12.73 2.77
N ILE B 15 6.87 12.37 1.58
CA ILE B 15 7.39 11.21 0.86
C ILE B 15 8.66 11.58 0.09
N ASN B 16 8.91 10.88 -1.02
CA ASN B 16 10.04 11.19 -1.89
C ASN B 16 9.88 12.59 -2.48
N ARG B 17 8.64 13.01 -2.66
CA ARG B 17 8.33 14.33 -3.20
C ARG B 17 7.24 15.00 -2.37
N MET A 1 -6.25 -1.97 -16.03
CA MET A 1 -7.11 -3.15 -15.78
C MET A 1 -6.29 -4.33 -15.28
N SER A 2 -5.11 -4.05 -14.74
CA SER A 2 -4.23 -5.10 -14.25
C SER A 2 -4.59 -5.47 -12.83
N GLN A 3 -5.18 -6.65 -12.65
CA GLN A 3 -5.73 -7.05 -11.37
C GLN A 3 -4.67 -7.36 -10.31
N SER A 4 -3.41 -7.19 -10.65
CA SER A 4 -2.34 -7.40 -9.68
C SER A 4 -2.38 -6.32 -8.60
N ASN A 5 -3.06 -5.21 -8.89
CA ASN A 5 -3.24 -4.13 -7.93
C ASN A 5 -4.16 -4.57 -6.79
N ARG A 6 -4.95 -5.59 -7.05
CA ARG A 6 -5.82 -6.19 -6.03
C ARG A 6 -5.03 -6.51 -4.79
N GLU A 7 -3.95 -7.24 -4.99
CA GLU A 7 -3.11 -7.71 -3.91
C GLU A 7 -2.56 -6.56 -3.10
N LEU A 8 -2.03 -5.56 -3.79
CA LEU A 8 -1.52 -4.36 -3.19
C LEU A 8 -2.53 -3.75 -2.22
N VAL A 9 -3.82 -3.89 -2.54
CA VAL A 9 -4.88 -3.46 -1.65
C VAL A 9 -5.09 -4.51 -0.56
N VAL A 10 -5.49 -5.68 -1.01
CA VAL A 10 -5.86 -6.78 -0.13
C VAL A 10 -4.81 -7.07 0.94
N ASP A 11 -3.58 -7.33 0.51
CA ASP A 11 -2.51 -7.67 1.43
C ASP A 11 -2.30 -6.56 2.43
N PHE A 12 -2.53 -5.32 2.01
CA PHE A 12 -2.33 -4.18 2.88
C PHE A 12 -3.46 -4.08 3.90
N LEU A 13 -4.71 -4.22 3.44
CA LEU A 13 -5.83 -4.16 4.37
C LEU A 13 -5.74 -5.32 5.37
N SER A 14 -5.37 -6.49 4.88
CA SER A 14 -5.16 -7.65 5.75
C SER A 14 -4.05 -7.36 6.76
N TYR A 15 -3.00 -6.70 6.28
CA TYR A 15 -1.86 -6.32 7.11
C TYR A 15 -2.28 -5.35 8.21
N LYS A 16 -3.39 -4.66 8.01
CA LYS A 16 -3.89 -3.69 8.98
C LYS A 16 -4.73 -4.38 10.01
N LEU A 17 -5.58 -5.25 9.55
CA LEU A 17 -6.43 -6.03 10.41
C LEU A 17 -5.62 -7.00 11.26
N SER A 18 -4.50 -7.44 10.71
CA SER A 18 -3.56 -8.32 11.40
C SER A 18 -3.09 -7.69 12.73
N GLN A 19 -2.77 -6.39 12.69
CA GLN A 19 -2.25 -5.69 13.88
C GLN A 19 -3.36 -5.29 14.84
N LYS A 20 -4.58 -5.64 14.48
CA LYS A 20 -5.72 -5.37 15.33
C LYS A 20 -6.21 -6.67 15.92
N GLY A 21 -5.93 -7.72 15.19
CA GLY A 21 -6.26 -9.05 15.61
C GLY A 21 -7.49 -9.56 14.89
N TYR A 22 -7.77 -8.96 13.74
CA TYR A 22 -8.91 -9.35 12.94
C TYR A 22 -8.48 -9.98 11.63
N SER A 23 -9.36 -10.78 11.06
CA SER A 23 -9.07 -11.47 9.82
C SER A 23 -9.56 -10.66 8.64
N TRP A 24 -8.85 -10.78 7.53
CA TRP A 24 -9.25 -10.15 6.29
C TRP A 24 -10.44 -10.89 5.70
N SER A 25 -10.30 -12.20 5.53
CA SER A 25 -11.30 -12.99 4.83
C SER A 25 -12.60 -13.09 5.62
N GLN A 26 -12.55 -13.02 6.95
CA GLN A 26 -13.75 -13.13 7.77
C GLN A 26 -14.73 -12.01 7.46
N PHE A 27 -14.20 -10.86 7.04
CA PHE A 27 -15.03 -9.69 6.81
C PHE A 27 -15.11 -9.36 5.32
N SER A 28 -14.22 -9.95 4.54
CA SER A 28 -14.17 -9.67 3.11
C SER A 28 -14.82 -10.75 2.28
N ASP A 29 -15.36 -10.29 1.18
CA ASP A 29 -16.08 -11.11 0.24
C ASP A 29 -15.36 -11.07 -1.11
N VAL A 30 -14.30 -10.27 -1.15
CA VAL A 30 -13.62 -9.92 -2.38
C VAL A 30 -12.96 -11.11 -3.07
N GLU A 31 -11.84 -11.58 -2.56
CA GLU A 31 -11.13 -12.70 -3.16
C GLU A 31 -11.72 -13.99 -2.63
N GLU A 32 -12.68 -13.82 -1.74
CA GLU A 32 -13.43 -14.92 -1.20
C GLU A 32 -14.26 -15.58 -2.29
N ASN A 33 -14.85 -14.77 -3.15
CA ASN A 33 -15.77 -15.26 -4.16
C ASN A 33 -15.16 -15.27 -5.55
N ARG A 34 -13.98 -14.67 -5.70
CA ARG A 34 -13.35 -14.59 -7.02
C ARG A 34 -11.92 -15.09 -6.98
N THR A 35 -11.42 -15.52 -8.13
CA THR A 35 -10.04 -15.91 -8.27
C THR A 35 -9.41 -15.19 -9.45
N GLU A 36 -8.64 -14.17 -9.15
CA GLU A 36 -8.12 -13.27 -10.17
C GLU A 36 -6.66 -12.92 -9.91
N ALA A 37 -6.43 -12.15 -8.85
CA ALA A 37 -5.07 -11.79 -8.49
C ALA A 37 -4.35 -12.98 -7.86
N PRO A 38 -3.09 -13.20 -8.26
CA PRO A 38 -2.22 -14.21 -7.66
C PRO A 38 -1.91 -13.90 -6.19
N GLU A 39 -1.05 -14.70 -5.59
CA GLU A 39 -0.62 -14.45 -4.22
C GLU A 39 0.52 -13.44 -4.21
N GLY A 40 1.01 -13.13 -5.40
CA GLY A 40 2.13 -12.24 -5.55
C GLY A 40 2.81 -12.43 -6.88
N THR A 41 2.16 -11.99 -7.96
CA THR A 41 2.69 -12.22 -9.29
C THR A 41 3.92 -11.32 -9.52
N GLU A 42 3.69 -10.04 -9.75
CA GLU A 42 4.75 -9.03 -9.70
C GLU A 42 4.74 -8.42 -8.32
N SER A 43 3.59 -8.55 -7.73
CA SER A 43 3.22 -7.89 -6.50
C SER A 43 4.05 -8.29 -5.30
N GLU A 44 4.55 -9.51 -5.26
CA GLU A 44 5.25 -10.00 -4.07
C GLU A 44 6.24 -8.97 -3.54
N ALA A 45 7.09 -8.45 -4.40
CA ALA A 45 8.05 -7.41 -4.00
C ALA A 45 7.34 -6.08 -3.83
N VAL A 46 6.37 -5.82 -4.70
CA VAL A 46 5.54 -4.62 -4.65
C VAL A 46 4.87 -4.47 -3.29
N LYS A 47 3.99 -5.40 -2.97
CA LYS A 47 3.21 -5.37 -1.74
C LYS A 47 4.13 -5.41 -0.53
N GLN A 48 5.23 -6.13 -0.68
CA GLN A 48 6.26 -6.15 0.35
C GLN A 48 6.86 -4.76 0.56
N ALA A 49 7.02 -4.00 -0.51
CA ALA A 49 7.50 -2.62 -0.40
C ALA A 49 6.38 -1.72 0.09
N LEU A 50 5.18 -2.04 -0.35
CA LEU A 50 3.96 -1.30 -0.02
C LEU A 50 3.76 -1.18 1.49
N ARG A 51 4.08 -2.24 2.22
CA ARG A 51 3.82 -2.27 3.64
C ARG A 51 4.90 -1.51 4.38
N GLU A 52 6.09 -1.58 3.82
CA GLU A 52 7.25 -0.89 4.35
C GLU A 52 7.09 0.62 4.17
N ALA A 53 6.62 1.01 3.00
CA ALA A 53 6.35 2.41 2.69
C ALA A 53 5.15 2.91 3.47
N GLY A 54 4.12 2.08 3.55
CA GLY A 54 2.91 2.44 4.27
C GLY A 54 3.17 2.68 5.74
N ASP A 55 3.93 1.78 6.36
CA ASP A 55 4.24 1.84 7.79
C ASP A 55 4.82 3.20 8.16
N GLU A 56 5.55 3.78 7.23
CA GLU A 56 6.19 5.08 7.42
C GLU A 56 5.22 6.24 7.22
N PHE A 57 4.19 6.03 6.45
CA PHE A 57 3.20 7.09 6.19
C PHE A 57 2.16 7.20 7.32
N GLU A 58 1.67 6.07 7.80
CA GLU A 58 0.51 6.02 8.70
C GLU A 58 0.70 6.83 9.99
N LEU A 59 1.83 6.63 10.63
CA LEU A 59 2.11 7.17 11.95
C LEU A 59 2.51 8.64 11.90
N ARG A 60 2.69 9.14 10.69
CA ARG A 60 3.43 10.37 10.44
C ARG A 60 3.11 11.56 11.37
N TYR A 61 1.91 11.67 11.94
CA TYR A 61 1.73 12.75 12.90
C TYR A 61 2.08 12.26 14.31
N ARG A 62 1.15 11.65 15.05
CA ARG A 62 1.55 10.78 16.15
C ARG A 62 1.30 9.31 15.85
N ARG A 63 0.04 8.92 16.06
CA ARG A 63 -0.51 7.63 15.67
C ARG A 63 -1.37 7.75 14.43
N ALA A 64 -1.30 8.91 13.77
CA ALA A 64 -2.39 9.51 12.98
C ALA A 64 -3.39 8.50 12.38
N PHE A 65 -2.93 7.52 11.62
CA PHE A 65 -3.83 6.57 10.96
C PHE A 65 -4.91 5.98 11.90
N SER A 66 -4.60 5.89 13.20
CA SER A 66 -5.58 5.41 14.18
C SER A 66 -6.42 6.54 14.78
N ASP A 67 -5.80 7.69 14.99
CA ASP A 67 -6.48 8.80 15.66
C ASP A 67 -7.33 9.62 14.70
N LEU A 68 -7.00 9.54 13.41
CA LEU A 68 -7.62 10.39 12.41
C LEU A 68 -9.12 10.20 12.30
N THR A 69 -9.65 9.10 12.84
CA THR A 69 -11.08 8.80 12.74
C THR A 69 -11.94 10.01 13.09
N SER A 70 -11.41 10.86 13.96
CA SER A 70 -12.06 12.11 14.34
C SER A 70 -12.42 12.94 13.09
N GLN A 71 -11.40 13.28 12.30
CA GLN A 71 -11.55 14.07 11.08
C GLN A 71 -12.56 13.45 10.14
N LEU A 72 -12.41 12.17 9.92
CA LEU A 72 -13.12 11.48 8.86
C LEU A 72 -14.54 11.13 9.26
N HIS A 73 -14.76 10.93 10.56
CA HIS A 73 -16.07 10.52 11.07
C HIS A 73 -16.43 9.17 10.49
N ILE A 74 -15.62 8.20 10.88
CA ILE A 74 -15.71 6.85 10.36
C ILE A 74 -17.01 6.18 10.76
N THR A 75 -17.78 5.83 9.76
CA THR A 75 -19.13 5.35 9.93
C THR A 75 -19.45 4.40 8.76
N PRO A 76 -20.71 3.93 8.58
CA PRO A 76 -21.21 3.29 7.34
C PRO A 76 -20.56 3.79 6.04
N GLY A 77 -20.82 3.05 4.97
CA GLY A 77 -20.23 3.25 3.63
C GLY A 77 -19.83 4.66 3.24
N THR A 78 -20.46 5.67 3.81
CA THR A 78 -20.10 7.05 3.55
C THR A 78 -18.75 7.42 4.20
N ALA A 79 -18.08 6.41 4.76
CA ALA A 79 -16.70 6.56 5.20
C ALA A 79 -15.79 6.62 3.99
N TYR A 80 -16.31 6.20 2.84
CA TYR A 80 -15.60 6.31 1.58
C TYR A 80 -15.67 7.75 1.11
N GLN A 81 -16.56 8.52 1.70
CA GLN A 81 -16.63 9.96 1.47
C GLN A 81 -15.60 10.67 2.34
N SER A 82 -15.33 10.06 3.47
CA SER A 82 -14.29 10.51 4.37
C SER A 82 -12.92 10.22 3.77
N PHE A 83 -12.72 8.96 3.39
CA PHE A 83 -11.50 8.54 2.71
C PHE A 83 -11.40 9.21 1.34
N GLU A 84 -12.53 9.69 0.85
CA GLU A 84 -12.60 10.40 -0.43
C GLU A 84 -11.72 11.63 -0.38
N GLN A 85 -11.87 12.38 0.69
CA GLN A 85 -11.09 13.58 0.95
C GLN A 85 -9.60 13.30 0.75
N VAL A 86 -9.21 12.10 1.10
CA VAL A 86 -7.83 11.68 1.01
C VAL A 86 -7.50 11.24 -0.40
N VAL A 87 -8.25 10.30 -0.92
CA VAL A 87 -7.98 9.77 -2.25
C VAL A 87 -8.08 10.89 -3.27
N ASN A 88 -8.85 11.91 -2.92
CA ASN A 88 -8.92 13.14 -3.67
C ASN A 88 -7.57 13.82 -3.71
N GLU A 89 -7.00 14.12 -2.53
CA GLU A 89 -5.75 14.85 -2.45
C GLU A 89 -4.68 14.04 -3.15
N LEU A 90 -4.80 12.75 -2.97
CA LEU A 90 -3.78 11.82 -3.37
C LEU A 90 -3.68 11.69 -4.88
N PHE A 91 -4.75 11.99 -5.58
CA PHE A 91 -4.77 11.82 -7.04
C PHE A 91 -4.70 13.16 -7.76
N ARG A 92 -5.12 14.20 -7.09
CA ARG A 92 -5.25 15.50 -7.73
C ARG A 92 -3.94 16.30 -7.67
N ASP A 93 -3.29 16.24 -6.52
CA ASP A 93 -2.23 17.19 -6.23
C ASP A 93 -0.84 16.58 -6.43
N GLY A 94 -0.72 15.48 -7.17
CA GLY A 94 0.60 14.95 -7.38
C GLY A 94 0.76 13.48 -7.07
N VAL A 95 0.16 12.59 -7.86
CA VAL A 95 0.30 11.16 -7.62
C VAL A 95 1.72 10.69 -7.93
N ASN A 96 2.47 10.48 -6.88
CA ASN A 96 3.82 9.96 -7.00
C ASN A 96 3.86 8.56 -6.45
N TRP A 97 5.04 7.96 -6.38
CA TRP A 97 5.19 6.63 -5.83
C TRP A 97 4.60 6.56 -4.42
N GLY A 98 4.94 7.55 -3.61
CA GLY A 98 4.51 7.57 -2.21
C GLY A 98 3.02 7.82 -2.05
N ARG A 99 2.42 8.57 -2.97
CA ARG A 99 1.00 8.90 -2.87
C ARG A 99 0.15 7.65 -2.92
N ILE A 100 0.60 6.69 -3.71
CA ILE A 100 -0.15 5.47 -3.90
C ILE A 100 -0.01 4.57 -2.68
N VAL A 101 1.20 4.48 -2.12
CA VAL A 101 1.39 3.73 -0.89
C VAL A 101 0.51 4.32 0.22
N ALA A 102 0.37 5.64 0.20
CA ALA A 102 -0.45 6.36 1.18
C ALA A 102 -1.91 6.01 1.01
N PHE A 103 -2.32 5.91 -0.25
CA PHE A 103 -3.66 5.45 -0.60
C PHE A 103 -3.96 4.13 0.09
N PHE A 104 -2.98 3.23 0.09
CA PHE A 104 -3.12 1.94 0.75
C PHE A 104 -3.01 2.08 2.26
N SER A 105 -2.09 2.93 2.71
CA SER A 105 -1.89 3.16 4.13
C SER A 105 -3.19 3.59 4.79
N PHE A 106 -3.83 4.58 4.20
CA PHE A 106 -5.07 5.12 4.75
C PHE A 106 -6.25 4.21 4.40
N GLY A 107 -6.21 3.62 3.22
CA GLY A 107 -7.28 2.73 2.81
C GLY A 107 -7.35 1.49 3.67
N GLY A 108 -6.19 0.92 3.96
CA GLY A 108 -6.14 -0.22 4.84
C GLY A 108 -6.51 0.19 6.26
N ALA A 109 -6.14 1.42 6.61
CA ALA A 109 -6.49 1.99 7.90
C ALA A 109 -7.98 2.25 7.99
N LEU A 110 -8.57 2.62 6.85
CA LEU A 110 -9.99 2.95 6.78
C LEU A 110 -10.78 1.70 7.10
N CYS A 111 -10.26 0.59 6.59
CA CYS A 111 -10.77 -0.73 6.91
C CYS A 111 -10.83 -0.92 8.41
N VAL A 112 -9.71 -0.66 9.08
CA VAL A 112 -9.63 -0.83 10.52
C VAL A 112 -10.48 0.21 11.26
N GLU A 113 -10.52 1.44 10.76
CA GLU A 113 -11.36 2.47 11.34
C GLU A 113 -12.81 2.03 11.33
N SER A 114 -13.16 1.18 10.37
CA SER A 114 -14.48 0.62 10.28
C SER A 114 -14.63 -0.52 11.28
N VAL A 115 -13.59 -1.32 11.37
CA VAL A 115 -13.55 -2.47 12.27
C VAL A 115 -13.64 -2.00 13.70
N ASP A 116 -13.04 -0.85 13.91
CA ASP A 116 -13.01 -0.17 15.17
C ASP A 116 -14.42 -0.02 15.76
N LYS A 117 -15.33 0.48 14.94
CA LYS A 117 -16.72 0.67 15.37
C LYS A 117 -17.53 -0.59 15.11
N GLU A 118 -16.82 -1.69 14.83
CA GLU A 118 -17.43 -2.97 14.51
C GLU A 118 -18.26 -2.87 13.23
N MET A 119 -17.68 -2.20 12.25
CA MET A 119 -18.32 -2.00 10.95
C MET A 119 -17.47 -2.69 9.91
N GLN A 120 -17.09 -3.90 10.23
CA GLN A 120 -16.21 -4.71 9.42
C GLN A 120 -16.78 -5.01 8.02
N VAL A 121 -18.03 -4.64 7.80
CA VAL A 121 -18.63 -4.77 6.47
C VAL A 121 -17.93 -3.82 5.48
N LEU A 122 -17.38 -2.72 5.98
CA LEU A 122 -16.70 -1.75 5.13
C LEU A 122 -15.39 -2.31 4.63
N VAL A 123 -14.81 -3.20 5.44
CA VAL A 123 -13.55 -3.86 5.10
C VAL A 123 -13.53 -4.33 3.63
N SER A 124 -14.52 -5.11 3.24
CA SER A 124 -14.58 -5.63 1.89
C SER A 124 -14.89 -4.53 0.87
N ARG A 125 -15.72 -3.57 1.30
CA ARG A 125 -16.12 -2.47 0.42
C ARG A 125 -14.92 -1.63 0.04
N ILE A 126 -14.23 -1.14 1.06
CA ILE A 126 -13.04 -0.34 0.87
C ILE A 126 -12.04 -1.03 -0.07
N ALA A 127 -11.69 -2.28 0.25
CA ALA A 127 -10.71 -3.04 -0.55
C ALA A 127 -11.14 -3.10 -2.03
N ALA A 128 -12.44 -3.17 -2.26
CA ALA A 128 -12.97 -3.18 -3.63
C ALA A 128 -12.66 -1.88 -4.34
N TRP A 129 -13.10 -0.79 -3.75
CA TRP A 129 -12.96 0.52 -4.35
C TRP A 129 -11.50 0.96 -4.38
N MET A 130 -10.71 0.44 -3.46
CA MET A 130 -9.28 0.71 -3.42
C MET A 130 -8.60 0.21 -4.67
N ALA A 131 -8.69 -1.10 -4.90
CA ALA A 131 -8.06 -1.70 -6.07
C ALA A 131 -8.67 -1.16 -7.35
N THR A 132 -9.96 -0.88 -7.32
CA THR A 132 -10.63 -0.29 -8.46
C THR A 132 -10.08 1.10 -8.77
N TYR A 133 -9.95 1.92 -7.74
CA TYR A 133 -9.43 3.28 -7.90
C TYR A 133 -8.01 3.22 -8.46
N LEU A 134 -7.24 2.24 -8.02
CA LEU A 134 -5.93 2.01 -8.59
C LEU A 134 -6.09 1.61 -10.06
N ASN A 135 -6.97 0.64 -10.30
CA ASN A 135 -7.25 0.15 -11.64
C ASN A 135 -7.51 1.28 -12.62
N ASP A 136 -8.50 2.11 -12.31
CA ASP A 136 -8.92 3.14 -13.23
C ASP A 136 -8.02 4.37 -13.18
N HIS A 137 -7.75 4.85 -11.99
CA HIS A 137 -7.10 6.14 -11.80
C HIS A 137 -5.58 6.05 -11.74
N LEU A 138 -5.07 5.12 -10.95
CA LEU A 138 -3.66 5.15 -10.59
C LEU A 138 -2.80 4.35 -11.54
N GLU A 139 -3.34 3.26 -12.08
CA GLU A 139 -2.57 2.34 -12.91
C GLU A 139 -1.80 3.09 -14.01
N PRO A 140 -2.45 3.98 -14.79
CA PRO A 140 -1.76 4.79 -15.80
C PRO A 140 -0.66 5.64 -15.18
N TRP A 141 -1.00 6.35 -14.11
CA TRP A 141 -0.05 7.20 -13.39
C TRP A 141 1.16 6.39 -12.94
N ILE A 142 0.89 5.24 -12.36
CA ILE A 142 1.92 4.29 -11.96
C ILE A 142 2.89 4.00 -13.09
N GLN A 143 2.33 3.67 -14.24
CA GLN A 143 3.11 3.37 -15.42
C GLN A 143 3.99 4.56 -15.82
N GLU A 144 3.50 5.78 -15.60
CA GLU A 144 4.25 6.99 -15.89
C GLU A 144 5.46 7.10 -14.98
N ASN A 145 5.39 6.41 -13.86
CA ASN A 145 6.42 6.52 -12.83
C ASN A 145 7.33 5.31 -12.89
N GLY A 146 6.98 4.36 -13.75
CA GLY A 146 7.79 3.20 -13.97
C GLY A 146 7.05 1.90 -13.73
N GLY A 147 6.11 1.93 -12.81
CA GLY A 147 5.36 0.72 -12.49
C GLY A 147 5.45 0.38 -11.02
N TRP A 148 4.88 -0.76 -10.64
CA TRP A 148 4.86 -1.20 -9.26
C TRP A 148 6.21 -1.81 -8.89
N ASP A 149 6.77 -2.57 -9.82
CA ASP A 149 8.07 -3.20 -9.60
C ASP A 149 9.14 -2.14 -9.40
N THR A 150 9.08 -1.09 -10.20
CA THR A 150 9.97 0.04 -10.06
C THR A 150 9.87 0.64 -8.67
N PHE A 151 8.66 0.64 -8.10
CA PHE A 151 8.48 1.20 -6.77
C PHE A 151 9.33 0.43 -5.76
N VAL A 152 9.39 -0.88 -5.92
CA VAL A 152 10.17 -1.70 -5.02
C VAL A 152 11.66 -1.61 -5.37
N GLU A 153 11.97 -1.32 -6.63
CA GLU A 153 13.33 -1.04 -7.02
C GLU A 153 13.87 0.16 -6.24
N LEU A 154 13.01 1.16 -6.10
CA LEU A 154 13.32 2.36 -5.34
C LEU A 154 13.14 2.17 -3.83
N TYR A 155 11.92 1.83 -3.42
CA TYR A 155 11.53 1.84 -2.00
C TYR A 155 11.11 0.44 -1.56
N GLY A 156 11.65 -0.56 -2.24
CA GLY A 156 11.33 -1.94 -1.95
C GLY A 156 11.58 -2.36 -0.53
N ASN A 157 10.94 -3.46 -0.19
CA ASN A 157 11.03 -4.09 1.11
C ASN A 157 12.48 -4.30 1.53
N ASN A 158 12.76 -4.06 2.81
CA ASN A 158 14.14 -4.11 3.30
C ASN A 158 14.72 -5.52 3.24
N ALA A 159 13.89 -6.55 3.35
CA ALA A 159 14.35 -7.91 3.20
C ALA A 159 14.94 -8.11 1.81
N ALA A 160 14.45 -7.34 0.85
CA ALA A 160 15.00 -7.35 -0.49
C ALA A 160 16.16 -6.37 -0.59
N ALA A 161 16.04 -5.26 0.14
CA ALA A 161 17.10 -4.25 0.18
C ALA A 161 18.41 -4.85 0.72
N GLU A 162 18.34 -5.51 1.87
CA GLU A 162 19.50 -6.20 2.41
C GLU A 162 19.98 -7.30 1.48
N SER A 163 19.08 -7.86 0.70
CA SER A 163 19.44 -8.90 -0.24
C SER A 163 20.27 -8.29 -1.38
N ARG A 164 20.00 -7.03 -1.66
CA ARG A 164 20.81 -6.28 -2.61
C ARG A 164 22.09 -5.81 -1.95
N LYS A 165 21.94 -5.40 -0.71
CA LYS A 165 23.05 -4.93 0.10
C LYS A 165 24.12 -6.02 0.24
N GLY A 166 23.66 -7.24 0.46
CA GLY A 166 24.57 -8.36 0.63
C GLY A 166 25.36 -8.68 -0.63
N GLN A 167 24.71 -8.61 -1.78
CA GLN A 167 25.40 -8.90 -3.03
C GLN A 167 26.30 -7.74 -3.43
N GLU A 168 25.92 -6.53 -3.03
CA GLU A 168 26.73 -5.35 -3.28
C GLU A 168 27.80 -5.21 -2.23
N ARG A 169 27.98 -6.25 -1.42
CA ARG A 169 29.06 -6.27 -0.43
C ARG A 169 30.35 -6.65 -1.15
N LEU A 170 30.20 -7.39 -2.24
CA LEU A 170 31.31 -7.69 -3.14
C LEU A 170 31.42 -6.62 -4.21
N GLU A 171 30.26 -6.09 -4.59
CA GLU A 171 30.19 -5.00 -5.55
C GLU A 171 30.60 -3.69 -4.90
N HIS A 172 30.49 -2.61 -5.64
CA HIS A 172 30.73 -1.28 -5.09
C HIS A 172 29.54 -0.38 -5.39
N HIS A 173 29.03 0.27 -4.36
CA HIS A 173 27.83 1.10 -4.48
C HIS A 173 28.10 2.31 -5.37
N HIS A 174 27.42 2.34 -6.50
CA HIS A 174 27.60 3.39 -7.49
C HIS A 174 26.25 3.99 -7.85
N HIS A 175 26.22 5.31 -7.99
CA HIS A 175 24.96 6.04 -8.18
C HIS A 175 24.49 5.95 -9.64
N HIS A 176 25.11 5.09 -10.42
CA HIS A 176 24.77 4.89 -11.83
C HIS A 176 25.08 6.14 -12.63
N HIS A 177 26.34 6.27 -13.04
CA HIS A 177 26.78 7.37 -13.90
C HIS A 177 26.60 8.71 -13.20
N LEU A 178 27.14 8.83 -11.99
CA LEU A 178 27.11 10.08 -11.23
C LEU A 178 25.67 10.47 -10.87
N GLU A 179 25.46 11.74 -10.57
CA GLU A 179 24.13 12.26 -10.26
C GLU A 179 23.86 13.54 -11.05
N HIS A 180 24.92 14.27 -11.36
CA HIS A 180 24.81 15.50 -12.12
C HIS A 180 25.97 15.62 -13.10
N HIS A 181 25.70 15.37 -14.36
CA HIS A 181 26.70 15.48 -15.41
C HIS A 181 27.08 16.94 -15.64
N HIS A 182 28.12 17.16 -16.43
CA HIS A 182 28.58 18.51 -16.70
C HIS A 182 28.75 18.73 -18.19
N HIS A 183 27.89 19.54 -18.78
CA HIS A 183 28.00 19.87 -20.19
C HIS A 183 28.04 21.39 -20.37
N HIS A 184 28.81 21.83 -21.35
CA HIS A 184 29.06 23.26 -21.57
C HIS A 184 27.78 23.99 -21.98
N HIS A 185 27.01 23.37 -22.87
CA HIS A 185 25.79 23.97 -23.35
C HIS A 185 24.64 22.99 -23.25
N GLY B 2 -10.77 20.88 5.97
CA GLY B 2 -9.73 21.86 6.22
C GLY B 2 -8.37 21.20 6.33
N CYS B 3 -8.37 19.98 6.82
CA CYS B 3 -7.14 19.19 6.89
C CYS B 3 -7.21 18.06 5.89
N VAL B 4 -6.66 16.89 6.27
CA VAL B 4 -6.71 15.65 5.48
C VAL B 4 -6.45 15.86 3.98
N GLY B 5 -7.46 16.22 3.18
CA GLY B 5 -7.23 16.84 1.87
C GLY B 5 -5.98 17.70 1.83
N ARG B 6 -5.73 18.42 2.92
CA ARG B 6 -4.51 19.22 3.07
C ARG B 6 -3.38 18.42 3.71
N ALA B 7 -3.72 17.62 4.73
CA ALA B 7 -2.70 16.94 5.55
C ALA B 7 -2.01 15.82 4.79
N LEU B 8 -2.77 14.79 4.46
CA LEU B 8 -2.23 13.59 3.85
C LEU B 8 -1.50 13.93 2.57
N ALA B 9 -2.08 14.85 1.83
CA ALA B 9 -1.51 15.38 0.61
C ALA B 9 -0.10 15.90 0.85
N ALA B 10 0.06 16.56 2.00
CA ALA B 10 1.31 17.17 2.39
C ALA B 10 2.28 16.14 2.96
N PHE B 11 1.74 15.24 3.77
CA PHE B 11 2.53 14.20 4.42
C PHE B 11 3.02 13.15 3.42
N GLY B 12 2.20 12.89 2.40
CA GLY B 12 2.52 11.85 1.45
C GLY B 12 3.67 12.20 0.53
N ASP B 13 3.90 13.49 0.35
CA ASP B 13 4.95 13.96 -0.54
C ASP B 13 6.33 13.74 0.06
N CYS B 14 6.37 13.26 1.30
CA CYS B 14 7.62 13.01 1.99
C CYS B 14 8.14 11.62 1.65
N ILE B 15 7.27 10.80 1.07
CA ILE B 15 7.62 9.43 0.71
C ILE B 15 8.40 9.45 -0.61
N ASN B 16 9.62 9.97 -0.56
CA ASN B 16 10.47 10.06 -1.72
C ASN B 16 11.86 9.53 -1.39
N ARG B 17 12.76 9.54 -2.37
CA ARG B 17 14.11 9.05 -2.16
C ARG B 17 15.05 10.19 -1.83
N MET A 1 -0.55 -6.54 -14.88
CA MET A 1 -2.02 -6.71 -15.00
C MET A 1 -2.74 -5.83 -13.99
N SER A 2 -3.98 -5.46 -14.30
CA SER A 2 -4.76 -4.56 -13.45
C SER A 2 -5.42 -5.31 -12.29
N GLN A 3 -5.00 -6.55 -12.08
CA GLN A 3 -5.53 -7.33 -10.97
C GLN A 3 -4.57 -7.34 -9.80
N SER A 4 -3.30 -7.07 -10.07
CA SER A 4 -2.28 -7.17 -9.03
C SER A 4 -2.38 -6.02 -8.02
N ASN A 5 -2.97 -4.91 -8.44
CA ASN A 5 -3.21 -3.79 -7.53
C ASN A 5 -4.18 -4.18 -6.44
N ARG A 6 -4.98 -5.20 -6.72
CA ARG A 6 -5.88 -5.77 -5.71
C ARG A 6 -5.09 -6.25 -4.53
N GLU A 7 -4.10 -7.08 -4.81
CA GLU A 7 -3.26 -7.66 -3.77
C GLU A 7 -2.62 -6.59 -2.92
N LEU A 8 -2.03 -5.61 -3.59
CA LEU A 8 -1.44 -4.45 -2.95
C LEU A 8 -2.39 -3.85 -1.91
N VAL A 9 -3.67 -3.73 -2.27
CA VAL A 9 -4.69 -3.27 -1.34
C VAL A 9 -4.96 -4.34 -0.28
N VAL A 10 -5.47 -5.47 -0.75
CA VAL A 10 -5.93 -6.56 0.12
C VAL A 10 -4.87 -6.98 1.13
N ASP A 11 -3.65 -7.19 0.67
CA ASP A 11 -2.56 -7.63 1.51
C ASP A 11 -2.36 -6.69 2.69
N PHE A 12 -2.52 -5.40 2.42
CA PHE A 12 -2.33 -4.40 3.46
C PHE A 12 -3.51 -4.40 4.43
N LEU A 13 -4.74 -4.45 3.92
CA LEU A 13 -5.91 -4.49 4.79
C LEU A 13 -5.82 -5.70 5.73
N SER A 14 -5.43 -6.83 5.16
CA SER A 14 -5.24 -8.06 5.95
C SER A 14 -4.21 -7.85 7.04
N TYR A 15 -3.15 -7.13 6.69
CA TYR A 15 -2.01 -6.92 7.57
C TYR A 15 -2.35 -5.93 8.69
N LYS A 16 -3.42 -5.16 8.50
CA LYS A 16 -3.82 -4.15 9.49
C LYS A 16 -4.75 -4.76 10.50
N LEU A 17 -5.72 -5.47 10.02
CA LEU A 17 -6.66 -6.17 10.86
C LEU A 17 -5.95 -7.14 11.80
N SER A 18 -4.83 -7.68 11.35
CA SER A 18 -4.02 -8.58 12.16
C SER A 18 -3.59 -7.92 13.48
N GLN A 19 -3.08 -6.69 13.40
CA GLN A 19 -2.60 -5.98 14.60
C GLN A 19 -3.75 -5.49 15.47
N LYS A 20 -4.97 -5.78 15.05
CA LYS A 20 -6.16 -5.40 15.80
C LYS A 20 -6.79 -6.65 16.38
N GLY A 21 -6.55 -7.74 15.68
CA GLY A 21 -7.06 -9.03 16.11
C GLY A 21 -8.25 -9.45 15.29
N TYR A 22 -8.32 -8.95 14.07
CA TYR A 22 -9.35 -9.37 13.13
C TYR A 22 -8.73 -9.92 11.86
N SER A 23 -9.57 -10.55 11.05
CA SER A 23 -9.13 -11.08 9.79
C SER A 23 -9.75 -10.30 8.65
N TRP A 24 -9.05 -10.24 7.53
CA TRP A 24 -9.60 -9.65 6.34
C TRP A 24 -10.66 -10.57 5.75
N SER A 25 -10.28 -11.84 5.57
CA SER A 25 -11.11 -12.80 4.86
C SER A 25 -12.44 -13.01 5.55
N GLN A 26 -12.43 -13.08 6.88
CA GLN A 26 -13.65 -13.27 7.65
C GLN A 26 -14.69 -12.20 7.33
N PHE A 27 -14.21 -11.02 6.99
CA PHE A 27 -15.08 -9.88 6.73
C PHE A 27 -15.01 -9.45 5.26
N SER A 28 -14.48 -10.33 4.43
CA SER A 28 -14.28 -9.99 3.02
C SER A 28 -15.36 -10.58 2.13
N ASP A 29 -15.20 -10.30 0.84
CA ASP A 29 -16.11 -10.75 -0.20
C ASP A 29 -15.40 -10.57 -1.55
N VAL A 30 -14.45 -9.65 -1.53
CA VAL A 30 -13.67 -9.25 -2.71
C VAL A 30 -12.92 -10.43 -3.34
N GLU A 31 -11.86 -10.90 -2.69
CA GLU A 31 -11.10 -12.04 -3.17
C GLU A 31 -11.74 -13.30 -2.65
N GLU A 32 -12.82 -13.11 -1.90
CA GLU A 32 -13.58 -14.21 -1.35
C GLU A 32 -14.39 -14.89 -2.43
N ASN A 33 -15.24 -14.11 -3.09
CA ASN A 33 -16.14 -14.66 -4.10
C ASN A 33 -15.42 -14.81 -5.43
N ARG A 34 -14.78 -13.74 -5.89
CA ARG A 34 -14.05 -13.79 -7.15
C ARG A 34 -12.56 -13.92 -6.91
N THR A 35 -11.90 -14.66 -7.77
CA THR A 35 -10.47 -14.85 -7.67
C THR A 35 -9.81 -14.56 -9.02
N GLU A 36 -9.05 -13.48 -9.06
CA GLU A 36 -8.49 -13.00 -10.31
C GLU A 36 -6.97 -12.93 -10.21
N ALA A 37 -6.50 -12.00 -9.38
CA ALA A 37 -5.07 -11.83 -9.19
C ALA A 37 -4.43 -13.07 -8.57
N PRO A 38 -3.25 -13.45 -9.08
CA PRO A 38 -2.44 -14.54 -8.52
C PRO A 38 -2.06 -14.28 -7.06
N GLU A 39 -1.30 -15.18 -6.47
CA GLU A 39 -0.86 -15.00 -5.08
C GLU A 39 0.23 -13.94 -5.00
N GLY A 40 0.74 -13.55 -6.16
CA GLY A 40 1.75 -12.53 -6.24
C GLY A 40 2.50 -12.59 -7.53
N THR A 41 1.83 -12.21 -8.62
CA THR A 41 2.42 -12.35 -9.95
C THR A 41 3.55 -11.33 -10.15
N GLU A 42 3.19 -10.07 -10.36
CA GLU A 42 4.15 -8.98 -10.32
C GLU A 42 4.17 -8.40 -8.92
N SER A 43 3.02 -8.51 -8.31
CA SER A 43 2.68 -7.88 -7.05
C SER A 43 3.59 -8.30 -5.91
N GLU A 44 4.15 -9.50 -5.98
CA GLU A 44 4.98 -10.04 -4.90
C GLU A 44 6.00 -9.00 -4.39
N ALA A 45 6.79 -8.45 -5.30
CA ALA A 45 7.78 -7.45 -4.92
C ALA A 45 7.13 -6.11 -4.61
N VAL A 46 6.16 -5.71 -5.41
CA VAL A 46 5.54 -4.39 -5.26
C VAL A 46 4.71 -4.31 -3.98
N LYS A 47 4.01 -5.40 -3.64
CA LYS A 47 3.24 -5.44 -2.40
C LYS A 47 4.21 -5.42 -1.23
N GLN A 48 5.34 -6.10 -1.42
CA GLN A 48 6.38 -6.14 -0.40
C GLN A 48 6.95 -4.76 -0.15
N ALA A 49 7.10 -3.99 -1.21
CA ALA A 49 7.57 -2.62 -1.10
C ALA A 49 6.47 -1.72 -0.55
N LEU A 50 5.25 -1.95 -1.03
CA LEU A 50 4.08 -1.20 -0.62
C LEU A 50 3.90 -1.22 0.89
N ARG A 51 4.07 -2.38 1.51
CA ARG A 51 3.71 -2.54 2.92
C ARG A 51 4.74 -1.85 3.79
N GLU A 52 5.94 -1.74 3.26
CA GLU A 52 7.04 -1.08 3.93
C GLU A 52 6.84 0.43 3.89
N ALA A 53 6.60 0.95 2.70
CA ALA A 53 6.31 2.36 2.51
C ALA A 53 5.04 2.75 3.26
N GLY A 54 4.03 1.88 3.17
CA GLY A 54 2.80 2.10 3.88
C GLY A 54 2.99 2.04 5.38
N ASP A 55 3.85 1.13 5.83
CA ASP A 55 4.19 1.00 7.25
C ASP A 55 4.74 2.30 7.78
N GLU A 56 5.78 2.82 7.11
CA GLU A 56 6.43 4.07 7.49
C GLU A 56 5.44 5.23 7.53
N PHE A 57 4.39 5.13 6.73
CA PHE A 57 3.35 6.14 6.70
C PHE A 57 2.47 6.07 7.96
N GLU A 58 2.34 4.85 8.52
CA GLU A 58 1.43 4.61 9.64
C GLU A 58 1.92 5.25 10.92
N LEU A 59 3.00 4.71 11.49
CA LEU A 59 3.50 5.16 12.78
C LEU A 59 3.78 6.66 12.79
N ARG A 60 4.21 7.15 11.65
CA ARG A 60 4.47 8.57 11.45
C ARG A 60 3.24 9.41 11.82
N TYR A 61 2.17 9.26 11.06
CA TYR A 61 0.99 10.10 11.18
C TYR A 61 -0.08 9.49 12.09
N ARG A 62 0.20 8.30 12.63
CA ARG A 62 -0.76 7.55 13.46
C ARG A 62 -1.47 8.43 14.48
N ARG A 63 -0.75 9.39 15.05
CA ARG A 63 -1.33 10.37 15.99
C ARG A 63 -2.64 10.92 15.43
N ALA A 64 -2.58 11.39 14.19
CA ALA A 64 -3.74 11.95 13.53
C ALA A 64 -4.75 10.89 13.19
N PHE A 65 -4.28 9.79 12.58
CA PHE A 65 -5.17 8.74 12.05
C PHE A 65 -6.29 8.35 13.02
N SER A 66 -5.92 8.09 14.28
CA SER A 66 -6.89 7.65 15.27
C SER A 66 -7.96 8.73 15.51
N ASP A 67 -7.53 9.98 15.50
CA ASP A 67 -8.44 11.10 15.71
C ASP A 67 -9.18 11.44 14.42
N LEU A 68 -8.50 11.21 13.29
CA LEU A 68 -9.02 11.54 11.98
C LEU A 68 -10.31 10.78 11.67
N THR A 69 -10.61 9.72 12.40
CA THR A 69 -11.85 8.98 12.18
C THR A 69 -13.06 9.91 12.31
N SER A 70 -12.88 10.99 13.06
CA SER A 70 -13.92 12.00 13.19
C SER A 70 -13.98 12.82 11.91
N GLN A 71 -12.82 13.06 11.33
CA GLN A 71 -12.70 13.85 10.11
C GLN A 71 -13.21 13.04 8.91
N LEU A 72 -12.88 11.74 8.88
CA LEU A 72 -13.48 10.86 7.90
C LEU A 72 -14.95 10.68 8.21
N HIS A 73 -15.28 10.68 9.49
CA HIS A 73 -16.62 10.35 9.98
C HIS A 73 -16.88 8.85 9.81
N ILE A 74 -15.86 8.17 9.28
CA ILE A 74 -15.83 6.73 9.00
C ILE A 74 -17.20 6.08 8.88
N THR A 75 -17.74 5.71 10.02
CA THR A 75 -19.01 4.95 10.16
C THR A 75 -19.40 4.13 8.86
N PRO A 76 -20.69 3.71 8.66
CA PRO A 76 -21.21 3.14 7.40
C PRO A 76 -20.54 3.59 6.10
N GLY A 77 -20.85 2.81 5.04
CA GLY A 77 -20.26 2.92 3.69
C GLY A 77 -19.89 4.30 3.19
N THR A 78 -20.47 5.34 3.76
CA THR A 78 -20.15 6.70 3.36
C THR A 78 -18.71 7.07 3.73
N ALA A 79 -18.00 6.11 4.32
CA ALA A 79 -16.58 6.25 4.59
C ALA A 79 -15.79 6.28 3.29
N TYR A 80 -16.43 5.88 2.20
CA TYR A 80 -15.81 5.93 0.89
C TYR A 80 -15.85 7.36 0.38
N GLN A 81 -16.77 8.13 0.92
CA GLN A 81 -16.83 9.56 0.65
C GLN A 81 -15.83 10.29 1.51
N SER A 82 -15.52 9.67 2.63
CA SER A 82 -14.49 10.14 3.53
C SER A 82 -13.11 9.88 2.91
N PHE A 83 -12.89 8.63 2.53
CA PHE A 83 -11.67 8.20 1.85
C PHE A 83 -11.56 8.90 0.49
N GLU A 84 -12.69 9.40 0.02
CA GLU A 84 -12.76 10.12 -1.23
C GLU A 84 -11.94 11.39 -1.19
N GLN A 85 -12.17 12.18 -0.16
CA GLN A 85 -11.48 13.44 0.06
C GLN A 85 -9.98 13.23 -0.03
N VAL A 86 -9.55 12.06 0.38
CA VAL A 86 -8.16 11.72 0.41
C VAL A 86 -7.70 11.23 -0.96
N VAL A 87 -8.41 10.28 -1.53
CA VAL A 87 -8.04 9.73 -2.82
C VAL A 87 -8.09 10.85 -3.87
N ASN A 88 -8.86 11.86 -3.54
CA ASN A 88 -8.95 13.07 -4.32
C ASN A 88 -7.64 13.86 -4.25
N GLU A 89 -7.14 14.12 -3.03
CA GLU A 89 -5.91 14.88 -2.89
C GLU A 89 -4.78 14.08 -3.48
N LEU A 90 -4.87 12.79 -3.27
CA LEU A 90 -3.77 11.90 -3.51
C LEU A 90 -3.42 11.79 -4.99
N PHE A 91 -4.37 12.16 -5.85
CA PHE A 91 -4.17 11.97 -7.28
C PHE A 91 -3.99 13.30 -8.00
N ARG A 92 -4.39 14.38 -7.38
CA ARG A 92 -4.29 15.69 -8.03
C ARG A 92 -3.09 16.46 -7.50
N ASP A 93 -2.65 16.11 -6.32
CA ASP A 93 -1.65 16.90 -5.60
C ASP A 93 -0.25 16.35 -5.83
N GLY A 94 -0.05 15.58 -6.89
CA GLY A 94 1.29 15.13 -7.16
C GLY A 94 1.49 13.64 -7.00
N VAL A 95 0.88 12.83 -7.88
CA VAL A 95 0.98 11.38 -7.73
C VAL A 95 2.39 10.90 -8.07
N ASN A 96 3.14 10.77 -7.02
CA ASN A 96 4.40 10.09 -7.04
C ASN A 96 4.24 8.80 -6.27
N TRP A 97 5.29 8.02 -6.19
CA TRP A 97 5.23 6.71 -5.55
C TRP A 97 4.64 6.80 -4.14
N GLY A 98 5.06 7.81 -3.38
CA GLY A 98 4.62 7.96 -2.00
C GLY A 98 3.12 8.19 -1.83
N ARG A 99 2.49 8.87 -2.78
CA ARG A 99 1.06 9.16 -2.68
C ARG A 99 0.26 7.88 -2.63
N ILE A 100 0.69 6.91 -3.41
CA ILE A 100 -0.03 5.67 -3.58
C ILE A 100 0.11 4.77 -2.37
N VAL A 101 1.28 4.80 -1.75
CA VAL A 101 1.47 4.08 -0.50
C VAL A 101 0.60 4.70 0.60
N ALA A 102 0.42 6.01 0.53
CA ALA A 102 -0.47 6.70 1.46
C ALA A 102 -1.90 6.26 1.22
N PHE A 103 -2.27 6.28 -0.06
CA PHE A 103 -3.59 5.86 -0.51
C PHE A 103 -3.98 4.49 0.05
N PHE A 104 -3.12 3.51 -0.16
CA PHE A 104 -3.45 2.16 0.24
C PHE A 104 -3.22 1.95 1.74
N SER A 105 -2.41 2.81 2.35
CA SER A 105 -2.14 2.71 3.78
C SER A 105 -3.34 3.20 4.58
N PHE A 106 -3.81 4.42 4.28
CA PHE A 106 -4.94 4.97 4.99
C PHE A 106 -6.21 4.18 4.64
N GLY A 107 -6.17 3.51 3.49
CA GLY A 107 -7.27 2.64 3.12
C GLY A 107 -7.26 1.35 3.91
N GLY A 108 -6.07 0.80 4.11
CA GLY A 108 -5.92 -0.37 4.96
C GLY A 108 -6.29 -0.04 6.38
N ALA A 109 -5.98 1.18 6.79
CA ALA A 109 -6.38 1.69 8.08
C ALA A 109 -7.87 2.05 8.08
N LEU A 110 -8.38 2.43 6.92
CA LEU A 110 -9.79 2.80 6.76
C LEU A 110 -10.63 1.59 7.09
N CYS A 111 -10.11 0.46 6.62
CA CYS A 111 -10.65 -0.84 6.95
C CYS A 111 -10.84 -0.93 8.46
N VAL A 112 -9.75 -0.79 9.20
CA VAL A 112 -9.81 -0.90 10.65
C VAL A 112 -10.60 0.25 11.27
N GLU A 113 -10.59 1.44 10.66
CA GLU A 113 -11.40 2.55 11.16
C GLU A 113 -12.87 2.15 11.21
N SER A 114 -13.22 1.14 10.44
CA SER A 114 -14.57 0.66 10.39
C SER A 114 -14.74 -0.40 11.45
N VAL A 115 -13.76 -1.29 11.52
CA VAL A 115 -13.79 -2.40 12.44
C VAL A 115 -13.68 -1.88 13.86
N ASP A 116 -13.00 -0.75 13.96
CA ASP A 116 -12.82 0.00 15.19
C ASP A 116 -14.15 0.26 15.88
N LYS A 117 -15.10 0.77 15.12
CA LYS A 117 -16.45 1.05 15.62
C LYS A 117 -17.31 -0.20 15.52
N GLU A 118 -16.64 -1.33 15.27
CA GLU A 118 -17.29 -2.62 15.09
C GLU A 118 -18.18 -2.59 13.85
N MET A 119 -17.56 -2.20 12.75
CA MET A 119 -18.22 -2.13 11.46
C MET A 119 -17.32 -2.81 10.45
N GLN A 120 -16.73 -3.91 10.90
CA GLN A 120 -15.81 -4.70 10.09
C GLN A 120 -16.38 -5.10 8.72
N VAL A 121 -17.66 -4.84 8.48
CA VAL A 121 -18.26 -5.11 7.18
C VAL A 121 -17.70 -4.20 6.08
N LEU A 122 -17.26 -2.98 6.45
CA LEU A 122 -16.68 -2.03 5.51
C LEU A 122 -15.38 -2.57 4.96
N VAL A 123 -14.76 -3.40 5.76
CA VAL A 123 -13.46 -3.99 5.46
C VAL A 123 -13.37 -4.48 4.02
N SER A 124 -14.39 -5.19 3.58
CA SER A 124 -14.40 -5.74 2.24
C SER A 124 -14.65 -4.65 1.19
N ARG A 125 -15.59 -3.76 1.47
CA ARG A 125 -16.03 -2.82 0.46
C ARG A 125 -14.95 -1.76 0.19
N ILE A 126 -14.25 -1.36 1.25
CA ILE A 126 -13.12 -0.43 1.11
C ILE A 126 -12.08 -0.99 0.14
N ALA A 127 -11.68 -2.24 0.32
CA ALA A 127 -10.66 -2.86 -0.54
C ALA A 127 -11.08 -2.84 -2.00
N ALA A 128 -12.39 -2.90 -2.24
CA ALA A 128 -12.93 -2.79 -3.59
C ALA A 128 -12.59 -1.44 -4.18
N TRP A 129 -13.07 -0.41 -3.51
CA TRP A 129 -12.89 0.96 -3.94
C TRP A 129 -11.41 1.30 -4.07
N MET A 130 -10.61 0.85 -3.11
CA MET A 130 -9.19 1.13 -3.11
C MET A 130 -8.51 0.61 -4.37
N ALA A 131 -8.62 -0.69 -4.61
CA ALA A 131 -7.97 -1.29 -5.75
C ALA A 131 -8.50 -0.73 -7.06
N THR A 132 -9.79 -0.38 -7.06
CA THR A 132 -10.40 0.23 -8.23
C THR A 132 -9.85 1.64 -8.47
N TYR A 133 -9.75 2.42 -7.41
CA TYR A 133 -9.21 3.76 -7.53
C TYR A 133 -7.74 3.71 -7.96
N LEU A 134 -7.03 2.67 -7.52
CA LEU A 134 -5.70 2.42 -8.04
C LEU A 134 -5.83 2.08 -9.53
N ASN A 135 -6.71 1.14 -9.84
CA ASN A 135 -6.94 0.70 -11.21
C ASN A 135 -7.15 1.85 -12.19
N ASP A 136 -8.19 2.65 -11.94
CA ASP A 136 -8.59 3.69 -12.88
C ASP A 136 -7.69 4.92 -12.78
N HIS A 137 -7.42 5.34 -11.56
CA HIS A 137 -6.75 6.61 -11.34
C HIS A 137 -5.23 6.48 -11.29
N LEU A 138 -4.75 5.56 -10.47
CA LEU A 138 -3.34 5.47 -10.14
C LEU A 138 -2.53 4.68 -11.14
N GLU A 139 -3.02 3.51 -11.51
CA GLU A 139 -2.29 2.56 -12.35
C GLU A 139 -1.64 3.24 -13.57
N PRO A 140 -2.38 4.02 -14.39
CA PRO A 140 -1.78 4.74 -15.52
C PRO A 140 -0.60 5.59 -15.09
N TRP A 141 -0.82 6.36 -14.03
CA TRP A 141 0.20 7.23 -13.48
C TRP A 141 1.40 6.42 -13.00
N ILE A 142 1.12 5.34 -12.28
CA ILE A 142 2.14 4.40 -11.84
C ILE A 142 3.06 4.00 -12.99
N GLN A 143 2.44 3.58 -14.08
CA GLN A 143 3.18 3.18 -15.28
C GLN A 143 4.06 4.31 -15.81
N GLU A 144 3.59 5.56 -15.66
CA GLU A 144 4.35 6.74 -16.08
C GLU A 144 5.64 6.87 -15.27
N ASN A 145 5.64 6.23 -14.12
CA ASN A 145 6.74 6.33 -13.17
C ASN A 145 7.52 5.03 -13.18
N GLY A 146 7.22 4.21 -14.17
CA GLY A 146 7.95 2.99 -14.39
C GLY A 146 7.12 1.75 -14.17
N GLY A 147 6.22 1.82 -13.20
CA GLY A 147 5.40 0.67 -12.86
C GLY A 147 5.51 0.31 -11.40
N TRP A 148 4.96 -0.83 -11.04
CA TRP A 148 4.95 -1.26 -9.64
C TRP A 148 6.31 -1.84 -9.26
N ASP A 149 6.97 -2.50 -10.19
CA ASP A 149 8.29 -3.07 -9.94
C ASP A 149 9.30 -1.98 -9.67
N THR A 150 9.22 -0.91 -10.44
CA THR A 150 10.08 0.25 -10.25
C THR A 150 9.96 0.80 -8.84
N PHE A 151 8.75 0.76 -8.30
CA PHE A 151 8.50 1.25 -6.96
C PHE A 151 9.37 0.52 -5.95
N VAL A 152 9.49 -0.79 -6.10
CA VAL A 152 10.28 -1.61 -5.19
C VAL A 152 11.77 -1.35 -5.40
N GLU A 153 12.13 -0.94 -6.61
CA GLU A 153 13.50 -0.53 -6.90
C GLU A 153 13.89 0.66 -6.03
N LEU A 154 12.89 1.39 -5.56
CA LEU A 154 13.12 2.56 -4.72
C LEU A 154 12.76 2.26 -3.26
N TYR A 155 11.54 1.80 -3.05
CA TYR A 155 10.96 1.64 -1.72
C TYR A 155 10.81 0.17 -1.36
N GLY A 156 11.45 -0.69 -2.13
CA GLY A 156 11.29 -2.12 -1.95
C GLY A 156 11.69 -2.61 -0.58
N ASN A 157 11.16 -3.77 -0.25
CA ASN A 157 11.43 -4.44 1.00
C ASN A 157 12.92 -4.50 1.29
N ASN A 158 13.36 -3.72 2.27
CA ASN A 158 14.78 -3.61 2.55
C ASN A 158 15.32 -4.82 3.29
N ALA A 159 14.45 -5.52 4.02
CA ALA A 159 14.87 -6.71 4.73
C ALA A 159 15.50 -7.72 3.79
N ALA A 160 14.84 -7.97 2.67
CA ALA A 160 15.38 -8.86 1.65
C ALA A 160 16.50 -8.17 0.87
N ALA A 161 16.33 -6.87 0.64
CA ALA A 161 17.30 -6.09 -0.12
C ALA A 161 18.69 -6.13 0.50
N GLU A 162 18.78 -5.75 1.77
CA GLU A 162 20.05 -5.75 2.49
C GLU A 162 20.58 -7.16 2.67
N SER A 163 19.68 -8.12 2.67
CA SER A 163 20.06 -9.50 2.86
C SER A 163 20.84 -9.99 1.64
N ARG A 164 20.31 -9.70 0.45
CA ARG A 164 20.98 -10.06 -0.79
C ARG A 164 22.11 -9.09 -1.08
N LYS A 165 22.06 -7.94 -0.42
CA LYS A 165 23.09 -6.92 -0.54
C LYS A 165 24.31 -7.33 0.27
N GLY A 166 24.05 -7.93 1.42
CA GLY A 166 25.12 -8.34 2.31
C GLY A 166 26.02 -9.38 1.70
N GLN A 167 25.44 -10.31 0.95
CA GLN A 167 26.24 -11.34 0.30
C GLN A 167 26.96 -10.76 -0.90
N GLU A 168 26.44 -9.67 -1.43
CA GLU A 168 27.08 -8.97 -2.52
C GLU A 168 28.28 -8.21 -1.99
N ARG A 169 28.34 -8.09 -0.68
CA ARG A 169 29.44 -7.42 -0.02
C ARG A 169 30.51 -8.44 0.33
N LEU A 170 30.06 -9.67 0.55
CA LEU A 170 30.95 -10.72 1.01
C LEU A 170 31.58 -11.41 -0.19
N GLU A 171 30.74 -11.96 -1.05
CA GLU A 171 31.19 -12.58 -2.28
C GLU A 171 31.38 -11.51 -3.33
N HIS A 172 32.58 -11.43 -3.90
CA HIS A 172 32.88 -10.42 -4.90
C HIS A 172 32.71 -11.01 -6.29
N HIS A 173 31.78 -10.44 -7.05
CA HIS A 173 31.43 -10.96 -8.36
C HIS A 173 32.48 -10.62 -9.41
N HIS A 174 33.47 -9.84 -9.04
CA HIS A 174 34.55 -9.50 -9.95
C HIS A 174 35.51 -10.69 -10.11
N HIS A 175 35.30 -11.47 -11.16
CA HIS A 175 36.20 -12.57 -11.47
C HIS A 175 37.13 -12.16 -12.59
N HIS A 176 36.56 -11.47 -13.58
CA HIS A 176 37.32 -10.92 -14.70
C HIS A 176 36.45 -10.00 -15.52
N HIS A 177 35.57 -10.58 -16.35
CA HIS A 177 34.70 -9.85 -17.25
C HIS A 177 35.43 -8.72 -17.98
N LEU A 178 35.26 -7.50 -17.51
CA LEU A 178 35.88 -6.35 -18.12
C LEU A 178 36.45 -5.43 -17.05
N GLU A 179 37.48 -4.68 -17.41
CA GLU A 179 38.15 -3.80 -16.47
C GLU A 179 37.90 -2.34 -16.84
N HIS A 180 37.96 -1.47 -15.84
CA HIS A 180 37.78 -0.05 -16.05
C HIS A 180 39.08 0.56 -16.58
N HIS A 181 38.97 1.62 -17.37
CA HIS A 181 40.15 2.25 -17.95
C HIS A 181 40.72 3.30 -17.00
N HIS A 182 41.98 3.13 -16.64
CA HIS A 182 42.66 4.05 -15.76
C HIS A 182 43.48 5.03 -16.60
N HIS A 183 43.61 4.72 -17.89
CA HIS A 183 44.26 5.62 -18.82
C HIS A 183 43.30 6.71 -19.25
N HIS A 184 43.71 7.95 -19.11
CA HIS A 184 42.87 9.08 -19.48
C HIS A 184 43.14 9.48 -20.93
N HIS A 185 44.31 9.08 -21.42
CA HIS A 185 44.69 9.38 -22.80
C HIS A 185 44.76 8.09 -23.60
N GLY B 2 -11.05 22.02 6.87
CA GLY B 2 -10.18 22.24 5.74
C GLY B 2 -8.92 21.42 5.84
N CYS B 3 -9.07 20.12 6.02
CA CYS B 3 -7.93 19.24 6.17
C CYS B 3 -7.99 18.10 5.17
N VAL B 4 -7.44 16.96 5.56
CA VAL B 4 -7.49 15.71 4.81
C VAL B 4 -7.00 15.88 3.36
N GLY B 5 -7.88 16.14 2.39
CA GLY B 5 -7.42 16.61 1.08
C GLY B 5 -6.37 17.72 1.18
N ARG B 6 -6.41 18.46 2.28
CA ARG B 6 -5.37 19.45 2.59
C ARG B 6 -4.18 18.80 3.29
N ALA B 7 -4.47 17.99 4.30
CA ALA B 7 -3.45 17.50 5.21
C ALA B 7 -2.71 16.28 4.66
N LEU B 8 -3.47 15.26 4.26
CA LEU B 8 -2.89 14.02 3.79
C LEU B 8 -2.00 14.26 2.59
N ALA B 9 -2.60 14.83 1.53
CA ALA B 9 -1.86 15.33 0.37
C ALA B 9 -0.48 15.85 0.75
N ALA B 10 -0.50 16.77 1.71
CA ALA B 10 0.68 17.47 2.16
C ALA B 10 1.64 16.54 2.91
N PHE B 11 1.13 15.88 3.94
CA PHE B 11 1.94 14.98 4.75
C PHE B 11 2.45 13.79 3.93
N GLY B 12 1.74 13.49 2.85
CA GLY B 12 2.11 12.39 2.00
C GLY B 12 3.36 12.68 1.18
N ASP B 13 3.83 13.91 1.25
CA ASP B 13 5.05 14.30 0.55
C ASP B 13 6.31 13.87 1.33
N CYS B 14 6.13 13.28 2.51
CA CYS B 14 7.28 12.97 3.37
C CYS B 14 7.48 11.46 3.49
N ILE B 15 7.01 10.71 2.50
CA ILE B 15 7.13 9.24 2.52
C ILE B 15 8.55 8.80 2.19
N ASN B 16 9.27 8.39 3.23
CA ASN B 16 10.59 7.76 3.08
C ASN B 16 11.58 8.66 2.34
N ARG B 17 12.26 9.51 3.08
CA ARG B 17 13.24 10.41 2.49
C ARG B 17 14.32 10.77 3.52
N MET A 1 -5.50 -1.93 -16.59
CA MET A 1 -6.36 -2.52 -15.54
C MET A 1 -5.74 -3.82 -15.03
N SER A 2 -4.93 -3.70 -13.99
CA SER A 2 -4.29 -4.85 -13.39
C SER A 2 -5.03 -5.31 -12.15
N GLN A 3 -5.63 -6.50 -12.23
CA GLN A 3 -6.36 -7.06 -11.10
C GLN A 3 -5.37 -7.51 -10.03
N SER A 4 -4.09 -7.44 -10.36
CA SER A 4 -3.03 -7.79 -9.43
C SER A 4 -2.83 -6.66 -8.42
N ASN A 5 -3.37 -5.47 -8.73
CA ASN A 5 -3.33 -4.34 -7.79
C ASN A 5 -4.20 -4.66 -6.59
N ARG A 6 -5.11 -5.62 -6.78
CA ARG A 6 -5.96 -6.09 -5.70
C ARG A 6 -5.13 -6.46 -4.49
N GLU A 7 -4.12 -7.26 -4.73
CA GLU A 7 -3.23 -7.73 -3.67
C GLU A 7 -2.60 -6.56 -2.93
N LEU A 8 -2.10 -5.59 -3.68
CA LEU A 8 -1.53 -4.37 -3.15
C LEU A 8 -2.48 -3.70 -2.17
N VAL A 9 -3.78 -3.86 -2.41
CA VAL A 9 -4.79 -3.40 -1.47
C VAL A 9 -4.99 -4.44 -0.37
N VAL A 10 -5.53 -5.58 -0.77
CA VAL A 10 -5.96 -6.66 0.12
C VAL A 10 -4.90 -7.06 1.14
N ASP A 11 -3.72 -7.42 0.65
CA ASP A 11 -2.64 -7.93 1.50
C ASP A 11 -2.39 -7.03 2.70
N PHE A 12 -2.58 -5.74 2.49
CA PHE A 12 -2.28 -4.76 3.51
C PHE A 12 -3.48 -4.48 4.40
N LEU A 13 -4.69 -4.49 3.84
CA LEU A 13 -5.87 -4.35 4.69
C LEU A 13 -5.89 -5.51 5.69
N SER A 14 -5.49 -6.68 5.21
CA SER A 14 -5.35 -7.86 6.05
C SER A 14 -4.37 -7.59 7.19
N TYR A 15 -3.24 -6.98 6.86
CA TYR A 15 -2.22 -6.68 7.85
C TYR A 15 -2.73 -5.63 8.84
N LYS A 16 -3.56 -4.70 8.35
CA LYS A 16 -4.07 -3.63 9.19
C LYS A 16 -5.05 -4.18 10.22
N LEU A 17 -5.80 -5.22 9.87
CA LEU A 17 -6.70 -5.86 10.82
C LEU A 17 -5.91 -6.67 11.86
N SER A 18 -4.76 -7.18 11.44
CA SER A 18 -3.94 -8.06 12.27
C SER A 18 -3.47 -7.32 13.53
N GLN A 19 -3.16 -6.03 13.40
CA GLN A 19 -2.67 -5.24 14.52
C GLN A 19 -3.81 -4.84 15.46
N LYS A 20 -5.02 -5.23 15.11
CA LYS A 20 -6.20 -4.91 15.91
C LYS A 20 -6.75 -6.18 16.51
N GLY A 21 -6.46 -7.27 15.84
CA GLY A 21 -6.90 -8.57 16.28
C GLY A 21 -8.09 -9.06 15.49
N TYR A 22 -8.24 -8.52 14.28
CA TYR A 22 -9.28 -8.97 13.38
C TYR A 22 -8.66 -9.63 12.16
N SER A 23 -9.47 -10.36 11.42
CA SER A 23 -9.03 -10.98 10.20
C SER A 23 -9.69 -10.31 9.01
N TRP A 24 -8.95 -10.18 7.92
CA TRP A 24 -9.49 -9.67 6.69
C TRP A 24 -10.52 -10.64 6.13
N SER A 25 -10.15 -11.91 6.06
CA SER A 25 -11.00 -12.92 5.44
C SER A 25 -12.31 -13.12 6.19
N GLN A 26 -12.30 -12.85 7.50
CA GLN A 26 -13.53 -12.91 8.29
C GLN A 26 -14.59 -11.98 7.73
N PHE A 27 -14.15 -10.87 7.19
CA PHE A 27 -15.05 -9.80 6.78
C PHE A 27 -14.94 -9.51 5.29
N SER A 28 -14.32 -10.43 4.56
CA SER A 28 -14.02 -10.18 3.17
C SER A 28 -14.99 -10.85 2.22
N ASP A 29 -14.72 -10.63 0.95
CA ASP A 29 -15.49 -11.16 -0.16
C ASP A 29 -14.72 -10.91 -1.44
N VAL A 30 -13.79 -9.95 -1.34
CA VAL A 30 -12.96 -9.49 -2.45
C VAL A 30 -12.14 -10.62 -3.08
N GLU A 31 -11.13 -11.09 -2.37
CA GLU A 31 -10.31 -12.20 -2.86
C GLU A 31 -10.95 -13.50 -2.42
N GLU A 32 -12.02 -13.35 -1.67
CA GLU A 32 -12.75 -14.48 -1.14
C GLU A 32 -13.58 -15.11 -2.26
N ASN A 33 -14.18 -14.25 -3.06
CA ASN A 33 -14.96 -14.66 -4.19
C ASN A 33 -14.62 -13.79 -5.40
N ARG A 34 -13.64 -14.23 -6.15
CA ARG A 34 -13.14 -13.45 -7.27
C ARG A 34 -12.65 -14.33 -8.42
N THR A 35 -12.09 -13.66 -9.41
CA THR A 35 -11.46 -14.30 -10.55
C THR A 35 -10.19 -15.05 -10.17
N GLU A 36 -9.59 -15.64 -11.17
CA GLU A 36 -8.38 -16.43 -11.01
C GLU A 36 -7.13 -15.56 -10.84
N ALA A 37 -6.29 -15.59 -11.85
CA ALA A 37 -4.98 -14.96 -11.79
C ALA A 37 -4.98 -13.59 -12.46
N PRO A 38 -4.11 -12.70 -11.96
CA PRO A 38 -3.83 -11.41 -12.59
C PRO A 38 -3.19 -11.56 -13.98
N GLU A 39 -3.28 -10.51 -14.79
CA GLU A 39 -2.59 -10.47 -16.08
C GLU A 39 -1.18 -9.93 -15.89
N GLY A 40 -0.81 -9.73 -14.63
CA GLY A 40 0.46 -9.14 -14.29
C GLY A 40 0.68 -9.18 -12.80
N THR A 41 0.93 -10.39 -12.30
CA THR A 41 1.02 -10.66 -10.89
C THR A 41 2.31 -10.11 -10.25
N GLU A 42 2.98 -9.24 -10.98
CA GLU A 42 4.10 -8.42 -10.50
C GLU A 42 4.01 -8.09 -9.00
N SER A 43 2.77 -7.95 -8.51
CA SER A 43 2.47 -7.60 -7.13
C SER A 43 3.48 -8.09 -6.12
N GLU A 44 3.85 -9.36 -6.19
CA GLU A 44 4.72 -9.99 -5.18
C GLU A 44 5.86 -9.08 -4.72
N ALA A 45 6.59 -8.50 -5.66
CA ALA A 45 7.70 -7.62 -5.32
C ALA A 45 7.19 -6.23 -4.90
N VAL A 46 6.13 -5.78 -5.53
CA VAL A 46 5.61 -4.43 -5.28
C VAL A 46 4.90 -4.34 -3.94
N LYS A 47 4.14 -5.38 -3.57
CA LYS A 47 3.52 -5.44 -2.26
C LYS A 47 4.60 -5.57 -1.20
N GLN A 48 5.56 -6.45 -1.46
CA GLN A 48 6.73 -6.60 -0.60
C GLN A 48 7.44 -5.28 -0.37
N ALA A 49 7.46 -4.43 -1.39
CA ALA A 49 8.09 -3.11 -1.26
C ALA A 49 7.14 -2.13 -0.58
N LEU A 50 5.85 -2.33 -0.78
CA LEU A 50 4.84 -1.43 -0.26
C LEU A 50 4.76 -1.50 1.27
N ARG A 51 5.14 -2.64 1.85
CA ARG A 51 5.10 -2.77 3.30
C ARG A 51 6.33 -2.13 3.89
N GLU A 52 7.37 -2.10 3.09
CA GLU A 52 8.62 -1.47 3.44
C GLU A 52 8.46 0.04 3.45
N ALA A 53 7.99 0.57 2.33
CA ALA A 53 7.70 2.00 2.21
C ALA A 53 6.59 2.39 3.17
N GLY A 54 5.58 1.53 3.29
CA GLY A 54 4.46 1.78 4.17
C GLY A 54 4.91 1.98 5.60
N ASP A 55 5.69 1.04 6.10
CA ASP A 55 6.19 1.09 7.48
C ASP A 55 6.87 2.42 7.76
N GLU A 56 7.65 2.88 6.79
CA GLU A 56 8.40 4.12 6.91
C GLU A 56 7.49 5.35 6.76
N PHE A 57 6.38 5.18 6.08
CA PHE A 57 5.41 6.25 5.90
C PHE A 57 4.42 6.36 7.08
N GLU A 58 3.85 5.23 7.49
CA GLU A 58 2.69 5.20 8.39
C GLU A 58 2.91 5.98 9.67
N LEU A 59 4.00 5.66 10.34
CA LEU A 59 4.33 6.22 11.65
C LEU A 59 4.27 7.74 11.65
N ARG A 60 4.64 8.36 10.52
CA ARG A 60 4.64 9.81 10.41
C ARG A 60 3.27 10.39 10.76
N TYR A 61 2.23 9.91 10.07
CA TYR A 61 0.87 10.41 10.28
C TYR A 61 0.11 9.56 11.30
N ARG A 62 0.75 8.50 11.77
CA ARG A 62 0.12 7.50 12.64
C ARG A 62 -0.59 8.13 13.84
N ARG A 63 -0.02 9.20 14.38
CA ARG A 63 -0.60 9.87 15.54
C ARG A 63 -1.99 10.41 15.25
N ALA A 64 -2.23 10.81 14.00
CA ALA A 64 -3.49 11.45 13.64
C ALA A 64 -4.56 10.46 13.21
N PHE A 65 -4.20 9.53 12.32
CA PHE A 65 -5.21 8.72 11.61
C PHE A 65 -6.10 7.92 12.57
N SER A 66 -5.59 7.59 13.75
CA SER A 66 -6.37 6.86 14.72
C SER A 66 -7.47 7.74 15.31
N ASP A 67 -7.19 9.04 15.39
CA ASP A 67 -8.13 10.00 15.95
C ASP A 67 -9.03 10.59 14.87
N LEU A 68 -8.53 10.57 13.64
CA LEU A 68 -9.22 11.19 12.51
C LEU A 68 -10.60 10.61 12.25
N THR A 69 -10.89 9.44 12.81
CA THR A 69 -12.18 8.80 12.64
C THR A 69 -13.33 9.76 12.95
N SER A 70 -13.10 10.61 13.94
CA SER A 70 -14.07 11.61 14.34
C SER A 70 -14.25 12.66 13.25
N GLN A 71 -13.16 12.96 12.54
CA GLN A 71 -13.16 13.97 11.50
C GLN A 71 -13.78 13.42 10.24
N LEU A 72 -13.31 12.24 9.83
CA LEU A 72 -13.81 11.58 8.64
C LEU A 72 -15.26 11.16 8.85
N HIS A 73 -15.61 10.86 10.09
CA HIS A 73 -16.95 10.38 10.43
C HIS A 73 -17.15 8.99 9.85
N ILE A 74 -16.31 8.09 10.32
CA ILE A 74 -16.30 6.71 9.87
C ILE A 74 -17.59 6.00 10.27
N THR A 75 -18.28 5.47 9.27
CA THR A 75 -19.61 4.96 9.44
C THR A 75 -19.89 3.98 8.28
N PRO A 76 -21.14 3.52 8.05
CA PRO A 76 -21.58 2.86 6.82
C PRO A 76 -20.87 3.32 5.54
N GLY A 77 -21.05 2.53 4.46
CA GLY A 77 -20.39 2.73 3.16
C GLY A 77 -20.00 4.15 2.77
N THR A 78 -20.75 5.13 3.25
CA THR A 78 -20.45 6.52 2.97
C THR A 78 -19.15 6.98 3.67
N ALA A 79 -18.45 6.03 4.29
CA ALA A 79 -17.12 6.28 4.81
C ALA A 79 -16.15 6.44 3.64
N TYR A 80 -16.61 6.04 2.46
CA TYR A 80 -15.84 6.24 1.23
C TYR A 80 -15.93 7.70 0.82
N GLN A 81 -16.90 8.41 1.39
CA GLN A 81 -17.03 9.84 1.19
C GLN A 81 -16.12 10.57 2.17
N SER A 82 -15.88 9.92 3.28
CA SER A 82 -14.90 10.36 4.26
C SER A 82 -13.50 10.14 3.71
N PHE A 83 -13.26 8.91 3.27
CA PHE A 83 -12.03 8.54 2.60
C PHE A 83 -11.91 9.29 1.27
N GLU A 84 -13.02 9.83 0.80
CA GLU A 84 -13.03 10.63 -0.41
C GLU A 84 -12.16 11.86 -0.23
N GLN A 85 -12.42 12.56 0.87
CA GLN A 85 -11.70 13.78 1.24
C GLN A 85 -10.21 13.61 1.05
N VAL A 86 -9.75 12.49 1.51
CA VAL A 86 -8.36 12.19 1.59
C VAL A 86 -7.84 11.52 0.33
N VAL A 87 -8.63 10.63 -0.23
CA VAL A 87 -8.24 9.99 -1.49
C VAL A 87 -8.19 11.05 -2.58
N ASN A 88 -8.92 12.12 -2.35
CA ASN A 88 -8.94 13.27 -3.22
C ASN A 88 -7.63 14.04 -3.15
N GLU A 89 -7.14 14.28 -1.94
CA GLU A 89 -5.91 15.02 -1.78
C GLU A 89 -4.77 14.18 -2.29
N LEU A 90 -4.91 12.90 -2.04
CA LEU A 90 -3.84 11.95 -2.22
C LEU A 90 -3.52 11.74 -3.69
N PHE A 91 -4.45 12.08 -4.58
CA PHE A 91 -4.27 11.82 -6.00
C PHE A 91 -4.07 13.11 -6.79
N ARG A 92 -4.36 14.23 -6.15
CA ARG A 92 -4.23 15.51 -6.82
C ARG A 92 -2.91 16.19 -6.46
N ASP A 93 -2.49 15.99 -5.23
CA ASP A 93 -1.41 16.75 -4.64
C ASP A 93 -0.03 16.22 -5.01
N GLY A 94 0.04 15.23 -5.88
CA GLY A 94 1.34 14.69 -6.18
C GLY A 94 1.45 13.18 -6.11
N VAL A 95 0.79 12.48 -7.02
CA VAL A 95 0.87 11.02 -7.02
C VAL A 95 2.21 10.55 -7.53
N ASN A 96 3.08 10.28 -6.58
CA ASN A 96 4.37 9.69 -6.85
C ASN A 96 4.41 8.29 -6.25
N TRP A 97 5.59 7.69 -6.25
CA TRP A 97 5.77 6.35 -5.72
C TRP A 97 5.24 6.23 -4.29
N GLY A 98 5.72 7.11 -3.42
CA GLY A 98 5.36 7.05 -2.01
C GLY A 98 3.97 7.57 -1.70
N ARG A 99 3.40 8.32 -2.62
CA ARG A 99 2.07 8.90 -2.42
C ARG A 99 1.01 7.80 -2.37
N ILE A 100 1.13 6.84 -3.27
CA ILE A 100 0.18 5.73 -3.33
C ILE A 100 0.37 4.81 -2.12
N VAL A 101 1.61 4.73 -1.65
CA VAL A 101 1.93 4.03 -0.42
C VAL A 101 1.06 4.54 0.72
N ALA A 102 1.05 5.85 0.89
CA ALA A 102 0.17 6.48 1.87
C ALA A 102 -1.28 6.09 1.65
N PHE A 103 -1.71 6.17 0.40
CA PHE A 103 -3.07 5.86 0.00
C PHE A 103 -3.49 4.44 0.39
N PHE A 104 -2.67 3.45 0.03
CA PHE A 104 -3.04 2.05 0.30
C PHE A 104 -3.07 1.78 1.80
N SER A 105 -2.14 2.41 2.52
CA SER A 105 -2.05 2.21 3.96
C SER A 105 -3.25 2.82 4.68
N PHE A 106 -3.67 3.99 4.21
CA PHE A 106 -4.80 4.68 4.80
C PHE A 106 -6.09 3.96 4.44
N GLY A 107 -6.13 3.39 3.25
CA GLY A 107 -7.27 2.58 2.87
C GLY A 107 -7.40 1.38 3.77
N GLY A 108 -6.26 0.76 4.06
CA GLY A 108 -6.24 -0.34 5.00
C GLY A 108 -6.62 0.11 6.40
N ALA A 109 -6.34 1.37 6.70
CA ALA A 109 -6.71 1.94 7.98
C ALA A 109 -8.20 2.30 8.00
N LEU A 110 -8.71 2.73 6.85
CA LEU A 110 -10.12 3.07 6.71
C LEU A 110 -10.94 1.84 7.03
N CYS A 111 -10.40 0.72 6.58
CA CYS A 111 -10.90 -0.58 6.92
C CYS A 111 -11.09 -0.70 8.41
N VAL A 112 -9.99 -0.58 9.14
CA VAL A 112 -10.02 -0.73 10.60
C VAL A 112 -10.90 0.35 11.25
N GLU A 113 -10.90 1.55 10.69
CA GLU A 113 -11.74 2.62 11.23
C GLU A 113 -13.20 2.19 11.26
N SER A 114 -13.53 1.23 10.40
CA SER A 114 -14.88 0.72 10.32
C SER A 114 -15.04 -0.36 11.35
N VAL A 115 -14.05 -1.21 11.44
CA VAL A 115 -14.07 -2.36 12.31
C VAL A 115 -14.02 -1.90 13.76
N ASP A 116 -13.37 -0.76 13.92
CA ASP A 116 -13.26 -0.04 15.18
C ASP A 116 -14.63 0.14 15.81
N LYS A 117 -15.58 0.62 15.02
CA LYS A 117 -16.94 0.86 15.49
C LYS A 117 -17.77 -0.41 15.34
N GLU A 118 -17.07 -1.52 15.05
CA GLU A 118 -17.70 -2.81 14.77
C GLU A 118 -18.54 -2.73 13.51
N MET A 119 -17.90 -2.25 12.47
CA MET A 119 -18.51 -2.10 11.15
C MET A 119 -17.58 -2.74 10.14
N GLN A 120 -16.97 -3.84 10.57
CA GLN A 120 -16.02 -4.59 9.78
C GLN A 120 -16.56 -5.00 8.39
N VAL A 121 -17.84 -4.79 8.15
CA VAL A 121 -18.43 -5.05 6.83
C VAL A 121 -17.88 -4.11 5.75
N LEU A 122 -17.34 -2.97 6.18
CA LEU A 122 -16.75 -2.00 5.24
C LEU A 122 -15.41 -2.51 4.76
N VAL A 123 -14.80 -3.34 5.59
CA VAL A 123 -13.48 -3.91 5.34
C VAL A 123 -13.33 -4.40 3.90
N SER A 124 -14.26 -5.23 3.45
CA SER A 124 -14.18 -5.78 2.11
C SER A 124 -14.55 -4.73 1.06
N ARG A 125 -15.50 -3.86 1.41
CA ARG A 125 -15.99 -2.85 0.50
C ARG A 125 -14.89 -1.88 0.11
N ILE A 126 -14.22 -1.34 1.12
CA ILE A 126 -13.13 -0.41 0.93
C ILE A 126 -12.06 -1.00 0.01
N ALA A 127 -11.64 -2.22 0.30
CA ALA A 127 -10.62 -2.91 -0.49
C ALA A 127 -11.01 -2.95 -1.97
N ALA A 128 -12.30 -3.11 -2.23
CA ALA A 128 -12.81 -3.10 -3.60
C ALA A 128 -12.53 -1.76 -4.27
N TRP A 129 -13.02 -0.71 -3.63
CA TRP A 129 -12.92 0.63 -4.16
C TRP A 129 -11.47 1.09 -4.24
N MET A 130 -10.65 0.62 -3.31
CA MET A 130 -9.23 0.96 -3.30
C MET A 130 -8.52 0.42 -4.52
N ALA A 131 -8.65 -0.89 -4.74
CA ALA A 131 -7.98 -1.54 -5.86
C ALA A 131 -8.45 -0.98 -7.18
N THR A 132 -9.76 -0.73 -7.29
CA THR A 132 -10.29 -0.12 -8.50
C THR A 132 -9.77 1.31 -8.66
N TYR A 133 -9.74 2.06 -7.57
CA TYR A 133 -9.24 3.43 -7.61
C TYR A 133 -7.82 3.43 -8.14
N LEU A 134 -7.02 2.44 -7.72
CA LEU A 134 -5.70 2.25 -8.27
C LEU A 134 -5.82 1.97 -9.76
N ASN A 135 -6.60 0.95 -10.09
CA ASN A 135 -6.76 0.49 -11.46
C ASN A 135 -7.12 1.61 -12.43
N ASP A 136 -8.07 2.46 -12.05
CA ASP A 136 -8.55 3.49 -12.95
C ASP A 136 -7.71 4.76 -12.86
N HIS A 137 -7.46 5.19 -11.63
CA HIS A 137 -6.86 6.50 -11.37
C HIS A 137 -5.34 6.42 -11.32
N LEU A 138 -4.83 5.49 -10.53
CA LEU A 138 -3.43 5.45 -10.17
C LEU A 138 -2.57 4.72 -11.18
N GLU A 139 -3.06 3.57 -11.64
CA GLU A 139 -2.30 2.70 -12.54
C GLU A 139 -1.63 3.47 -13.68
N PRO A 140 -2.36 4.33 -14.44
CA PRO A 140 -1.74 5.15 -15.49
C PRO A 140 -0.60 6.00 -14.93
N TRP A 141 -0.87 6.67 -13.82
CA TRP A 141 0.12 7.50 -13.11
C TRP A 141 1.34 6.66 -12.74
N ILE A 142 1.08 5.49 -12.16
CA ILE A 142 2.12 4.53 -11.82
C ILE A 142 3.00 4.22 -13.03
N GLN A 143 2.37 3.93 -14.15
CA GLN A 143 3.09 3.61 -15.38
C GLN A 143 3.95 4.79 -15.83
N GLU A 144 3.52 6.01 -15.51
CA GLU A 144 4.30 7.21 -15.78
C GLU A 144 5.60 7.20 -14.98
N ASN A 145 5.60 6.41 -13.93
CA ASN A 145 6.73 6.35 -13.00
C ASN A 145 7.51 5.07 -13.23
N GLY A 146 7.07 4.32 -14.23
CA GLY A 146 7.78 3.11 -14.62
C GLY A 146 6.96 1.86 -14.41
N GLY A 147 6.10 1.87 -13.40
CA GLY A 147 5.34 0.68 -13.06
C GLY A 147 5.75 0.16 -11.69
N TRP A 148 4.88 -0.65 -11.08
CA TRP A 148 5.11 -1.13 -9.71
C TRP A 148 6.44 -1.85 -9.56
N ASP A 149 6.91 -2.50 -10.61
CA ASP A 149 8.21 -3.18 -10.56
C ASP A 149 9.31 -2.15 -10.33
N THR A 150 9.20 -1.03 -11.01
CA THR A 150 10.14 0.07 -10.85
C THR A 150 10.05 0.66 -9.45
N PHE A 151 8.86 0.64 -8.89
CA PHE A 151 8.62 1.17 -7.55
C PHE A 151 9.47 0.41 -6.53
N VAL A 152 9.54 -0.91 -6.69
CA VAL A 152 10.34 -1.75 -5.80
C VAL A 152 11.82 -1.63 -6.18
N GLU A 153 12.09 -1.29 -7.44
CA GLU A 153 13.46 -1.02 -7.86
C GLU A 153 14.04 0.13 -7.04
N LEU A 154 13.15 0.92 -6.44
CA LEU A 154 13.56 2.05 -5.62
C LEU A 154 13.50 1.69 -4.15
N TYR A 155 12.33 1.23 -3.70
CA TYR A 155 12.11 0.98 -2.28
C TYR A 155 11.71 -0.46 -2.00
N GLY A 156 12.19 -1.33 -2.85
CA GLY A 156 11.86 -2.74 -2.76
C GLY A 156 12.40 -3.40 -1.52
N ASN A 157 11.84 -4.56 -1.26
CA ASN A 157 12.15 -5.37 -0.10
C ASN A 157 13.65 -5.63 0.01
N ASN A 158 14.25 -5.11 1.08
CA ASN A 158 15.70 -5.24 1.27
C ASN A 158 16.09 -6.64 1.68
N ALA A 159 15.19 -7.36 2.35
CA ALA A 159 15.46 -8.73 2.76
C ALA A 159 15.86 -9.57 1.56
N ALA A 160 15.11 -9.43 0.48
CA ALA A 160 15.43 -10.11 -0.77
C ALA A 160 16.58 -9.40 -1.49
N ALA A 161 16.59 -8.07 -1.41
CA ALA A 161 17.63 -7.26 -2.04
C ALA A 161 19.03 -7.69 -1.61
N GLU A 162 19.31 -7.57 -0.30
CA GLU A 162 20.61 -7.98 0.24
C GLU A 162 20.90 -9.44 -0.05
N SER A 163 19.86 -10.27 -0.04
CA SER A 163 20.02 -11.69 -0.27
C SER A 163 20.60 -11.96 -1.65
N ARG A 164 20.06 -11.27 -2.65
CA ARG A 164 20.51 -11.43 -4.02
C ARG A 164 21.73 -10.57 -4.30
N LYS A 165 22.02 -9.66 -3.38
CA LYS A 165 23.13 -8.74 -3.53
C LYS A 165 24.40 -9.34 -2.96
N GLY A 166 24.25 -10.14 -1.90
CA GLY A 166 25.39 -10.72 -1.23
C GLY A 166 26.20 -11.64 -2.12
N GLN A 167 25.53 -12.27 -3.08
CA GLN A 167 26.21 -13.16 -4.02
C GLN A 167 26.91 -12.35 -5.10
N GLU A 168 26.55 -11.07 -5.20
CA GLU A 168 27.18 -10.19 -6.17
C GLU A 168 28.39 -9.51 -5.55
N ARG A 169 28.71 -9.90 -4.33
CA ARG A 169 29.87 -9.36 -3.63
C ARG A 169 31.14 -9.69 -4.39
N LEU A 170 31.27 -10.94 -4.80
CA LEU A 170 32.42 -11.38 -5.58
C LEU A 170 31.95 -12.15 -6.79
N GLU A 171 30.75 -12.73 -6.70
CA GLU A 171 30.11 -13.46 -7.79
C GLU A 171 30.92 -14.70 -8.16
N HIS A 172 30.50 -15.37 -9.22
CA HIS A 172 31.23 -16.50 -9.75
C HIS A 172 31.92 -16.10 -11.03
N HIS A 173 32.87 -16.90 -11.49
CA HIS A 173 33.59 -16.59 -12.72
C HIS A 173 32.65 -16.77 -13.91
N HIS A 174 31.87 -17.84 -13.88
CA HIS A 174 30.82 -18.03 -14.86
C HIS A 174 29.57 -17.26 -14.44
N HIS A 175 29.50 -16.00 -14.85
CA HIS A 175 28.39 -15.15 -14.46
C HIS A 175 27.31 -15.15 -15.54
N HIS A 176 27.75 -15.28 -16.79
CA HIS A 176 26.87 -15.24 -17.95
C HIS A 176 26.35 -13.85 -18.23
N HIS A 177 26.38 -13.47 -19.50
CA HIS A 177 25.96 -12.15 -19.93
C HIS A 177 25.53 -12.21 -21.39
N LEU A 178 24.68 -11.29 -21.79
CA LEU A 178 24.14 -11.31 -23.15
C LEU A 178 25.18 -10.90 -24.16
N GLU A 179 25.87 -11.88 -24.72
CA GLU A 179 26.80 -11.66 -25.81
C GLU A 179 26.03 -11.25 -27.05
N HIS A 180 24.78 -11.72 -27.11
CA HIS A 180 23.85 -11.33 -28.15
C HIS A 180 22.56 -10.82 -27.51
N HIS A 181 22.52 -9.52 -27.27
CA HIS A 181 21.37 -8.91 -26.60
C HIS A 181 20.31 -8.48 -27.61
N HIS A 182 19.06 -8.74 -27.27
CA HIS A 182 17.91 -8.41 -28.13
C HIS A 182 18.02 -9.08 -29.49
N HIS A 183 17.58 -10.33 -29.56
CA HIS A 183 17.59 -11.09 -30.79
C HIS A 183 16.48 -10.62 -31.72
N HIS A 184 15.36 -10.23 -31.13
CA HIS A 184 14.21 -9.78 -31.90
C HIS A 184 13.67 -8.47 -31.34
N HIS A 185 13.40 -7.54 -32.23
CA HIS A 185 12.93 -6.22 -31.85
C HIS A 185 11.42 -6.14 -31.95
N GLY B 2 -9.68 20.40 10.30
CA GLY B 2 -10.06 19.74 9.06
C GLY B 2 -9.13 18.60 8.72
N CYS B 3 -7.88 18.94 8.43
CA CYS B 3 -6.85 17.94 8.14
C CYS B 3 -7.20 17.16 6.89
N VAL B 4 -6.75 15.89 6.88
CA VAL B 4 -7.05 14.92 5.82
C VAL B 4 -7.00 15.51 4.42
N GLY B 5 -8.13 16.04 3.92
CA GLY B 5 -8.13 16.88 2.73
C GLY B 5 -6.88 17.75 2.58
N ARG B 6 -6.33 18.23 3.69
CA ARG B 6 -5.07 19.00 3.67
C ARG B 6 -3.90 18.20 4.24
N ALA B 7 -4.13 17.54 5.36
CA ALA B 7 -3.05 16.99 6.17
C ALA B 7 -2.17 16.00 5.42
N LEU B 8 -2.74 14.90 5.01
CA LEU B 8 -1.97 13.82 4.42
C LEU B 8 -1.47 14.21 3.05
N ALA B 9 -2.30 14.95 2.34
CA ALA B 9 -1.88 15.61 1.12
C ALA B 9 -0.49 16.24 1.30
N ALA B 10 -0.33 16.90 2.45
CA ALA B 10 0.90 17.58 2.79
C ALA B 10 1.98 16.60 3.26
N PHE B 11 1.58 15.61 4.05
CA PHE B 11 2.54 14.63 4.58
C PHE B 11 3.00 13.65 3.51
N GLY B 12 2.12 13.38 2.55
CA GLY B 12 2.44 12.45 1.47
C GLY B 12 3.44 13.01 0.50
N ASP B 13 3.71 14.30 0.61
CA ASP B 13 4.75 14.92 -0.19
C ASP B 13 6.13 14.55 0.34
N CYS B 14 6.18 14.05 1.57
CA CYS B 14 7.44 13.69 2.18
C CYS B 14 7.81 12.26 1.81
N ILE B 15 8.22 12.08 0.57
CA ILE B 15 8.69 10.80 0.08
C ILE B 15 10.00 11.00 -0.68
N ASN B 16 10.83 11.87 -0.13
CA ASN B 16 12.08 12.25 -0.77
C ASN B 16 13.25 11.62 -0.04
N ARG B 17 12.98 11.08 1.13
CA ARG B 17 14.01 10.46 1.96
C ARG B 17 13.84 8.94 1.95
N MET A 1 0.32 -7.20 -14.29
CA MET A 1 -0.02 -6.30 -15.42
C MET A 1 -0.77 -5.07 -14.93
N SER A 2 -2.01 -5.25 -14.51
CA SER A 2 -2.84 -4.14 -14.09
C SER A 2 -3.59 -4.46 -12.80
N GLN A 3 -4.24 -5.62 -12.77
CA GLN A 3 -5.10 -6.00 -11.64
C GLN A 3 -4.28 -6.30 -10.39
N SER A 4 -2.96 -6.23 -10.51
CA SER A 4 -2.04 -6.48 -9.41
C SER A 4 -2.29 -5.50 -8.25
N ASN A 5 -2.86 -4.35 -8.57
CA ASN A 5 -3.20 -3.32 -7.58
C ASN A 5 -4.13 -3.88 -6.50
N ARG A 6 -4.95 -4.85 -6.88
CA ARG A 6 -5.86 -5.50 -5.96
C ARG A 6 -5.13 -6.07 -4.76
N GLU A 7 -4.08 -6.81 -5.04
CA GLU A 7 -3.30 -7.49 -4.01
C GLU A 7 -2.70 -6.49 -3.04
N LEU A 8 -2.17 -5.41 -3.59
CA LEU A 8 -1.47 -4.42 -2.80
C LEU A 8 -2.43 -3.78 -1.82
N VAL A 9 -3.68 -3.64 -2.24
CA VAL A 9 -4.74 -3.18 -1.36
C VAL A 9 -5.04 -4.26 -0.31
N VAL A 10 -5.50 -5.40 -0.80
CA VAL A 10 -5.93 -6.52 0.06
C VAL A 10 -4.88 -6.87 1.13
N ASP A 11 -3.66 -7.16 0.69
CA ASP A 11 -2.62 -7.64 1.59
C ASP A 11 -2.38 -6.67 2.74
N PHE A 12 -2.53 -5.38 2.45
CA PHE A 12 -2.28 -4.37 3.47
C PHE A 12 -3.48 -4.17 4.37
N LEU A 13 -4.70 -4.19 3.81
CA LEU A 13 -5.88 -4.10 4.66
C LEU A 13 -5.87 -5.24 5.66
N SER A 14 -5.47 -6.41 5.19
CA SER A 14 -5.31 -7.58 6.05
C SER A 14 -4.27 -7.32 7.13
N TYR A 15 -3.18 -6.65 6.75
CA TYR A 15 -2.10 -6.34 7.67
C TYR A 15 -2.56 -5.35 8.74
N LYS A 16 -3.51 -4.49 8.38
CA LYS A 16 -4.00 -3.49 9.29
C LYS A 16 -4.88 -4.13 10.35
N LEU A 17 -5.80 -4.95 9.90
CA LEU A 17 -6.61 -5.78 10.77
C LEU A 17 -5.73 -6.65 11.66
N SER A 18 -4.59 -7.07 11.13
CA SER A 18 -3.67 -7.94 11.84
C SER A 18 -3.01 -7.22 13.02
N GLN A 19 -2.91 -5.88 12.96
CA GLN A 19 -2.25 -5.12 14.01
C GLN A 19 -3.16 -5.02 15.24
N LYS A 20 -4.42 -5.30 15.02
CA LYS A 20 -5.43 -5.23 16.07
C LYS A 20 -5.79 -6.63 16.50
N GLY A 21 -5.59 -7.54 15.59
CA GLY A 21 -5.83 -8.93 15.84
C GLY A 21 -7.13 -9.43 15.24
N TYR A 22 -7.60 -8.74 14.21
CA TYR A 22 -8.73 -9.21 13.45
C TYR A 22 -8.27 -9.89 12.16
N SER A 23 -9.16 -10.62 11.54
CA SER A 23 -8.84 -11.32 10.32
C SER A 23 -9.41 -10.59 9.11
N TRP A 24 -8.71 -10.70 8.01
CA TRP A 24 -9.18 -10.16 6.75
C TRP A 24 -10.28 -11.07 6.19
N SER A 25 -9.95 -12.34 6.05
CA SER A 25 -10.83 -13.30 5.41
C SER A 25 -12.16 -13.45 6.15
N GLN A 26 -12.13 -13.32 7.49
CA GLN A 26 -13.35 -13.47 8.28
C GLN A 26 -14.42 -12.47 7.89
N PHE A 27 -14.00 -11.31 7.40
CA PHE A 27 -14.92 -10.23 7.10
C PHE A 27 -14.91 -9.87 5.61
N SER A 28 -14.07 -10.53 4.84
CA SER A 28 -13.93 -10.19 3.43
C SER A 28 -14.65 -11.16 2.51
N ASP A 29 -14.97 -10.63 1.36
CA ASP A 29 -15.69 -11.34 0.33
C ASP A 29 -14.96 -11.17 -1.00
N VAL A 30 -13.86 -10.43 -0.93
CA VAL A 30 -13.15 -9.93 -2.10
C VAL A 30 -12.66 -11.03 -3.04
N GLU A 31 -11.58 -11.70 -2.65
CA GLU A 31 -11.03 -12.78 -3.47
C GLU A 31 -11.65 -14.09 -3.02
N GLU A 32 -12.49 -13.99 -2.00
CA GLU A 32 -13.22 -15.12 -1.47
C GLU A 32 -14.20 -15.66 -2.52
N ASN A 33 -14.85 -14.75 -3.20
CA ASN A 33 -15.88 -15.11 -4.15
C ASN A 33 -15.34 -15.03 -5.57
N ARG A 34 -14.78 -13.89 -5.94
CA ARG A 34 -14.17 -13.74 -7.25
C ARG A 34 -12.67 -13.54 -7.11
N THR A 35 -11.92 -14.27 -7.91
CA THR A 35 -10.47 -14.17 -7.90
C THR A 35 -10.00 -13.23 -8.99
N GLU A 36 -9.55 -12.06 -8.56
CA GLU A 36 -9.20 -11.00 -9.48
C GLU A 36 -7.71 -11.01 -9.79
N ALA A 37 -6.92 -10.71 -8.78
CA ALA A 37 -5.48 -10.63 -8.93
C ALA A 37 -4.81 -11.96 -8.62
N PRO A 38 -3.61 -12.21 -9.19
CA PRO A 38 -2.83 -13.42 -8.93
C PRO A 38 -2.38 -13.53 -7.47
N GLU A 39 -1.62 -14.56 -7.17
CA GLU A 39 -1.10 -14.76 -5.81
C GLU A 39 0.13 -13.90 -5.57
N GLY A 40 0.38 -13.01 -6.51
CA GLY A 40 1.55 -12.17 -6.46
C GLY A 40 2.30 -12.20 -7.77
N THR A 41 1.75 -11.55 -8.78
CA THR A 41 2.34 -11.60 -10.11
C THR A 41 3.58 -10.68 -10.17
N GLU A 42 3.36 -9.38 -10.28
CA GLU A 42 4.40 -8.37 -10.05
C GLU A 42 4.29 -7.93 -8.61
N SER A 43 3.05 -7.99 -8.17
CA SER A 43 2.61 -7.46 -6.91
C SER A 43 3.29 -8.08 -5.72
N GLU A 44 3.76 -9.30 -5.88
CA GLU A 44 4.46 -10.00 -4.80
C GLU A 44 5.60 -9.14 -4.25
N ALA A 45 6.45 -8.65 -5.14
CA ALA A 45 7.55 -7.79 -4.74
C ALA A 45 7.04 -6.40 -4.39
N VAL A 46 6.03 -5.97 -5.13
CA VAL A 46 5.40 -4.68 -4.92
C VAL A 46 4.84 -4.55 -3.52
N LYS A 47 3.91 -5.44 -3.19
CA LYS A 47 3.26 -5.43 -1.89
C LYS A 47 4.30 -5.59 -0.80
N GLN A 48 5.32 -6.39 -1.11
CA GLN A 48 6.39 -6.65 -0.17
C GLN A 48 7.19 -5.38 0.08
N ALA A 49 7.27 -4.53 -0.92
CA ALA A 49 7.94 -3.25 -0.80
C ALA A 49 7.00 -2.22 -0.19
N LEU A 50 5.74 -2.29 -0.58
CA LEU A 50 4.74 -1.33 -0.14
C LEU A 50 4.49 -1.44 1.35
N ARG A 51 4.70 -2.61 1.94
CA ARG A 51 4.43 -2.78 3.35
C ARG A 51 5.60 -2.25 4.16
N GLU A 52 6.76 -2.23 3.51
CA GLU A 52 7.95 -1.65 4.08
C GLU A 52 7.86 -0.13 4.03
N ALA A 53 7.41 0.38 2.88
CA ALA A 53 7.13 1.80 2.73
C ALA A 53 5.99 2.21 3.65
N GLY A 54 4.97 1.37 3.69
CA GLY A 54 3.84 1.60 4.56
C GLY A 54 4.22 1.50 6.02
N ASP A 55 5.19 0.64 6.33
CA ASP A 55 5.67 0.48 7.70
C ASP A 55 6.19 1.82 8.22
N GLU A 56 7.01 2.46 7.40
CA GLU A 56 7.53 3.80 7.70
C GLU A 56 6.42 4.83 7.69
N PHE A 57 5.37 4.57 6.93
CA PHE A 57 4.28 5.50 6.81
C PHE A 57 3.33 5.39 8.01
N GLU A 58 3.26 4.20 8.61
CA GLU A 58 2.37 3.94 9.73
C GLU A 58 2.50 4.99 10.81
N LEU A 59 3.64 4.97 11.48
CA LEU A 59 3.94 5.91 12.55
C LEU A 59 3.73 7.35 12.12
N ARG A 60 4.06 7.62 10.86
CA ARG A 60 3.84 8.92 10.27
C ARG A 60 2.41 9.42 10.46
N TYR A 61 1.43 8.69 9.90
CA TYR A 61 0.05 9.13 9.94
C TYR A 61 -0.69 8.60 11.17
N ARG A 62 -0.08 7.66 11.88
CA ARG A 62 -0.72 7.01 13.02
C ARG A 62 -1.03 8.01 14.13
N ARG A 63 -0.21 9.05 14.21
CA ARG A 63 -0.44 10.11 15.19
C ARG A 63 -1.73 10.85 14.89
N ALA A 64 -2.04 11.01 13.60
CA ALA A 64 -3.20 11.76 13.18
C ALA A 64 -4.44 10.89 13.04
N PHE A 65 -4.31 9.78 12.30
CA PHE A 65 -5.47 9.01 11.84
C PHE A 65 -6.36 8.54 12.99
N SER A 66 -5.78 8.35 14.17
CA SER A 66 -6.53 7.95 15.34
C SER A 66 -7.53 9.04 15.73
N ASP A 67 -7.15 10.29 15.50
CA ASP A 67 -8.04 11.43 15.70
C ASP A 67 -8.80 11.72 14.41
N LEU A 68 -8.13 11.46 13.28
CA LEU A 68 -8.69 11.72 11.97
C LEU A 68 -9.97 10.95 11.71
N THR A 69 -10.23 9.90 12.47
CA THR A 69 -11.45 9.12 12.26
C THR A 69 -12.69 9.99 12.43
N SER A 70 -12.56 11.03 13.24
CA SER A 70 -13.62 12.01 13.39
C SER A 70 -13.69 12.86 12.12
N GLN A 71 -12.54 13.14 11.55
CA GLN A 71 -12.44 13.92 10.33
C GLN A 71 -13.01 13.12 9.16
N LEU A 72 -12.72 11.81 9.13
CA LEU A 72 -13.34 10.93 8.16
C LEU A 72 -14.82 10.75 8.46
N HIS A 73 -15.18 10.80 9.74
CA HIS A 73 -16.54 10.45 10.17
C HIS A 73 -16.80 9.00 9.79
N ILE A 74 -15.84 8.17 10.16
CA ILE A 74 -15.84 6.74 9.85
C ILE A 74 -17.15 6.06 10.25
N THR A 75 -17.87 5.63 9.23
CA THR A 75 -19.22 5.11 9.38
C THR A 75 -19.48 4.14 8.20
N PRO A 76 -20.72 3.63 8.01
CA PRO A 76 -21.17 2.94 6.78
C PRO A 76 -20.51 3.40 5.49
N GLY A 77 -20.71 2.59 4.44
CA GLY A 77 -20.07 2.73 3.13
C GLY A 77 -19.68 4.14 2.68
N THR A 78 -20.43 5.13 3.10
CA THR A 78 -20.16 6.51 2.72
C THR A 78 -18.84 7.02 3.30
N ALA A 79 -18.13 6.15 4.01
CA ALA A 79 -16.78 6.45 4.46
C ALA A 79 -15.82 6.50 3.28
N TYR A 80 -16.30 6.03 2.13
CA TYR A 80 -15.52 6.12 0.90
C TYR A 80 -15.53 7.56 0.42
N GLN A 81 -16.53 8.31 0.86
CA GLN A 81 -16.59 9.74 0.56
C GLN A 81 -15.69 10.50 1.49
N SER A 82 -15.47 9.92 2.64
CA SER A 82 -14.51 10.40 3.61
C SER A 82 -13.10 10.16 3.09
N PHE A 83 -12.85 8.91 2.69
CA PHE A 83 -11.58 8.52 2.10
C PHE A 83 -11.42 9.15 0.72
N GLU A 84 -12.53 9.58 0.16
CA GLU A 84 -12.54 10.26 -1.13
C GLU A 84 -11.70 11.53 -1.07
N GLN A 85 -11.96 12.31 -0.03
CA GLN A 85 -11.20 13.53 0.25
C GLN A 85 -9.72 13.26 0.19
N VAL A 86 -9.35 12.05 0.58
CA VAL A 86 -7.98 11.64 0.63
C VAL A 86 -7.49 11.18 -0.75
N VAL A 87 -8.21 10.26 -1.35
CA VAL A 87 -7.81 9.74 -2.65
C VAL A 87 -7.81 10.88 -3.67
N ASN A 88 -8.59 11.90 -3.36
CA ASN A 88 -8.64 13.13 -4.13
C ASN A 88 -7.34 13.91 -3.99
N GLU A 89 -6.91 14.17 -2.76
CA GLU A 89 -5.70 14.94 -2.51
C GLU A 89 -4.54 14.18 -3.08
N LEU A 90 -4.63 12.88 -2.94
CA LEU A 90 -3.51 12.01 -3.16
C LEU A 90 -3.11 11.94 -4.64
N PHE A 91 -4.04 12.28 -5.53
CA PHE A 91 -3.79 12.12 -6.95
C PHE A 91 -3.57 13.46 -7.63
N ARG A 92 -4.23 14.49 -7.14
CA ARG A 92 -4.21 15.77 -7.82
C ARG A 92 -2.95 16.55 -7.48
N ASP A 93 -2.38 16.22 -6.34
CA ASP A 93 -1.28 17.01 -5.78
C ASP A 93 0.08 16.41 -6.08
N GLY A 94 0.18 15.53 -7.07
CA GLY A 94 1.51 15.04 -7.40
C GLY A 94 1.72 13.56 -7.18
N VAL A 95 1.08 12.70 -7.96
CA VAL A 95 1.19 11.26 -7.72
C VAL A 95 2.57 10.75 -8.09
N ASN A 96 3.32 10.48 -7.05
CA ASN A 96 4.61 9.84 -7.15
C ASN A 96 4.49 8.43 -6.58
N TRP A 97 5.62 7.77 -6.41
CA TRP A 97 5.62 6.42 -5.86
C TRP A 97 5.08 6.41 -4.44
N GLY A 98 5.37 7.48 -3.70
CA GLY A 98 4.99 7.56 -2.31
C GLY A 98 3.51 7.81 -2.09
N ARG A 99 2.90 8.64 -2.94
CA ARG A 99 1.48 8.98 -2.81
C ARG A 99 0.61 7.73 -2.78
N ILE A 100 1.05 6.71 -3.47
CA ILE A 100 0.26 5.50 -3.61
C ILE A 100 0.43 4.57 -2.41
N VAL A 101 1.62 4.55 -1.82
CA VAL A 101 1.81 3.84 -0.56
C VAL A 101 1.03 4.54 0.55
N ALA A 102 0.79 5.84 0.38
CA ALA A 102 -0.08 6.57 1.29
C ALA A 102 -1.52 6.09 1.11
N PHE A 103 -1.95 6.11 -0.14
CA PHE A 103 -3.29 5.71 -0.53
C PHE A 103 -3.67 4.35 0.07
N PHE A 104 -2.84 3.34 -0.17
CA PHE A 104 -3.20 1.98 0.23
C PHE A 104 -3.09 1.80 1.75
N SER A 105 -2.35 2.68 2.41
CA SER A 105 -2.22 2.63 3.87
C SER A 105 -3.48 3.19 4.54
N PHE A 106 -3.92 4.37 4.10
CA PHE A 106 -5.13 4.98 4.63
C PHE A 106 -6.32 4.08 4.38
N GLY A 107 -6.35 3.46 3.21
CA GLY A 107 -7.41 2.53 2.88
C GLY A 107 -7.37 1.30 3.75
N GLY A 108 -6.17 0.83 4.02
CA GLY A 108 -6.02 -0.30 4.93
C GLY A 108 -6.48 0.06 6.32
N ALA A 109 -6.15 1.26 6.76
CA ALA A 109 -6.57 1.75 8.06
C ALA A 109 -8.06 2.06 8.05
N LEU A 110 -8.57 2.49 6.90
CA LEU A 110 -9.97 2.82 6.72
C LEU A 110 -10.80 1.59 7.05
N CYS A 111 -10.27 0.45 6.62
CA CYS A 111 -10.81 -0.84 6.95
C CYS A 111 -11.01 -0.97 8.44
N VAL A 112 -9.91 -0.92 9.19
CA VAL A 112 -9.95 -1.13 10.63
C VAL A 112 -10.80 -0.09 11.33
N GLU A 113 -10.74 1.15 10.86
CA GLU A 113 -11.54 2.21 11.46
C GLU A 113 -13.02 1.89 11.37
N SER A 114 -13.37 1.02 10.42
CA SER A 114 -14.74 0.61 10.24
C SER A 114 -15.02 -0.50 11.21
N VAL A 115 -14.07 -1.41 11.32
CA VAL A 115 -14.20 -2.55 12.17
C VAL A 115 -14.20 -2.12 13.63
N ASP A 116 -13.51 -1.02 13.84
CA ASP A 116 -13.44 -0.33 15.12
C ASP A 116 -14.84 -0.07 15.66
N LYS A 117 -15.69 0.51 14.82
CA LYS A 117 -17.07 0.81 15.19
C LYS A 117 -17.95 -0.42 14.97
N GLU A 118 -17.31 -1.57 14.77
CA GLU A 118 -17.99 -2.84 14.52
C GLU A 118 -18.72 -2.77 13.18
N MET A 119 -18.01 -2.26 12.19
CA MET A 119 -18.55 -2.09 10.86
C MET A 119 -17.61 -2.77 9.88
N GLN A 120 -17.09 -3.92 10.31
CA GLN A 120 -16.16 -4.72 9.54
C GLN A 120 -16.69 -5.07 8.14
N VAL A 121 -17.96 -4.79 7.87
CA VAL A 121 -18.52 -4.98 6.53
C VAL A 121 -17.83 -4.07 5.51
N LEU A 122 -17.32 -2.93 5.96
CA LEU A 122 -16.61 -2.00 5.08
C LEU A 122 -15.29 -2.58 4.66
N VAL A 123 -14.76 -3.47 5.48
CA VAL A 123 -13.48 -4.11 5.25
C VAL A 123 -13.36 -4.64 3.82
N SER A 124 -14.35 -5.39 3.38
CA SER A 124 -14.34 -5.96 2.04
C SER A 124 -14.68 -4.89 1.01
N ARG A 125 -15.51 -3.93 1.41
CA ARG A 125 -15.92 -2.86 0.52
C ARG A 125 -14.74 -1.98 0.17
N ILE A 126 -14.10 -1.46 1.19
CA ILE A 126 -13.00 -0.52 1.03
C ILE A 126 -11.91 -1.06 0.10
N ALA A 127 -11.58 -2.33 0.26
CA ALA A 127 -10.58 -2.95 -0.61
C ALA A 127 -11.02 -2.91 -2.08
N ALA A 128 -12.32 -3.04 -2.28
CA ALA A 128 -12.90 -2.94 -3.62
C ALA A 128 -12.70 -1.54 -4.16
N TRP A 129 -13.26 -0.58 -3.42
CA TRP A 129 -13.17 0.82 -3.76
C TRP A 129 -11.73 1.24 -3.95
N MET A 130 -10.86 0.82 -3.03
CA MET A 130 -9.45 1.17 -3.05
C MET A 130 -8.76 0.70 -4.31
N ALA A 131 -8.79 -0.60 -4.55
CA ALA A 131 -8.12 -1.16 -5.71
C ALA A 131 -8.69 -0.56 -6.98
N THR A 132 -9.99 -0.30 -7.00
CA THR A 132 -10.63 0.33 -8.13
C THR A 132 -10.13 1.76 -8.34
N TYR A 133 -10.10 2.55 -7.28
CA TYR A 133 -9.61 3.93 -7.37
C TYR A 133 -8.17 3.94 -7.88
N LEU A 134 -7.39 2.94 -7.46
CA LEU A 134 -6.06 2.75 -8.03
C LEU A 134 -6.19 2.40 -9.50
N ASN A 135 -7.02 1.40 -9.80
CA ASN A 135 -7.29 0.96 -11.17
C ASN A 135 -7.60 2.13 -12.11
N ASP A 136 -8.52 2.98 -11.68
CA ASP A 136 -9.00 4.07 -12.52
C ASP A 136 -8.03 5.25 -12.53
N HIS A 137 -7.64 5.70 -11.35
CA HIS A 137 -6.87 6.93 -11.22
C HIS A 137 -5.37 6.71 -11.26
N LEU A 138 -4.88 5.80 -10.44
CA LEU A 138 -3.48 5.65 -10.16
C LEU A 138 -2.74 4.84 -11.21
N GLU A 139 -3.33 3.73 -11.59
CA GLU A 139 -2.71 2.74 -12.48
C GLU A 139 -1.96 3.38 -13.66
N PRO A 140 -2.60 4.27 -14.47
CA PRO A 140 -1.93 4.94 -15.59
C PRO A 140 -0.75 5.79 -15.13
N TRP A 141 -0.99 6.59 -14.10
CA TRP A 141 0.03 7.45 -13.50
C TRP A 141 1.23 6.61 -13.07
N ILE A 142 0.95 5.51 -12.41
CA ILE A 142 1.96 4.54 -12.00
C ILE A 142 2.87 4.16 -13.17
N GLN A 143 2.28 3.76 -14.28
CA GLN A 143 3.01 3.35 -15.45
C GLN A 143 3.90 4.49 -15.98
N GLU A 144 3.47 5.73 -15.79
CA GLU A 144 4.25 6.91 -16.17
C GLU A 144 5.53 6.99 -15.34
N ASN A 145 5.51 6.32 -14.21
CA ASN A 145 6.60 6.36 -13.24
C ASN A 145 7.28 5.02 -13.19
N GLY A 146 6.94 4.17 -14.15
CA GLY A 146 7.60 2.90 -14.32
C GLY A 146 6.70 1.73 -14.06
N GLY A 147 5.96 1.78 -12.96
CA GLY A 147 5.10 0.69 -12.58
C GLY A 147 5.28 0.29 -11.14
N TRP A 148 4.51 -0.69 -10.69
CA TRP A 148 4.57 -1.14 -9.32
C TRP A 148 5.88 -1.84 -9.03
N ASP A 149 6.33 -2.66 -9.98
CA ASP A 149 7.58 -3.40 -9.84
C ASP A 149 8.73 -2.41 -9.69
N THR A 150 8.65 -1.32 -10.42
CA THR A 150 9.65 -0.28 -10.37
C THR A 150 9.78 0.31 -8.97
N PHE A 151 8.67 0.45 -8.27
CA PHE A 151 8.69 0.96 -6.91
C PHE A 151 9.54 0.05 -6.03
N VAL A 152 9.40 -1.25 -6.24
CA VAL A 152 10.17 -2.23 -5.49
C VAL A 152 11.63 -2.24 -5.97
N GLU A 153 11.84 -1.84 -7.21
CA GLU A 153 13.19 -1.68 -7.71
C GLU A 153 13.89 -0.53 -6.98
N LEU A 154 13.08 0.37 -6.43
CA LEU A 154 13.60 1.48 -5.65
C LEU A 154 13.63 1.13 -4.16
N TYR A 155 12.48 0.80 -3.61
CA TYR A 155 12.32 0.58 -2.17
C TYR A 155 11.80 -0.83 -1.88
N GLY A 156 12.14 -1.77 -2.74
CA GLY A 156 11.66 -3.13 -2.59
C GLY A 156 12.13 -3.79 -1.34
N ASN A 157 11.34 -4.77 -0.94
CA ASN A 157 11.65 -5.62 0.19
C ASN A 157 13.02 -6.26 0.02
N ASN A 158 13.85 -6.21 1.06
CA ASN A 158 15.22 -6.69 0.97
C ASN A 158 15.32 -8.21 1.10
N ALA A 159 14.21 -8.90 0.91
CA ALA A 159 14.18 -10.37 0.96
C ALA A 159 15.28 -10.98 0.09
N ALA A 160 15.51 -10.41 -1.09
CA ALA A 160 16.54 -10.90 -1.99
C ALA A 160 17.92 -10.48 -1.48
N ALA A 161 18.00 -9.28 -0.92
CA ALA A 161 19.24 -8.77 -0.34
C ALA A 161 19.81 -9.74 0.69
N GLU A 162 19.03 -10.01 1.72
CA GLU A 162 19.44 -10.93 2.77
C GLU A 162 19.57 -12.36 2.26
N SER A 163 18.84 -12.68 1.20
CA SER A 163 18.96 -13.99 0.60
C SER A 163 20.31 -14.11 -0.10
N ARG A 164 20.79 -12.99 -0.64
CA ARG A 164 22.13 -12.93 -1.20
C ARG A 164 23.16 -12.95 -0.07
N LYS A 165 22.80 -12.23 0.99
CA LYS A 165 23.61 -12.14 2.19
C LYS A 165 24.06 -13.52 2.68
N GLY A 166 23.11 -14.44 2.78
CA GLY A 166 23.38 -15.74 3.34
C GLY A 166 24.37 -16.54 2.52
N GLN A 167 24.28 -16.47 1.20
CA GLN A 167 25.16 -17.22 0.33
C GLN A 167 26.47 -16.46 0.07
N GLU A 168 26.42 -15.16 0.32
CA GLU A 168 27.61 -14.32 0.20
C GLU A 168 28.56 -14.57 1.37
N ARG A 169 28.04 -15.27 2.37
CA ARG A 169 28.78 -15.53 3.62
C ARG A 169 30.11 -16.22 3.34
N LEU A 170 30.12 -17.10 2.35
CA LEU A 170 31.32 -17.88 2.03
C LEU A 170 32.36 -17.04 1.28
N GLU A 171 31.94 -16.38 0.22
CA GLU A 171 32.86 -15.66 -0.64
C GLU A 171 33.28 -14.32 -0.04
N HIS A 172 32.38 -13.69 0.72
CA HIS A 172 32.70 -12.45 1.38
C HIS A 172 32.54 -12.59 2.89
N HIS A 173 33.65 -12.57 3.60
CA HIS A 173 33.65 -12.77 5.03
C HIS A 173 33.51 -11.44 5.76
N HIS A 174 32.42 -11.28 6.50
CA HIS A 174 32.26 -10.10 7.33
C HIS A 174 33.26 -10.14 8.47
N HIS A 175 33.44 -11.32 9.05
CA HIS A 175 34.53 -11.55 9.99
C HIS A 175 35.72 -12.14 9.25
N HIS A 176 36.78 -11.35 9.13
CA HIS A 176 37.94 -11.75 8.34
C HIS A 176 38.99 -12.42 9.21
N HIS A 177 38.61 -12.69 10.45
CA HIS A 177 39.45 -13.45 11.35
C HIS A 177 38.60 -14.38 12.21
N LEU A 178 39.04 -15.61 12.34
CA LEU A 178 38.38 -16.58 13.18
C LEU A 178 39.42 -17.43 13.89
N GLU A 179 40.10 -18.26 13.13
CA GLU A 179 41.15 -19.11 13.65
C GLU A 179 42.34 -19.12 12.69
N HIS A 180 43.50 -19.47 13.20
CA HIS A 180 44.71 -19.47 12.39
C HIS A 180 45.04 -20.89 11.96
N HIS A 181 45.46 -21.71 12.91
CA HIS A 181 45.81 -23.11 12.68
C HIS A 181 47.06 -23.23 11.81
N HIS A 182 47.69 -24.40 11.87
CA HIS A 182 48.94 -24.67 11.16
C HIS A 182 50.03 -23.70 11.56
N HIS A 183 50.22 -22.64 10.77
CA HIS A 183 51.24 -21.63 11.06
C HIS A 183 50.82 -20.28 10.51
N HIS A 184 51.14 -19.23 11.24
CA HIS A 184 50.88 -17.88 10.78
C HIS A 184 52.16 -17.32 10.15
N HIS A 185 52.04 -16.85 8.92
CA HIS A 185 53.19 -16.33 8.21
C HIS A 185 52.74 -15.33 7.16
N GLY B 2 -10.13 22.52 4.83
CA GLY B 2 -9.69 22.39 6.20
C GLY B 2 -8.49 21.47 6.34
N CYS B 3 -8.75 20.18 6.41
CA CYS B 3 -7.69 19.20 6.56
C CYS B 3 -7.73 18.19 5.42
N VAL B 4 -7.23 16.99 5.70
CA VAL B 4 -7.32 15.82 4.82
C VAL B 4 -6.85 16.12 3.38
N GLY B 5 -7.73 16.58 2.48
CA GLY B 5 -7.28 17.25 1.26
C GLY B 5 -6.02 18.09 1.46
N ARG B 6 -5.91 18.72 2.63
CA ARG B 6 -4.71 19.46 3.01
C ARG B 6 -3.71 18.56 3.73
N ALA B 7 -4.19 17.86 4.76
CA ALA B 7 -3.32 17.17 5.72
C ALA B 7 -2.59 15.97 5.12
N LEU B 8 -3.36 14.97 4.69
CA LEU B 8 -2.77 13.74 4.16
C LEU B 8 -1.87 14.04 2.97
N ALA B 9 -2.44 14.75 2.01
CA ALA B 9 -1.70 15.30 0.89
C ALA B 9 -0.31 15.82 1.31
N ALA B 10 -0.31 16.63 2.35
CA ALA B 10 0.90 17.26 2.86
C ALA B 10 1.83 16.24 3.51
N PHE B 11 1.29 15.41 4.38
CA PHE B 11 2.07 14.41 5.09
C PHE B 11 2.62 13.35 4.13
N GLY B 12 1.90 13.14 3.03
CA GLY B 12 2.32 12.18 2.04
C GLY B 12 3.50 12.65 1.21
N ASP B 13 3.84 13.91 1.35
CA ASP B 13 4.97 14.48 0.62
C ASP B 13 6.29 14.07 1.26
N CYS B 14 6.20 13.37 2.39
CA CYS B 14 7.39 12.95 3.13
C CYS B 14 7.76 11.52 2.79
N ILE B 15 7.10 10.94 1.79
CA ILE B 15 7.40 9.58 1.37
C ILE B 15 8.41 9.60 0.23
N ASN B 16 9.62 10.03 0.55
CA ASN B 16 10.71 10.08 -0.42
C ASN B 16 11.93 9.39 0.15
N ARG B 17 12.21 9.66 1.42
CA ARG B 17 13.32 9.03 2.12
C ARG B 17 12.80 8.24 3.32
N MET A 1 -2.51 -6.83 -16.07
CA MET A 1 -2.06 -6.98 -14.67
C MET A 1 -2.87 -6.08 -13.74
N SER A 2 -4.10 -5.76 -14.14
CA SER A 2 -4.93 -4.84 -13.38
C SER A 2 -5.59 -5.53 -12.18
N GLN A 3 -5.29 -6.80 -11.98
CA GLN A 3 -5.77 -7.51 -10.81
C GLN A 3 -4.66 -7.65 -9.77
N SER A 4 -3.47 -7.18 -10.10
CA SER A 4 -2.33 -7.32 -9.21
C SER A 4 -2.29 -6.16 -8.21
N ASN A 5 -2.91 -5.04 -8.58
CA ASN A 5 -3.06 -3.91 -7.66
C ASN A 5 -3.98 -4.29 -6.51
N ARG A 6 -4.83 -5.29 -6.77
CA ARG A 6 -5.72 -5.83 -5.77
C ARG A 6 -4.92 -6.27 -4.57
N GLU A 7 -3.89 -7.04 -4.84
CA GLU A 7 -3.03 -7.61 -3.82
C GLU A 7 -2.44 -6.53 -2.93
N LEU A 8 -1.85 -5.53 -3.57
CA LEU A 8 -1.31 -4.36 -2.90
C LEU A 8 -2.30 -3.83 -1.85
N VAL A 9 -3.57 -3.76 -2.22
CA VAL A 9 -4.61 -3.33 -1.28
C VAL A 9 -4.87 -4.42 -0.24
N VAL A 10 -5.29 -5.58 -0.72
CA VAL A 10 -5.71 -6.69 0.12
C VAL A 10 -4.67 -7.07 1.16
N ASP A 11 -3.45 -7.31 0.71
CA ASP A 11 -2.38 -7.78 1.59
C ASP A 11 -2.19 -6.83 2.76
N PHE A 12 -2.39 -5.55 2.52
CA PHE A 12 -2.20 -4.55 3.55
C PHE A 12 -3.41 -4.49 4.48
N LEU A 13 -4.63 -4.52 3.92
CA LEU A 13 -5.82 -4.54 4.77
C LEU A 13 -5.77 -5.76 5.68
N SER A 14 -5.36 -6.88 5.11
CA SER A 14 -5.18 -8.12 5.87
C SER A 14 -4.23 -7.89 7.05
N TYR A 15 -3.15 -7.18 6.78
CA TYR A 15 -2.12 -6.92 7.77
C TYR A 15 -2.62 -5.95 8.84
N LYS A 16 -3.46 -5.00 8.44
CA LYS A 16 -3.97 -3.99 9.34
C LYS A 16 -5.05 -4.54 10.25
N LEU A 17 -5.75 -5.55 9.80
CA LEU A 17 -6.72 -6.21 10.67
C LEU A 17 -6.00 -7.07 11.69
N SER A 18 -4.83 -7.57 11.31
CA SER A 18 -4.06 -8.47 12.15
C SER A 18 -3.58 -7.76 13.43
N GLN A 19 -3.37 -6.45 13.36
CA GLN A 19 -2.91 -5.69 14.53
C GLN A 19 -4.06 -5.41 15.48
N LYS A 20 -5.25 -5.77 15.04
CA LYS A 20 -6.47 -5.56 15.82
C LYS A 20 -6.96 -6.89 16.32
N GLY A 21 -6.58 -7.90 15.58
CA GLY A 21 -6.95 -9.26 15.91
C GLY A 21 -8.09 -9.75 15.06
N TYR A 22 -8.21 -9.15 13.88
CA TYR A 22 -9.23 -9.54 12.92
C TYR A 22 -8.59 -10.00 11.63
N SER A 23 -9.38 -10.63 10.78
CA SER A 23 -8.91 -11.09 9.50
C SER A 23 -9.57 -10.29 8.38
N TRP A 24 -8.86 -10.13 7.27
CA TRP A 24 -9.44 -9.53 6.07
C TRP A 24 -10.50 -10.45 5.50
N SER A 25 -10.13 -11.71 5.31
CA SER A 25 -10.96 -12.66 4.60
C SER A 25 -12.27 -12.92 5.34
N GLN A 26 -12.23 -12.84 6.67
CA GLN A 26 -13.43 -13.02 7.48
C GLN A 26 -14.53 -12.05 7.07
N PHE A 27 -14.14 -10.91 6.55
CA PHE A 27 -15.07 -9.87 6.20
C PHE A 27 -15.03 -9.53 4.72
N SER A 28 -14.34 -10.35 3.94
CA SER A 28 -14.05 -10.01 2.56
C SER A 28 -15.02 -10.64 1.57
N ASP A 29 -14.77 -10.39 0.29
CA ASP A 29 -15.61 -10.86 -0.80
C ASP A 29 -14.91 -10.59 -2.13
N VAL A 30 -14.04 -9.58 -2.11
CA VAL A 30 -13.34 -9.07 -3.30
C VAL A 30 -12.72 -10.17 -4.15
N GLU A 31 -11.66 -10.77 -3.66
CA GLU A 31 -11.03 -11.90 -4.32
C GLU A 31 -11.42 -13.19 -3.62
N GLU A 32 -12.25 -13.02 -2.59
CA GLU A 32 -12.71 -14.14 -1.78
C GLU A 32 -13.45 -15.17 -2.64
N ASN A 33 -14.26 -14.68 -3.54
CA ASN A 33 -15.17 -15.53 -4.28
C ASN A 33 -14.56 -16.05 -5.59
N ARG A 34 -13.29 -15.75 -5.84
CA ARG A 34 -12.62 -16.25 -7.03
C ARG A 34 -11.13 -16.47 -6.80
N THR A 35 -10.60 -17.51 -7.40
CA THR A 35 -9.17 -17.79 -7.34
C THR A 35 -8.53 -17.58 -8.70
N GLU A 36 -7.90 -16.43 -8.87
CA GLU A 36 -7.48 -15.98 -10.17
C GLU A 36 -6.06 -15.43 -10.16
N ALA A 37 -5.90 -14.27 -9.54
CA ALA A 37 -4.62 -13.55 -9.54
C ALA A 37 -3.53 -14.30 -8.79
N PRO A 38 -2.27 -13.94 -9.07
CA PRO A 38 -1.08 -14.52 -8.42
C PRO A 38 -1.05 -14.30 -6.92
N GLU A 39 -0.06 -14.89 -6.27
CA GLU A 39 0.24 -14.59 -4.88
C GLU A 39 1.13 -13.35 -4.85
N GLY A 40 1.45 -12.87 -6.03
CA GLY A 40 2.29 -11.73 -6.20
C GLY A 40 3.12 -11.85 -7.45
N THR A 41 2.55 -11.51 -8.61
CA THR A 41 3.26 -11.68 -9.87
C THR A 41 4.48 -10.72 -9.87
N GLU A 42 4.22 -9.44 -10.05
CA GLU A 42 5.21 -8.41 -9.77
C GLU A 42 5.00 -7.92 -8.35
N SER A 43 3.74 -8.00 -7.97
CA SER A 43 3.21 -7.43 -6.75
C SER A 43 3.87 -7.97 -5.49
N GLU A 44 4.44 -9.15 -5.55
CA GLU A 44 5.10 -9.70 -4.38
C GLU A 44 6.16 -8.72 -3.87
N ALA A 45 6.96 -8.20 -4.79
CA ALA A 45 7.97 -7.21 -4.43
C ALA A 45 7.32 -5.85 -4.21
N VAL A 46 6.28 -5.58 -4.99
CA VAL A 46 5.53 -4.34 -4.90
C VAL A 46 4.89 -4.18 -3.52
N LYS A 47 4.02 -5.12 -3.19
CA LYS A 47 3.30 -5.10 -1.93
C LYS A 47 4.31 -5.13 -0.78
N GLN A 48 5.40 -5.84 -0.99
CA GLN A 48 6.47 -5.90 -0.01
C GLN A 48 7.10 -4.53 0.16
N ALA A 49 7.30 -3.84 -0.94
CA ALA A 49 7.82 -2.48 -0.92
C ALA A 49 6.80 -1.53 -0.31
N LEU A 50 5.55 -1.80 -0.59
CA LEU A 50 4.46 -0.97 -0.11
C LEU A 50 4.23 -1.16 1.38
N ARG A 51 4.62 -2.30 1.93
CA ARG A 51 4.45 -2.51 3.37
C ARG A 51 5.60 -1.83 4.09
N GLU A 52 6.65 -1.57 3.34
CA GLU A 52 7.81 -0.83 3.81
C GLU A 52 7.52 0.67 3.78
N ALA A 53 7.12 1.15 2.61
CA ALA A 53 6.73 2.54 2.45
C ALA A 53 5.51 2.84 3.31
N GLY A 54 4.58 1.90 3.33
CA GLY A 54 3.42 2.01 4.18
C GLY A 54 3.80 2.00 5.63
N ASP A 55 4.72 1.10 6.00
CA ASP A 55 5.22 1.01 7.39
C ASP A 55 5.71 2.35 7.88
N GLU A 56 6.55 3.00 7.08
CA GLU A 56 7.10 4.31 7.43
C GLU A 56 6.01 5.36 7.46
N PHE A 57 4.96 5.14 6.69
CA PHE A 57 3.83 6.05 6.68
C PHE A 57 2.87 5.79 7.84
N GLU A 58 2.95 4.60 8.43
CA GLU A 58 2.06 4.24 9.54
C GLU A 58 2.29 5.14 10.74
N LEU A 59 3.52 5.20 11.22
CA LEU A 59 3.86 6.04 12.36
C LEU A 59 3.65 7.51 12.03
N ARG A 60 3.85 7.86 10.77
CA ARG A 60 3.56 9.23 10.31
C ARG A 60 2.14 9.64 10.72
N TYR A 61 1.17 8.79 10.39
CA TYR A 61 -0.24 9.08 10.71
C TYR A 61 -0.65 8.48 12.07
N ARG A 62 0.27 7.76 12.70
CA ARG A 62 -0.03 6.97 13.90
C ARG A 62 -0.76 7.77 14.96
N ARG A 63 -0.21 8.94 15.30
CA ARG A 63 -0.78 9.78 16.35
C ARG A 63 -2.08 10.43 15.89
N ALA A 64 -2.33 10.40 14.59
CA ALA A 64 -3.45 11.11 14.02
C ALA A 64 -4.71 10.25 13.95
N PHE A 65 -4.56 8.97 13.62
CA PHE A 65 -5.71 8.10 13.34
C PHE A 65 -6.85 8.24 14.36
N SER A 66 -6.51 8.24 15.64
CA SER A 66 -7.51 8.25 16.70
C SER A 66 -8.29 9.57 16.71
N ASP A 67 -7.65 10.63 16.23
CA ASP A 67 -8.30 11.93 16.10
C ASP A 67 -8.99 12.03 14.75
N LEU A 68 -8.37 11.40 13.76
CA LEU A 68 -8.84 11.46 12.38
C LEU A 68 -10.17 10.73 12.20
N THR A 69 -10.43 9.69 12.98
CA THR A 69 -11.69 8.97 12.85
C THR A 69 -12.86 9.90 13.14
N SER A 70 -12.60 10.95 13.92
CA SER A 70 -13.57 12.00 14.15
C SER A 70 -13.63 12.91 12.93
N GLN A 71 -12.45 13.20 12.38
CA GLN A 71 -12.32 14.07 11.21
C GLN A 71 -13.05 13.47 10.03
N LEU A 72 -12.80 12.20 9.77
CA LEU A 72 -13.43 11.50 8.67
C LEU A 72 -14.88 11.15 9.01
N HIS A 73 -15.14 10.93 10.29
CA HIS A 73 -16.43 10.43 10.75
C HIS A 73 -16.63 9.01 10.21
N ILE A 74 -15.71 8.14 10.60
CA ILE A 74 -15.71 6.76 10.18
C ILE A 74 -16.99 6.05 10.60
N THR A 75 -17.77 5.68 9.60
CA THR A 75 -19.12 5.19 9.81
C THR A 75 -19.47 4.27 8.62
N PRO A 76 -20.74 3.79 8.48
CA PRO A 76 -21.26 3.16 7.26
C PRO A 76 -20.63 3.66 5.94
N GLY A 77 -20.90 2.89 4.88
CA GLY A 77 -20.28 3.06 3.54
C GLY A 77 -19.86 4.48 3.15
N THR A 78 -20.55 5.50 3.64
CA THR A 78 -20.23 6.87 3.31
C THR A 78 -18.89 7.31 3.90
N ALA A 79 -18.16 6.36 4.49
CA ALA A 79 -16.81 6.61 4.94
C ALA A 79 -15.87 6.74 3.75
N TYR A 80 -16.37 6.36 2.57
CA TYR A 80 -15.61 6.52 1.34
C TYR A 80 -15.67 7.97 0.89
N GLN A 81 -16.63 8.70 1.45
CA GLN A 81 -16.71 10.14 1.25
C GLN A 81 -15.81 10.83 2.25
N SER A 82 -15.59 10.15 3.35
CA SER A 82 -14.63 10.58 4.35
C SER A 82 -13.21 10.35 3.83
N PHE A 83 -12.96 9.14 3.38
CA PHE A 83 -11.71 8.78 2.74
C PHE A 83 -11.57 9.51 1.41
N GLU A 84 -12.69 10.02 0.91
CA GLU A 84 -12.68 10.84 -0.31
C GLU A 84 -11.80 12.06 -0.11
N GLN A 85 -12.01 12.73 1.01
CA GLN A 85 -11.19 13.86 1.42
C GLN A 85 -9.71 13.52 1.30
N VAL A 86 -9.41 12.27 1.58
CA VAL A 86 -8.06 11.78 1.61
C VAL A 86 -7.58 11.45 0.21
N VAL A 87 -8.37 10.70 -0.52
CA VAL A 87 -7.99 10.36 -1.88
C VAL A 87 -7.91 11.62 -2.74
N ASN A 88 -8.58 12.66 -2.26
CA ASN A 88 -8.60 13.98 -2.88
C ASN A 88 -7.33 14.78 -2.58
N GLU A 89 -6.80 14.66 -1.36
CA GLU A 89 -5.55 15.31 -1.00
C GLU A 89 -4.42 14.59 -1.67
N LEU A 90 -4.64 13.32 -1.86
CA LEU A 90 -3.59 12.43 -2.25
C LEU A 90 -3.17 12.66 -3.72
N PHE A 91 -4.15 12.98 -4.56
CA PHE A 91 -3.92 13.08 -6.02
C PHE A 91 -3.86 14.54 -6.45
N ARG A 92 -3.73 15.42 -5.47
CA ARG A 92 -3.68 16.87 -5.72
C ARG A 92 -2.64 17.25 -6.77
N ASP A 93 -1.46 16.64 -6.69
CA ASP A 93 -0.40 16.88 -7.68
C ASP A 93 -0.73 16.17 -8.99
N GLY A 94 -1.56 15.16 -8.86
CA GLY A 94 -2.04 14.40 -9.97
C GLY A 94 -1.89 12.93 -9.71
N VAL A 95 -0.76 12.58 -9.07
CA VAL A 95 -0.51 11.34 -8.32
C VAL A 95 0.96 11.31 -7.93
N ASN A 96 1.23 10.93 -6.70
CA ASN A 96 2.61 10.85 -6.22
C ASN A 96 2.96 9.38 -5.98
N TRP A 97 4.21 9.02 -6.21
CA TRP A 97 4.68 7.66 -5.95
C TRP A 97 4.38 7.25 -4.52
N GLY A 98 4.68 8.13 -3.58
CA GLY A 98 4.48 7.85 -2.19
C GLY A 98 3.03 8.02 -1.76
N ARG A 99 2.26 8.77 -2.53
CA ARG A 99 0.86 9.01 -2.20
C ARG A 99 0.06 7.74 -2.43
N ILE A 100 0.51 6.92 -3.37
CA ILE A 100 -0.15 5.65 -3.64
C ILE A 100 -0.01 4.72 -2.43
N VAL A 101 1.16 4.77 -1.80
CA VAL A 101 1.38 4.02 -0.57
C VAL A 101 0.55 4.62 0.58
N ALA A 102 0.39 5.95 0.57
CA ALA A 102 -0.46 6.61 1.56
C ALA A 102 -1.89 6.15 1.40
N PHE A 103 -2.34 6.22 0.17
CA PHE A 103 -3.70 5.85 -0.20
C PHE A 103 -4.04 4.42 0.25
N PHE A 104 -3.16 3.47 -0.04
CA PHE A 104 -3.45 2.09 0.28
C PHE A 104 -3.23 1.82 1.78
N SER A 105 -2.35 2.60 2.40
CA SER A 105 -2.07 2.45 3.82
C SER A 105 -3.24 2.97 4.65
N PHE A 106 -3.68 4.18 4.32
CA PHE A 106 -4.79 4.79 5.02
C PHE A 106 -6.09 4.09 4.66
N GLY A 107 -6.11 3.46 3.49
CA GLY A 107 -7.23 2.62 3.11
C GLY A 107 -7.30 1.38 3.97
N GLY A 108 -6.14 0.77 4.21
CA GLY A 108 -6.08 -0.37 5.10
C GLY A 108 -6.45 0.02 6.52
N ALA A 109 -6.12 1.26 6.87
CA ALA A 109 -6.48 1.81 8.16
C ALA A 109 -7.98 2.16 8.19
N LEU A 110 -8.51 2.50 7.03
CA LEU A 110 -9.93 2.88 6.90
C LEU A 110 -10.76 1.67 7.26
N CYS A 111 -10.28 0.53 6.77
CA CYS A 111 -10.83 -0.76 7.09
C CYS A 111 -10.91 -0.96 8.60
N VAL A 112 -9.79 -0.78 9.28
CA VAL A 112 -9.73 -0.97 10.73
C VAL A 112 -10.61 0.02 11.47
N GLU A 113 -10.61 1.27 11.03
CA GLU A 113 -11.44 2.29 11.65
C GLU A 113 -12.92 1.93 11.54
N SER A 114 -13.24 1.12 10.54
CA SER A 114 -14.58 0.61 10.38
C SER A 114 -14.80 -0.52 11.38
N VAL A 115 -13.77 -1.34 11.52
CA VAL A 115 -13.79 -2.49 12.42
C VAL A 115 -13.91 -2.00 13.84
N ASP A 116 -13.28 -0.87 14.08
CA ASP A 116 -13.30 -0.18 15.35
C ASP A 116 -14.72 0.01 15.86
N LYS A 117 -15.57 0.53 15.00
CA LYS A 117 -16.97 0.78 15.35
C LYS A 117 -17.82 -0.46 15.08
N GLU A 118 -17.15 -1.60 14.89
CA GLU A 118 -17.81 -2.88 14.63
C GLU A 118 -18.54 -2.83 13.28
N MET A 119 -17.91 -2.18 12.32
CA MET A 119 -18.47 -2.01 10.99
C MET A 119 -17.56 -2.70 9.99
N GLN A 120 -17.24 -3.94 10.29
CA GLN A 120 -16.32 -4.74 9.53
C GLN A 120 -16.85 -5.04 8.12
N VAL A 121 -18.11 -4.69 7.86
CA VAL A 121 -18.67 -4.81 6.53
C VAL A 121 -18.02 -3.83 5.55
N LEU A 122 -17.38 -2.77 6.09
CA LEU A 122 -16.69 -1.80 5.24
C LEU A 122 -15.37 -2.37 4.78
N VAL A 123 -14.83 -3.28 5.58
CA VAL A 123 -13.56 -3.94 5.28
C VAL A 123 -13.47 -4.39 3.83
N SER A 124 -14.46 -5.15 3.36
CA SER A 124 -14.51 -5.63 2.02
C SER A 124 -14.75 -4.51 1.02
N ARG A 125 -15.63 -3.59 1.40
CA ARG A 125 -16.01 -2.49 0.53
C ARG A 125 -14.80 -1.64 0.21
N ILE A 126 -14.15 -1.15 1.25
CA ILE A 126 -12.97 -0.32 1.12
C ILE A 126 -11.94 -0.95 0.19
N ALA A 127 -11.60 -2.20 0.46
CA ALA A 127 -10.60 -2.91 -0.33
C ALA A 127 -10.99 -2.99 -1.81
N ALA A 128 -12.29 -2.92 -2.07
CA ALA A 128 -12.81 -3.01 -3.42
C ALA A 128 -12.40 -1.80 -4.22
N TRP A 129 -12.88 -0.65 -3.80
CA TRP A 129 -12.66 0.56 -4.53
C TRP A 129 -11.26 1.12 -4.31
N MET A 130 -10.58 0.67 -3.27
CA MET A 130 -9.15 0.99 -3.13
C MET A 130 -8.39 0.47 -4.34
N ALA A 131 -8.54 -0.82 -4.62
CA ALA A 131 -7.87 -1.43 -5.74
C ALA A 131 -8.45 -0.94 -7.05
N THR A 132 -9.76 -0.75 -7.10
CA THR A 132 -10.41 -0.20 -8.28
C THR A 132 -9.88 1.21 -8.58
N TYR A 133 -9.74 2.04 -7.55
CA TYR A 133 -9.21 3.38 -7.74
C TYR A 133 -7.81 3.31 -8.32
N LEU A 134 -7.01 2.39 -7.81
CA LEU A 134 -5.69 2.16 -8.37
C LEU A 134 -5.84 1.72 -9.83
N ASN A 135 -6.74 0.76 -10.04
CA ASN A 135 -7.06 0.25 -11.37
C ASN A 135 -7.31 1.36 -12.38
N ASP A 136 -8.29 2.21 -12.09
CA ASP A 136 -8.71 3.23 -13.04
C ASP A 136 -7.80 4.46 -13.01
N HIS A 137 -7.49 4.93 -11.83
CA HIS A 137 -6.80 6.20 -11.67
C HIS A 137 -5.28 6.05 -11.66
N LEU A 138 -4.78 5.14 -10.84
CA LEU A 138 -3.35 5.13 -10.53
C LEU A 138 -2.53 4.29 -11.49
N GLU A 139 -3.06 3.15 -11.91
CA GLU A 139 -2.29 2.21 -12.72
C GLU A 139 -1.62 2.87 -13.91
N PRO A 140 -2.36 3.62 -14.77
CA PRO A 140 -1.75 4.35 -15.90
C PRO A 140 -0.61 5.25 -15.43
N TRP A 141 -0.92 6.08 -14.43
CA TRP A 141 0.05 7.00 -13.83
C TRP A 141 1.29 6.24 -13.36
N ILE A 142 1.07 5.20 -12.58
CA ILE A 142 2.13 4.28 -12.15
C ILE A 142 3.00 3.85 -13.34
N GLN A 143 2.36 3.35 -14.39
CA GLN A 143 3.07 2.88 -15.56
C GLN A 143 3.86 3.99 -16.24
N GLU A 144 3.38 5.24 -16.14
CA GLU A 144 4.11 6.39 -16.65
C GLU A 144 5.42 6.56 -15.91
N ASN A 145 5.49 5.97 -14.72
CA ASN A 145 6.63 6.11 -13.83
C ASN A 145 7.45 4.84 -13.89
N GLY A 146 6.98 3.91 -14.71
CA GLY A 146 7.68 2.66 -14.90
C GLY A 146 6.79 1.47 -14.63
N GLY A 147 6.06 1.52 -13.52
CA GLY A 147 5.22 0.42 -13.13
C GLY A 147 5.37 0.11 -11.66
N TRP A 148 4.61 -0.86 -11.17
CA TRP A 148 4.68 -1.22 -9.76
C TRP A 148 6.06 -1.75 -9.41
N ASP A 149 6.66 -2.51 -10.33
CA ASP A 149 8.01 -3.02 -10.16
C ASP A 149 8.96 -1.87 -9.83
N THR A 150 8.80 -0.78 -10.55
CA THR A 150 9.67 0.38 -10.43
C THR A 150 9.64 0.96 -9.03
N PHE A 151 8.48 0.97 -8.39
CA PHE A 151 8.38 1.53 -7.05
C PHE A 151 9.24 0.73 -6.08
N VAL A 152 9.26 -0.58 -6.26
CA VAL A 152 10.07 -1.44 -5.42
C VAL A 152 11.55 -1.31 -5.82
N GLU A 153 11.80 -0.91 -7.06
CA GLU A 153 13.15 -0.61 -7.49
C GLU A 153 13.69 0.59 -6.71
N LEU A 154 12.77 1.43 -6.24
CA LEU A 154 13.13 2.61 -5.46
C LEU A 154 13.03 2.31 -3.98
N TYR A 155 11.85 1.89 -3.56
CA TYR A 155 11.53 1.75 -2.14
C TYR A 155 11.14 0.33 -1.81
N GLY A 156 11.69 -0.60 -2.56
CA GLY A 156 11.42 -2.01 -2.34
C GLY A 156 11.86 -2.49 -0.99
N ASN A 157 11.40 -3.67 -0.67
CA ASN A 157 11.65 -4.31 0.60
C ASN A 157 13.15 -4.43 0.87
N ASN A 158 13.61 -3.74 1.90
CA ASN A 158 15.06 -3.67 2.18
C ASN A 158 15.59 -4.98 2.71
N ALA A 159 14.75 -5.76 3.38
CA ALA A 159 15.15 -7.07 3.86
C ALA A 159 15.64 -7.93 2.69
N ALA A 160 14.96 -7.80 1.56
CA ALA A 160 15.36 -8.51 0.35
C ALA A 160 16.38 -7.70 -0.45
N ALA A 161 16.20 -6.38 -0.44
CA ALA A 161 17.07 -5.47 -1.18
C ALA A 161 18.52 -5.60 -0.72
N GLU A 162 18.75 -5.42 0.57
CA GLU A 162 20.10 -5.52 1.12
C GLU A 162 20.62 -6.95 1.03
N SER A 163 19.71 -7.91 0.99
CA SER A 163 20.09 -9.31 0.82
C SER A 163 20.62 -9.53 -0.59
N ARG A 164 19.92 -8.98 -1.58
CA ARG A 164 20.38 -9.06 -2.96
C ARG A 164 21.62 -8.23 -3.17
N LYS A 165 21.70 -7.15 -2.41
CA LYS A 165 22.86 -6.26 -2.45
C LYS A 165 24.13 -7.01 -2.10
N GLY A 166 24.01 -7.91 -1.12
CA GLY A 166 25.15 -8.69 -0.68
C GLY A 166 25.76 -9.53 -1.78
N GLN A 167 24.92 -10.24 -2.53
CA GLN A 167 25.41 -11.07 -3.61
C GLN A 167 25.68 -10.24 -4.85
N GLU A 168 25.06 -9.07 -4.92
CA GLU A 168 25.32 -8.14 -6.01
C GLU A 168 26.73 -7.56 -5.86
N ARG A 169 27.29 -7.70 -4.67
CA ARG A 169 28.63 -7.21 -4.41
C ARG A 169 29.62 -8.04 -5.21
N LEU A 170 29.31 -9.32 -5.37
CA LEU A 170 30.11 -10.23 -6.15
C LEU A 170 29.79 -10.09 -7.63
N GLU A 171 28.67 -9.44 -7.90
CA GLU A 171 28.26 -9.16 -9.27
C GLU A 171 29.01 -7.95 -9.79
N HIS A 172 29.10 -6.92 -8.96
CA HIS A 172 29.83 -5.70 -9.32
C HIS A 172 31.30 -6.01 -9.58
N HIS A 173 31.84 -6.96 -8.82
CA HIS A 173 33.19 -7.43 -9.04
C HIS A 173 33.18 -8.60 -10.02
N HIS A 174 33.31 -8.28 -11.29
CA HIS A 174 33.22 -9.29 -12.34
C HIS A 174 34.54 -10.04 -12.46
N HIS A 175 34.55 -11.07 -13.30
CA HIS A 175 35.77 -11.82 -13.59
C HIS A 175 36.83 -10.88 -14.17
N HIS A 176 38.09 -11.21 -13.94
CA HIS A 176 39.20 -10.38 -14.42
C HIS A 176 39.19 -10.34 -15.95
N HIS A 177 39.49 -9.17 -16.49
CA HIS A 177 39.53 -9.01 -17.95
C HIS A 177 40.70 -9.78 -18.53
N LEU A 178 41.85 -9.69 -17.87
CA LEU A 178 43.06 -10.40 -18.26
C LEU A 178 43.51 -10.02 -19.68
N GLU A 179 44.55 -10.71 -20.15
CA GLU A 179 45.08 -10.52 -21.50
C GLU A 179 45.54 -9.08 -21.72
N HIS A 180 46.76 -8.79 -21.27
CA HIS A 180 47.38 -7.48 -21.48
C HIS A 180 46.59 -6.37 -20.78
N HIS A 181 45.90 -6.71 -19.71
CA HIS A 181 45.10 -5.75 -18.96
C HIS A 181 45.95 -5.12 -17.87
N HIS A 182 45.93 -3.79 -17.80
CA HIS A 182 46.68 -3.06 -16.78
C HIS A 182 45.77 -2.66 -15.63
N HIS A 183 46.37 -2.16 -14.56
CA HIS A 183 45.63 -1.76 -13.37
C HIS A 183 44.77 -0.54 -13.66
N HIS A 184 43.47 -0.67 -13.38
CA HIS A 184 42.53 0.44 -13.57
C HIS A 184 42.93 1.63 -12.69
N HIS A 185 43.55 1.34 -11.56
CA HIS A 185 44.01 2.38 -10.65
C HIS A 185 45.35 1.97 -10.06
N GLY B 2 -12.60 19.07 7.50
CA GLY B 2 -11.59 19.61 8.38
C GLY B 2 -10.28 18.84 8.28
N CYS B 3 -9.18 19.57 8.13
CA CYS B 3 -7.85 18.98 8.01
C CYS B 3 -7.78 18.07 6.80
N VAL B 4 -7.47 16.79 7.05
CA VAL B 4 -7.45 15.72 6.08
C VAL B 4 -6.87 16.12 4.71
N GLY B 5 -7.69 16.63 3.78
CA GLY B 5 -7.17 17.25 2.56
C GLY B 5 -5.91 18.09 2.79
N ARG B 6 -5.81 18.72 3.94
CA ARG B 6 -4.61 19.45 4.32
C ARG B 6 -3.55 18.51 4.92
N ALA B 7 -3.94 17.80 5.98
CA ALA B 7 -2.99 17.04 6.79
C ALA B 7 -2.41 15.84 6.04
N LEU B 8 -3.27 14.99 5.52
CA LEU B 8 -2.84 13.76 4.86
C LEU B 8 -1.91 14.05 3.70
N ALA B 9 -2.36 14.91 2.80
CA ALA B 9 -1.58 15.35 1.66
C ALA B 9 -0.18 15.78 2.10
N ALA B 10 -0.16 16.55 3.19
CA ALA B 10 1.06 17.13 3.74
C ALA B 10 1.98 16.04 4.31
N PHE B 11 1.43 15.23 5.21
CA PHE B 11 2.18 14.13 5.82
C PHE B 11 2.51 13.07 4.77
N GLY B 12 1.82 13.12 3.65
CA GLY B 12 1.98 12.13 2.61
C GLY B 12 3.14 12.43 1.68
N ASP B 13 3.78 13.57 1.87
CA ASP B 13 4.94 13.92 1.08
C ASP B 13 6.21 13.49 1.81
N CYS B 14 6.03 12.82 2.94
CA CYS B 14 7.15 12.43 3.78
C CYS B 14 7.58 10.99 3.52
N ILE B 15 7.36 10.51 2.29
CA ILE B 15 7.81 9.16 1.90
C ILE B 15 9.31 9.14 1.65
N ASN B 16 10.08 9.23 2.73
CA ASN B 16 11.53 9.23 2.64
C ASN B 16 12.10 8.18 3.57
N ARG B 17 13.02 7.37 3.06
CA ARG B 17 13.60 6.28 3.83
C ARG B 17 15.09 6.50 4.04
N MET A 1 -2.01 -7.44 -18.18
CA MET A 1 -3.09 -7.77 -17.23
C MET A 1 -3.23 -6.68 -16.18
N SER A 2 -2.14 -6.45 -15.45
CA SER A 2 -2.05 -5.39 -14.43
C SER A 2 -3.25 -5.40 -13.45
N GLN A 3 -3.85 -6.57 -13.25
CA GLN A 3 -4.97 -6.70 -12.33
C GLN A 3 -4.46 -7.04 -10.94
N SER A 4 -3.15 -7.13 -10.83
CA SER A 4 -2.50 -7.49 -9.59
C SER A 4 -2.57 -6.33 -8.60
N ASN A 5 -3.12 -5.19 -9.05
CA ASN A 5 -3.30 -4.03 -8.19
C ASN A 5 -4.25 -4.33 -7.04
N ARG A 6 -5.14 -5.28 -7.25
CA ARG A 6 -6.01 -5.77 -6.20
C ARG A 6 -5.21 -6.14 -4.95
N GLU A 7 -4.18 -6.93 -5.18
CA GLU A 7 -3.29 -7.42 -4.13
C GLU A 7 -2.80 -6.30 -3.22
N LEU A 8 -2.24 -5.28 -3.85
CA LEU A 8 -1.65 -4.13 -3.16
C LEU A 8 -2.60 -3.54 -2.13
N VAL A 9 -3.89 -3.63 -2.42
CA VAL A 9 -4.90 -3.22 -1.47
C VAL A 9 -5.13 -4.30 -0.43
N VAL A 10 -5.53 -5.45 -0.92
CA VAL A 10 -5.92 -6.59 -0.08
C VAL A 10 -4.83 -6.96 0.93
N ASP A 11 -3.63 -7.20 0.46
CA ASP A 11 -2.52 -7.56 1.33
C ASP A 11 -2.30 -6.50 2.39
N PHE A 12 -2.50 -5.24 1.99
CA PHE A 12 -2.34 -4.13 2.90
C PHE A 12 -3.41 -4.19 3.98
N LEU A 13 -4.68 -4.27 3.58
CA LEU A 13 -5.78 -4.34 4.54
C LEU A 13 -5.64 -5.57 5.43
N SER A 14 -5.22 -6.68 4.83
CA SER A 14 -5.00 -7.92 5.57
C SER A 14 -3.94 -7.72 6.66
N TYR A 15 -2.93 -6.94 6.34
CA TYR A 15 -1.87 -6.64 7.28
C TYR A 15 -2.35 -5.61 8.32
N LYS A 16 -3.35 -4.83 7.96
CA LYS A 16 -3.87 -3.79 8.83
C LYS A 16 -4.84 -4.35 9.86
N LEU A 17 -5.69 -5.28 9.47
CA LEU A 17 -6.59 -5.89 10.44
C LEU A 17 -5.78 -6.63 11.51
N SER A 18 -4.61 -7.08 11.12
CA SER A 18 -3.74 -7.84 12.00
C SER A 18 -3.07 -6.93 13.05
N GLN A 19 -3.12 -5.61 12.85
CA GLN A 19 -2.46 -4.69 13.77
C GLN A 19 -3.30 -4.44 15.01
N LYS A 20 -4.52 -4.90 14.98
CA LYS A 20 -5.43 -4.76 16.09
C LYS A 20 -5.86 -6.11 16.58
N GLY A 21 -5.70 -7.06 15.71
CA GLY A 21 -5.96 -8.44 16.04
C GLY A 21 -7.27 -8.94 15.47
N TYR A 22 -7.64 -8.38 14.33
CA TYR A 22 -8.76 -8.93 13.54
C TYR A 22 -8.24 -9.54 12.25
N SER A 23 -9.11 -10.25 11.55
CA SER A 23 -8.76 -10.88 10.30
C SER A 23 -9.35 -10.11 9.13
N TRP A 24 -8.67 -10.16 8.01
CA TRP A 24 -9.18 -9.61 6.77
C TRP A 24 -10.13 -10.60 6.13
N SER A 25 -9.74 -11.87 6.12
CA SER A 25 -10.47 -12.89 5.38
C SER A 25 -11.80 -13.22 6.06
N GLN A 26 -11.91 -12.94 7.35
CA GLN A 26 -13.17 -13.11 8.05
C GLN A 26 -14.22 -12.14 7.52
N PHE A 27 -13.76 -11.01 7.00
CA PHE A 27 -14.66 -9.95 6.57
C PHE A 27 -14.46 -9.59 5.10
N SER A 28 -13.80 -10.45 4.34
CA SER A 28 -13.44 -10.10 2.97
C SER A 28 -14.37 -10.72 1.94
N ASP A 29 -14.07 -10.45 0.68
CA ASP A 29 -14.81 -10.95 -0.47
C ASP A 29 -14.03 -10.67 -1.76
N VAL A 30 -13.17 -9.66 -1.68
CA VAL A 30 -12.45 -9.12 -2.83
C VAL A 30 -11.80 -10.19 -3.71
N GLU A 31 -10.76 -10.83 -3.21
CA GLU A 31 -10.14 -11.94 -3.93
C GLU A 31 -10.61 -13.25 -3.30
N GLU A 32 -11.49 -13.11 -2.33
CA GLU A 32 -12.02 -14.23 -1.58
C GLU A 32 -12.95 -15.08 -2.45
N ASN A 33 -14.00 -14.44 -2.95
CA ASN A 33 -15.05 -15.14 -3.68
C ASN A 33 -14.79 -15.09 -5.18
N ARG A 34 -14.37 -13.94 -5.67
CA ARG A 34 -14.04 -13.81 -7.08
C ARG A 34 -12.55 -13.99 -7.27
N THR A 35 -12.17 -14.45 -8.43
CA THR A 35 -10.77 -14.67 -8.73
C THR A 35 -10.38 -14.01 -10.05
N GLU A 36 -9.70 -12.89 -9.92
CA GLU A 36 -9.28 -12.12 -11.08
C GLU A 36 -7.79 -12.34 -11.30
N ALA A 37 -7.00 -11.69 -10.46
CA ALA A 37 -5.56 -11.89 -10.45
C ALA A 37 -5.18 -12.83 -9.31
N PRO A 38 -4.06 -13.54 -9.45
CA PRO A 38 -3.51 -14.37 -8.37
C PRO A 38 -3.33 -13.61 -7.06
N GLU A 39 -3.20 -14.34 -5.96
CA GLU A 39 -3.01 -13.74 -4.65
C GLU A 39 -1.57 -13.24 -4.49
N GLY A 40 -0.77 -13.41 -5.53
CA GLY A 40 0.60 -12.94 -5.49
C GLY A 40 1.34 -13.26 -6.78
N THR A 41 0.92 -12.64 -7.86
CA THR A 41 1.54 -12.92 -9.15
C THR A 41 2.74 -11.99 -9.42
N GLU A 42 2.48 -10.74 -9.77
CA GLU A 42 3.55 -9.76 -9.96
C GLU A 42 3.77 -8.96 -8.69
N SER A 43 2.69 -8.81 -7.98
CA SER A 43 2.60 -7.86 -6.89
C SER A 43 3.31 -8.30 -5.64
N GLU A 44 3.61 -9.57 -5.50
CA GLU A 44 4.24 -10.07 -4.28
C GLU A 44 5.40 -9.15 -3.85
N ALA A 45 6.25 -8.80 -4.79
CA ALA A 45 7.34 -7.86 -4.51
C ALA A 45 6.84 -6.44 -4.30
N VAL A 46 5.93 -5.98 -5.16
CA VAL A 46 5.44 -4.60 -5.10
C VAL A 46 4.61 -4.36 -3.83
N LYS A 47 3.87 -5.38 -3.42
CA LYS A 47 3.03 -5.30 -2.23
C LYS A 47 3.92 -5.45 -0.99
N GLN A 48 4.99 -6.24 -1.14
CA GLN A 48 6.00 -6.36 -0.09
C GLN A 48 6.72 -5.05 0.10
N ALA A 49 6.83 -4.29 -0.99
CA ALA A 49 7.43 -2.96 -0.93
C ALA A 49 6.48 -1.95 -0.33
N LEU A 50 5.22 -2.03 -0.73
CA LEU A 50 4.22 -1.04 -0.36
C LEU A 50 3.92 -1.05 1.13
N ARG A 51 4.14 -2.18 1.79
CA ARG A 51 3.78 -2.29 3.19
C ARG A 51 4.87 -1.66 4.03
N GLU A 52 6.07 -1.70 3.49
CA GLU A 52 7.23 -1.10 4.11
C GLU A 52 7.15 0.41 3.96
N ALA A 53 6.89 0.85 2.74
CA ALA A 53 6.66 2.27 2.46
C ALA A 53 5.47 2.77 3.25
N GLY A 54 4.43 1.93 3.32
CA GLY A 54 3.26 2.26 4.10
C GLY A 54 3.57 2.39 5.58
N ASP A 55 4.36 1.45 6.10
CA ASP A 55 4.77 1.48 7.51
C ASP A 55 5.49 2.78 7.83
N GLU A 56 6.37 3.18 6.92
CA GLU A 56 7.12 4.43 7.05
C GLU A 56 6.17 5.63 7.13
N PHE A 57 5.01 5.49 6.53
CA PHE A 57 3.98 6.51 6.58
C PHE A 57 3.19 6.42 7.89
N GLU A 58 2.81 5.20 8.25
CA GLU A 58 1.92 4.96 9.38
C GLU A 58 2.50 5.44 10.69
N LEU A 59 3.63 4.86 11.09
CA LEU A 59 4.23 5.13 12.39
C LEU A 59 4.37 6.62 12.69
N ARG A 60 4.62 7.40 11.65
CA ARG A 60 4.81 8.83 11.79
C ARG A 60 3.53 9.51 12.32
N TYR A 61 2.46 9.39 11.54
CA TYR A 61 1.21 10.11 11.83
C TYR A 61 0.25 9.26 12.67
N ARG A 62 0.64 8.02 12.95
CA ARG A 62 -0.20 7.06 13.67
C ARG A 62 -0.81 7.63 14.96
N ARG A 63 -0.10 8.56 15.59
CA ARG A 63 -0.60 9.22 16.80
C ARG A 63 -1.98 9.84 16.59
N ALA A 64 -2.23 10.32 15.38
CA ALA A 64 -3.50 10.96 15.07
C ALA A 64 -4.52 9.95 14.59
N PHE A 65 -4.04 8.84 14.01
CA PHE A 65 -4.91 7.84 13.37
C PHE A 65 -6.12 7.47 14.25
N SER A 66 -5.87 7.22 15.52
CA SER A 66 -6.91 6.75 16.42
C SER A 66 -7.96 7.83 16.69
N ASP A 67 -7.55 9.10 16.54
CA ASP A 67 -8.45 10.22 16.74
C ASP A 67 -9.14 10.61 15.43
N LEU A 68 -8.46 10.38 14.32
CA LEU A 68 -8.94 10.84 13.02
C LEU A 68 -10.27 10.21 12.64
N THR A 69 -10.61 9.07 13.22
CA THR A 69 -11.88 8.41 12.95
C THR A 69 -13.05 9.32 13.29
N SER A 70 -12.80 10.27 14.17
CA SER A 70 -13.79 11.26 14.55
C SER A 70 -13.90 12.32 13.46
N GLN A 71 -12.75 12.68 12.90
CA GLN A 71 -12.69 13.68 11.83
C GLN A 71 -13.38 13.13 10.59
N LEU A 72 -12.96 11.96 10.16
CA LEU A 72 -13.55 11.32 9.00
C LEU A 72 -14.98 10.92 9.29
N HIS A 73 -15.26 10.63 10.55
CA HIS A 73 -16.57 10.15 10.98
C HIS A 73 -16.84 8.81 10.31
N ILE A 74 -15.95 7.88 10.60
CA ILE A 74 -15.99 6.54 10.06
C ILE A 74 -17.31 5.86 10.38
N THR A 75 -18.00 5.43 9.34
CA THR A 75 -19.36 4.98 9.45
C THR A 75 -19.65 4.04 8.24
N PRO A 76 -20.92 3.60 8.02
CA PRO A 76 -21.39 2.97 6.77
C PRO A 76 -20.68 3.43 5.50
N GLY A 77 -20.89 2.66 4.42
CA GLY A 77 -20.22 2.82 3.12
C GLY A 77 -19.79 4.22 2.73
N THR A 78 -20.51 5.24 3.18
CA THR A 78 -20.16 6.62 2.86
C THR A 78 -18.89 7.07 3.60
N ALA A 79 -18.18 6.13 4.20
CA ALA A 79 -16.88 6.40 4.80
C ALA A 79 -15.85 6.65 3.71
N TYR A 80 -16.23 6.32 2.48
CA TYR A 80 -15.38 6.58 1.31
C TYR A 80 -15.51 8.05 0.93
N GLN A 81 -16.53 8.70 1.47
CA GLN A 81 -16.70 10.15 1.32
C GLN A 81 -15.88 10.87 2.38
N SER A 82 -15.57 10.14 3.43
CA SER A 82 -14.62 10.58 4.44
C SER A 82 -13.21 10.35 3.92
N PHE A 83 -12.99 9.13 3.42
CA PHE A 83 -11.74 8.76 2.76
C PHE A 83 -11.54 9.61 1.51
N GLU A 84 -12.63 10.23 1.06
CA GLU A 84 -12.59 11.12 -0.09
C GLU A 84 -11.67 12.29 0.17
N GLN A 85 -11.88 12.93 1.31
CA GLN A 85 -11.03 14.03 1.77
C GLN A 85 -9.56 13.68 1.63
N VAL A 86 -9.29 12.41 1.86
CA VAL A 86 -7.95 11.90 1.84
C VAL A 86 -7.50 11.63 0.42
N VAL A 87 -8.29 10.89 -0.33
CA VAL A 87 -7.94 10.58 -1.69
C VAL A 87 -7.83 11.88 -2.51
N ASN A 88 -8.52 12.88 -2.01
CA ASN A 88 -8.51 14.22 -2.58
C ASN A 88 -7.19 14.94 -2.31
N GLU A 89 -6.64 14.80 -1.10
CA GLU A 89 -5.36 15.40 -0.79
C GLU A 89 -4.28 14.63 -1.49
N LEU A 90 -4.54 13.36 -1.68
CA LEU A 90 -3.54 12.43 -2.09
C LEU A 90 -3.14 12.65 -3.56
N PHE A 91 -4.09 13.09 -4.38
CA PHE A 91 -3.88 13.20 -5.83
C PHE A 91 -3.75 14.66 -6.26
N ARG A 92 -3.59 15.53 -5.28
CA ARG A 92 -3.50 16.98 -5.53
C ARG A 92 -2.40 17.33 -6.54
N ASP A 93 -1.31 16.58 -6.52
CA ASP A 93 -0.20 16.76 -7.48
C ASP A 93 -0.51 16.02 -8.77
N GLY A 94 -1.41 15.07 -8.65
CA GLY A 94 -1.94 14.34 -9.77
C GLY A 94 -1.91 12.86 -9.51
N VAL A 95 -0.81 12.41 -8.86
CA VAL A 95 -0.67 11.14 -8.12
C VAL A 95 0.79 10.99 -7.71
N ASN A 96 1.05 11.09 -6.43
CA ASN A 96 2.42 11.02 -5.94
C ASN A 96 2.84 9.57 -5.77
N TRP A 97 4.13 9.31 -5.89
CA TRP A 97 4.65 7.96 -5.72
C TRP A 97 4.30 7.43 -4.34
N GLY A 98 4.64 8.20 -3.31
CA GLY A 98 4.41 7.77 -1.95
C GLY A 98 2.97 7.91 -1.53
N ARG A 99 2.21 8.69 -2.28
CA ARG A 99 0.80 8.90 -1.95
C ARG A 99 0.01 7.64 -2.26
N ILE A 100 0.48 6.88 -3.24
CA ILE A 100 -0.16 5.62 -3.58
C ILE A 100 -0.05 4.67 -2.40
N VAL A 101 1.14 4.60 -1.82
CA VAL A 101 1.35 3.79 -0.61
C VAL A 101 0.48 4.34 0.52
N ALA A 102 0.37 5.66 0.62
CA ALA A 102 -0.44 6.32 1.65
C ALA A 102 -1.91 5.96 1.49
N PHE A 103 -2.37 6.01 0.26
CA PHE A 103 -3.75 5.72 -0.07
C PHE A 103 -4.14 4.30 0.36
N PHE A 104 -3.24 3.36 0.13
CA PHE A 104 -3.49 1.97 0.51
C PHE A 104 -3.21 1.76 1.99
N SER A 105 -2.27 2.53 2.52
CA SER A 105 -1.96 2.48 3.94
C SER A 105 -3.17 2.93 4.76
N PHE A 106 -3.64 4.13 4.46
CA PHE A 106 -4.76 4.71 5.19
C PHE A 106 -6.07 4.04 4.76
N GLY A 107 -6.09 3.52 3.54
CA GLY A 107 -7.23 2.74 3.11
C GLY A 107 -7.35 1.47 3.90
N GLY A 108 -6.22 0.78 4.07
CA GLY A 108 -6.20 -0.39 4.91
C GLY A 108 -6.44 -0.04 6.36
N ALA A 109 -6.05 1.18 6.72
CA ALA A 109 -6.28 1.70 8.05
C ALA A 109 -7.75 2.00 8.24
N LEU A 110 -8.40 2.45 7.18
CA LEU A 110 -9.81 2.79 7.21
C LEU A 110 -10.63 1.55 7.43
N CYS A 111 -10.15 0.47 6.85
CA CYS A 111 -10.68 -0.83 7.10
C CYS A 111 -10.76 -1.07 8.60
N VAL A 112 -9.64 -0.83 9.29
CA VAL A 112 -9.60 -0.93 10.73
C VAL A 112 -10.52 0.11 11.37
N GLU A 113 -10.58 1.31 10.78
CA GLU A 113 -11.48 2.35 11.25
C GLU A 113 -12.93 1.85 11.25
N SER A 114 -13.23 0.99 10.29
CA SER A 114 -14.56 0.42 10.17
C SER A 114 -14.71 -0.72 11.17
N VAL A 115 -13.67 -1.52 11.28
CA VAL A 115 -13.67 -2.71 12.13
C VAL A 115 -13.72 -2.30 13.58
N ASP A 116 -13.13 -1.15 13.84
CA ASP A 116 -13.07 -0.57 15.16
C ASP A 116 -14.46 -0.39 15.74
N LYS A 117 -15.35 0.17 14.93
CA LYS A 117 -16.74 0.39 15.35
C LYS A 117 -17.60 -0.82 15.00
N GLU A 118 -16.93 -1.93 14.67
CA GLU A 118 -17.60 -3.19 14.29
C GLU A 118 -18.41 -3.01 13.03
N MET A 119 -17.82 -2.32 12.07
CA MET A 119 -18.43 -2.08 10.77
C MET A 119 -17.57 -2.78 9.73
N GLN A 120 -17.30 -4.03 10.01
CA GLN A 120 -16.37 -4.84 9.24
C GLN A 120 -16.88 -5.14 7.83
N VAL A 121 -18.12 -4.75 7.55
CA VAL A 121 -18.69 -4.91 6.21
C VAL A 121 -18.07 -3.90 5.24
N LEU A 122 -17.37 -2.91 5.78
CA LEU A 122 -16.68 -1.92 4.96
C LEU A 122 -15.34 -2.47 4.54
N VAL A 123 -14.82 -3.41 5.31
CA VAL A 123 -13.51 -4.01 5.05
C VAL A 123 -13.34 -4.41 3.58
N SER A 124 -14.25 -5.22 3.07
CA SER A 124 -14.15 -5.66 1.69
C SER A 124 -14.53 -4.51 0.75
N ARG A 125 -15.45 -3.65 1.20
CA ARG A 125 -15.88 -2.50 0.41
C ARG A 125 -14.71 -1.58 0.13
N ILE A 126 -14.08 -1.10 1.19
CA ILE A 126 -12.94 -0.21 1.08
C ILE A 126 -11.89 -0.83 0.16
N ALA A 127 -11.51 -2.07 0.44
CA ALA A 127 -10.52 -2.77 -0.36
C ALA A 127 -10.93 -2.83 -1.84
N ALA A 128 -12.22 -2.98 -2.08
CA ALA A 128 -12.75 -2.98 -3.44
C ALA A 128 -12.51 -1.65 -4.10
N TRP A 129 -13.06 -0.61 -3.48
CA TRP A 129 -13.05 0.72 -4.04
C TRP A 129 -11.63 1.31 -4.07
N MET A 130 -10.75 0.77 -3.22
CA MET A 130 -9.34 1.17 -3.23
C MET A 130 -8.64 0.66 -4.48
N ALA A 131 -8.72 -0.63 -4.72
CA ALA A 131 -8.04 -1.22 -5.87
C ALA A 131 -8.65 -0.73 -7.17
N THR A 132 -9.94 -0.47 -7.17
CA THR A 132 -10.59 0.09 -8.34
C THR A 132 -10.05 1.48 -8.64
N TYR A 133 -9.93 2.30 -7.62
CA TYR A 133 -9.35 3.63 -7.78
C TYR A 133 -7.94 3.53 -8.36
N LEU A 134 -7.18 2.56 -7.86
CA LEU A 134 -5.88 2.23 -8.41
C LEU A 134 -6.04 1.86 -9.89
N ASN A 135 -6.85 0.86 -10.13
CA ASN A 135 -7.18 0.40 -11.48
C ASN A 135 -7.49 1.55 -12.43
N ASP A 136 -8.45 2.40 -12.06
CA ASP A 136 -8.92 3.45 -12.96
C ASP A 136 -7.94 4.61 -13.02
N HIS A 137 -7.58 5.13 -11.87
CA HIS A 137 -6.83 6.38 -11.79
C HIS A 137 -5.32 6.17 -11.75
N LEU A 138 -4.90 5.29 -10.87
CA LEU A 138 -3.49 5.15 -10.51
C LEU A 138 -2.68 4.41 -11.56
N GLU A 139 -3.21 3.29 -12.01
CA GLU A 139 -2.47 2.35 -12.87
C GLU A 139 -1.70 3.06 -13.99
N PRO A 140 -2.35 3.93 -14.81
CA PRO A 140 -1.66 4.65 -15.88
C PRO A 140 -0.52 5.51 -15.33
N TRP A 141 -0.81 6.22 -14.25
CA TRP A 141 0.16 7.07 -13.58
C TRP A 141 1.37 6.27 -13.13
N ILE A 142 1.10 5.19 -12.41
CA ILE A 142 2.13 4.25 -11.97
C ILE A 142 3.09 3.90 -13.09
N GLN A 143 2.54 3.48 -14.22
CA GLN A 143 3.33 3.10 -15.38
C GLN A 143 4.22 4.26 -15.85
N GLU A 144 3.73 5.49 -15.71
CA GLU A 144 4.49 6.67 -16.07
C GLU A 144 5.72 6.82 -15.17
N ASN A 145 5.65 6.20 -14.01
CA ASN A 145 6.68 6.36 -12.99
C ASN A 145 7.60 5.16 -13.00
N GLY A 146 7.21 4.16 -13.79
CA GLY A 146 8.03 2.98 -13.95
C GLY A 146 7.24 1.71 -13.88
N GLY A 147 6.24 1.68 -13.01
CA GLY A 147 5.47 0.48 -12.78
C GLY A 147 5.56 0.04 -11.34
N TRP A 148 4.83 -1.00 -10.98
CA TRP A 148 4.78 -1.46 -9.59
C TRP A 148 6.13 -2.03 -9.15
N ASP A 149 6.82 -2.67 -10.10
CA ASP A 149 8.15 -3.23 -9.82
C ASP A 149 9.10 -2.13 -9.36
N THR A 150 8.98 -0.98 -10.01
CA THR A 150 9.77 0.19 -9.66
C THR A 150 9.62 0.58 -8.20
N PHE A 151 8.43 0.44 -7.65
CA PHE A 151 8.19 0.81 -6.26
C PHE A 151 9.07 -0.02 -5.33
N VAL A 152 9.19 -1.31 -5.65
CA VAL A 152 10.03 -2.19 -4.88
C VAL A 152 11.51 -1.93 -5.19
N GLU A 153 11.76 -1.42 -6.39
CA GLU A 153 13.10 -0.96 -6.74
C GLU A 153 13.57 0.12 -5.78
N LEU A 154 12.61 0.89 -5.25
CA LEU A 154 12.93 2.00 -4.35
C LEU A 154 12.77 1.59 -2.89
N TYR A 155 11.57 1.13 -2.54
CA TYR A 155 11.23 0.84 -1.15
C TYR A 155 10.84 -0.62 -0.98
N GLY A 156 11.40 -1.46 -1.83
CA GLY A 156 11.08 -2.86 -1.77
C GLY A 156 11.52 -3.49 -0.48
N ASN A 157 10.88 -4.60 -0.18
CA ASN A 157 11.20 -5.42 0.96
C ASN A 157 12.68 -5.78 0.90
N ASN A 158 13.47 -5.30 1.85
CA ASN A 158 14.91 -5.45 1.78
C ASN A 158 15.38 -6.71 2.49
N ALA A 159 14.44 -7.48 3.01
CA ALA A 159 14.76 -8.70 3.75
C ALA A 159 15.67 -9.61 2.93
N ALA A 160 15.37 -9.75 1.64
CA ALA A 160 16.20 -10.53 0.74
C ALA A 160 17.54 -9.83 0.49
N ALA A 161 17.50 -8.51 0.37
CA ALA A 161 18.70 -7.69 0.15
C ALA A 161 19.75 -7.97 1.22
N GLU A 162 19.39 -7.70 2.46
CA GLU A 162 20.28 -7.91 3.59
C GLU A 162 20.63 -9.38 3.76
N SER A 163 19.68 -10.26 3.45
CA SER A 163 19.91 -11.69 3.55
C SER A 163 21.04 -12.11 2.61
N ARG A 164 20.98 -11.62 1.37
CA ARG A 164 22.00 -11.93 0.38
C ARG A 164 23.25 -11.09 0.60
N LYS A 165 23.13 -10.09 1.46
CA LYS A 165 24.23 -9.20 1.78
C LYS A 165 25.10 -9.80 2.87
N GLY A 166 24.46 -10.33 3.91
CA GLY A 166 25.17 -10.93 5.02
C GLY A 166 25.96 -12.16 4.61
N GLN A 167 25.33 -13.01 3.81
CA GLN A 167 26.00 -14.23 3.36
C GLN A 167 27.02 -13.92 2.28
N GLU A 168 26.93 -12.73 1.71
CA GLU A 168 27.86 -12.29 0.70
C GLU A 168 29.21 -11.95 1.35
N ARG A 169 29.20 -11.91 2.68
CA ARG A 169 30.43 -11.72 3.43
C ARG A 169 31.30 -12.96 3.28
N LEU A 170 30.66 -14.12 3.24
CA LEU A 170 31.36 -15.37 3.05
C LEU A 170 31.45 -15.66 1.56
N GLU A 171 30.34 -15.50 0.86
CA GLU A 171 30.28 -15.69 -0.59
C GLU A 171 30.97 -14.51 -1.27
N HIS A 172 32.26 -14.65 -1.52
CA HIS A 172 33.06 -13.56 -2.09
C HIS A 172 32.64 -13.27 -3.52
N HIS A 173 32.91 -12.05 -3.97
CA HIS A 173 32.53 -11.61 -5.30
C HIS A 173 33.35 -12.34 -6.36
N HIS A 174 32.73 -13.32 -6.99
CA HIS A 174 33.41 -14.13 -7.99
C HIS A 174 33.34 -13.46 -9.37
N HIS A 175 32.38 -12.56 -9.54
CA HIS A 175 32.17 -11.91 -10.82
C HIS A 175 33.25 -10.89 -11.11
N HIS A 176 33.92 -11.07 -12.24
CA HIS A 176 34.96 -10.16 -12.68
C HIS A 176 34.34 -8.93 -13.33
N HIS A 177 34.48 -7.79 -12.68
CA HIS A 177 33.93 -6.55 -13.21
C HIS A 177 34.92 -5.91 -14.15
N LEU A 178 34.50 -5.69 -15.38
CA LEU A 178 35.37 -5.09 -16.39
C LEU A 178 35.53 -3.61 -16.14
N GLU A 179 36.77 -3.16 -16.00
CA GLU A 179 37.05 -1.75 -15.80
C GLU A 179 37.80 -1.18 -17.00
N HIS A 180 37.74 0.13 -17.17
CA HIS A 180 38.39 0.79 -18.31
C HIS A 180 39.91 0.71 -18.20
N HIS A 181 40.54 0.34 -19.29
CA HIS A 181 41.99 0.32 -19.37
C HIS A 181 42.45 1.58 -20.08
N HIS A 182 41.68 1.99 -21.08
CA HIS A 182 41.86 3.26 -21.75
C HIS A 182 40.50 3.94 -21.88
N HIS A 183 39.66 3.38 -22.74
CA HIS A 183 38.30 3.87 -22.93
C HIS A 183 37.50 2.85 -23.72
N HIS A 184 36.34 2.48 -23.20
CA HIS A 184 35.48 1.52 -23.88
C HIS A 184 34.52 2.25 -24.80
N HIS A 185 34.33 1.69 -26.00
CA HIS A 185 33.50 2.31 -27.03
C HIS A 185 34.11 3.62 -27.49
N GLY B 2 -11.55 20.46 7.52
CA GLY B 2 -10.33 20.76 8.23
C GLY B 2 -9.39 19.58 8.26
N CYS B 3 -8.09 19.87 8.33
CA CYS B 3 -7.05 18.85 8.33
C CYS B 3 -7.16 17.94 7.11
N VAL B 4 -6.87 16.65 7.34
CA VAL B 4 -7.00 15.58 6.34
C VAL B 4 -6.47 15.97 4.96
N GLY B 5 -7.31 16.49 4.06
CA GLY B 5 -6.83 17.11 2.84
C GLY B 5 -5.58 17.99 3.04
N ARG B 6 -5.47 18.60 4.22
CA ARG B 6 -4.25 19.30 4.60
C ARG B 6 -3.23 18.36 5.24
N ALA B 7 -3.67 17.61 6.25
CA ALA B 7 -2.76 16.83 7.09
C ALA B 7 -2.19 15.62 6.37
N LEU B 8 -3.06 14.78 5.84
CA LEU B 8 -2.64 13.54 5.17
C LEU B 8 -1.73 13.85 3.99
N ALA B 9 -2.23 14.68 3.08
CA ALA B 9 -1.44 15.18 1.96
C ALA B 9 -0.03 15.56 2.40
N ALA B 10 0.02 16.33 3.49
CA ALA B 10 1.26 16.86 4.04
C ALA B 10 2.16 15.75 4.56
N PHE B 11 1.64 14.93 5.45
CA PHE B 11 2.41 13.85 6.03
C PHE B 11 2.77 12.80 4.98
N GLY B 12 1.97 12.74 3.93
CA GLY B 12 2.19 11.79 2.86
C GLY B 12 3.35 12.17 1.96
N ASP B 13 3.92 13.34 2.20
CA ASP B 13 5.11 13.77 1.47
C ASP B 13 6.36 13.12 2.05
N CYS B 14 6.24 12.68 3.29
CA CYS B 14 7.39 12.18 4.05
C CYS B 14 7.67 10.70 3.77
N ILE B 15 7.44 10.26 2.53
CA ILE B 15 7.69 8.88 2.15
C ILE B 15 9.16 8.64 1.75
N ASN B 16 10.06 9.49 2.23
CA ASN B 16 11.49 9.30 1.98
C ASN B 16 12.35 10.09 2.95
N ARG B 17 11.95 11.32 3.24
CA ARG B 17 12.71 12.16 4.14
C ARG B 17 11.82 12.67 5.27
N MET A 1 -6.66 -4.87 -17.65
CA MET A 1 -7.14 -5.60 -16.44
C MET A 1 -6.36 -5.17 -15.21
N SER A 2 -5.13 -5.66 -15.09
CA SER A 2 -4.27 -5.34 -13.95
C SER A 2 -4.96 -5.66 -12.63
N GLN A 3 -5.44 -6.89 -12.50
CA GLN A 3 -6.15 -7.31 -11.29
C GLN A 3 -5.20 -7.42 -10.11
N SER A 4 -3.90 -7.31 -10.38
CA SER A 4 -2.89 -7.37 -9.35
C SER A 4 -2.98 -6.18 -8.39
N ASN A 5 -3.64 -5.11 -8.84
CA ASN A 5 -3.85 -3.94 -7.99
C ASN A 5 -4.72 -4.30 -6.79
N ARG A 6 -5.51 -5.36 -6.96
CA ARG A 6 -6.33 -5.91 -5.89
C ARG A 6 -5.46 -6.26 -4.70
N GLU A 7 -4.47 -7.10 -4.99
CA GLU A 7 -3.55 -7.62 -3.98
C GLU A 7 -2.92 -6.50 -3.18
N LEU A 8 -2.39 -5.54 -3.91
CA LEU A 8 -1.75 -4.37 -3.35
C LEU A 8 -2.64 -3.67 -2.31
N VAL A 9 -3.94 -3.70 -2.55
CA VAL A 9 -4.89 -3.16 -1.59
C VAL A 9 -5.09 -4.15 -0.45
N VAL A 10 -5.54 -5.33 -0.84
CA VAL A 10 -5.88 -6.40 0.09
C VAL A 10 -4.79 -6.66 1.12
N ASP A 11 -3.59 -6.95 0.65
CA ASP A 11 -2.49 -7.30 1.55
C ASP A 11 -2.22 -6.17 2.54
N PHE A 12 -2.44 -4.94 2.10
CA PHE A 12 -2.20 -3.79 2.95
C PHE A 12 -3.32 -3.65 3.98
N LEU A 13 -4.58 -3.80 3.57
CA LEU A 13 -5.67 -3.76 4.52
C LEU A 13 -5.52 -4.86 5.56
N SER A 14 -5.15 -6.04 5.10
CA SER A 14 -4.92 -7.17 5.99
C SER A 14 -3.78 -6.85 6.95
N TYR A 15 -2.74 -6.19 6.43
CA TYR A 15 -1.59 -5.78 7.21
C TYR A 15 -2.02 -4.83 8.33
N LYS A 16 -3.08 -4.09 8.09
CA LYS A 16 -3.59 -3.13 9.06
C LYS A 16 -4.38 -3.84 10.14
N LEU A 17 -5.31 -4.67 9.71
CA LEU A 17 -6.12 -5.47 10.60
C LEU A 17 -5.26 -6.35 11.51
N SER A 18 -4.08 -6.71 11.02
CA SER A 18 -3.12 -7.50 11.77
C SER A 18 -2.76 -6.83 13.12
N GLN A 19 -2.51 -5.52 13.11
CA GLN A 19 -2.11 -4.80 14.33
C GLN A 19 -3.31 -4.59 15.25
N LYS A 20 -4.47 -5.06 14.81
CA LYS A 20 -5.70 -4.91 15.56
C LYS A 20 -6.11 -6.27 16.10
N GLY A 21 -5.74 -7.28 15.35
CA GLY A 21 -6.03 -8.64 15.73
C GLY A 21 -7.22 -9.18 14.97
N TYR A 22 -7.46 -8.58 13.81
CA TYR A 22 -8.58 -8.99 12.98
C TYR A 22 -8.09 -9.56 11.66
N SER A 23 -8.96 -10.31 11.02
CA SER A 23 -8.66 -10.92 9.74
C SER A 23 -9.28 -10.12 8.63
N TRP A 24 -8.62 -10.09 7.48
CA TRP A 24 -9.19 -9.47 6.31
C TRP A 24 -10.21 -10.40 5.67
N SER A 25 -9.83 -11.67 5.57
CA SER A 25 -10.61 -12.65 4.85
C SER A 25 -11.96 -12.89 5.51
N GLN A 26 -12.00 -12.79 6.83
CA GLN A 26 -13.25 -12.97 7.58
C GLN A 26 -14.32 -11.96 7.15
N PHE A 27 -13.87 -10.84 6.61
CA PHE A 27 -14.76 -9.76 6.26
C PHE A 27 -14.66 -9.44 4.76
N SER A 28 -14.03 -10.35 4.01
CA SER A 28 -13.70 -10.08 2.62
C SER A 28 -14.67 -10.72 1.65
N ASP A 29 -14.37 -10.51 0.37
CA ASP A 29 -15.17 -11.05 -0.74
C ASP A 29 -14.42 -10.81 -2.04
N VAL A 30 -13.59 -9.76 -2.03
CA VAL A 30 -12.88 -9.27 -3.21
C VAL A 30 -12.22 -10.39 -4.03
N GLU A 31 -11.18 -11.00 -3.50
CA GLU A 31 -10.52 -12.13 -4.14
C GLU A 31 -10.99 -13.42 -3.48
N GLU A 32 -11.90 -13.26 -2.53
CA GLU A 32 -12.39 -14.37 -1.74
C GLU A 32 -13.22 -15.33 -2.57
N ASN A 33 -14.30 -14.82 -3.14
CA ASN A 33 -15.26 -15.68 -3.83
C ASN A 33 -14.93 -15.76 -5.32
N ARG A 34 -14.48 -14.66 -5.89
CA ARG A 34 -14.05 -14.65 -7.28
C ARG A 34 -12.52 -14.65 -7.36
N THR A 35 -12.00 -15.53 -8.19
CA THR A 35 -10.56 -15.68 -8.35
C THR A 35 -10.11 -15.24 -9.74
N GLU A 36 -9.35 -14.16 -9.77
CA GLU A 36 -8.90 -13.58 -11.01
C GLU A 36 -7.41 -13.30 -10.98
N ALA A 37 -7.03 -12.40 -10.09
CA ALA A 37 -5.63 -12.04 -9.89
C ALA A 37 -4.82 -13.23 -9.41
N PRO A 38 -3.56 -13.34 -9.84
CA PRO A 38 -2.65 -14.39 -9.40
C PRO A 38 -2.35 -14.29 -7.90
N GLU A 39 -1.57 -15.24 -7.38
CA GLU A 39 -1.23 -15.27 -5.96
C GLU A 39 -0.07 -14.31 -5.69
N GLY A 40 0.20 -13.46 -6.66
CA GLY A 40 1.31 -12.53 -6.55
C GLY A 40 2.16 -12.55 -7.79
N THR A 41 1.60 -12.13 -8.92
CA THR A 41 2.32 -12.19 -10.18
C THR A 41 3.51 -11.22 -10.15
N GLU A 42 3.23 -9.93 -10.28
CA GLU A 42 4.20 -8.88 -10.02
C GLU A 42 4.03 -8.42 -8.60
N SER A 43 2.81 -8.56 -8.15
CA SER A 43 2.32 -8.01 -6.91
C SER A 43 3.12 -8.44 -5.71
N GLU A 44 3.56 -9.69 -5.67
CA GLU A 44 4.23 -10.23 -4.48
C GLU A 44 5.32 -9.27 -3.99
N ALA A 45 6.26 -8.92 -4.86
CA ALA A 45 7.31 -7.97 -4.51
C ALA A 45 6.73 -6.58 -4.26
N VAL A 46 5.77 -6.20 -5.08
CA VAL A 46 5.08 -4.92 -4.98
C VAL A 46 4.45 -4.75 -3.60
N LYS A 47 3.56 -5.67 -3.30
CA LYS A 47 2.78 -5.64 -2.07
C LYS A 47 3.73 -5.82 -0.87
N GLN A 48 4.81 -6.56 -1.09
CA GLN A 48 5.81 -6.77 -0.07
C GLN A 48 6.62 -5.51 0.17
N ALA A 49 6.73 -4.68 -0.85
CA ALA A 49 7.40 -3.40 -0.72
C ALA A 49 6.46 -2.40 -0.07
N LEU A 50 5.18 -2.54 -0.39
CA LEU A 50 4.15 -1.64 0.12
C LEU A 50 4.03 -1.69 1.63
N ARG A 51 4.21 -2.87 2.22
CA ARG A 51 4.13 -2.99 3.66
C ARG A 51 5.31 -2.29 4.30
N GLU A 52 6.43 -2.38 3.63
CA GLU A 52 7.68 -1.87 4.15
C GLU A 52 7.79 -0.37 3.94
N ALA A 53 7.30 0.09 2.80
CA ALA A 53 7.16 1.51 2.54
C ALA A 53 6.06 2.09 3.42
N GLY A 54 5.03 1.28 3.65
CA GLY A 54 3.92 1.69 4.48
C GLY A 54 4.32 1.94 5.91
N ASP A 55 5.04 1.01 6.51
CA ASP A 55 5.50 1.14 7.90
C ASP A 55 6.28 2.44 8.08
N GLU A 56 7.04 2.80 7.06
CA GLU A 56 7.86 3.98 7.07
C GLU A 56 7.02 5.23 6.86
N PHE A 57 5.91 5.06 6.17
CA PHE A 57 5.00 6.16 5.90
C PHE A 57 4.04 6.40 7.07
N GLU A 58 3.34 5.34 7.49
CA GLU A 58 2.22 5.44 8.42
C GLU A 58 2.58 6.15 9.72
N LEU A 59 3.62 5.64 10.38
CA LEU A 59 4.00 6.10 11.72
C LEU A 59 3.94 7.62 11.89
N ARG A 60 4.40 8.34 10.88
CA ARG A 60 4.46 9.78 10.94
C ARG A 60 3.08 10.41 11.18
N TYR A 61 2.14 10.16 10.27
CA TYR A 61 0.82 10.79 10.35
C TYR A 61 -0.20 9.95 11.14
N ARG A 62 0.17 8.73 11.53
CA ARG A 62 -0.76 7.84 12.20
C ARG A 62 -1.18 8.36 13.57
N ARG A 63 -0.43 9.35 14.07
CA ARG A 63 -0.72 9.96 15.35
C ARG A 63 -2.02 10.76 15.31
N ALA A 64 -2.51 11.06 14.11
CA ALA A 64 -3.78 11.74 13.94
C ALA A 64 -4.93 10.75 13.77
N PHE A 65 -4.65 9.63 13.10
CA PHE A 65 -5.67 8.69 12.63
C PHE A 65 -6.78 8.40 13.63
N SER A 66 -6.40 8.05 14.85
CA SER A 66 -7.36 7.59 15.84
C SER A 66 -8.22 8.73 16.37
N ASP A 67 -7.73 9.95 16.20
CA ASP A 67 -8.45 11.15 16.61
C ASP A 67 -9.30 11.66 15.47
N LEU A 68 -8.91 11.30 14.24
CA LEU A 68 -9.55 11.83 13.05
C LEU A 68 -10.89 11.17 12.74
N THR A 69 -11.17 10.03 13.35
CA THR A 69 -12.35 9.25 13.00
C THR A 69 -13.64 10.06 13.13
N SER A 70 -13.64 11.02 14.03
CA SER A 70 -14.76 11.92 14.19
C SER A 70 -14.90 12.80 12.95
N GLN A 71 -13.75 13.19 12.40
CA GLN A 71 -13.69 13.99 11.18
C GLN A 71 -14.08 13.14 9.99
N LEU A 72 -13.59 11.89 9.96
CA LEU A 72 -13.95 10.96 8.91
C LEU A 72 -15.42 10.62 8.97
N HIS A 73 -15.99 10.59 10.17
CA HIS A 73 -17.36 10.14 10.36
C HIS A 73 -17.46 8.67 9.99
N ILE A 74 -16.42 7.94 10.39
CA ILE A 74 -16.28 6.52 10.10
C ILE A 74 -17.56 5.75 10.46
N THR A 75 -18.19 5.23 9.44
CA THR A 75 -19.52 4.69 9.55
C THR A 75 -19.76 3.75 8.34
N PRO A 76 -21.01 3.27 8.10
CA PRO A 76 -21.46 2.68 6.82
C PRO A 76 -20.76 3.21 5.56
N GLY A 77 -20.98 2.49 4.45
CA GLY A 77 -20.33 2.71 3.15
C GLY A 77 -19.92 4.14 2.82
N THR A 78 -20.62 5.14 3.34
CA THR A 78 -20.29 6.52 3.09
C THR A 78 -18.97 6.92 3.75
N ALA A 79 -18.31 5.97 4.39
CA ALA A 79 -16.95 6.17 4.88
C ALA A 79 -15.98 6.21 3.71
N TYR A 80 -16.46 5.79 2.54
CA TYR A 80 -15.69 5.91 1.31
C TYR A 80 -15.71 7.36 0.85
N GLN A 81 -16.67 8.12 1.36
CA GLN A 81 -16.72 9.55 1.13
C GLN A 81 -15.75 10.25 2.07
N SER A 82 -15.53 9.60 3.18
CA SER A 82 -14.55 10.04 4.16
C SER A 82 -13.14 9.69 3.70
N PHE A 83 -13.03 8.57 3.01
CA PHE A 83 -11.79 8.19 2.37
C PHE A 83 -11.65 8.95 1.04
N GLU A 84 -12.77 9.49 0.58
CA GLU A 84 -12.85 10.15 -0.71
C GLU A 84 -12.07 11.43 -0.72
N GLN A 85 -12.45 12.29 0.21
CA GLN A 85 -11.82 13.57 0.42
C GLN A 85 -10.33 13.45 0.39
N VAL A 86 -9.91 12.36 0.95
CA VAL A 86 -8.52 12.07 1.07
C VAL A 86 -7.96 11.55 -0.23
N VAL A 87 -8.58 10.51 -0.77
CA VAL A 87 -8.11 9.91 -2.01
C VAL A 87 -8.13 10.94 -3.13
N ASN A 88 -8.95 11.95 -2.90
CA ASN A 88 -9.05 13.10 -3.76
C ASN A 88 -7.80 13.98 -3.64
N GLU A 89 -7.32 14.23 -2.41
CA GLU A 89 -6.11 15.02 -2.24
C GLU A 89 -4.92 14.20 -2.67
N LEU A 90 -5.01 12.92 -2.36
CA LEU A 90 -3.89 12.04 -2.39
C LEU A 90 -3.39 11.81 -3.82
N PHE A 91 -4.25 12.09 -4.80
CA PHE A 91 -3.91 11.78 -6.18
C PHE A 91 -3.67 13.03 -7.02
N ARG A 92 -4.32 14.11 -6.64
CA ARG A 92 -4.33 15.33 -7.45
C ARG A 92 -2.98 16.04 -7.39
N ASP A 93 -2.41 16.05 -6.21
CA ASP A 93 -1.24 16.87 -5.94
C ASP A 93 0.07 16.18 -6.25
N GLY A 94 0.05 15.07 -6.96
CA GLY A 94 1.34 14.46 -7.25
C GLY A 94 1.45 12.99 -6.91
N VAL A 95 0.79 12.12 -7.65
CA VAL A 95 0.90 10.69 -7.37
C VAL A 95 2.26 10.15 -7.78
N ASN A 96 3.09 9.93 -6.78
CA ASN A 96 4.40 9.39 -6.97
C ASN A 96 4.44 7.98 -6.39
N TRP A 97 5.63 7.41 -6.30
CA TRP A 97 5.82 6.07 -5.77
C TRP A 97 5.25 5.95 -4.36
N GLY A 98 5.55 6.92 -3.51
CA GLY A 98 5.13 6.87 -2.12
C GLY A 98 3.67 7.25 -1.90
N ARG A 99 3.15 8.13 -2.73
CA ARG A 99 1.76 8.59 -2.58
C ARG A 99 0.77 7.44 -2.56
N ILE A 100 0.99 6.48 -3.45
CA ILE A 100 0.12 5.34 -3.57
C ILE A 100 0.23 4.45 -2.32
N VAL A 101 1.44 4.31 -1.81
CA VAL A 101 1.68 3.64 -0.53
C VAL A 101 0.81 4.27 0.55
N ALA A 102 0.93 5.58 0.70
CA ALA A 102 0.12 6.35 1.66
C ALA A 102 -1.36 6.12 1.43
N PHE A 103 -1.74 6.09 0.18
CA PHE A 103 -3.12 5.83 -0.22
C PHE A 103 -3.60 4.47 0.30
N PHE A 104 -2.73 3.46 0.23
CA PHE A 104 -3.04 2.16 0.80
C PHE A 104 -3.04 2.22 2.31
N SER A 105 -2.17 3.04 2.86
CA SER A 105 -2.07 3.23 4.31
C SER A 105 -3.39 3.73 4.88
N PHE A 106 -3.87 4.87 4.37
CA PHE A 106 -5.10 5.45 4.87
C PHE A 106 -6.30 4.57 4.49
N GLY A 107 -6.19 3.90 3.36
CA GLY A 107 -7.24 2.99 2.92
C GLY A 107 -7.33 1.78 3.83
N GLY A 108 -6.17 1.20 4.14
CA GLY A 108 -6.13 0.10 5.06
C GLY A 108 -6.55 0.52 6.44
N ALA A 109 -6.25 1.76 6.79
CA ALA A 109 -6.65 2.36 8.04
C ALA A 109 -8.15 2.59 8.06
N LEU A 110 -8.72 2.86 6.88
CA LEU A 110 -10.14 3.10 6.73
C LEU A 110 -10.86 1.80 7.09
N CYS A 111 -10.30 0.72 6.58
CA CYS A 111 -10.73 -0.63 6.91
C CYS A 111 -10.78 -0.82 8.42
N VAL A 112 -9.66 -0.54 9.08
CA VAL A 112 -9.56 -0.72 10.53
C VAL A 112 -10.52 0.18 11.28
N GLU A 113 -10.63 1.44 10.86
CA GLU A 113 -11.57 2.36 11.51
C GLU A 113 -12.99 1.83 11.43
N SER A 114 -13.27 1.08 10.38
CA SER A 114 -14.58 0.45 10.23
C SER A 114 -14.68 -0.70 11.21
N VAL A 115 -13.59 -1.43 11.36
CA VAL A 115 -13.52 -2.57 12.25
C VAL A 115 -13.64 -2.10 13.68
N ASP A 116 -13.03 -0.96 13.91
CA ASP A 116 -12.99 -0.32 15.20
C ASP A 116 -14.39 -0.14 15.79
N LYS A 117 -15.29 0.41 14.98
CA LYS A 117 -16.65 0.67 15.40
C LYS A 117 -17.53 -0.55 15.14
N GLU A 118 -16.88 -1.69 14.90
CA GLU A 118 -17.57 -2.97 14.66
C GLU A 118 -18.40 -2.89 13.38
N MET A 119 -17.76 -2.42 12.32
CA MET A 119 -18.37 -2.27 11.02
C MET A 119 -17.46 -2.90 9.99
N GLN A 120 -16.96 -4.08 10.31
CA GLN A 120 -15.98 -4.78 9.51
C GLN A 120 -16.48 -5.13 8.10
N VAL A 121 -17.76 -4.91 7.85
CA VAL A 121 -18.32 -5.13 6.52
C VAL A 121 -17.73 -4.17 5.49
N LEU A 122 -17.20 -3.04 5.96
CA LEU A 122 -16.58 -2.06 5.07
C LEU A 122 -15.22 -2.54 4.63
N VAL A 123 -14.62 -3.39 5.44
CA VAL A 123 -13.31 -3.96 5.15
C VAL A 123 -13.17 -4.41 3.70
N SER A 124 -14.10 -5.22 3.24
CA SER A 124 -14.06 -5.71 1.87
C SER A 124 -14.43 -4.59 0.89
N ARG A 125 -15.39 -3.76 1.28
CA ARG A 125 -15.85 -2.67 0.43
C ARG A 125 -14.72 -1.71 0.12
N ILE A 126 -14.11 -1.19 1.17
CA ILE A 126 -13.00 -0.25 1.04
C ILE A 126 -11.94 -0.83 0.13
N ALA A 127 -11.52 -2.06 0.42
CA ALA A 127 -10.52 -2.74 -0.39
C ALA A 127 -10.93 -2.82 -1.86
N ALA A 128 -12.23 -3.02 -2.08
CA ALA A 128 -12.78 -3.04 -3.42
C ALA A 128 -12.61 -1.69 -4.09
N TRP A 129 -13.16 -0.69 -3.44
CA TRP A 129 -13.20 0.66 -3.98
C TRP A 129 -11.79 1.26 -4.08
N MET A 130 -10.88 0.80 -3.23
CA MET A 130 -9.48 1.21 -3.27
C MET A 130 -8.79 0.66 -4.51
N ALA A 131 -8.87 -0.64 -4.69
CA ALA A 131 -8.23 -1.30 -5.81
C ALA A 131 -8.74 -0.76 -7.12
N THR A 132 -10.04 -0.50 -7.20
CA THR A 132 -10.62 0.09 -8.39
C THR A 132 -10.05 1.48 -8.65
N TYR A 133 -10.01 2.31 -7.61
CA TYR A 133 -9.46 3.66 -7.74
C TYR A 133 -8.03 3.58 -8.27
N LEU A 134 -7.29 2.60 -7.81
CA LEU A 134 -5.98 2.29 -8.37
C LEU A 134 -6.13 1.94 -9.85
N ASN A 135 -6.89 0.90 -10.11
CA ASN A 135 -7.14 0.39 -11.47
C ASN A 135 -7.49 1.50 -12.46
N ASP A 136 -8.35 2.43 -12.07
CA ASP A 136 -8.77 3.50 -12.98
C ASP A 136 -7.80 4.68 -12.95
N HIS A 137 -7.53 5.17 -11.76
CA HIS A 137 -6.81 6.45 -11.57
C HIS A 137 -5.30 6.27 -11.52
N LEU A 138 -4.86 5.36 -10.69
CA LEU A 138 -3.45 5.22 -10.36
C LEU A 138 -2.65 4.55 -11.46
N GLU A 139 -3.21 3.48 -11.98
CA GLU A 139 -2.52 2.59 -12.92
C GLU A 139 -1.69 3.36 -13.98
N PRO A 140 -2.28 4.33 -14.73
CA PRO A 140 -1.53 5.11 -15.74
C PRO A 140 -0.43 5.93 -15.08
N TRP A 141 -0.77 6.55 -13.96
CA TRP A 141 0.16 7.35 -13.17
C TRP A 141 1.37 6.51 -12.77
N ILE A 142 1.09 5.33 -12.24
CA ILE A 142 2.12 4.35 -11.89
C ILE A 142 3.09 4.13 -13.02
N GLN A 143 2.56 3.89 -14.20
CA GLN A 143 3.36 3.66 -15.38
C GLN A 143 4.28 4.84 -15.68
N GLU A 144 3.81 6.05 -15.36
CA GLU A 144 4.61 7.26 -15.51
C GLU A 144 5.81 7.26 -14.57
N ASN A 145 5.72 6.44 -13.53
CA ASN A 145 6.73 6.39 -12.49
C ASN A 145 7.52 5.10 -12.63
N GLY A 146 7.19 4.34 -13.66
CA GLY A 146 7.92 3.14 -13.96
C GLY A 146 7.05 1.90 -13.94
N GLY A 147 6.28 1.75 -12.88
CA GLY A 147 5.44 0.58 -12.73
C GLY A 147 5.43 0.07 -11.31
N TRP A 148 4.68 -0.99 -11.06
CA TRP A 148 4.56 -1.55 -9.72
C TRP A 148 5.88 -2.19 -9.30
N ASP A 149 6.50 -2.91 -10.21
CA ASP A 149 7.80 -3.50 -9.96
C ASP A 149 8.82 -2.43 -9.58
N THR A 150 8.66 -1.25 -10.17
CA THR A 150 9.53 -0.12 -9.87
C THR A 150 9.48 0.25 -8.39
N PHE A 151 8.29 0.24 -7.81
CA PHE A 151 8.14 0.61 -6.42
C PHE A 151 8.98 -0.32 -5.54
N VAL A 152 9.05 -1.59 -5.95
CA VAL A 152 9.83 -2.57 -5.23
C VAL A 152 11.30 -2.47 -5.64
N GLU A 153 11.56 -1.95 -6.82
CA GLU A 153 12.93 -1.62 -7.21
C GLU A 153 13.53 -0.63 -6.23
N LEU A 154 12.66 0.17 -5.60
CA LEU A 154 13.09 1.16 -4.62
C LEU A 154 12.96 0.62 -3.20
N TYR A 155 11.76 0.18 -2.86
CA TYR A 155 11.43 -0.19 -1.48
C TYR A 155 11.18 -1.69 -1.33
N GLY A 156 11.63 -2.44 -2.31
CA GLY A 156 11.25 -3.84 -2.40
C GLY A 156 11.72 -4.70 -1.27
N ASN A 157 11.04 -5.80 -1.16
CA ASN A 157 11.20 -6.75 -0.10
C ASN A 157 11.76 -8.06 -0.66
N ASN A 158 12.58 -8.75 0.11
CA ASN A 158 13.21 -9.97 -0.37
C ASN A 158 12.42 -11.21 0.06
N ALA A 159 11.18 -10.99 0.48
CA ALA A 159 10.30 -12.07 0.91
C ALA A 159 10.25 -13.21 -0.11
N ALA A 160 10.17 -12.86 -1.38
CA ALA A 160 10.14 -13.87 -2.44
C ALA A 160 11.53 -14.44 -2.68
N ALA A 161 12.54 -13.59 -2.56
CA ALA A 161 13.93 -13.99 -2.71
C ALA A 161 14.28 -15.13 -1.78
N GLU A 162 14.09 -14.91 -0.48
CA GLU A 162 14.38 -15.92 0.53
C GLU A 162 13.47 -17.13 0.38
N SER A 163 12.24 -16.89 -0.04
CA SER A 163 11.29 -17.98 -0.24
C SER A 163 11.79 -18.92 -1.34
N ARG A 164 12.24 -18.33 -2.44
CA ARG A 164 12.76 -19.10 -3.57
C ARG A 164 14.14 -19.64 -3.26
N LYS A 165 14.77 -19.07 -2.25
CA LYS A 165 16.10 -19.48 -1.82
C LYS A 165 16.04 -20.76 -1.01
N GLY A 166 14.86 -21.07 -0.48
CA GLY A 166 14.68 -22.20 0.41
C GLY A 166 15.22 -23.51 -0.16
N GLN A 167 14.85 -23.83 -1.39
CA GLN A 167 15.28 -25.07 -2.02
C GLN A 167 16.74 -24.98 -2.45
N GLU A 168 17.21 -23.76 -2.67
CA GLU A 168 18.57 -23.55 -3.11
C GLU A 168 19.51 -23.53 -1.90
N ARG A 169 18.94 -23.76 -0.72
CA ARG A 169 19.73 -23.86 0.49
C ARG A 169 20.31 -25.26 0.59
N LEU A 170 19.71 -26.18 -0.17
CA LEU A 170 20.16 -27.55 -0.21
C LEU A 170 21.28 -27.73 -1.24
N GLU A 171 21.73 -26.59 -1.78
CA GLU A 171 22.83 -26.56 -2.75
C GLU A 171 22.43 -27.22 -4.07
N HIS A 172 23.37 -27.29 -5.00
CA HIS A 172 23.15 -27.95 -6.28
C HIS A 172 24.35 -28.81 -6.64
N HIS A 173 24.09 -30.01 -7.15
CA HIS A 173 25.14 -30.91 -7.53
C HIS A 173 25.13 -31.12 -9.04
N HIS A 174 26.29 -31.00 -9.66
CA HIS A 174 26.40 -31.16 -11.09
C HIS A 174 26.61 -32.64 -11.44
N HIS A 175 25.53 -33.32 -11.75
CA HIS A 175 25.59 -34.72 -12.14
C HIS A 175 25.27 -34.86 -13.61
N HIS A 176 24.29 -34.08 -14.07
CA HIS A 176 23.86 -34.15 -15.45
C HIS A 176 23.49 -32.76 -15.95
N HIS A 177 24.24 -32.25 -16.90
CA HIS A 177 23.94 -30.96 -17.49
C HIS A 177 23.04 -31.14 -18.70
N LEU A 178 21.96 -30.38 -18.73
CA LEU A 178 21.02 -30.43 -19.83
C LEU A 178 20.69 -29.03 -20.30
N GLU A 179 20.70 -28.83 -21.60
CA GLU A 179 20.43 -27.51 -22.16
C GLU A 179 19.20 -27.57 -23.07
N HIS A 180 19.16 -28.59 -23.91
CA HIS A 180 18.06 -28.76 -24.84
C HIS A 180 16.87 -29.42 -24.15
N HIS A 181 15.72 -28.76 -24.16
CA HIS A 181 14.52 -29.29 -23.52
C HIS A 181 14.01 -30.49 -24.30
N HIS A 182 14.31 -30.53 -25.59
CA HIS A 182 14.01 -31.71 -26.40
C HIS A 182 15.01 -32.82 -26.07
N HIS A 183 14.53 -33.82 -25.34
CA HIS A 183 15.40 -34.88 -24.86
C HIS A 183 15.43 -36.02 -25.87
N HIS A 184 16.35 -35.92 -26.83
CA HIS A 184 16.56 -36.94 -27.86
C HIS A 184 15.43 -36.92 -28.91
N HIS A 185 14.38 -36.16 -28.64
CA HIS A 185 13.28 -35.99 -29.58
C HIS A 185 12.48 -34.74 -29.23
N GLY B 2 -10.09 21.38 7.22
CA GLY B 2 -8.84 21.92 7.67
C GLY B 2 -7.78 20.86 7.86
N CYS B 3 -8.23 19.65 8.17
CA CYS B 3 -7.33 18.53 8.36
C CYS B 3 -7.51 17.53 7.24
N VAL B 4 -7.05 16.30 7.50
CA VAL B 4 -7.20 15.15 6.59
C VAL B 4 -7.02 15.51 5.12
N GLY B 5 -8.09 15.92 4.44
CA GLY B 5 -7.98 16.65 3.17
C GLY B 5 -6.70 17.48 3.06
N ARG B 6 -6.35 18.20 4.13
CA ARG B 6 -5.12 19.00 4.17
C ARG B 6 -3.97 18.29 4.89
N ALA B 7 -4.27 17.22 5.61
CA ALA B 7 -3.27 16.62 6.48
C ALA B 7 -2.56 15.43 5.83
N LEU B 8 -3.33 14.47 5.33
CA LEU B 8 -2.73 13.31 4.67
C LEU B 8 -2.02 13.78 3.41
N ALA B 9 -2.73 14.62 2.67
CA ALA B 9 -2.18 15.39 1.57
C ALA B 9 -0.78 15.92 1.90
N ALA B 10 -0.70 16.57 3.06
CA ALA B 10 0.50 17.27 3.49
C ALA B 10 1.56 16.31 4.02
N PHE B 11 1.19 15.51 5.00
CA PHE B 11 2.11 14.57 5.62
C PHE B 11 2.53 13.49 4.64
N GLY B 12 1.71 13.30 3.60
CA GLY B 12 1.99 12.31 2.60
C GLY B 12 3.00 12.77 1.58
N ASP B 13 3.40 14.04 1.66
CA ASP B 13 4.47 14.55 0.81
C ASP B 13 5.83 14.19 1.39
N CYS B 14 5.81 13.67 2.61
CA CYS B 14 7.04 13.29 3.30
C CYS B 14 7.21 11.79 3.17
N ILE B 15 7.84 11.37 2.09
CA ILE B 15 7.91 9.95 1.77
C ILE B 15 9.26 9.38 2.11
N ASN B 16 10.24 9.64 1.25
CA ASN B 16 11.57 9.06 1.42
C ASN B 16 12.64 10.13 1.29
N ARG B 17 13.00 10.73 2.41
CA ARG B 17 14.05 11.74 2.43
C ARG B 17 15.17 11.32 3.38
N MET A 1 -5.85 -2.60 -17.73
CA MET A 1 -6.05 -2.64 -16.26
C MET A 1 -5.59 -4.00 -15.72
N SER A 2 -4.67 -3.96 -14.78
CA SER A 2 -4.18 -5.17 -14.15
C SER A 2 -4.94 -5.42 -12.86
N GLN A 3 -4.96 -6.67 -12.40
CA GLN A 3 -5.65 -7.01 -11.18
C GLN A 3 -4.65 -7.13 -10.03
N SER A 4 -3.38 -7.06 -10.37
CA SER A 4 -2.30 -7.19 -9.40
C SER A 4 -2.35 -6.08 -8.34
N ASN A 5 -3.00 -4.98 -8.69
CA ASN A 5 -3.20 -3.87 -7.77
C ASN A 5 -4.14 -4.26 -6.63
N ARG A 6 -4.96 -5.27 -6.88
CA ARG A 6 -5.84 -5.82 -5.85
C ARG A 6 -5.03 -6.28 -4.67
N GLU A 7 -4.02 -7.08 -4.98
CA GLU A 7 -3.13 -7.65 -3.99
C GLU A 7 -2.59 -6.57 -3.06
N LEU A 8 -1.99 -5.55 -3.65
CA LEU A 8 -1.47 -4.40 -2.95
C LEU A 8 -2.46 -3.91 -1.90
N VAL A 9 -3.72 -3.80 -2.28
CA VAL A 9 -4.76 -3.38 -1.38
C VAL A 9 -5.04 -4.46 -0.33
N VAL A 10 -5.44 -5.63 -0.82
CA VAL A 10 -5.85 -6.74 0.04
C VAL A 10 -4.79 -7.11 1.08
N ASP A 11 -3.58 -7.35 0.59
CA ASP A 11 -2.46 -7.79 1.42
C ASP A 11 -2.25 -6.84 2.59
N PHE A 12 -2.47 -5.56 2.36
CA PHE A 12 -2.19 -4.57 3.38
C PHE A 12 -3.38 -4.35 4.30
N LEU A 13 -4.61 -4.38 3.77
CA LEU A 13 -5.77 -4.25 4.65
C LEU A 13 -5.78 -5.40 5.64
N SER A 14 -5.36 -6.57 5.18
CA SER A 14 -5.21 -7.74 6.04
C SER A 14 -4.15 -7.48 7.10
N TYR A 15 -3.09 -6.78 6.70
CA TYR A 15 -1.99 -6.45 7.60
C TYR A 15 -2.43 -5.39 8.61
N LYS A 16 -3.42 -4.59 8.24
CA LYS A 16 -3.93 -3.54 9.10
C LYS A 16 -4.81 -4.07 10.23
N LEU A 17 -5.68 -5.02 9.90
CA LEU A 17 -6.53 -5.65 10.92
C LEU A 17 -5.69 -6.34 11.99
N SER A 18 -4.43 -6.61 11.66
CA SER A 18 -3.53 -7.33 12.56
C SER A 18 -3.33 -6.60 13.90
N GLN A 19 -3.12 -5.27 13.85
CA GLN A 19 -2.90 -4.48 15.06
C GLN A 19 -4.15 -4.42 15.93
N LYS A 20 -5.24 -4.89 15.36
CA LYS A 20 -6.52 -4.85 16.02
C LYS A 20 -6.88 -6.25 16.48
N GLY A 21 -6.39 -7.20 15.72
CA GLY A 21 -6.55 -8.60 16.06
C GLY A 21 -7.68 -9.24 15.31
N TYR A 22 -8.07 -8.61 14.22
CA TYR A 22 -9.16 -9.09 13.40
C TYR A 22 -8.64 -9.78 12.16
N SER A 23 -9.50 -10.57 11.53
CA SER A 23 -9.14 -11.26 10.32
C SER A 23 -9.63 -10.49 9.11
N TRP A 24 -8.90 -10.63 8.03
CA TRP A 24 -9.30 -10.06 6.77
C TRP A 24 -10.37 -10.92 6.13
N SER A 25 -10.08 -12.21 6.00
CA SER A 25 -10.95 -13.13 5.28
C SER A 25 -12.28 -13.36 6.00
N GLN A 26 -12.33 -13.11 7.30
CA GLN A 26 -13.58 -13.28 8.05
C GLN A 26 -14.63 -12.25 7.63
N PHE A 27 -14.17 -11.09 7.17
CA PHE A 27 -15.05 -9.99 6.85
C PHE A 27 -15.03 -9.65 5.36
N SER A 28 -14.11 -10.26 4.63
CA SER A 28 -13.93 -9.93 3.23
C SER A 28 -14.57 -10.94 2.30
N ASP A 29 -14.90 -10.46 1.11
CA ASP A 29 -15.53 -11.23 0.07
C ASP A 29 -14.60 -11.33 -1.13
N VAL A 30 -13.59 -10.46 -1.11
CA VAL A 30 -12.73 -10.19 -2.27
C VAL A 30 -12.20 -11.47 -2.94
N GLU A 31 -11.26 -12.14 -2.28
CA GLU A 31 -10.74 -13.41 -2.78
C GLU A 31 -11.54 -14.55 -2.19
N GLU A 32 -12.53 -14.20 -1.38
CA GLU A 32 -13.38 -15.19 -0.72
C GLU A 32 -14.16 -15.99 -1.74
N ASN A 33 -14.84 -15.28 -2.64
CA ASN A 33 -15.68 -15.92 -3.62
C ASN A 33 -14.99 -16.00 -4.98
N ARG A 34 -14.93 -14.88 -5.68
CA ARG A 34 -14.30 -14.84 -7.00
C ARG A 34 -12.79 -14.77 -6.86
N THR A 35 -12.09 -15.11 -7.92
CA THR A 35 -10.64 -15.07 -7.92
C THR A 35 -10.11 -14.31 -9.13
N GLU A 36 -9.79 -13.05 -8.89
CA GLU A 36 -9.29 -12.19 -9.94
C GLU A 36 -7.77 -12.15 -9.94
N ALA A 37 -7.25 -11.31 -9.07
CA ALA A 37 -5.81 -11.15 -8.90
C ALA A 37 -5.16 -12.43 -8.40
N PRO A 38 -4.00 -12.77 -8.95
CA PRO A 38 -3.18 -13.89 -8.49
C PRO A 38 -2.71 -13.69 -7.05
N GLU A 39 -2.06 -14.69 -6.48
CA GLU A 39 -1.57 -14.60 -5.11
C GLU A 39 -0.34 -13.69 -5.05
N GLY A 40 0.14 -13.30 -6.22
CA GLY A 40 1.30 -12.43 -6.30
C GLY A 40 1.95 -12.50 -7.66
N THR A 41 1.26 -11.98 -8.67
CA THR A 41 1.75 -12.13 -10.04
C THR A 41 2.97 -11.23 -10.29
N GLU A 42 2.75 -9.92 -10.45
CA GLU A 42 3.86 -8.98 -10.57
C GLU A 42 4.19 -8.42 -9.20
N SER A 43 3.16 -8.35 -8.40
CA SER A 43 3.18 -7.62 -7.17
C SER A 43 4.04 -8.23 -6.09
N GLU A 44 4.40 -9.48 -6.23
CA GLU A 44 5.23 -10.15 -5.21
C GLU A 44 6.36 -9.26 -4.71
N ALA A 45 7.02 -8.53 -5.62
CA ALA A 45 8.03 -7.56 -5.22
C ALA A 45 7.38 -6.23 -4.83
N VAL A 46 6.40 -5.83 -5.65
CA VAL A 46 5.57 -4.66 -5.41
C VAL A 46 5.07 -4.58 -3.98
N LYS A 47 4.19 -5.53 -3.62
CA LYS A 47 3.58 -5.58 -2.30
C LYS A 47 4.62 -5.74 -1.21
N GLN A 48 5.66 -6.53 -1.51
CA GLN A 48 6.78 -6.67 -0.59
C GLN A 48 7.46 -5.34 -0.33
N ALA A 49 7.36 -4.43 -1.29
CA ALA A 49 7.83 -3.06 -1.10
C ALA A 49 6.76 -2.22 -0.42
N LEU A 50 5.53 -2.38 -0.91
CA LEU A 50 4.37 -1.66 -0.41
C LEU A 50 4.24 -1.75 1.11
N ARG A 51 4.50 -2.93 1.67
CA ARG A 51 4.22 -3.16 3.07
C ARG A 51 5.30 -2.51 3.93
N GLU A 52 6.47 -2.42 3.35
CA GLU A 52 7.61 -1.82 4.00
C GLU A 52 7.51 -0.30 3.95
N ALA A 53 7.13 0.21 2.79
CA ALA A 53 6.86 1.64 2.62
C ALA A 53 5.69 2.04 3.50
N GLY A 54 4.66 1.20 3.49
CA GLY A 54 3.52 1.42 4.36
C GLY A 54 3.92 1.34 5.82
N ASP A 55 4.78 0.37 6.14
CA ASP A 55 5.27 0.17 7.52
C ASP A 55 5.85 1.47 8.07
N GLU A 56 6.55 2.21 7.22
CA GLU A 56 7.14 3.49 7.60
C GLU A 56 6.10 4.61 7.57
N PHE A 57 5.09 4.46 6.75
CA PHE A 57 4.06 5.47 6.63
C PHE A 57 3.04 5.37 7.76
N GLU A 58 2.87 4.16 8.31
CA GLU A 58 1.86 3.92 9.35
C GLU A 58 2.06 4.84 10.54
N LEU A 59 3.17 4.66 11.24
CA LEU A 59 3.48 5.45 12.43
C LEU A 59 3.35 6.94 12.15
N ARG A 60 3.72 7.33 10.95
CA ARG A 60 3.58 8.71 10.51
C ARG A 60 2.15 9.22 10.71
N TYR A 61 1.17 8.52 10.16
CA TYR A 61 -0.22 8.98 10.25
C TYR A 61 -0.92 8.40 11.48
N ARG A 62 -0.38 7.31 12.02
CA ARG A 62 -1.00 6.59 13.14
C ARG A 62 -1.19 7.48 14.35
N ARG A 63 -0.32 8.47 14.52
CA ARG A 63 -0.41 9.41 15.62
C ARG A 63 -1.71 10.22 15.54
N ALA A 64 -2.11 10.55 14.32
CA ALA A 64 -3.35 11.29 14.11
C ALA A 64 -4.51 10.33 13.90
N PHE A 65 -4.21 9.16 13.32
CA PHE A 65 -5.21 8.16 12.95
C PHE A 65 -6.28 7.95 14.00
N SER A 66 -5.87 7.78 15.25
CA SER A 66 -6.80 7.45 16.33
C SER A 66 -7.81 8.58 16.53
N ASP A 67 -7.36 9.81 16.40
CA ASP A 67 -8.22 10.98 16.58
C ASP A 67 -8.90 11.34 15.27
N LEU A 68 -8.25 11.02 14.16
CA LEU A 68 -8.73 11.41 12.85
C LEU A 68 -10.10 10.84 12.53
N THR A 69 -10.50 9.76 13.19
CA THR A 69 -11.80 9.13 12.94
C THR A 69 -12.94 10.15 13.05
N SER A 70 -12.72 11.19 13.84
CA SER A 70 -13.64 12.31 13.95
C SER A 70 -13.84 12.96 12.57
N GLN A 71 -12.72 13.41 12.01
CA GLN A 71 -12.64 13.95 10.68
C GLN A 71 -13.27 13.01 9.66
N LEU A 72 -12.95 11.73 9.77
CA LEU A 72 -13.49 10.73 8.88
C LEU A 72 -15.00 10.55 9.09
N HIS A 73 -15.48 10.75 10.31
CA HIS A 73 -16.88 10.50 10.64
C HIS A 73 -17.21 9.05 10.29
N ILE A 74 -16.28 8.19 10.64
CA ILE A 74 -16.28 6.77 10.30
C ILE A 74 -17.61 6.09 10.62
N THR A 75 -18.26 5.63 9.56
CA THR A 75 -19.60 5.10 9.63
C THR A 75 -19.80 4.17 8.40
N PRO A 76 -21.03 3.68 8.13
CA PRO A 76 -21.44 3.04 6.85
C PRO A 76 -20.69 3.52 5.60
N GLY A 77 -20.87 2.75 4.52
CA GLY A 77 -20.16 2.91 3.24
C GLY A 77 -19.74 4.31 2.83
N THR A 78 -20.46 5.32 3.28
CA THR A 78 -20.13 6.69 2.94
C THR A 78 -18.82 7.16 3.59
N ALA A 79 -18.15 6.25 4.28
CA ALA A 79 -16.82 6.51 4.81
C ALA A 79 -15.82 6.62 3.66
N TYR A 80 -16.25 6.17 2.48
CA TYR A 80 -15.43 6.29 1.28
C TYR A 80 -15.48 7.72 0.77
N GLN A 81 -16.43 8.49 1.27
CA GLN A 81 -16.49 9.92 0.96
C GLN A 81 -15.63 10.69 1.94
N SER A 82 -15.43 10.10 3.08
CA SER A 82 -14.48 10.59 4.06
C SER A 82 -13.07 10.35 3.56
N PHE A 83 -12.82 9.11 3.16
CA PHE A 83 -11.57 8.71 2.53
C PHE A 83 -11.45 9.36 1.14
N GLU A 84 -12.57 9.85 0.63
CA GLU A 84 -12.57 10.55 -0.65
C GLU A 84 -11.75 11.83 -0.55
N GLN A 85 -12.06 12.60 0.47
CA GLN A 85 -11.40 13.88 0.75
C GLN A 85 -9.91 13.76 0.62
N VAL A 86 -9.42 12.68 1.15
CA VAL A 86 -8.01 12.45 1.27
C VAL A 86 -7.44 11.71 0.07
N VAL A 87 -8.19 10.79 -0.48
CA VAL A 87 -7.75 10.11 -1.70
C VAL A 87 -7.71 11.12 -2.84
N ASN A 88 -8.46 12.18 -2.65
CA ASN A 88 -8.51 13.30 -3.57
C ASN A 88 -7.24 14.12 -3.51
N GLU A 89 -6.86 14.52 -2.29
CA GLU A 89 -5.67 15.35 -2.08
C GLU A 89 -4.47 14.56 -2.47
N LEU A 90 -4.51 13.30 -2.12
CA LEU A 90 -3.45 12.38 -2.42
C LEU A 90 -3.19 12.33 -3.92
N PHE A 91 -4.23 12.62 -4.70
CA PHE A 91 -4.18 12.44 -6.15
C PHE A 91 -3.85 13.74 -6.84
N ARG A 92 -4.56 14.78 -6.46
CA ARG A 92 -4.45 16.05 -7.15
C ARG A 92 -3.17 16.76 -6.77
N ASP A 93 -2.75 16.56 -5.53
CA ASP A 93 -1.60 17.27 -4.99
C ASP A 93 -0.31 16.47 -5.13
N GLY A 94 -0.24 15.49 -6.02
CA GLY A 94 1.02 14.79 -6.16
C GLY A 94 0.95 13.28 -6.13
N VAL A 95 0.43 12.64 -7.17
CA VAL A 95 0.53 11.18 -7.24
C VAL A 95 1.93 10.74 -7.64
N ASN A 96 2.69 10.38 -6.64
CA ASN A 96 4.04 9.87 -6.83
C ASN A 96 4.10 8.41 -6.43
N TRP A 97 5.30 7.87 -6.39
CA TRP A 97 5.51 6.50 -5.98
C TRP A 97 5.05 6.28 -4.54
N GLY A 98 5.45 7.19 -3.66
CA GLY A 98 5.16 7.04 -2.24
C GLY A 98 3.74 7.40 -1.86
N ARG A 99 3.06 8.18 -2.70
CA ARG A 99 1.72 8.65 -2.36
C ARG A 99 0.74 7.48 -2.38
N ILE A 100 1.03 6.50 -3.23
CA ILE A 100 0.14 5.36 -3.37
C ILE A 100 0.32 4.40 -2.18
N VAL A 101 1.53 4.32 -1.66
CA VAL A 101 1.79 3.58 -0.43
C VAL A 101 1.01 4.23 0.73
N ALA A 102 0.76 5.54 0.62
CA ALA A 102 -0.08 6.23 1.58
C ALA A 102 -1.53 5.84 1.37
N PHE A 103 -1.94 5.92 0.10
CA PHE A 103 -3.28 5.56 -0.31
C PHE A 103 -3.68 4.18 0.20
N PHE A 104 -2.87 3.18 -0.10
CA PHE A 104 -3.22 1.81 0.25
C PHE A 104 -3.10 1.58 1.76
N SER A 105 -2.35 2.46 2.42
CA SER A 105 -2.20 2.38 3.87
C SER A 105 -3.40 3.02 4.57
N PHE A 106 -3.82 4.18 4.08
CA PHE A 106 -4.98 4.87 4.65
C PHE A 106 -6.23 4.05 4.43
N GLY A 107 -6.35 3.45 3.25
CA GLY A 107 -7.47 2.59 2.96
C GLY A 107 -7.48 1.37 3.85
N GLY A 108 -6.30 0.85 4.14
CA GLY A 108 -6.19 -0.26 5.06
C GLY A 108 -6.56 0.16 6.47
N ALA A 109 -6.24 1.40 6.80
CA ALA A 109 -6.59 1.98 8.09
C ALA A 109 -8.09 2.27 8.15
N LEU A 110 -8.63 2.64 7.01
CA LEU A 110 -10.06 2.95 6.87
C LEU A 110 -10.86 1.71 7.23
N CYS A 111 -10.33 0.59 6.77
CA CYS A 111 -10.84 -0.73 7.12
C CYS A 111 -10.95 -0.87 8.63
N VAL A 112 -9.84 -0.62 9.32
CA VAL A 112 -9.80 -0.73 10.77
C VAL A 112 -10.77 0.23 11.44
N GLU A 113 -10.85 1.46 10.95
CA GLU A 113 -11.78 2.44 11.48
C GLU A 113 -13.20 1.91 11.45
N SER A 114 -13.50 1.12 10.43
CA SER A 114 -14.82 0.52 10.30
C SER A 114 -14.96 -0.62 11.30
N VAL A 115 -13.87 -1.34 11.49
CA VAL A 115 -13.83 -2.46 12.40
C VAL A 115 -13.96 -1.96 13.82
N ASP A 116 -13.40 -0.79 14.03
CA ASP A 116 -13.40 -0.10 15.31
C ASP A 116 -14.81 0.00 15.88
N LYS A 117 -15.74 0.47 15.06
CA LYS A 117 -17.12 0.65 15.50
C LYS A 117 -17.92 -0.62 15.23
N GLU A 118 -17.22 -1.71 14.91
CA GLU A 118 -17.83 -2.98 14.56
C GLU A 118 -18.69 -2.83 13.32
N MET A 119 -18.04 -2.36 12.26
CA MET A 119 -18.66 -2.18 10.96
C MET A 119 -17.77 -2.85 9.93
N GLN A 120 -17.30 -4.03 10.28
CA GLN A 120 -16.31 -4.76 9.51
C GLN A 120 -16.79 -5.11 8.10
N VAL A 121 -18.05 -4.84 7.80
CA VAL A 121 -18.55 -5.01 6.44
C VAL A 121 -17.84 -4.05 5.47
N LEU A 122 -17.39 -2.90 5.98
CA LEU A 122 -16.70 -1.92 5.15
C LEU A 122 -15.34 -2.45 4.74
N VAL A 123 -14.78 -3.31 5.57
CA VAL A 123 -13.49 -3.94 5.31
C VAL A 123 -13.34 -4.39 3.86
N SER A 124 -14.30 -5.18 3.39
CA SER A 124 -14.24 -5.70 2.03
C SER A 124 -14.60 -4.61 1.02
N ARG A 125 -15.52 -3.73 1.41
CA ARG A 125 -16.01 -2.67 0.52
C ARG A 125 -14.89 -1.70 0.18
N ILE A 126 -14.20 -1.24 1.21
CA ILE A 126 -13.09 -0.30 1.03
C ILE A 126 -12.06 -0.88 0.08
N ALA A 127 -11.65 -2.12 0.33
CA ALA A 127 -10.66 -2.78 -0.51
C ALA A 127 -11.09 -2.84 -1.97
N ALA A 128 -12.41 -2.97 -2.19
CA ALA A 128 -12.96 -2.94 -3.53
C ALA A 128 -12.65 -1.62 -4.20
N TRP A 129 -13.14 -0.55 -3.61
CA TRP A 129 -12.97 0.79 -4.14
C TRP A 129 -11.51 1.18 -4.20
N MET A 130 -10.73 0.67 -3.26
CA MET A 130 -9.29 0.94 -3.19
C MET A 130 -8.57 0.44 -4.42
N ALA A 131 -8.66 -0.87 -4.67
CA ALA A 131 -7.96 -1.46 -5.81
C ALA A 131 -8.52 -0.92 -7.11
N THR A 132 -9.82 -0.69 -7.15
CA THR A 132 -10.44 -0.11 -8.33
C THR A 132 -9.96 1.33 -8.56
N TYR A 133 -9.82 2.09 -7.48
CA TYR A 133 -9.29 3.44 -7.58
C TYR A 133 -7.89 3.40 -8.17
N LEU A 134 -7.08 2.46 -7.71
CA LEU A 134 -5.76 2.25 -8.28
C LEU A 134 -5.91 1.88 -9.76
N ASN A 135 -6.79 0.91 -10.03
CA ASN A 135 -7.07 0.46 -11.40
C ASN A 135 -7.37 1.62 -12.34
N ASP A 136 -8.38 2.40 -12.01
CA ASP A 136 -8.87 3.44 -12.91
C ASP A 136 -8.01 4.71 -12.85
N HIS A 137 -7.66 5.13 -11.65
CA HIS A 137 -7.00 6.41 -11.43
C HIS A 137 -5.48 6.32 -11.45
N LEU A 138 -4.94 5.39 -10.67
CA LEU A 138 -3.52 5.42 -10.35
C LEU A 138 -2.67 4.60 -11.31
N GLU A 139 -3.20 3.50 -11.79
CA GLU A 139 -2.44 2.58 -12.63
C GLU A 139 -1.76 3.30 -13.79
N PRO A 140 -2.49 4.14 -14.58
CA PRO A 140 -1.87 4.94 -15.64
C PRO A 140 -0.69 5.75 -15.12
N TRP A 141 -0.93 6.50 -14.04
CA TRP A 141 0.09 7.31 -13.38
C TRP A 141 1.31 6.45 -13.03
N ILE A 142 1.06 5.38 -12.31
CA ILE A 142 2.07 4.39 -11.96
C ILE A 142 2.98 4.06 -13.14
N GLN A 143 2.37 3.73 -14.26
CA GLN A 143 3.11 3.31 -15.45
C GLN A 143 3.92 4.46 -16.05
N GLU A 144 3.45 5.69 -15.88
CA GLU A 144 4.18 6.88 -16.30
C GLU A 144 5.43 7.07 -15.47
N ASN A 145 5.39 6.50 -14.27
CA ASN A 145 6.46 6.68 -13.31
C ASN A 145 7.35 5.45 -13.31
N GLY A 146 7.04 4.54 -14.23
CA GLY A 146 7.86 3.39 -14.46
C GLY A 146 7.11 2.08 -14.34
N GLY A 147 6.13 2.03 -13.45
CA GLY A 147 5.42 0.80 -13.18
C GLY A 147 5.73 0.29 -11.79
N TRP A 148 4.91 -0.62 -11.28
CA TRP A 148 5.02 -1.07 -9.91
C TRP A 148 6.38 -1.67 -9.57
N ASP A 149 7.01 -2.33 -10.54
CA ASP A 149 8.37 -2.86 -10.33
C ASP A 149 9.31 -1.74 -9.92
N THR A 150 9.18 -0.60 -10.60
CA THR A 150 9.99 0.57 -10.32
C THR A 150 9.79 1.06 -8.89
N PHE A 151 8.58 0.97 -8.40
CA PHE A 151 8.28 1.47 -7.07
C PHE A 151 9.08 0.68 -6.03
N VAL A 152 9.19 -0.62 -6.25
CA VAL A 152 10.00 -1.48 -5.40
C VAL A 152 11.49 -1.27 -5.71
N GLU A 153 11.80 -0.82 -6.91
CA GLU A 153 13.18 -0.46 -7.25
C GLU A 153 13.67 0.66 -6.34
N LEU A 154 12.74 1.43 -5.79
CA LEU A 154 13.06 2.54 -4.92
C LEU A 154 12.98 2.09 -3.46
N TYR A 155 11.81 1.57 -3.08
CA TYR A 155 11.55 1.25 -1.68
C TYR A 155 11.21 -0.21 -1.48
N GLY A 156 11.70 -1.02 -2.36
CA GLY A 156 11.43 -2.45 -2.33
C GLY A 156 11.92 -3.12 -1.09
N ASN A 157 11.36 -4.28 -0.85
CA ASN A 157 11.70 -5.10 0.29
C ASN A 157 13.19 -5.33 0.40
N ASN A 158 13.82 -4.72 1.38
CA ASN A 158 15.25 -4.88 1.58
C ASN A 158 15.50 -5.91 2.65
N ALA A 159 14.42 -6.35 3.31
CA ALA A 159 14.50 -7.39 4.32
C ALA A 159 15.24 -8.61 3.80
N ALA A 160 15.05 -8.91 2.52
CA ALA A 160 15.80 -9.96 1.86
C ALA A 160 16.99 -9.39 1.11
N ALA A 161 16.80 -8.20 0.54
CA ALA A 161 17.82 -7.57 -0.29
C ALA A 161 19.15 -7.39 0.44
N GLU A 162 19.18 -6.54 1.46
CA GLU A 162 20.40 -6.30 2.21
C GLU A 162 20.84 -7.54 2.97
N SER A 163 19.88 -8.42 3.25
CA SER A 163 20.20 -9.64 3.96
C SER A 163 21.10 -10.52 3.08
N ARG A 164 20.78 -10.57 1.80
CA ARG A 164 21.60 -11.31 0.84
C ARG A 164 22.80 -10.49 0.44
N LYS A 165 22.61 -9.19 0.40
CA LYS A 165 23.67 -8.24 0.09
C LYS A 165 24.84 -8.41 1.05
N GLY A 166 24.52 -8.53 2.33
CA GLY A 166 25.53 -8.59 3.34
C GLY A 166 26.44 -9.79 3.21
N GLN A 167 25.92 -10.88 2.66
CA GLN A 167 26.72 -12.08 2.46
C GLN A 167 27.40 -12.07 1.10
N GLU A 168 26.97 -11.17 0.22
CA GLU A 168 27.66 -10.95 -1.04
C GLU A 168 29.00 -10.26 -0.80
N ARG A 169 29.14 -9.66 0.37
CA ARG A 169 30.39 -9.02 0.75
C ARG A 169 31.43 -10.10 1.00
N LEU A 170 30.96 -11.23 1.52
CA LEU A 170 31.83 -12.36 1.80
C LEU A 170 31.61 -13.46 0.75
N GLU A 171 31.19 -13.03 -0.43
CA GLU A 171 30.94 -13.95 -1.53
C GLU A 171 32.26 -14.58 -1.99
N HIS A 172 32.54 -15.76 -1.46
CA HIS A 172 33.78 -16.45 -1.76
C HIS A 172 33.52 -17.93 -2.00
N HIS A 173 32.25 -18.25 -2.23
CA HIS A 173 31.83 -19.62 -2.50
C HIS A 173 30.87 -19.63 -3.69
N HIS A 174 29.77 -18.88 -3.52
CA HIS A 174 28.74 -18.73 -4.54
C HIS A 174 28.06 -20.06 -4.87
N HIS A 175 28.13 -21.01 -3.94
CA HIS A 175 27.46 -22.29 -4.11
C HIS A 175 26.00 -22.13 -3.74
N HIS A 176 25.72 -21.21 -2.82
CA HIS A 176 24.37 -20.91 -2.41
C HIS A 176 23.63 -20.22 -3.55
N HIS A 177 22.99 -21.01 -4.40
CA HIS A 177 22.29 -20.48 -5.55
C HIS A 177 20.99 -19.83 -5.14
N LEU A 178 20.99 -18.51 -5.05
CA LEU A 178 19.79 -17.76 -4.76
C LEU A 178 18.95 -17.65 -6.02
N GLU A 179 19.50 -16.95 -7.01
CA GLU A 179 18.87 -16.79 -8.31
C GLU A 179 19.80 -15.98 -9.20
N HIS A 180 19.47 -15.87 -10.48
CA HIS A 180 20.29 -15.07 -11.38
C HIS A 180 19.67 -13.70 -11.59
N HIS A 181 20.50 -12.71 -11.84
CA HIS A 181 20.01 -11.36 -12.08
C HIS A 181 19.59 -11.21 -13.54
N HIS A 182 18.98 -10.10 -13.88
CA HIS A 182 18.51 -9.87 -15.24
C HIS A 182 19.16 -8.63 -15.85
N HIS A 183 20.35 -8.82 -16.40
CA HIS A 183 21.09 -7.72 -17.00
C HIS A 183 20.81 -7.64 -18.49
N HIS A 184 20.50 -8.79 -19.10
CA HIS A 184 20.21 -8.90 -20.54
C HIS A 184 21.47 -8.78 -21.39
N HIS A 185 22.45 -8.02 -20.90
CA HIS A 185 23.73 -7.81 -21.59
C HIS A 185 23.51 -7.15 -22.94
N GLY B 2 -10.94 21.07 8.10
CA GLY B 2 -9.76 21.88 7.92
C GLY B 2 -8.50 21.05 7.82
N CYS B 3 -8.67 19.74 7.78
CA CYS B 3 -7.53 18.85 7.71
C CYS B 3 -7.69 17.86 6.57
N VAL B 4 -7.36 16.60 6.87
CA VAL B 4 -7.40 15.49 5.93
C VAL B 4 -6.81 15.88 4.57
N GLY B 5 -7.62 16.24 3.56
CA GLY B 5 -7.09 16.87 2.35
C GLY B 5 -5.97 17.88 2.59
N ARG B 6 -5.94 18.50 3.77
CA ARG B 6 -4.86 19.42 4.12
C ARG B 6 -3.66 18.68 4.70
N ALA B 7 -3.93 17.60 5.42
CA ALA B 7 -2.92 16.96 6.26
C ALA B 7 -2.24 15.79 5.54
N LEU B 8 -3.02 14.83 5.06
CA LEU B 8 -2.45 13.63 4.44
C LEU B 8 -1.74 14.00 3.16
N ALA B 9 -2.38 14.85 2.38
CA ALA B 9 -1.81 15.47 1.20
C ALA B 9 -0.38 15.91 1.48
N ALA B 10 -0.23 16.53 2.64
CA ALA B 10 1.02 17.12 3.09
C ALA B 10 1.97 16.07 3.64
N PHE B 11 1.47 15.26 4.56
CA PHE B 11 2.26 14.20 5.18
C PHE B 11 2.63 13.12 4.16
N GLY B 12 1.88 13.08 3.07
CA GLY B 12 2.10 12.08 2.05
C GLY B 12 3.23 12.44 1.10
N ASP B 13 3.79 13.62 1.29
CA ASP B 13 5.01 13.99 0.57
C ASP B 13 6.24 13.54 1.34
N CYS B 14 6.01 12.78 2.41
CA CYS B 14 7.09 12.25 3.23
C CYS B 14 7.14 10.72 3.12
N ILE B 15 7.90 10.20 2.17
CA ILE B 15 8.02 8.76 1.99
C ILE B 15 9.48 8.36 1.87
N ASN B 16 9.92 8.19 0.63
CA ASN B 16 11.32 7.86 0.36
C ASN B 16 11.82 8.73 -0.79
N ARG B 17 12.64 9.71 -0.45
CA ARG B 17 13.12 10.68 -1.42
C ARG B 17 14.51 10.32 -1.93
N MET A 1 -0.77 -6.06 -14.71
CA MET A 1 -1.94 -5.98 -15.62
C MET A 1 -2.95 -4.97 -15.12
N SER A 2 -3.78 -5.40 -14.18
CA SER A 2 -4.80 -4.52 -13.62
C SER A 2 -5.28 -5.07 -12.28
N GLN A 3 -5.66 -6.35 -12.27
CA GLN A 3 -6.14 -6.98 -11.05
C GLN A 3 -5.00 -7.23 -10.07
N SER A 4 -3.77 -7.03 -10.53
CA SER A 4 -2.60 -7.24 -9.69
C SER A 4 -2.58 -6.25 -8.52
N ASN A 5 -3.01 -5.03 -8.78
CA ASN A 5 -3.04 -3.99 -7.75
C ASN A 5 -4.02 -4.37 -6.64
N ARG A 6 -4.91 -5.31 -6.94
CA ARG A 6 -5.89 -5.77 -5.94
C ARG A 6 -5.17 -6.35 -4.74
N GLU A 7 -4.10 -7.08 -5.01
CA GLU A 7 -3.31 -7.70 -3.95
C GLU A 7 -2.66 -6.64 -3.08
N LEU A 8 -2.15 -5.60 -3.72
CA LEU A 8 -1.50 -4.50 -3.01
C LEU A 8 -2.44 -3.92 -1.96
N VAL A 9 -3.72 -3.83 -2.31
CA VAL A 9 -4.72 -3.32 -1.40
C VAL A 9 -5.02 -4.36 -0.32
N VAL A 10 -5.59 -5.48 -0.75
CA VAL A 10 -5.94 -6.58 0.14
C VAL A 10 -4.84 -6.88 1.14
N ASP A 11 -3.70 -7.37 0.65
CA ASP A 11 -2.56 -7.72 1.49
C ASP A 11 -2.29 -6.67 2.57
N PHE A 12 -2.55 -5.41 2.25
CA PHE A 12 -2.32 -4.33 3.21
C PHE A 12 -3.43 -4.27 4.25
N LEU A 13 -4.68 -4.34 3.80
CA LEU A 13 -5.82 -4.30 4.71
C LEU A 13 -5.77 -5.47 5.68
N SER A 14 -5.33 -6.62 5.19
CA SER A 14 -5.21 -7.81 6.00
C SER A 14 -4.11 -7.64 7.04
N TYR A 15 -3.00 -7.07 6.61
CA TYR A 15 -1.86 -6.84 7.49
C TYR A 15 -2.20 -5.76 8.50
N LYS A 16 -3.16 -4.90 8.16
CA LYS A 16 -3.57 -3.82 9.04
C LYS A 16 -4.62 -4.31 10.03
N LEU A 17 -5.22 -5.46 9.74
CA LEU A 17 -6.23 -6.03 10.62
C LEU A 17 -5.56 -6.96 11.63
N SER A 18 -4.30 -7.29 11.38
CA SER A 18 -3.55 -8.16 12.27
C SER A 18 -3.12 -7.41 13.53
N GLN A 19 -2.80 -6.13 13.36
CA GLN A 19 -2.37 -5.31 14.48
C GLN A 19 -3.56 -5.02 15.41
N LYS A 20 -4.74 -5.47 14.99
CA LYS A 20 -5.96 -5.27 15.77
C LYS A 20 -6.44 -6.59 16.37
N GLY A 21 -6.08 -7.68 15.71
CA GLY A 21 -6.49 -8.99 16.18
C GLY A 21 -7.63 -9.57 15.33
N TYR A 22 -7.98 -8.84 14.29
CA TYR A 22 -9.05 -9.27 13.39
C TYR A 22 -8.48 -9.86 12.10
N SER A 23 -9.30 -10.64 11.40
CA SER A 23 -8.88 -11.26 10.15
C SER A 23 -9.60 -10.63 8.97
N TRP A 24 -8.87 -10.40 7.89
CA TRP A 24 -9.44 -9.81 6.69
C TRP A 24 -10.43 -10.76 6.02
N SER A 25 -10.04 -12.03 5.90
CA SER A 25 -10.89 -13.03 5.26
C SER A 25 -12.25 -13.15 5.95
N GLN A 26 -12.25 -13.09 7.28
CA GLN A 26 -13.49 -13.21 8.06
C GLN A 26 -14.50 -12.15 7.66
N PHE A 27 -14.03 -11.03 7.10
CA PHE A 27 -14.93 -9.96 6.71
C PHE A 27 -14.72 -9.55 5.24
N SER A 28 -14.06 -10.41 4.48
CA SER A 28 -13.81 -10.12 3.08
C SER A 28 -14.79 -10.84 2.17
N ASP A 29 -14.64 -10.63 0.87
CA ASP A 29 -15.51 -11.25 -0.12
C ASP A 29 -14.88 -11.11 -1.51
N VAL A 30 -13.90 -10.21 -1.60
CA VAL A 30 -13.20 -9.95 -2.86
C VAL A 30 -12.55 -11.21 -3.42
N GLU A 31 -11.42 -11.61 -2.82
CA GLU A 31 -10.70 -12.80 -3.27
C GLU A 31 -11.24 -14.05 -2.58
N GLU A 32 -12.18 -13.84 -1.67
CA GLU A 32 -12.79 -14.94 -0.92
C GLU A 32 -13.63 -15.83 -1.83
N ASN A 33 -14.47 -15.21 -2.65
CA ASN A 33 -15.34 -15.94 -3.56
C ASN A 33 -14.69 -16.12 -4.93
N ARG A 34 -14.35 -15.01 -5.57
CA ARG A 34 -13.73 -15.06 -6.90
C ARG A 34 -12.23 -14.87 -6.81
N THR A 35 -11.52 -15.37 -7.82
CA THR A 35 -10.07 -15.26 -7.88
C THR A 35 -9.63 -14.46 -9.10
N GLU A 36 -9.45 -13.16 -8.91
CA GLU A 36 -9.04 -12.27 -9.98
C GLU A 36 -7.57 -12.45 -10.34
N ALA A 37 -6.70 -11.76 -9.60
CA ALA A 37 -5.27 -11.83 -9.83
C ALA A 37 -4.64 -12.96 -9.03
N PRO A 38 -3.45 -13.43 -9.45
CA PRO A 38 -2.74 -14.51 -8.77
C PRO A 38 -2.39 -14.13 -7.34
N GLU A 39 -1.68 -15.02 -6.66
CA GLU A 39 -1.27 -14.78 -5.28
C GLU A 39 -0.13 -13.78 -5.22
N GLY A 40 0.56 -13.58 -6.34
CA GLY A 40 1.67 -12.65 -6.37
C GLY A 40 2.48 -12.75 -7.65
N THR A 41 1.81 -12.59 -8.79
CA THR A 41 2.48 -12.64 -10.09
C THR A 41 3.59 -11.61 -10.15
N GLU A 42 3.22 -10.34 -9.97
CA GLU A 42 4.16 -9.24 -9.99
C GLU A 42 4.04 -8.46 -8.69
N SER A 43 2.90 -8.63 -8.04
CA SER A 43 2.60 -7.94 -6.80
C SER A 43 3.41 -8.48 -5.63
N GLU A 44 3.88 -9.72 -5.72
CA GLU A 44 4.64 -10.33 -4.63
C GLU A 44 5.81 -9.46 -4.20
N ALA A 45 6.44 -8.77 -5.14
CA ALA A 45 7.59 -7.92 -4.83
C ALA A 45 7.17 -6.49 -4.55
N VAL A 46 6.17 -6.00 -5.26
CA VAL A 46 5.71 -4.63 -5.09
C VAL A 46 4.89 -4.46 -3.81
N LYS A 47 4.25 -5.52 -3.37
CA LYS A 47 3.44 -5.48 -2.15
C LYS A 47 4.33 -5.53 -0.92
N GLN A 48 5.43 -6.28 -1.04
CA GLN A 48 6.39 -6.40 0.04
C GLN A 48 7.09 -5.07 0.26
N ALA A 49 7.34 -4.38 -0.85
CA ALA A 49 7.98 -3.07 -0.82
C ALA A 49 6.96 -2.02 -0.40
N LEU A 50 5.72 -2.26 -0.78
CA LEU A 50 4.61 -1.37 -0.46
C LEU A 50 4.35 -1.38 1.04
N ARG A 51 4.61 -2.53 1.65
CA ARG A 51 4.43 -2.71 3.08
C ARG A 51 5.46 -1.92 3.86
N GLU A 52 6.70 -1.94 3.36
CA GLU A 52 7.79 -1.21 4.00
C GLU A 52 7.59 0.29 3.89
N ALA A 53 7.24 0.74 2.68
CA ALA A 53 7.01 2.16 2.43
C ALA A 53 5.84 2.67 3.25
N GLY A 54 4.83 1.83 3.41
CA GLY A 54 3.66 2.22 4.18
C GLY A 54 3.94 2.29 5.67
N ASP A 55 4.75 1.36 6.16
CA ASP A 55 5.10 1.31 7.57
C ASP A 55 5.69 2.64 8.04
N GLU A 56 6.59 3.20 7.24
CA GLU A 56 7.22 4.47 7.59
C GLU A 56 6.26 5.64 7.46
N PHE A 57 5.16 5.42 6.76
CA PHE A 57 4.17 6.47 6.56
C PHE A 57 3.11 6.45 7.67
N GLU A 58 2.83 5.26 8.19
CA GLU A 58 1.83 5.11 9.25
C GLU A 58 2.26 5.83 10.53
N LEU A 59 3.40 5.42 11.08
CA LEU A 59 3.91 6.01 12.32
C LEU A 59 4.06 7.52 12.19
N ARG A 60 4.12 8.01 10.97
CA ARG A 60 4.29 9.43 10.72
C ARG A 60 3.07 10.25 11.16
N TYR A 61 1.88 9.70 10.96
CA TYR A 61 0.65 10.40 11.33
C TYR A 61 -0.27 9.51 12.16
N ARG A 62 0.27 8.41 12.66
CA ARG A 62 -0.51 7.47 13.46
C ARG A 62 -1.27 8.17 14.59
N ARG A 63 -0.57 9.04 15.30
CA ARG A 63 -1.17 9.78 16.41
C ARG A 63 -2.44 10.51 15.98
N ALA A 64 -2.47 10.96 14.74
CA ALA A 64 -3.62 11.67 14.21
C ALA A 64 -4.61 10.71 13.55
N PHE A 65 -4.10 9.59 13.08
CA PHE A 65 -4.92 8.58 12.41
C PHE A 65 -6.05 8.08 13.33
N SER A 66 -5.73 7.90 14.61
CA SER A 66 -6.72 7.42 15.57
C SER A 66 -7.70 8.52 15.96
N ASP A 67 -7.25 9.76 15.86
CA ASP A 67 -8.06 10.92 16.20
C ASP A 67 -8.79 11.47 14.98
N LEU A 68 -8.39 11.01 13.80
CA LEU A 68 -8.99 11.45 12.55
C LEU A 68 -10.30 10.72 12.28
N THR A 69 -10.57 9.70 13.08
CA THR A 69 -11.80 8.91 12.92
C THR A 69 -13.03 9.80 13.08
N SER A 70 -12.91 10.83 13.91
CA SER A 70 -14.01 11.76 14.15
C SER A 70 -14.16 12.73 12.98
N GLN A 71 -13.03 13.13 12.40
CA GLN A 71 -13.05 14.05 11.27
C GLN A 71 -13.49 13.34 10.00
N LEU A 72 -13.32 12.02 9.99
CA LEU A 72 -13.70 11.20 8.84
C LEU A 72 -15.11 10.67 9.01
N HIS A 73 -15.62 10.67 10.24
CA HIS A 73 -16.96 10.16 10.51
C HIS A 73 -17.07 8.73 10.01
N ILE A 74 -16.11 7.90 10.40
CA ILE A 74 -16.09 6.49 9.99
C ILE A 74 -17.44 5.83 10.26
N THR A 75 -18.29 5.84 9.24
CA THR A 75 -19.62 5.26 9.33
C THR A 75 -19.88 4.34 8.14
N PRO A 76 -20.91 3.47 8.20
CA PRO A 76 -21.22 2.54 7.11
C PRO A 76 -21.42 3.22 5.76
N GLY A 77 -20.94 2.57 4.70
CA GLY A 77 -21.08 3.07 3.35
C GLY A 77 -20.38 4.39 3.08
N THR A 78 -20.98 5.49 3.53
CA THR A 78 -20.44 6.83 3.31
C THR A 78 -19.00 7.00 3.78
N ALA A 79 -18.43 5.97 4.42
CA ALA A 79 -17.04 6.05 4.87
C ALA A 79 -16.14 6.27 3.67
N TYR A 80 -16.64 5.84 2.52
CA TYR A 80 -15.92 5.98 1.26
C TYR A 80 -15.85 7.46 0.86
N GLN A 81 -16.89 8.21 1.20
CA GLN A 81 -16.94 9.64 0.91
C GLN A 81 -15.97 10.38 1.82
N SER A 82 -15.70 9.78 2.97
CA SER A 82 -14.77 10.36 3.94
C SER A 82 -13.35 10.13 3.44
N PHE A 83 -13.13 8.94 2.90
CA PHE A 83 -11.84 8.56 2.34
C PHE A 83 -11.66 9.27 1.00
N GLU A 84 -12.76 9.80 0.48
CA GLU A 84 -12.74 10.50 -0.78
C GLU A 84 -11.97 11.81 -0.65
N GLN A 85 -12.19 12.51 0.46
CA GLN A 85 -11.52 13.78 0.72
C GLN A 85 -10.01 13.58 0.77
N VAL A 86 -9.59 12.36 1.10
CA VAL A 86 -8.18 12.03 1.20
C VAL A 86 -7.61 11.59 -0.14
N VAL A 87 -8.30 10.66 -0.80
CA VAL A 87 -7.86 10.16 -2.08
C VAL A 87 -7.87 11.26 -3.14
N ASN A 88 -8.73 12.26 -2.94
CA ASN A 88 -8.83 13.37 -3.87
C ASN A 88 -7.57 14.21 -3.84
N GLU A 89 -7.02 14.39 -2.64
CA GLU A 89 -5.80 15.17 -2.46
C GLU A 89 -4.58 14.28 -2.58
N LEU A 90 -4.83 12.98 -2.71
CA LEU A 90 -3.75 12.00 -2.82
C LEU A 90 -3.40 11.73 -4.28
N PHE A 91 -3.95 12.51 -5.20
CA PHE A 91 -3.67 12.32 -6.61
C PHE A 91 -3.60 13.64 -7.38
N ARG A 92 -4.34 14.64 -6.90
CA ARG A 92 -4.35 15.94 -7.57
C ARG A 92 -3.10 16.74 -7.23
N ASP A 93 -2.46 16.40 -6.12
CA ASP A 93 -1.25 17.08 -5.69
C ASP A 93 -0.02 16.41 -6.28
N GLY A 94 -0.25 15.38 -7.09
CA GLY A 94 0.84 14.66 -7.71
C GLY A 94 0.95 13.23 -7.22
N VAL A 95 0.63 12.28 -8.09
CA VAL A 95 0.68 10.87 -7.73
C VAL A 95 2.11 10.36 -7.79
N ASN A 96 2.82 10.45 -6.66
CA ASN A 96 4.20 9.99 -6.58
C ASN A 96 4.24 8.52 -6.17
N TRP A 97 5.45 7.95 -6.10
CA TRP A 97 5.61 6.56 -5.69
C TRP A 97 5.05 6.36 -4.29
N GLY A 98 5.63 7.07 -3.34
CA GLY A 98 5.19 6.98 -1.96
C GLY A 98 3.77 7.46 -1.78
N ARG A 99 3.34 8.36 -2.66
CA ARG A 99 1.99 8.90 -2.61
C ARG A 99 0.98 7.77 -2.66
N ILE A 100 1.30 6.73 -3.43
CA ILE A 100 0.43 5.59 -3.58
C ILE A 100 0.42 4.73 -2.31
N VAL A 101 1.56 4.61 -1.66
CA VAL A 101 1.64 3.82 -0.42
C VAL A 101 0.76 4.44 0.65
N ALA A 102 0.62 5.77 0.57
CA ALA A 102 -0.22 6.49 1.52
C ALA A 102 -1.67 6.13 1.30
N PHE A 103 -1.98 5.78 0.05
CA PHE A 103 -3.33 5.39 -0.33
C PHE A 103 -3.66 4.01 0.23
N PHE A 104 -2.62 3.25 0.53
CA PHE A 104 -2.77 1.91 1.09
C PHE A 104 -2.80 1.93 2.60
N SER A 105 -1.87 2.67 3.18
CA SER A 105 -1.79 2.79 4.63
C SER A 105 -3.04 3.42 5.20
N PHE A 106 -3.55 4.43 4.51
CA PHE A 106 -4.76 5.11 4.94
C PHE A 106 -5.99 4.32 4.55
N GLY A 107 -5.99 3.78 3.33
CA GLY A 107 -7.11 2.98 2.88
C GLY A 107 -7.32 1.77 3.76
N GLY A 108 -6.21 1.12 4.10
CA GLY A 108 -6.27 -0.04 4.97
C GLY A 108 -6.62 0.37 6.37
N ALA A 109 -6.22 1.59 6.71
CA ALA A 109 -6.50 2.14 8.04
C ALA A 109 -7.99 2.43 8.14
N LEU A 110 -8.60 2.76 7.01
CA LEU A 110 -10.02 3.04 6.95
C LEU A 110 -10.79 1.77 7.27
N CYS A 111 -10.22 0.65 6.87
CA CYS A 111 -10.81 -0.65 7.13
C CYS A 111 -10.76 -0.96 8.62
N VAL A 112 -9.66 -0.57 9.25
CA VAL A 112 -9.49 -0.78 10.68
C VAL A 112 -10.42 0.12 11.48
N GLU A 113 -10.58 1.35 11.01
CA GLU A 113 -11.45 2.30 11.67
C GLU A 113 -12.90 1.85 11.54
N SER A 114 -13.16 1.01 10.55
CA SER A 114 -14.49 0.48 10.32
C SER A 114 -14.79 -0.62 11.33
N VAL A 115 -13.88 -1.57 11.45
CA VAL A 115 -14.03 -2.67 12.40
C VAL A 115 -13.98 -2.14 13.83
N ASP A 116 -13.38 -0.96 13.99
CA ASP A 116 -13.26 -0.32 15.29
C ASP A 116 -14.64 0.02 15.84
N LYS A 117 -15.54 0.45 14.95
CA LYS A 117 -16.89 0.81 15.33
C LYS A 117 -17.84 -0.37 15.17
N GLU A 118 -17.27 -1.58 15.17
CA GLU A 118 -18.05 -2.82 15.03
C GLU A 118 -18.65 -2.92 13.63
N MET A 119 -18.05 -2.20 12.68
CA MET A 119 -18.52 -2.22 11.30
C MET A 119 -17.47 -2.85 10.38
N GLN A 120 -17.41 -4.18 10.39
CA GLN A 120 -16.44 -4.89 9.58
C GLN A 120 -16.95 -5.12 8.15
N VAL A 121 -18.19 -4.70 7.90
CA VAL A 121 -18.78 -4.86 6.57
C VAL A 121 -18.15 -3.89 5.58
N LEU A 122 -17.30 -3.00 6.09
CA LEU A 122 -16.62 -2.02 5.26
C LEU A 122 -15.26 -2.55 4.82
N VAL A 123 -14.79 -3.58 5.53
CA VAL A 123 -13.51 -4.21 5.22
C VAL A 123 -13.42 -4.59 3.75
N SER A 124 -14.34 -5.44 3.31
CA SER A 124 -14.37 -5.91 1.93
C SER A 124 -14.67 -4.75 0.96
N ARG A 125 -15.54 -3.85 1.39
CA ARG A 125 -15.92 -2.71 0.55
C ARG A 125 -14.71 -1.84 0.22
N ILE A 126 -14.16 -1.19 1.24
CA ILE A 126 -12.99 -0.32 1.08
C ILE A 126 -11.93 -0.97 0.20
N ALA A 127 -11.69 -2.26 0.42
CA ALA A 127 -10.70 -2.99 -0.37
C ALA A 127 -11.00 -2.91 -1.85
N ALA A 128 -12.28 -3.05 -2.20
CA ALA A 128 -12.70 -2.99 -3.59
C ALA A 128 -12.57 -1.59 -4.15
N TRP A 129 -12.94 -0.59 -3.35
CA TRP A 129 -12.87 0.80 -3.79
C TRP A 129 -11.42 1.23 -4.03
N MET A 130 -10.52 0.76 -3.18
CA MET A 130 -9.11 1.10 -3.31
C MET A 130 -8.52 0.53 -4.59
N ALA A 131 -8.70 -0.77 -4.79
CA ALA A 131 -8.18 -1.44 -5.97
C ALA A 131 -8.74 -0.79 -7.24
N THR A 132 -10.06 -0.70 -7.31
CA THR A 132 -10.74 -0.11 -8.46
C THR A 132 -10.21 1.29 -8.74
N TYR A 133 -10.16 2.11 -7.69
CA TYR A 133 -9.66 3.49 -7.83
C TYR A 133 -8.25 3.48 -8.39
N LEU A 134 -7.51 2.42 -8.08
CA LEU A 134 -6.14 2.27 -8.56
C LEU A 134 -6.14 1.72 -9.98
N ASN A 135 -7.23 1.06 -10.36
CA ASN A 135 -7.34 0.49 -11.70
C ASN A 135 -7.81 1.51 -12.73
N ASP A 136 -8.17 2.71 -12.27
CA ASP A 136 -8.66 3.74 -13.18
C ASP A 136 -7.91 5.07 -13.06
N HIS A 137 -7.42 5.37 -11.87
CA HIS A 137 -6.73 6.64 -11.65
C HIS A 137 -5.22 6.49 -11.48
N LEU A 138 -4.80 5.61 -10.57
CA LEU A 138 -3.39 5.42 -10.29
C LEU A 138 -2.67 4.51 -11.29
N GLU A 139 -3.34 3.47 -11.77
CA GLU A 139 -2.70 2.53 -12.71
C GLU A 139 -1.98 3.25 -13.86
N PRO A 140 -2.68 4.13 -14.60
CA PRO A 140 -2.07 4.84 -15.73
C PRO A 140 -0.97 5.80 -15.28
N TRP A 141 -1.08 6.29 -14.05
CA TRP A 141 -0.11 7.22 -13.50
C TRP A 141 1.14 6.48 -13.01
N ILE A 142 0.95 5.24 -12.59
CA ILE A 142 2.05 4.43 -12.08
C ILE A 142 2.98 4.02 -13.23
N GLN A 143 2.38 3.70 -14.37
CA GLN A 143 3.16 3.31 -15.54
C GLN A 143 4.04 4.47 -15.99
N GLU A 144 3.57 5.69 -15.73
CA GLU A 144 4.31 6.90 -16.09
C GLU A 144 5.55 7.03 -15.23
N ASN A 145 5.52 6.41 -14.06
CA ASN A 145 6.64 6.45 -13.13
C ASN A 145 7.50 5.19 -13.27
N GLY A 146 7.09 4.29 -14.16
CA GLY A 146 7.83 3.07 -14.39
C GLY A 146 7.01 1.82 -14.10
N GLY A 147 6.16 1.90 -13.09
CA GLY A 147 5.33 0.76 -12.73
C GLY A 147 5.63 0.26 -11.32
N TRP A 148 4.76 -0.60 -10.80
CA TRP A 148 4.96 -1.16 -9.46
C TRP A 148 6.30 -1.87 -9.39
N ASP A 149 6.65 -2.55 -10.47
CA ASP A 149 7.90 -3.29 -10.55
C ASP A 149 9.08 -2.34 -10.37
N THR A 150 8.88 -1.09 -10.75
CA THR A 150 9.92 -0.07 -10.61
C THR A 150 9.92 0.49 -9.20
N PHE A 151 8.77 0.40 -8.55
CA PHE A 151 8.62 0.88 -7.18
C PHE A 151 9.42 0.01 -6.22
N VAL A 152 9.46 -1.29 -6.51
CA VAL A 152 10.20 -2.23 -5.69
C VAL A 152 11.70 -2.14 -6.00
N GLU A 153 12.04 -1.29 -6.95
CA GLU A 153 13.43 -1.08 -7.33
C GLU A 153 14.02 0.07 -6.52
N LEU A 154 13.13 0.88 -5.95
CA LEU A 154 13.53 2.02 -5.14
C LEU A 154 13.28 1.73 -3.66
N TYR A 155 12.05 1.34 -3.36
CA TYR A 155 11.65 1.04 -1.98
C TYR A 155 11.45 -0.46 -1.80
N GLY A 156 12.16 -1.25 -2.60
CA GLY A 156 12.04 -2.70 -2.53
C GLY A 156 12.09 -3.24 -1.12
N ASN A 157 11.46 -4.40 -0.93
CA ASN A 157 11.42 -5.06 0.37
C ASN A 157 12.83 -5.40 0.83
N ASN A 158 13.25 -4.81 1.93
CA ASN A 158 14.58 -5.05 2.47
C ASN A 158 14.71 -6.46 3.05
N ALA A 159 13.59 -7.05 3.45
CA ALA A 159 13.62 -8.41 3.99
C ALA A 159 14.18 -9.38 2.97
N ALA A 160 14.02 -9.02 1.70
CA ALA A 160 14.53 -9.85 0.60
C ALA A 160 15.79 -9.23 0.01
N ALA A 161 15.84 -7.91 -0.01
CA ALA A 161 16.99 -7.19 -0.54
C ALA A 161 18.23 -7.55 0.26
N GLU A 162 18.07 -7.57 1.58
CA GLU A 162 19.17 -7.91 2.48
C GLU A 162 19.51 -9.38 2.34
N SER A 163 18.47 -10.19 2.10
CA SER A 163 18.65 -11.62 1.92
C SER A 163 19.58 -11.87 0.74
N ARG A 164 19.38 -11.09 -0.31
CA ARG A 164 20.20 -11.19 -1.50
C ARG A 164 21.55 -10.53 -1.27
N LYS A 165 21.54 -9.50 -0.43
CA LYS A 165 22.75 -8.78 -0.09
C LYS A 165 23.65 -9.65 0.77
N GLY A 166 23.03 -10.56 1.52
CA GLY A 166 23.77 -11.47 2.37
C GLY A 166 24.66 -12.39 1.56
N GLN A 167 24.06 -13.09 0.60
CA GLN A 167 24.82 -13.99 -0.26
C GLN A 167 25.82 -13.18 -1.06
N GLU A 168 25.57 -11.86 -1.12
CA GLU A 168 26.45 -10.96 -1.83
C GLU A 168 27.53 -10.45 -0.89
N ARG A 169 28.08 -11.36 -0.11
CA ARG A 169 29.15 -11.05 0.83
C ARG A 169 30.31 -12.00 0.63
N LEU A 170 30.10 -13.27 1.00
CA LEU A 170 31.12 -14.30 0.85
C LEU A 170 31.34 -14.55 -0.63
N GLU A 171 30.28 -14.99 -1.29
CA GLU A 171 30.32 -15.23 -2.72
C GLU A 171 30.51 -13.89 -3.41
N HIS A 172 30.57 -12.85 -2.58
CA HIS A 172 30.76 -11.48 -3.03
C HIS A 172 29.47 -10.93 -3.59
N HIS A 173 29.02 -11.55 -4.65
CA HIS A 173 27.79 -11.18 -5.34
C HIS A 173 27.82 -11.81 -6.71
N HIS A 174 27.14 -11.21 -7.66
CA HIS A 174 27.15 -11.73 -9.01
C HIS A 174 28.58 -12.00 -9.43
N HIS A 175 29.51 -11.42 -8.69
CA HIS A 175 30.94 -11.60 -8.92
C HIS A 175 31.26 -13.02 -9.33
N HIS A 176 30.44 -13.98 -8.91
CA HIS A 176 30.67 -15.38 -9.27
C HIS A 176 31.22 -15.43 -10.69
N HIS A 177 30.64 -14.60 -11.53
CA HIS A 177 31.05 -14.46 -12.91
C HIS A 177 32.25 -13.57 -12.95
N LEU A 178 33.17 -13.82 -12.03
CA LEU A 178 34.35 -12.99 -11.89
C LEU A 178 33.93 -11.67 -11.29
N GLU A 179 34.65 -11.25 -10.25
CA GLU A 179 34.37 -10.01 -9.55
C GLU A 179 33.42 -9.13 -10.32
N HIS A 180 32.28 -8.84 -9.68
CA HIS A 180 31.20 -8.01 -10.22
C HIS A 180 31.41 -7.61 -11.68
N HIS A 181 32.50 -6.93 -11.93
CA HIS A 181 32.82 -6.48 -13.26
C HIS A 181 34.24 -6.85 -13.62
N HIS A 182 35.09 -6.85 -12.61
CA HIS A 182 36.49 -7.19 -12.78
C HIS A 182 36.60 -8.61 -13.28
N HIS A 183 37.56 -8.82 -14.18
CA HIS A 183 37.77 -10.12 -14.82
C HIS A 183 36.44 -10.73 -15.24
N HIS A 184 35.43 -9.88 -15.23
CA HIS A 184 34.09 -10.27 -15.60
C HIS A 184 33.71 -9.49 -16.84
N HIS A 185 32.69 -9.97 -17.55
CA HIS A 185 32.20 -9.33 -18.76
C HIS A 185 33.31 -8.56 -19.47
N GLY B 2 -11.01 20.88 8.62
CA GLY B 2 -10.00 21.51 7.80
C GLY B 2 -8.78 20.63 7.59
N CYS B 3 -8.83 19.42 8.13
CA CYS B 3 -7.71 18.50 8.01
C CYS B 3 -7.92 17.55 6.83
N VAL B 4 -7.51 16.29 6.99
CA VAL B 4 -7.63 15.25 5.95
C VAL B 4 -7.23 15.78 4.57
N GLY B 5 -8.15 16.49 3.91
CA GLY B 5 -7.86 17.03 2.59
C GLY B 5 -6.53 17.77 2.53
N ARG B 6 -6.06 18.23 3.69
CA ARG B 6 -4.79 18.95 3.77
C ARG B 6 -3.73 18.12 4.49
N ALA B 7 -4.14 17.43 5.55
CA ALA B 7 -3.22 16.61 6.34
C ALA B 7 -2.52 15.56 5.49
N LEU B 8 -3.25 14.49 5.16
CA LEU B 8 -2.69 13.39 4.38
C LEU B 8 -2.01 13.89 3.11
N ALA B 9 -2.57 14.94 2.51
CA ALA B 9 -2.00 15.51 1.29
C ALA B 9 -0.60 16.04 1.53
N ALA B 10 -0.41 16.65 2.70
CA ALA B 10 0.87 17.23 3.07
C ALA B 10 1.84 16.16 3.56
N PHE B 11 1.41 15.37 4.54
CA PHE B 11 2.25 14.30 5.09
C PHE B 11 2.63 13.30 4.01
N GLY B 12 1.80 13.21 2.97
CA GLY B 12 2.06 12.29 1.89
C GLY B 12 3.17 12.75 0.97
N ASP B 13 3.85 13.81 1.37
CA ASP B 13 4.96 14.36 0.58
C ASP B 13 6.29 13.99 1.20
N CYS B 14 6.24 13.36 2.37
CA CYS B 14 7.44 12.96 3.09
C CYS B 14 7.78 11.50 2.83
N ILE B 15 6.94 10.83 2.04
CA ILE B 15 7.15 9.42 1.72
C ILE B 15 8.43 9.19 0.92
N ASN B 16 9.03 10.26 0.44
CA ASN B 16 10.26 10.15 -0.33
C ASN B 16 11.34 9.47 0.48
N ARG B 17 11.82 10.15 1.52
CA ARG B 17 12.85 9.61 2.39
C ARG B 17 13.17 10.57 3.53
#